data_6KIH
#
_entry.id   6KIH
#
_cell.length_a   116.662
_cell.length_b   170.835
_cell.length_c   160.546
_cell.angle_alpha   90.000
_cell.angle_beta   96.430
_cell.angle_gamma   90.000
#
_symmetry.space_group_name_H-M   'P 1 21 1'
#
loop_
_entity.id
_entity.type
_entity.pdbx_description
1 polymer 'Tll1590 protein'
2 branched 6-O-phosphono-beta-D-fructofuranose-(2-1)-alpha-D-glucopyranose
3 non-polymer "URIDINE-5'-DIPHOSPHATE"
#
_entity_poly.entity_id   1
_entity_poly.type   'polypeptide(L)'
_entity_poly.pdbx_seq_one_letter_code
;GSHMQALSTRTAKNTLPRAFAMPQPQVPARQPIALISVHGDPAADVGHESAGGQNIYVRQLGEALAAAGWHVDMFTRKTD
PNDPDVIEHSPHCRTIRLQAGPLTYIPREKLFETLPKFVEAFKAYHAKYGYPLIHTNYWLSGWVGWQLRQQFNFQWLHTY
HSLGVVKYQVASEQAQRDETRLMVEKAILENADCVIVTSPQEEAYLRRWVSKAGQTRLIPCGTNLKLFYPVADARAQLNL
PADEPIVLYVGRFDRRKGIETLVAAMAQIPQGQLLLVGGSDPQRSDGAERRRIEGLVQEYNLGDRVTFVGQIDHEYLAVY
YSAANVCVVPSYYEPFGLVAIEAMACGTPVIASAVGGLQFTVIPEETGLLVPPQDANALANAIQRILADPAWARTLGKNG
RERVQALFNWEAIALQMGQLYRQLFAASLMGNSPRLEMVKNTASLAAVTKAALAS
;
_entity_poly.pdbx_strand_id   A,B,C,D,E,F,G,H,I,J,K,L
#
# COMPACT_ATOMS: atom_id res chain seq x y z
N ARG A 30 -62.17 16.96 57.80
CA ARG A 30 -61.21 16.18 57.02
C ARG A 30 -61.29 16.52 55.54
N GLN A 31 -60.15 16.86 54.96
CA GLN A 31 -60.12 17.43 53.62
C GLN A 31 -60.21 16.31 52.57
N PRO A 32 -60.84 16.59 51.43
CA PRO A 32 -60.98 15.55 50.40
C PRO A 32 -59.85 15.53 49.39
N ILE A 33 -59.73 14.42 48.65
CA ILE A 33 -58.73 14.26 47.60
C ILE A 33 -59.38 13.60 46.40
N ALA A 34 -59.13 14.16 45.22
CA ALA A 34 -59.53 13.54 43.96
C ALA A 34 -58.28 12.95 43.30
N LEU A 35 -58.32 11.64 43.04
CA LEU A 35 -57.31 10.97 42.25
C LEU A 35 -57.94 10.60 40.91
N ILE A 36 -57.36 11.06 39.82
CA ILE A 36 -57.95 10.86 38.51
C ILE A 36 -57.02 9.96 37.70
N SER A 37 -57.50 8.76 37.38
CA SER A 37 -56.81 7.79 36.55
C SER A 37 -57.86 7.17 35.62
N VAL A 38 -57.90 7.65 34.37
CA VAL A 38 -59.06 7.41 33.51
C VAL A 38 -59.12 5.97 33.01
N HIS A 39 -58.06 5.49 32.37
CA HIS A 39 -58.08 4.12 31.89
C HIS A 39 -57.61 3.15 32.96
N GLY A 40 -56.95 3.64 33.98
CA GLY A 40 -56.55 2.81 35.10
C GLY A 40 -57.55 2.84 36.22
N ASP A 41 -58.41 1.84 36.25
CA ASP A 41 -59.36 1.60 37.32
C ASP A 41 -58.61 1.01 38.50
N PRO A 42 -58.57 1.69 39.65
CA PRO A 42 -57.94 1.07 40.83
C PRO A 42 -58.72 -0.08 41.41
N ALA A 43 -59.99 -0.23 41.05
CA ALA A 43 -60.80 -1.36 41.46
C ALA A 43 -60.66 -2.55 40.53
N ALA A 44 -59.72 -2.51 39.60
CA ALA A 44 -59.54 -3.58 38.63
C ALA A 44 -58.38 -4.48 39.03
N ASP A 45 -58.55 -5.77 38.78
CA ASP A 45 -57.45 -6.71 38.91
C ASP A 45 -56.44 -6.45 37.81
N VAL A 46 -55.17 -6.61 38.12
CA VAL A 46 -54.11 -6.13 37.25
C VAL A 46 -53.42 -7.30 36.57
N GLY A 47 -52.92 -7.06 35.37
CA GLY A 47 -52.18 -8.07 34.64
C GLY A 47 -52.54 -8.19 33.18
N HIS A 48 -53.32 -7.26 32.66
CA HIS A 48 -53.75 -7.30 31.27
C HIS A 48 -53.71 -5.87 30.72
N GLU A 49 -54.36 -5.66 29.58
CA GLU A 49 -54.34 -4.35 28.92
C GLU A 49 -55.10 -3.33 29.74
N SER A 50 -54.53 -2.12 29.84
CA SER A 50 -55.01 -1.01 30.66
C SER A 50 -55.09 -1.37 32.14
N ALA A 51 -54.30 -2.37 32.54
CA ALA A 51 -54.12 -2.74 33.93
C ALA A 51 -52.65 -2.58 34.28
N GLY A 52 -52.28 -2.78 35.53
CA GLY A 52 -50.88 -2.79 35.87
C GLY A 52 -50.47 -1.78 36.92
N GLY A 53 -49.31 -1.17 36.68
CA GLY A 53 -48.64 -0.41 37.70
C GLY A 53 -49.32 0.90 38.06
N GLN A 54 -49.96 1.53 37.09
CA GLN A 54 -50.74 2.74 37.36
C GLN A 54 -51.93 2.45 38.27
N ASN A 55 -52.59 1.33 38.00
CA ASN A 55 -53.69 0.86 38.84
C ASN A 55 -53.22 0.57 40.25
N ILE A 56 -52.12 -0.18 40.39
CA ILE A 56 -51.58 -0.51 41.69
C ILE A 56 -51.13 0.74 42.43
N TYR A 57 -50.50 1.67 41.68
CA TYR A 57 -50.03 2.95 42.18
C TYR A 57 -51.17 3.75 42.81
N VAL A 58 -52.23 3.99 42.05
CA VAL A 58 -53.31 4.84 42.56
C VAL A 58 -54.10 4.12 43.64
N ARG A 59 -54.21 2.79 43.57
CA ARG A 59 -54.95 2.03 44.58
C ARG A 59 -54.26 2.10 45.93
N GLN A 60 -52.98 1.72 45.97
CA GLN A 60 -52.27 1.75 47.24
C GLN A 60 -52.01 3.17 47.73
N LEU A 61 -51.92 4.15 46.83
CA LEU A 61 -51.81 5.53 47.24
C LEU A 61 -53.07 6.02 47.93
N GLY A 62 -54.22 5.85 47.29
CA GLY A 62 -55.46 6.33 47.89
C GLY A 62 -55.83 5.59 49.15
N GLU A 63 -55.50 4.30 49.21
CA GLU A 63 -55.81 3.54 50.41
C GLU A 63 -54.88 3.93 51.56
N ALA A 64 -53.62 4.23 51.24
CA ALA A 64 -52.69 4.72 52.26
C ALA A 64 -53.06 6.10 52.75
N LEU A 65 -53.54 6.96 51.85
CA LEU A 65 -53.98 8.30 52.24
C LEU A 65 -55.23 8.27 53.07
N ALA A 66 -56.17 7.40 52.76
CA ALA A 66 -57.33 7.21 53.61
C ALA A 66 -56.96 6.66 54.98
N ALA A 67 -55.88 5.89 55.06
CA ALA A 67 -55.40 5.45 56.37
C ALA A 67 -54.79 6.56 57.20
N ALA A 68 -54.41 7.68 56.59
CA ALA A 68 -53.72 8.75 57.29
C ALA A 68 -54.59 9.99 57.48
N GLY A 69 -55.88 9.88 57.23
CA GLY A 69 -56.79 10.97 57.54
C GLY A 69 -57.21 11.82 56.37
N TRP A 70 -57.19 11.29 55.16
CA TRP A 70 -57.67 11.99 53.99
C TRP A 70 -58.95 11.33 53.49
N HIS A 71 -59.79 12.13 52.83
CA HIS A 71 -60.94 11.60 52.11
C HIS A 71 -60.57 11.43 50.65
N VAL A 72 -60.60 10.20 50.16
CA VAL A 72 -60.06 9.88 48.85
C VAL A 72 -61.17 9.39 47.94
N ASP A 73 -61.35 10.07 46.81
CA ASP A 73 -62.19 9.62 45.72
C ASP A 73 -61.29 9.39 44.52
N MET A 74 -61.24 8.16 44.02
CA MET A 74 -60.36 7.78 42.92
C MET A 74 -61.20 7.62 41.66
N PHE A 75 -61.03 8.52 40.71
CA PHE A 75 -61.92 8.63 39.57
C PHE A 75 -61.37 7.88 38.37
N THR A 76 -62.19 7.00 37.80
CA THR A 76 -61.87 6.23 36.62
C THR A 76 -63.06 6.23 35.67
N ARG A 77 -62.92 5.49 34.58
CA ARG A 77 -63.91 5.46 33.52
C ARG A 77 -64.73 4.18 33.59
N LYS A 78 -66.05 4.32 33.41
CA LYS A 78 -66.94 3.18 33.43
C LYS A 78 -66.97 2.50 32.07
N THR A 79 -66.68 1.20 32.05
CA THR A 79 -66.57 0.44 30.82
C THR A 79 -67.60 -0.67 30.70
N ASP A 80 -68.51 -0.80 31.64
CA ASP A 80 -69.51 -1.85 31.67
C ASP A 80 -70.64 -1.40 32.57
N PRO A 81 -71.89 -1.38 32.10
CA PRO A 81 -73.01 -1.07 33.01
C PRO A 81 -73.28 -2.16 34.02
N ASN A 82 -72.68 -3.34 33.88
CA ASN A 82 -72.81 -4.39 34.86
C ASN A 82 -71.71 -4.29 35.91
N ASP A 83 -70.95 -3.19 35.87
CA ASP A 83 -69.97 -2.86 36.90
C ASP A 83 -70.57 -1.86 37.89
N PRO A 84 -70.12 -1.89 39.14
CA PRO A 84 -70.61 -0.90 40.11
C PRO A 84 -70.14 0.50 39.80
N ASP A 85 -70.97 1.49 40.14
CA ASP A 85 -70.57 2.88 39.98
C ASP A 85 -69.56 3.27 41.02
N VAL A 86 -69.78 2.86 42.27
CA VAL A 86 -68.92 3.21 43.39
C VAL A 86 -68.41 1.93 44.03
N ILE A 87 -67.10 1.88 44.28
CA ILE A 87 -66.48 0.78 44.98
C ILE A 87 -65.78 1.35 46.19
N GLU A 88 -66.18 0.91 47.38
CA GLU A 88 -65.58 1.34 48.63
C GLU A 88 -64.57 0.28 49.06
N HIS A 89 -63.29 0.63 49.02
CA HIS A 89 -62.24 -0.35 49.31
C HIS A 89 -61.91 -0.41 50.79
N SER A 90 -61.56 0.73 51.36
CA SER A 90 -61.17 0.88 52.75
C SER A 90 -61.89 2.14 53.21
N PRO A 91 -62.09 2.35 54.53
CA PRO A 91 -62.87 3.52 54.99
C PRO A 91 -62.33 4.86 54.53
N HIS A 92 -63.24 5.70 54.07
CA HIS A 92 -62.97 6.97 53.39
C HIS A 92 -62.08 6.78 52.16
N CYS A 93 -62.32 5.72 51.38
CA CYS A 93 -61.59 5.51 50.13
C CYS A 93 -62.56 4.92 49.12
N ARG A 94 -62.93 5.70 48.11
CA ARG A 94 -63.86 5.26 47.08
C ARG A 94 -63.17 5.19 45.72
N THR A 95 -63.67 4.29 44.87
CA THR A 95 -63.40 4.34 43.44
C THR A 95 -64.69 4.68 42.72
N ILE A 96 -64.64 5.67 41.85
CA ILE A 96 -65.82 6.22 41.21
C ILE A 96 -65.66 6.08 39.71
N ARG A 97 -66.53 5.28 39.09
CA ARG A 97 -66.50 5.06 37.65
C ARG A 97 -67.47 6.04 37.01
N LEU A 98 -66.92 7.06 36.37
CA LEU A 98 -67.74 8.05 35.69
C LEU A 98 -68.16 7.55 34.32
N GLN A 99 -69.32 8.00 33.88
CA GLN A 99 -69.80 7.70 32.53
C GLN A 99 -69.17 8.68 31.57
N ALA A 100 -68.02 8.31 31.01
CA ALA A 100 -67.30 9.21 30.12
C ALA A 100 -67.84 9.13 28.70
N GLY A 101 -67.63 8.00 28.04
CA GLY A 101 -68.03 7.86 26.67
C GLY A 101 -68.98 6.70 26.49
N PRO A 102 -68.67 5.82 25.56
CA PRO A 102 -69.40 4.55 25.48
C PRO A 102 -69.14 3.71 26.71
N LEU A 103 -70.12 2.89 27.07
CA LEU A 103 -69.96 1.99 28.21
C LEU A 103 -69.42 0.64 27.76
N THR A 104 -68.34 0.69 26.98
CA THR A 104 -67.58 -0.46 26.55
C THR A 104 -66.11 -0.18 26.83
N TYR A 105 -65.26 -1.12 26.48
CA TYR A 105 -63.84 -0.91 26.60
C TYR A 105 -63.33 -0.15 25.38
N ILE A 106 -62.52 0.88 25.64
CA ILE A 106 -61.81 1.62 24.61
C ILE A 106 -60.34 1.63 25.01
N PRO A 107 -59.42 1.25 24.14
CA PRO A 107 -58.00 1.42 24.46
C PRO A 107 -57.65 2.89 24.51
N ARG A 108 -56.61 3.20 25.31
CA ARG A 108 -56.35 4.58 25.69
C ARG A 108 -55.96 5.47 24.53
N GLU A 109 -55.44 4.88 23.44
CA GLU A 109 -55.09 5.61 22.23
C GLU A 109 -56.30 6.23 21.53
N LYS A 110 -57.51 5.87 21.92
CA LYS A 110 -58.72 6.49 21.40
C LYS A 110 -59.55 7.17 22.49
N LEU A 111 -59.00 7.37 23.69
CA LEU A 111 -59.84 7.91 24.76
C LEU A 111 -59.91 9.41 24.80
N PHE A 112 -59.20 10.12 23.93
CA PHE A 112 -59.10 11.57 24.04
C PHE A 112 -60.43 12.25 23.78
N GLU A 113 -61.18 11.76 22.80
CA GLU A 113 -62.54 12.25 22.53
C GLU A 113 -63.50 11.95 23.67
N THR A 114 -63.19 11.01 24.55
CA THR A 114 -64.05 10.76 25.70
C THR A 114 -63.73 11.66 26.86
N LEU A 115 -62.74 12.50 26.74
CA LEU A 115 -62.28 13.29 27.88
C LEU A 115 -63.11 14.52 28.29
N PRO A 116 -63.70 15.35 27.40
CA PRO A 116 -64.48 16.48 27.92
C PRO A 116 -65.74 16.06 28.65
N LYS A 117 -66.43 15.02 28.18
CA LYS A 117 -67.59 14.47 28.89
C LYS A 117 -67.19 14.03 30.30
N PHE A 118 -66.03 13.38 30.42
CA PHE A 118 -65.45 13.00 31.69
C PHE A 118 -65.30 14.19 32.62
N VAL A 119 -64.83 15.32 32.06
CA VAL A 119 -64.64 16.57 32.79
C VAL A 119 -65.96 16.99 33.40
N GLU A 120 -67.03 16.91 32.59
CA GLU A 120 -68.35 17.29 33.07
C GLU A 120 -68.81 16.35 34.17
N ALA A 121 -68.52 15.06 34.00
CA ALA A 121 -68.90 14.08 35.01
C ALA A 121 -68.06 14.21 36.27
N PHE A 122 -66.91 14.88 36.18
CA PHE A 122 -66.17 15.15 37.40
C PHE A 122 -66.78 16.30 38.17
N LYS A 123 -67.32 17.29 37.46
CA LYS A 123 -67.63 18.59 38.07
C LYS A 123 -68.70 18.48 39.13
N ALA A 124 -69.64 17.56 38.95
CA ALA A 124 -70.69 17.32 39.93
C ALA A 124 -70.12 16.91 41.27
N TYR A 125 -69.15 15.98 41.25
CA TYR A 125 -68.44 15.64 42.48
C TYR A 125 -67.65 16.83 43.01
N HIS A 126 -67.06 17.61 42.11
CA HIS A 126 -66.32 18.78 42.53
C HIS A 126 -67.26 19.87 43.04
N ALA A 127 -68.54 19.79 42.65
CA ALA A 127 -69.51 20.71 43.21
C ALA A 127 -69.82 20.36 44.65
N LYS A 128 -69.74 19.07 45.00
CA LYS A 128 -70.11 18.67 46.35
C LYS A 128 -68.95 18.83 47.31
N TYR A 129 -67.79 18.30 46.95
CA TYR A 129 -66.69 18.23 47.89
C TYR A 129 -65.72 19.40 47.79
N GLY A 130 -65.54 19.96 46.59
CA GLY A 130 -64.67 21.10 46.40
C GLY A 130 -63.23 20.74 46.68
N TYR A 131 -62.67 19.86 45.86
CA TYR A 131 -61.40 19.21 46.12
C TYR A 131 -60.24 20.20 46.12
N PRO A 132 -59.55 20.34 47.24
CA PRO A 132 -58.42 21.27 47.29
C PRO A 132 -57.17 20.71 46.64
N LEU A 133 -57.16 19.43 46.31
CA LEU A 133 -55.95 18.79 45.81
C LEU A 133 -56.35 17.68 44.86
N ILE A 134 -55.83 17.74 43.64
CA ILE A 134 -56.15 16.78 42.59
C ILE A 134 -54.84 16.23 42.04
N HIS A 135 -54.70 14.92 42.05
CA HIS A 135 -53.49 14.23 41.62
C HIS A 135 -53.86 13.31 40.46
N THR A 136 -53.55 13.78 39.26
CA THR A 136 -53.88 13.08 38.03
C THR A 136 -52.77 12.11 37.64
N ASN A 137 -53.16 10.92 37.18
CA ASN A 137 -52.19 9.88 36.88
C ASN A 137 -52.46 9.32 35.50
N TYR A 138 -52.14 10.10 34.46
CA TYR A 138 -51.79 9.71 33.08
C TYR A 138 -51.67 11.00 32.28
N TRP A 139 -51.26 10.89 31.02
CA TRP A 139 -51.53 11.92 30.02
C TRP A 139 -53.01 12.31 29.94
N LEU A 140 -53.90 11.33 29.77
CA LEU A 140 -55.31 11.61 29.49
C LEU A 140 -56.01 12.27 30.68
N SER A 141 -55.86 11.65 31.85
CA SER A 141 -56.33 12.26 33.08
C SER A 141 -55.61 13.55 33.40
N GLY A 142 -54.36 13.69 32.93
CA GLY A 142 -53.67 14.95 33.05
C GLY A 142 -54.29 16.04 32.20
N TRP A 143 -54.84 15.68 31.05
CA TRP A 143 -55.58 16.64 30.23
C TRP A 143 -56.86 17.06 30.91
N VAL A 144 -57.52 16.11 31.58
CA VAL A 144 -58.71 16.41 32.36
C VAL A 144 -58.38 17.40 33.48
N GLY A 145 -57.28 17.15 34.19
CA GLY A 145 -56.84 18.09 35.21
C GLY A 145 -56.39 19.43 34.65
N TRP A 146 -55.89 19.43 33.41
CA TRP A 146 -55.50 20.69 32.78
C TRP A 146 -56.72 21.50 32.41
N GLN A 147 -57.81 20.83 32.04
CA GLN A 147 -59.06 21.55 31.80
C GLN A 147 -59.64 22.07 33.11
N LEU A 148 -59.50 21.30 34.19
CA LEU A 148 -60.01 21.74 35.48
C LEU A 148 -59.18 22.87 36.06
N ARG A 149 -57.90 22.94 35.68
CA ARG A 149 -57.00 23.97 36.19
C ARG A 149 -57.39 25.34 35.69
N GLN A 150 -58.01 25.43 34.51
CA GLN A 150 -58.48 26.71 34.01
C GLN A 150 -59.69 27.23 34.77
N GLN A 151 -60.46 26.36 35.42
CA GLN A 151 -61.67 26.81 36.08
C GLN A 151 -61.56 26.93 37.59
N PHE A 152 -60.81 26.05 38.24
CA PHE A 152 -60.86 25.97 39.68
C PHE A 152 -59.47 26.12 40.27
N ASN A 153 -59.43 26.54 41.52
CA ASN A 153 -58.19 26.75 42.24
C ASN A 153 -57.93 25.52 43.10
N PHE A 154 -56.86 24.80 42.81
CA PHE A 154 -56.51 23.59 43.52
C PHE A 154 -55.05 23.27 43.29
N GLN A 155 -54.50 22.46 44.19
CA GLN A 155 -53.14 21.98 44.04
C GLN A 155 -53.15 20.78 43.12
N TRP A 156 -52.55 20.94 41.94
CA TRP A 156 -52.60 19.92 40.90
C TRP A 156 -51.25 19.22 40.81
N LEU A 157 -51.28 17.92 40.99
CA LEU A 157 -50.12 17.06 40.93
C LEU A 157 -50.32 16.06 39.80
N HIS A 158 -49.23 15.56 39.24
CA HIS A 158 -49.36 14.66 38.11
C HIS A 158 -48.26 13.62 38.11
N THR A 159 -48.63 12.37 37.85
CA THR A 159 -47.67 11.32 37.56
C THR A 159 -47.90 10.82 36.14
N TYR A 160 -46.84 10.77 35.34
CA TYR A 160 -46.98 10.46 33.92
C TYR A 160 -47.25 8.98 33.68
N HIS A 161 -46.43 8.12 34.30
CA HIS A 161 -46.38 6.65 34.24
C HIS A 161 -45.82 6.13 32.92
N SER A 162 -45.68 7.00 31.92
CA SER A 162 -44.98 6.77 30.67
C SER A 162 -44.91 8.09 29.94
N LEU A 163 -43.75 8.40 29.40
CA LEU A 163 -43.57 9.59 28.58
C LEU A 163 -43.66 9.19 27.13
N GLY A 164 -44.46 9.93 26.36
CA GLY A 164 -44.61 9.64 24.95
C GLY A 164 -43.35 9.91 24.17
N VAL A 165 -42.53 10.85 24.64
CA VAL A 165 -41.31 11.21 23.93
C VAL A 165 -40.25 10.13 24.06
N VAL A 166 -40.39 9.21 25.01
CA VAL A 166 -39.47 8.10 25.14
C VAL A 166 -40.13 6.90 24.48
N LYS A 167 -41.46 6.92 24.46
CA LYS A 167 -42.25 5.89 23.80
C LYS A 167 -42.02 5.88 22.30
N TYR A 168 -41.99 7.06 21.70
CA TYR A 168 -41.95 7.20 20.24
C TYR A 168 -40.54 7.33 19.70
N GLN A 169 -39.65 6.41 20.09
CA GLN A 169 -38.26 6.41 19.65
C GLN A 169 -37.78 5.00 19.34
N VAL A 170 -38.68 4.07 19.13
CA VAL A 170 -38.36 2.65 19.09
C VAL A 170 -38.31 2.18 17.65
N ALA A 171 -37.29 1.38 17.33
CA ALA A 171 -37.13 0.84 15.98
C ALA A 171 -38.21 -0.20 15.68
N SER A 172 -38.77 -0.78 16.72
CA SER A 172 -40.00 -1.58 16.66
C SER A 172 -41.20 -0.65 16.64
N GLU A 173 -42.35 -1.13 17.11
CA GLU A 173 -43.60 -0.37 17.19
C GLU A 173 -43.43 0.94 17.97
N GLN A 174 -44.43 1.82 17.90
CA GLN A 174 -44.46 3.21 18.37
C GLN A 174 -43.48 4.03 17.56
N ALA A 175 -43.71 4.08 16.25
CA ALA A 175 -43.17 5.11 15.39
C ALA A 175 -44.34 5.95 14.91
N GLN A 176 -45.53 5.36 14.87
CA GLN A 176 -46.75 6.13 14.70
C GLN A 176 -47.03 6.93 15.97
N ARG A 177 -46.69 8.21 15.93
CA ARG A 177 -46.66 9.03 17.14
C ARG A 177 -48.03 9.54 17.51
N ASP A 178 -48.06 10.48 18.45
CA ASP A 178 -49.28 11.18 18.81
C ASP A 178 -48.89 12.55 19.31
N GLU A 179 -48.94 13.56 18.44
CA GLU A 179 -48.48 14.89 18.80
C GLU A 179 -49.43 15.58 19.77
N THR A 180 -50.68 15.13 19.83
CA THR A 180 -51.59 15.57 20.89
C THR A 180 -51.05 15.16 22.25
N ARG A 181 -50.54 13.93 22.35
CA ARG A 181 -49.97 13.44 23.60
C ARG A 181 -48.72 14.22 23.99
N LEU A 182 -47.84 14.52 23.04
CA LEU A 182 -46.64 15.25 23.38
C LEU A 182 -46.95 16.70 23.74
N MET A 183 -47.95 17.28 23.07
CA MET A 183 -48.40 18.63 23.41
C MET A 183 -48.98 18.68 24.82
N VAL A 184 -49.81 17.69 25.18
CA VAL A 184 -50.43 17.72 26.50
C VAL A 184 -49.40 17.35 27.57
N GLU A 185 -48.47 16.45 27.26
CA GLU A 185 -47.45 16.10 28.25
C GLU A 185 -46.44 17.23 28.45
N LYS A 186 -46.31 18.12 27.47
CA LYS A 186 -45.58 19.36 27.71
C LYS A 186 -46.41 20.34 28.52
N ALA A 187 -47.71 20.44 28.21
CA ALA A 187 -48.58 21.42 28.85
C ALA A 187 -48.86 21.08 30.30
N ILE A 188 -48.75 19.80 30.67
CA ILE A 188 -48.89 19.41 32.06
C ILE A 188 -47.68 19.90 32.86
N LEU A 189 -46.48 19.59 32.37
CA LEU A 189 -45.25 19.96 33.07
C LEU A 189 -45.09 21.47 33.17
N GLU A 190 -45.56 22.20 32.17
CA GLU A 190 -45.46 23.65 32.26
C GLU A 190 -46.45 24.27 33.23
N ASN A 191 -47.52 23.55 33.59
CA ASN A 191 -48.61 24.16 34.34
C ASN A 191 -48.97 23.48 35.64
N ALA A 192 -48.55 22.23 35.87
CA ALA A 192 -48.93 21.56 37.10
C ALA A 192 -48.14 22.09 38.27
N ASP A 193 -48.79 22.09 39.44
CA ASP A 193 -48.11 22.55 40.65
C ASP A 193 -47.05 21.57 41.10
N CYS A 194 -47.25 20.27 40.89
CA CYS A 194 -46.17 19.34 41.15
C CYS A 194 -46.24 18.15 40.20
N VAL A 195 -45.08 17.66 39.81
CA VAL A 195 -44.95 16.52 38.93
C VAL A 195 -44.13 15.45 39.64
N ILE A 196 -44.74 14.30 39.86
CA ILE A 196 -44.09 13.18 40.54
C ILE A 196 -43.31 12.40 39.50
N VAL A 197 -42.01 12.44 39.60
CA VAL A 197 -41.18 11.56 38.79
C VAL A 197 -40.79 10.36 39.65
N THR A 198 -40.81 9.19 39.03
CA THR A 198 -40.58 7.95 39.74
C THR A 198 -39.13 7.50 39.72
N SER A 199 -38.28 8.20 38.98
CA SER A 199 -36.90 7.84 38.77
C SER A 199 -36.16 9.08 38.27
N PRO A 200 -34.86 9.20 38.53
CA PRO A 200 -34.11 10.34 37.96
C PRO A 200 -33.97 10.28 36.46
N GLN A 201 -34.09 9.09 35.87
CA GLN A 201 -34.17 8.97 34.42
C GLN A 201 -35.39 9.67 33.88
N GLU A 202 -36.50 9.64 34.61
CA GLU A 202 -37.74 10.28 34.15
C GLU A 202 -37.60 11.80 34.13
N GLU A 203 -37.00 12.39 35.16
CA GLU A 203 -36.72 13.81 35.16
C GLU A 203 -35.70 14.20 34.09
N ALA A 204 -34.70 13.34 33.86
CA ALA A 204 -33.71 13.62 32.83
C ALA A 204 -34.36 13.63 31.44
N TYR A 205 -35.28 12.70 31.21
CA TYR A 205 -35.99 12.64 29.93
C TYR A 205 -36.90 13.84 29.77
N LEU A 206 -37.53 14.28 30.86
CA LEU A 206 -38.37 15.48 30.80
C LEU A 206 -37.56 16.73 30.51
N ARG A 207 -36.38 16.86 31.12
CA ARG A 207 -35.62 18.08 30.95
C ARG A 207 -34.87 18.10 29.63
N ARG A 208 -34.55 16.93 29.09
CA ARG A 208 -33.89 16.88 27.79
C ARG A 208 -34.89 16.97 26.64
N TRP A 209 -36.09 16.43 26.80
CA TRP A 209 -36.97 16.18 25.68
C TRP A 209 -38.33 16.86 25.76
N VAL A 210 -38.72 17.41 26.90
CA VAL A 210 -40.05 17.99 27.04
C VAL A 210 -39.97 19.48 27.34
N SER A 211 -39.44 19.84 28.50
CA SER A 211 -39.39 21.24 28.93
C SER A 211 -38.41 21.35 30.08
N LYS A 212 -38.05 22.59 30.38
CA LYS A 212 -37.19 22.89 31.51
C LYS A 212 -37.96 23.49 32.68
N ALA A 213 -39.09 24.14 32.41
CA ALA A 213 -39.90 24.77 33.44
C ALA A 213 -40.68 23.72 34.22
N GLY A 214 -41.44 24.17 35.23
CA GLY A 214 -42.23 23.28 36.04
C GLY A 214 -41.52 22.78 37.27
N GLN A 215 -42.28 22.37 38.28
CA GLN A 215 -41.75 21.84 39.51
C GLN A 215 -41.85 20.32 39.51
N THR A 216 -40.79 19.67 39.99
CA THR A 216 -40.70 18.22 39.96
C THR A 216 -40.23 17.70 41.31
N ARG A 217 -40.58 16.45 41.62
CA ARG A 217 -40.25 15.85 42.90
C ARG A 217 -39.98 14.36 42.71
N LEU A 218 -38.85 13.88 43.20
CA LEU A 218 -38.47 12.48 43.07
C LEU A 218 -39.06 11.68 44.22
N ILE A 219 -40.13 10.95 43.94
CA ILE A 219 -40.69 9.97 44.87
C ILE A 219 -40.87 8.67 44.08
N PRO A 220 -40.00 7.68 44.27
CA PRO A 220 -40.06 6.47 43.46
C PRO A 220 -41.22 5.56 43.86
N CYS A 221 -41.58 4.67 42.95
CA CYS A 221 -42.64 3.72 43.24
C CYS A 221 -42.16 2.70 44.27
N GLY A 222 -43.09 2.22 45.07
CA GLY A 222 -42.80 1.24 46.10
C GLY A 222 -43.64 -0.01 45.93
N THR A 223 -43.32 -1.00 46.76
CA THR A 223 -44.04 -2.26 46.74
C THR A 223 -44.39 -2.65 48.17
N ASN A 224 -45.39 -3.50 48.30
CA ASN A 224 -45.82 -3.95 49.61
C ASN A 224 -44.96 -5.13 50.03
N LEU A 225 -44.14 -4.94 51.06
CA LEU A 225 -43.28 -6.02 51.53
C LEU A 225 -44.06 -7.06 52.31
N LYS A 226 -45.28 -6.76 52.71
CA LYS A 226 -46.17 -7.75 53.29
C LYS A 226 -46.83 -8.64 52.24
N LEU A 227 -46.83 -8.21 50.99
CA LEU A 227 -47.32 -9.02 49.88
C LEU A 227 -46.22 -9.68 49.08
N PHE A 228 -45.00 -9.18 49.18
CA PHE A 228 -43.87 -9.75 48.46
C PHE A 228 -42.76 -10.05 49.45
N TYR A 229 -42.44 -11.32 49.58
CA TYR A 229 -41.48 -11.82 50.55
C TYR A 229 -41.00 -13.17 50.07
N PRO A 230 -39.83 -13.62 50.52
CA PRO A 230 -39.41 -15.00 50.22
C PRO A 230 -40.30 -16.01 50.91
N VAL A 231 -40.96 -16.83 50.10
CA VAL A 231 -41.93 -17.79 50.62
C VAL A 231 -41.25 -19.03 51.15
N ALA A 232 -40.21 -19.50 50.45
CA ALA A 232 -39.35 -20.66 50.72
C ALA A 232 -40.11 -21.98 50.63
N ASP A 233 -41.31 -22.01 50.07
CA ASP A 233 -42.06 -23.23 49.86
C ASP A 233 -42.78 -23.20 48.51
N ALA A 234 -42.20 -22.49 47.54
CA ALA A 234 -42.95 -22.04 46.38
C ALA A 234 -43.06 -23.12 45.32
N ARG A 235 -41.98 -23.85 45.06
CA ARG A 235 -42.05 -24.91 44.06
C ARG A 235 -42.86 -26.10 44.56
N ALA A 236 -42.98 -26.26 45.87
CA ALA A 236 -43.85 -27.29 46.39
C ALA A 236 -45.32 -26.91 46.22
N GLN A 237 -45.62 -25.61 46.27
CA GLN A 237 -46.98 -25.17 46.00
C GLN A 237 -47.32 -25.21 44.53
N LEU A 238 -46.35 -24.90 43.66
CA LEU A 238 -46.61 -24.88 42.23
C LEU A 238 -46.39 -26.22 41.54
N ASN A 239 -45.97 -27.24 42.29
CA ASN A 239 -45.69 -28.59 41.81
C ASN A 239 -44.67 -28.58 40.68
N LEU A 240 -43.49 -28.07 41.03
CA LEU A 240 -42.39 -27.93 40.08
C LEU A 240 -41.20 -28.72 40.58
N PRO A 241 -40.42 -29.35 39.70
CA PRO A 241 -39.21 -30.04 40.14
C PRO A 241 -38.14 -29.08 40.63
N ALA A 242 -37.72 -29.27 41.88
CA ALA A 242 -36.86 -28.31 42.56
C ALA A 242 -35.42 -28.35 42.07
N ASP A 243 -35.09 -29.34 41.24
CA ASP A 243 -33.76 -29.44 40.65
C ASP A 243 -33.77 -29.10 39.17
N GLU A 244 -34.81 -28.36 38.70
CA GLU A 244 -34.96 -27.87 37.34
C GLU A 244 -34.95 -26.34 37.34
N PRO A 245 -34.17 -25.73 36.47
CA PRO A 245 -34.11 -24.26 36.44
C PRO A 245 -35.34 -23.64 35.81
N ILE A 246 -35.67 -22.43 36.29
CA ILE A 246 -36.86 -21.71 35.86
C ILE A 246 -36.46 -20.26 35.58
N VAL A 247 -36.90 -19.74 34.43
CA VAL A 247 -36.80 -18.33 34.10
C VAL A 247 -38.21 -17.75 34.12
N LEU A 248 -38.36 -16.57 34.70
CA LEU A 248 -39.69 -16.00 34.95
C LEU A 248 -39.86 -14.66 34.26
N TYR A 249 -40.95 -14.53 33.51
CA TYR A 249 -41.47 -13.25 33.05
C TYR A 249 -42.80 -12.99 33.71
N VAL A 250 -42.94 -11.82 34.31
CA VAL A 250 -44.21 -11.34 34.84
C VAL A 250 -44.49 -9.98 34.25
N GLY A 251 -45.61 -9.85 33.56
CA GLY A 251 -45.99 -8.57 33.01
C GLY A 251 -47.05 -8.74 31.95
N ARG A 252 -47.34 -7.63 31.28
CA ARG A 252 -48.37 -7.62 30.25
C ARG A 252 -47.83 -8.25 28.97
N PHE A 253 -48.72 -8.42 28.01
CA PHE A 253 -48.35 -8.82 26.66
C PHE A 253 -48.37 -7.57 25.78
N ASP A 254 -47.19 -7.13 25.38
CA ASP A 254 -47.02 -5.96 24.52
C ASP A 254 -45.71 -6.16 23.77
N ARG A 255 -45.60 -5.49 22.62
CA ARG A 255 -44.31 -5.46 21.93
C ARG A 255 -43.31 -4.59 22.68
N ARG A 256 -43.81 -3.71 23.56
CA ARG A 256 -42.99 -2.95 24.48
C ARG A 256 -42.18 -3.81 25.41
N LYS A 257 -42.74 -4.93 25.86
CA LYS A 257 -42.13 -5.73 26.90
C LYS A 257 -41.03 -6.66 26.39
N GLY A 258 -40.93 -6.85 25.08
CA GLY A 258 -39.84 -7.61 24.51
C GLY A 258 -39.82 -9.09 24.86
N ILE A 259 -40.98 -9.75 24.78
CA ILE A 259 -41.03 -11.18 25.08
C ILE A 259 -40.40 -11.97 23.94
N GLU A 260 -40.37 -11.38 22.74
CA GLU A 260 -39.70 -11.96 21.58
C GLU A 260 -38.22 -12.23 21.85
N THR A 261 -37.54 -11.25 22.44
CA THR A 261 -36.12 -11.37 22.72
C THR A 261 -35.85 -12.42 23.79
N LEU A 262 -36.74 -12.51 24.78
CA LEU A 262 -36.60 -13.52 25.83
C LEU A 262 -36.80 -14.92 25.27
N VAL A 263 -37.79 -15.10 24.39
CA VAL A 263 -38.04 -16.42 23.82
C VAL A 263 -36.93 -16.81 22.86
N ALA A 264 -36.39 -15.84 22.13
CA ALA A 264 -35.25 -16.12 21.26
C ALA A 264 -34.00 -16.46 22.06
N ALA A 265 -33.86 -15.86 23.24
CA ALA A 265 -32.71 -16.19 24.08
C ALA A 265 -32.88 -17.53 24.78
N MET A 266 -34.12 -17.98 24.97
CA MET A 266 -34.35 -19.30 25.55
C MET A 266 -33.82 -20.42 24.69
N ALA A 267 -33.70 -20.20 23.38
CA ALA A 267 -33.14 -21.21 22.50
C ALA A 267 -31.65 -21.41 22.69
N GLN A 268 -30.95 -20.48 23.34
CA GLN A 268 -29.53 -20.62 23.61
C GLN A 268 -29.26 -21.21 24.98
N ILE A 269 -30.28 -21.75 25.63
CA ILE A 269 -30.14 -22.39 26.93
C ILE A 269 -30.68 -23.81 26.83
N PRO A 270 -29.88 -24.82 27.14
CA PRO A 270 -30.31 -26.21 26.94
C PRO A 270 -31.43 -26.68 27.85
N GLN A 271 -31.30 -26.46 29.16
CA GLN A 271 -32.33 -26.87 30.10
C GLN A 271 -33.22 -25.68 30.42
N GLY A 272 -34.10 -25.84 31.40
CA GLY A 272 -34.85 -24.71 31.89
C GLY A 272 -36.11 -24.34 31.14
N GLN A 273 -37.19 -24.10 31.87
CA GLN A 273 -38.43 -23.64 31.28
C GLN A 273 -38.59 -22.14 31.50
N LEU A 274 -39.40 -21.53 30.63
CA LEU A 274 -39.77 -20.13 30.74
C LEU A 274 -41.24 -20.02 31.09
N LEU A 275 -41.54 -19.46 32.26
CA LEU A 275 -42.92 -19.28 32.70
C LEU A 275 -43.33 -17.84 32.40
N LEU A 276 -44.21 -17.69 31.43
CA LEU A 276 -44.73 -16.38 31.04
C LEU A 276 -46.02 -16.16 31.82
N VAL A 277 -45.98 -15.22 32.77
CA VAL A 277 -47.14 -14.89 33.59
C VAL A 277 -47.69 -13.55 33.12
N GLY A 278 -48.96 -13.54 32.76
CA GLY A 278 -49.62 -12.34 32.30
C GLY A 278 -50.94 -12.64 31.63
N GLY A 279 -51.90 -11.74 31.76
CA GLY A 279 -53.21 -11.92 31.19
C GLY A 279 -53.33 -11.32 29.81
N SER A 280 -54.40 -11.71 29.12
CA SER A 280 -54.62 -11.34 27.73
C SER A 280 -56.06 -11.62 27.38
N ASP A 281 -56.57 -10.89 26.39
CA ASP A 281 -57.90 -11.11 25.85
C ASP A 281 -57.82 -11.21 24.33
N PRO A 282 -58.40 -12.26 23.74
CA PRO A 282 -58.28 -12.44 22.29
C PRO A 282 -59.05 -11.41 21.49
N GLN A 283 -60.06 -10.79 22.09
CA GLN A 283 -60.79 -9.70 21.45
C GLN A 283 -60.00 -8.41 21.42
N ARG A 284 -58.85 -8.35 22.09
CA ARG A 284 -58.14 -7.11 22.32
C ARG A 284 -56.74 -7.15 21.75
N SER A 285 -56.16 -5.97 21.53
CA SER A 285 -54.87 -5.85 20.87
C SER A 285 -53.76 -6.38 21.76
N ASP A 286 -53.68 -5.92 23.00
CA ASP A 286 -52.78 -6.54 23.95
C ASP A 286 -53.40 -7.87 24.40
N GLY A 287 -53.21 -8.89 23.58
CA GLY A 287 -53.87 -10.16 23.74
C GLY A 287 -53.48 -11.02 22.56
N ALA A 288 -54.38 -11.83 22.04
CA ALA A 288 -54.06 -12.76 20.96
C ALA A 288 -53.78 -12.09 19.63
N GLU A 289 -53.84 -10.77 19.50
CA GLU A 289 -53.24 -10.11 18.36
C GLU A 289 -51.74 -9.95 18.53
N ARG A 290 -51.26 -9.85 19.77
CA ARG A 290 -49.84 -9.75 20.05
C ARG A 290 -49.42 -10.74 21.14
N ARG A 291 -50.18 -11.82 21.30
CA ARG A 291 -49.72 -13.04 21.96
C ARG A 291 -49.18 -14.03 20.92
N ARG A 292 -48.57 -13.50 19.86
CA ARG A 292 -47.97 -14.22 18.76
C ARG A 292 -46.67 -14.91 19.17
N ILE A 293 -46.27 -14.66 20.43
CA ILE A 293 -45.16 -15.33 21.10
C ILE A 293 -45.32 -16.84 21.03
N GLU A 294 -46.55 -17.34 21.17
CA GLU A 294 -46.88 -18.75 20.96
C GLU A 294 -46.44 -19.24 19.59
N GLY A 295 -46.67 -18.43 18.55
CA GLY A 295 -46.09 -18.73 17.24
C GLY A 295 -44.58 -18.80 17.30
N LEU A 296 -43.97 -17.86 18.01
CA LEU A 296 -42.53 -17.92 18.25
C LEU A 296 -42.14 -19.12 19.11
N VAL A 297 -43.07 -19.64 19.92
CA VAL A 297 -42.78 -20.88 20.64
C VAL A 297 -42.68 -22.05 19.67
N GLN A 298 -43.46 -22.02 18.59
CA GLN A 298 -43.38 -23.11 17.62
C GLN A 298 -42.35 -22.83 16.53
N GLU A 299 -41.93 -21.57 16.38
CA GLU A 299 -40.79 -21.21 15.53
C GLU A 299 -39.53 -21.90 16.01
N TYR A 300 -39.10 -21.59 17.23
CA TYR A 300 -37.84 -22.01 17.81
C TYR A 300 -37.90 -23.40 18.42
N ASN A 301 -38.97 -24.17 18.20
CA ASN A 301 -39.15 -25.52 18.76
C ASN A 301 -39.03 -25.52 20.28
N LEU A 302 -39.79 -24.66 20.93
CA LEU A 302 -39.70 -24.51 22.38
C LEU A 302 -41.00 -24.84 23.09
N GLY A 303 -41.86 -25.68 22.51
CA GLY A 303 -43.14 -25.99 23.13
C GLY A 303 -43.03 -26.85 24.37
N ASP A 304 -41.93 -27.58 24.52
CA ASP A 304 -41.75 -28.44 25.67
C ASP A 304 -41.28 -27.67 26.88
N ARG A 305 -40.83 -26.41 26.71
CA ARG A 305 -40.18 -25.69 27.79
C ARG A 305 -40.53 -24.20 27.80
N VAL A 306 -41.73 -23.83 27.35
CA VAL A 306 -42.30 -22.51 27.58
C VAL A 306 -43.75 -22.70 28.03
N THR A 307 -44.06 -22.23 29.24
CA THR A 307 -45.39 -22.40 29.82
C THR A 307 -46.07 -21.05 29.95
N PHE A 308 -47.28 -20.94 29.41
CA PHE A 308 -48.07 -19.72 29.52
C PHE A 308 -48.96 -19.92 30.73
N VAL A 309 -48.64 -19.24 31.83
CA VAL A 309 -49.39 -19.44 33.06
C VAL A 309 -50.72 -18.70 33.01
N GLY A 310 -50.75 -17.54 32.38
CA GLY A 310 -51.96 -16.75 32.37
C GLY A 310 -51.87 -15.61 33.37
N GLN A 311 -53.02 -15.21 33.89
CA GLN A 311 -53.09 -14.10 34.83
C GLN A 311 -53.18 -14.63 36.26
N ILE A 312 -52.17 -14.29 37.06
CA ILE A 312 -52.11 -14.67 38.46
C ILE A 312 -52.44 -13.44 39.29
N ASP A 313 -53.16 -13.65 40.39
CA ASP A 313 -53.54 -12.57 41.27
C ASP A 313 -52.32 -11.90 41.87
N HIS A 314 -52.43 -10.59 42.11
CA HIS A 314 -51.29 -9.78 42.52
C HIS A 314 -50.82 -10.14 43.92
N GLU A 315 -51.72 -10.66 44.75
CA GLU A 315 -51.38 -11.11 46.08
C GLU A 315 -50.89 -12.54 46.12
N TYR A 316 -50.63 -13.14 44.96
CA TYR A 316 -50.13 -14.50 44.88
C TYR A 316 -48.86 -14.60 44.04
N LEU A 317 -48.40 -13.49 43.46
CA LEU A 317 -47.25 -13.52 42.55
C LEU A 317 -45.96 -13.83 43.27
N ALA A 318 -45.91 -13.66 44.59
CA ALA A 318 -44.70 -13.91 45.35
C ALA A 318 -44.28 -15.36 45.28
N VAL A 319 -45.25 -16.26 45.11
CA VAL A 319 -44.94 -17.68 44.91
C VAL A 319 -44.22 -17.89 43.58
N TYR A 320 -44.67 -17.22 42.52
CA TYR A 320 -44.00 -17.36 41.23
C TYR A 320 -42.64 -16.67 41.21
N TYR A 321 -42.51 -15.53 41.90
CA TYR A 321 -41.20 -14.87 41.99
C TYR A 321 -40.24 -15.70 42.83
N SER A 322 -40.73 -16.34 43.88
CA SER A 322 -39.86 -17.08 44.78
C SER A 322 -39.49 -18.44 44.20
N ALA A 323 -40.35 -19.00 43.34
CA ALA A 323 -40.06 -20.30 42.75
C ALA A 323 -39.00 -20.21 41.67
N ALA A 324 -38.72 -19.03 41.17
CA ALA A 324 -37.85 -18.87 40.02
C ALA A 324 -36.43 -18.57 40.43
N ASN A 325 -35.51 -18.83 39.51
CA ASN A 325 -34.10 -18.51 39.72
C ASN A 325 -33.76 -17.13 39.20
N VAL A 326 -34.53 -16.62 38.25
CA VAL A 326 -34.30 -15.31 37.67
C VAL A 326 -35.62 -14.76 37.16
N CYS A 327 -35.89 -13.49 37.50
CA CYS A 327 -36.91 -12.74 36.79
C CYS A 327 -36.23 -11.91 35.71
N VAL A 328 -36.83 -11.89 34.53
CA VAL A 328 -36.32 -11.16 33.39
C VAL A 328 -37.34 -10.09 33.04
N VAL A 329 -36.87 -8.86 32.89
CA VAL A 329 -37.68 -7.76 32.37
C VAL A 329 -37.02 -7.32 31.07
N PRO A 330 -37.32 -7.98 29.95
CA PRO A 330 -36.58 -7.73 28.72
C PRO A 330 -37.20 -6.64 27.87
N SER A 331 -37.54 -5.52 28.48
CA SER A 331 -38.37 -4.55 27.79
C SER A 331 -37.56 -3.74 26.80
N TYR A 332 -38.26 -2.90 26.07
CA TYR A 332 -37.60 -2.00 25.15
C TYR A 332 -37.60 -0.57 25.69
N TYR A 333 -38.49 -0.30 26.65
CA TYR A 333 -38.38 0.80 27.59
C TYR A 333 -39.30 0.49 28.76
N GLU A 334 -38.87 0.86 29.97
CA GLU A 334 -39.67 0.77 31.18
C GLU A 334 -39.53 1.99 32.08
N PRO A 335 -40.51 2.85 32.13
CA PRO A 335 -40.50 3.92 33.13
C PRO A 335 -40.80 3.39 34.53
N PHE A 336 -39.76 2.92 35.23
CA PHE A 336 -39.83 2.22 36.52
C PHE A 336 -40.61 0.91 36.40
N GLY A 337 -40.00 -0.10 35.80
CA GLY A 337 -40.56 -1.44 35.86
C GLY A 337 -40.78 -1.94 37.27
N LEU A 338 -42.05 -2.17 37.63
CA LEU A 338 -42.43 -2.45 39.01
C LEU A 338 -42.29 -3.93 39.35
N VAL A 339 -42.30 -4.80 38.35
CA VAL A 339 -42.02 -6.21 38.59
C VAL A 339 -40.58 -6.45 39.00
N ALA A 340 -39.68 -5.51 38.68
CA ALA A 340 -38.30 -5.60 39.14
C ALA A 340 -38.21 -5.53 40.66
N ILE A 341 -38.87 -4.55 41.27
CA ILE A 341 -38.82 -4.46 42.72
C ILE A 341 -39.74 -5.48 43.38
N GLU A 342 -40.80 -5.93 42.69
CA GLU A 342 -41.57 -7.06 43.21
C GLU A 342 -40.75 -8.34 43.24
N ALA A 343 -39.87 -8.53 42.26
CA ALA A 343 -39.05 -9.73 42.21
C ALA A 343 -37.89 -9.64 43.19
N MET A 344 -37.28 -8.47 43.28
CA MET A 344 -36.19 -8.28 44.24
C MET A 344 -36.68 -8.36 45.67
N ALA A 345 -37.95 -7.98 45.92
CA ALA A 345 -38.51 -8.13 47.25
C ALA A 345 -38.66 -9.59 47.64
N CYS A 346 -38.85 -10.47 46.67
CA CYS A 346 -39.00 -11.89 46.95
C CYS A 346 -37.67 -12.62 47.01
N GLY A 347 -36.56 -11.91 46.87
CA GLY A 347 -35.25 -12.53 46.93
C GLY A 347 -34.84 -13.24 45.67
N THR A 348 -35.17 -12.67 44.51
CA THR A 348 -34.89 -13.29 43.22
C THR A 348 -34.17 -12.27 42.35
N PRO A 349 -33.05 -12.64 41.74
CA PRO A 349 -32.32 -11.67 40.91
C PRO A 349 -33.03 -11.39 39.59
N VAL A 350 -32.79 -10.19 39.09
CA VAL A 350 -33.49 -9.64 37.94
C VAL A 350 -32.49 -9.32 36.85
N ILE A 351 -32.70 -9.88 35.67
CA ILE A 351 -32.01 -9.46 34.46
C ILE A 351 -32.96 -8.59 33.67
N ALA A 352 -32.55 -7.35 33.42
CA ALA A 352 -33.48 -6.39 32.86
C ALA A 352 -32.78 -5.59 31.77
N SER A 353 -33.58 -4.97 30.92
CA SER A 353 -33.01 -4.04 29.95
C SER A 353 -32.57 -2.76 30.65
N ALA A 354 -31.57 -2.09 30.08
CA ALA A 354 -31.04 -0.84 30.63
C ALA A 354 -31.67 0.32 29.88
N VAL A 355 -32.92 0.62 30.24
CA VAL A 355 -33.72 1.55 29.46
C VAL A 355 -34.28 2.71 30.27
N GLY A 356 -34.94 2.42 31.39
CA GLY A 356 -35.68 3.45 32.08
C GLY A 356 -35.44 3.47 33.57
N GLY A 357 -36.49 3.26 34.35
CA GLY A 357 -36.30 3.10 35.78
C GLY A 357 -35.74 1.75 36.18
N LEU A 358 -35.59 0.82 35.23
CA LEU A 358 -34.98 -0.47 35.56
C LEU A 358 -33.52 -0.30 35.94
N GLN A 359 -32.83 0.64 35.30
CA GLN A 359 -31.46 0.95 35.65
C GLN A 359 -31.37 1.92 36.82
N PHE A 360 -32.50 2.27 37.42
CA PHE A 360 -32.54 2.90 38.73
C PHE A 360 -32.81 1.87 39.82
N THR A 361 -33.62 0.86 39.52
CA THR A 361 -33.91 -0.18 40.49
C THR A 361 -32.83 -1.24 40.57
N VAL A 362 -32.31 -1.71 39.45
CA VAL A 362 -31.41 -2.85 39.42
C VAL A 362 -29.99 -2.34 39.34
N ILE A 363 -29.17 -2.67 40.35
CA ILE A 363 -27.75 -2.37 40.33
C ILE A 363 -27.07 -3.49 39.55
N PRO A 364 -26.29 -3.19 38.51
CA PRO A 364 -25.92 -4.22 37.52
C PRO A 364 -24.96 -5.27 38.01
N GLU A 365 -24.43 -5.18 39.23
CA GLU A 365 -23.64 -6.27 39.79
C GLU A 365 -24.00 -6.61 41.22
N GLU A 366 -24.85 -5.83 41.87
CA GLU A 366 -25.25 -6.07 43.25
C GLU A 366 -26.56 -6.82 43.35
N THR A 367 -27.54 -6.50 42.52
CA THR A 367 -28.86 -7.09 42.59
C THR A 367 -29.23 -7.93 41.37
N GLY A 368 -28.53 -7.75 40.26
CA GLY A 368 -28.88 -8.48 39.04
C GLY A 368 -27.94 -8.12 37.92
N LEU A 369 -28.48 -8.07 36.72
CA LEU A 369 -27.70 -7.77 35.52
C LEU A 369 -28.53 -6.93 34.57
N LEU A 370 -27.84 -6.11 33.79
CA LEU A 370 -28.47 -5.22 32.81
C LEU A 370 -27.89 -5.49 31.43
N VAL A 371 -28.78 -5.66 30.46
CA VAL A 371 -28.39 -6.01 29.10
C VAL A 371 -28.92 -4.96 28.14
N PRO A 372 -28.39 -4.86 26.93
CA PRO A 372 -29.05 -4.07 25.89
C PRO A 372 -30.39 -4.66 25.52
N PRO A 373 -31.32 -3.85 25.00
CA PRO A 373 -32.70 -4.33 24.79
C PRO A 373 -32.93 -5.44 23.78
N GLN A 374 -32.55 -5.26 22.52
CA GLN A 374 -33.04 -6.14 21.46
C GLN A 374 -31.98 -7.12 20.98
N ASP A 375 -31.14 -7.64 21.87
CA ASP A 375 -30.22 -8.71 21.49
C ASP A 375 -30.42 -9.90 22.42
N ALA A 376 -30.65 -11.07 21.82
CA ALA A 376 -30.91 -12.26 22.59
C ALA A 376 -29.62 -12.92 23.05
N ASN A 377 -28.50 -12.60 22.39
CA ASN A 377 -27.24 -13.22 22.76
C ASN A 377 -26.73 -12.69 24.09
N ALA A 378 -26.85 -11.38 24.30
CA ALA A 378 -26.42 -10.77 25.55
C ALA A 378 -27.33 -11.19 26.70
N LEU A 379 -28.64 -11.25 26.44
CA LEU A 379 -29.59 -11.73 27.43
C LEU A 379 -29.35 -13.18 27.77
N ALA A 380 -29.01 -13.99 26.77
CA ALA A 380 -28.77 -15.41 27.01
C ALA A 380 -27.48 -15.63 27.80
N ASN A 381 -26.43 -14.86 27.52
CA ASN A 381 -25.21 -14.95 28.32
C ASN A 381 -25.45 -14.48 29.75
N ALA A 382 -26.33 -13.48 29.92
CA ALA A 382 -26.70 -13.02 31.26
C ALA A 382 -27.42 -14.11 32.03
N ILE A 383 -28.31 -14.86 31.37
CA ILE A 383 -29.01 -15.94 32.07
C ILE A 383 -28.05 -17.10 32.34
N GLN A 384 -27.11 -17.34 31.42
CA GLN A 384 -26.11 -18.38 31.61
C GLN A 384 -25.21 -18.10 32.80
N ARG A 385 -24.97 -16.83 33.10
CA ARG A 385 -24.12 -16.51 34.25
C ARG A 385 -24.77 -16.88 35.57
N ILE A 386 -26.08 -16.76 35.69
CA ILE A 386 -26.73 -16.95 36.99
C ILE A 386 -27.52 -18.24 37.05
N LEU A 387 -27.56 -19.02 35.99
CA LEU A 387 -27.98 -20.41 36.12
C LEU A 387 -26.82 -21.33 36.45
N ALA A 388 -25.59 -20.92 36.14
CA ALA A 388 -24.41 -21.72 36.41
C ALA A 388 -23.81 -21.45 37.79
N ASP A 389 -24.27 -20.43 38.49
CA ASP A 389 -23.76 -20.09 39.82
C ASP A 389 -24.95 -19.75 40.71
N PRO A 390 -25.58 -20.77 41.30
CA PRO A 390 -26.85 -20.54 42.01
C PRO A 390 -26.70 -19.81 43.33
N ALA A 391 -25.60 -20.01 44.05
CA ALA A 391 -25.38 -19.27 45.29
C ALA A 391 -25.13 -17.79 45.03
N TRP A 392 -24.56 -17.46 43.88
CA TRP A 392 -24.40 -16.06 43.50
C TRP A 392 -25.75 -15.43 43.20
N ALA A 393 -26.65 -16.19 42.58
CA ALA A 393 -28.00 -15.71 42.38
C ALA A 393 -28.74 -15.57 43.71
N ARG A 394 -28.50 -16.48 44.64
CA ARG A 394 -29.15 -16.42 45.94
C ARG A 394 -28.61 -15.29 46.81
N THR A 395 -27.41 -14.79 46.56
CA THR A 395 -26.99 -13.57 47.25
C THR A 395 -27.32 -12.29 46.50
N LEU A 396 -27.43 -12.34 45.17
CA LEU A 396 -28.01 -11.21 44.42
C LEU A 396 -29.45 -10.97 44.83
N GLY A 397 -30.18 -12.05 45.11
CA GLY A 397 -31.57 -11.90 45.52
C GLY A 397 -31.72 -11.27 46.88
N LYS A 398 -30.87 -11.63 47.84
CA LYS A 398 -30.98 -11.01 49.14
C LYS A 398 -30.49 -9.57 49.12
N ASN A 399 -29.55 -9.25 48.23
CA ASN A 399 -29.17 -7.86 48.06
C ASN A 399 -30.29 -7.06 47.43
N GLY A 400 -31.07 -7.67 46.53
CA GLY A 400 -32.25 -7.00 46.01
C GLY A 400 -33.32 -6.81 47.06
N ARG A 401 -33.48 -7.80 47.95
CA ARG A 401 -34.35 -7.68 49.12
C ARG A 401 -33.97 -6.49 49.98
N GLU A 402 -32.68 -6.34 50.27
CA GLU A 402 -32.24 -5.20 51.11
C GLU A 402 -32.45 -3.89 50.36
N ARG A 403 -32.15 -3.85 49.07
CA ARG A 403 -32.30 -2.59 48.35
C ARG A 403 -33.76 -2.16 48.27
N VAL A 404 -34.68 -3.12 48.13
CA VAL A 404 -36.10 -2.79 48.12
C VAL A 404 -36.55 -2.34 49.51
N GLN A 405 -36.04 -2.99 50.56
CA GLN A 405 -36.32 -2.55 51.93
C GLN A 405 -35.75 -1.16 52.20
N ALA A 406 -34.65 -0.82 51.56
CA ALA A 406 -34.02 0.48 51.78
C ALA A 406 -34.74 1.60 51.05
N LEU A 407 -34.99 1.44 49.76
CA LEU A 407 -35.41 2.57 48.94
C LEU A 407 -36.78 2.43 48.30
N PHE A 408 -37.36 1.24 48.25
CA PHE A 408 -38.59 1.05 47.49
C PHE A 408 -39.65 0.36 48.32
N ASN A 409 -39.68 0.67 49.61
CA ASN A 409 -40.70 0.17 50.53
C ASN A 409 -41.87 1.14 50.52
N TRP A 410 -43.07 0.63 50.19
CA TRP A 410 -44.23 1.51 50.10
C TRP A 410 -44.67 2.04 51.46
N GLU A 411 -44.30 1.36 52.54
CA GLU A 411 -44.67 1.82 53.87
C GLU A 411 -43.90 3.08 54.28
N ALA A 412 -42.81 3.40 53.58
CA ALA A 412 -42.13 4.67 53.79
C ALA A 412 -42.48 5.68 52.69
N ILE A 413 -42.69 5.19 51.47
CA ILE A 413 -43.04 6.05 50.35
C ILE A 413 -44.41 6.67 50.56
N ALA A 414 -45.30 5.97 51.26
CA ALA A 414 -46.59 6.54 51.63
C ALA A 414 -46.42 7.72 52.57
N LEU A 415 -45.48 7.64 53.51
CA LEU A 415 -45.21 8.77 54.40
C LEU A 415 -44.64 9.94 53.64
N GLN A 416 -43.78 9.66 52.66
CA GLN A 416 -43.22 10.74 51.84
C GLN A 416 -44.30 11.44 51.01
N MET A 417 -45.19 10.65 50.40
CA MET A 417 -46.31 11.20 49.65
C MET A 417 -47.25 12.00 50.54
N GLY A 418 -47.48 11.51 51.76
CA GLY A 418 -48.35 12.22 52.68
C GLY A 418 -47.79 13.56 53.14
N GLN A 419 -46.48 13.60 53.42
CA GLN A 419 -45.87 14.88 53.78
C GLN A 419 -45.83 15.84 52.60
N LEU A 420 -45.72 15.29 51.38
CA LEU A 420 -45.83 16.12 50.19
C LEU A 420 -47.20 16.76 50.09
N TYR A 421 -48.26 15.98 50.32
CA TYR A 421 -49.60 16.53 50.24
C TYR A 421 -49.85 17.54 51.36
N ARG A 422 -49.24 17.32 52.53
CA ARG A 422 -49.42 18.25 53.63
C ARG A 422 -48.75 19.59 53.35
N GLN A 423 -47.55 19.57 52.76
CA GLN A 423 -46.90 20.85 52.49
C GLN A 423 -47.53 21.55 51.29
N LEU A 424 -48.11 20.80 50.36
CA LEU A 424 -48.82 21.46 49.26
C LEU A 424 -50.16 22.02 49.72
N PHE A 425 -50.83 21.32 50.63
CA PHE A 425 -52.06 21.85 51.22
C PHE A 425 -51.75 23.01 52.16
N ALA A 426 -50.51 23.13 52.64
CA ALA A 426 -50.10 24.29 53.42
C ALA A 426 -50.06 25.57 52.60
N ALA A 427 -50.21 25.51 51.28
CA ALA A 427 -50.40 26.72 50.48
C ALA A 427 -51.78 27.29 50.72
N SER A 428 -51.94 27.99 51.83
CA SER A 428 -53.14 28.71 52.22
C SER A 428 -52.82 30.19 52.35
N LEU A 429 -53.76 30.93 52.93
CA LEU A 429 -53.70 32.39 53.06
C LEU A 429 -52.47 32.89 53.83
N ARG B 30 13.41 15.29 40.27
CA ARG B 30 13.52 13.93 39.77
C ARG B 30 12.46 13.04 40.42
N GLN B 31 11.89 12.15 39.64
CA GLN B 31 10.78 11.35 40.13
C GLN B 31 11.15 9.88 40.14
N PRO B 32 10.71 9.14 41.15
CA PRO B 32 10.99 7.69 41.19
C PRO B 32 10.10 6.94 40.20
N ILE B 33 10.50 5.71 39.92
CA ILE B 33 9.81 4.90 38.93
C ILE B 33 10.08 3.44 39.29
N ALA B 34 9.21 2.55 38.82
CA ALA B 34 9.30 1.14 39.17
C ALA B 34 9.17 0.28 37.93
N LEU B 35 10.14 -0.61 37.74
CA LEU B 35 10.10 -1.62 36.69
C LEU B 35 9.96 -2.97 37.39
N ILE B 36 8.96 -3.75 36.99
CA ILE B 36 8.67 -5.03 37.62
C ILE B 36 8.91 -6.13 36.60
N SER B 37 9.77 -7.07 36.95
CA SER B 37 10.06 -8.23 36.10
C SER B 37 10.45 -9.41 36.96
N VAL B 38 9.48 -10.27 37.31
CA VAL B 38 9.67 -11.21 38.42
C VAL B 38 10.63 -12.34 38.05
N HIS B 39 10.33 -13.05 36.96
CA HIS B 39 11.20 -14.15 36.56
C HIS B 39 12.44 -13.64 35.86
N GLY B 40 12.34 -12.49 35.21
CA GLY B 40 13.48 -11.92 34.51
C GLY B 40 14.25 -10.96 35.39
N ASP B 41 15.31 -11.44 35.99
CA ASP B 41 16.24 -10.63 36.76
C ASP B 41 17.04 -9.76 35.81
N PRO B 42 16.95 -8.44 35.88
CA PRO B 42 17.79 -7.60 35.01
C PRO B 42 19.26 -7.63 35.35
N ALA B 43 19.62 -8.07 36.55
CA ALA B 43 21.02 -8.13 36.94
C ALA B 43 21.72 -9.40 36.48
N ALA B 44 20.99 -10.33 35.88
CA ALA B 44 21.56 -11.62 35.56
C ALA B 44 22.25 -11.60 34.21
N ASP B 45 23.29 -12.43 34.08
CA ASP B 45 23.97 -12.63 32.82
C ASP B 45 23.14 -13.57 31.95
N VAL B 46 22.59 -13.02 30.87
CA VAL B 46 21.51 -13.64 30.12
C VAL B 46 22.04 -14.73 29.22
N GLY B 47 21.14 -15.56 28.71
CA GLY B 47 21.50 -16.57 27.74
C GLY B 47 20.99 -17.96 28.03
N HIS B 48 20.09 -18.08 29.01
CA HIS B 48 19.57 -19.38 29.40
C HIS B 48 18.10 -19.23 29.78
N GLU B 49 17.58 -20.25 30.46
CA GLU B 49 16.18 -20.28 30.85
C GLU B 49 15.88 -19.20 31.88
N SER B 50 14.73 -18.53 31.69
CA SER B 50 14.32 -17.33 32.42
C SER B 50 15.34 -16.21 32.29
N ALA B 51 16.04 -16.15 31.17
CA ALA B 51 16.94 -15.06 30.83
C ALA B 51 16.67 -14.63 29.41
N GLY B 52 17.25 -13.53 28.96
CA GLY B 52 17.08 -13.13 27.58
C GLY B 52 16.47 -11.77 27.34
N GLY B 53 15.42 -11.73 26.52
CA GLY B 53 14.97 -10.47 25.95
C GLY B 53 14.31 -9.53 26.94
N GLN B 54 13.45 -10.05 27.82
CA GLN B 54 12.83 -9.23 28.85
C GLN B 54 13.85 -8.67 29.81
N ASN B 55 14.85 -9.48 30.16
CA ASN B 55 15.95 -9.07 31.01
C ASN B 55 16.73 -7.92 30.41
N ILE B 56 17.16 -8.07 29.16
CA ILE B 56 17.90 -7.02 28.46
C ILE B 56 17.03 -5.77 28.31
N TYR B 57 15.73 -5.97 28.06
CA TYR B 57 14.77 -4.89 27.89
C TYR B 57 14.72 -4.01 29.13
N VAL B 58 14.44 -4.61 30.28
CA VAL B 58 14.27 -3.82 31.50
C VAL B 58 15.61 -3.27 31.97
N ARG B 59 16.72 -3.98 31.72
CA ARG B 59 18.02 -3.51 32.15
C ARG B 59 18.43 -2.25 31.41
N GLN B 60 18.43 -2.30 30.08
CA GLN B 60 18.83 -1.12 29.32
C GLN B 60 17.78 -0.02 29.37
N LEU B 61 16.51 -0.37 29.61
CA LEU B 61 15.50 0.66 29.83
C LEU B 61 15.75 1.42 31.11
N GLY B 62 16.05 0.72 32.20
CA GLY B 62 16.30 1.40 33.46
C GLY B 62 17.58 2.23 33.43
N GLU B 63 18.60 1.72 32.74
CA GLU B 63 19.84 2.50 32.61
C GLU B 63 19.63 3.75 31.75
N ALA B 64 18.85 3.64 30.68
CA ALA B 64 18.61 4.79 29.81
C ALA B 64 17.72 5.80 30.51
N LEU B 65 16.82 5.34 31.39
CA LEU B 65 15.97 6.28 32.12
C LEU B 65 16.76 7.01 33.19
N ALA B 66 17.63 6.31 33.91
CA ALA B 66 18.42 6.98 34.93
C ALA B 66 19.46 7.90 34.31
N ALA B 67 19.88 7.61 33.08
CA ALA B 67 20.72 8.54 32.35
C ALA B 67 19.97 9.84 32.03
N ALA B 68 18.68 9.72 31.74
CA ALA B 68 17.87 10.90 31.44
C ALA B 68 17.33 11.58 32.68
N GLY B 69 17.61 11.05 33.87
CA GLY B 69 17.25 11.72 35.10
C GLY B 69 16.10 11.14 35.87
N TRP B 70 15.90 9.83 35.81
CA TRP B 70 14.87 9.17 36.59
C TRP B 70 15.51 8.39 37.73
N HIS B 71 14.75 8.18 38.79
CA HIS B 71 15.18 7.31 39.88
C HIS B 71 14.58 5.93 39.63
N VAL B 72 15.41 4.98 39.24
CA VAL B 72 14.93 3.71 38.71
C VAL B 72 15.21 2.59 39.71
N ASP B 73 14.14 1.97 40.19
CA ASP B 73 14.19 0.75 40.97
C ASP B 73 13.55 -0.35 40.14
N MET B 74 14.30 -1.40 39.84
CA MET B 74 13.85 -2.50 38.99
C MET B 74 13.63 -3.71 39.86
N PHE B 75 12.39 -4.16 39.97
CA PHE B 75 12.01 -5.16 40.95
C PHE B 75 11.97 -6.55 40.33
N THR B 76 12.63 -7.50 40.97
CA THR B 76 12.60 -8.89 40.53
C THR B 76 12.54 -9.81 41.73
N ARG B 77 12.63 -11.11 41.48
CA ARG B 77 12.44 -12.13 42.49
C ARG B 77 13.79 -12.70 42.92
N LYS B 78 13.99 -12.81 44.24
CA LYS B 78 15.22 -13.40 44.75
C LYS B 78 15.13 -14.92 44.68
N THR B 79 16.13 -15.55 44.06
CA THR B 79 16.13 -16.98 43.84
C THR B 79 17.30 -17.69 44.51
N ASP B 80 18.07 -16.99 45.32
CA ASP B 80 19.27 -17.54 45.93
C ASP B 80 19.56 -16.71 47.17
N PRO B 81 19.61 -17.33 48.36
CA PRO B 81 19.80 -16.54 49.58
C PRO B 81 21.17 -15.93 49.73
N ASN B 82 22.14 -16.35 48.94
CA ASN B 82 23.46 -15.71 48.93
C ASN B 82 23.56 -14.64 47.87
N ASP B 83 22.49 -14.37 47.13
CA ASP B 83 22.52 -13.26 46.19
C ASP B 83 22.33 -11.94 46.93
N PRO B 84 22.93 -10.86 46.43
CA PRO B 84 22.68 -9.53 47.02
C PRO B 84 21.26 -9.07 46.80
N ASP B 85 20.68 -8.48 47.84
CA ASP B 85 19.31 -8.01 47.79
C ASP B 85 19.13 -6.78 46.90
N VAL B 86 20.16 -5.95 46.77
CA VAL B 86 20.13 -4.78 45.90
C VAL B 86 21.41 -4.77 45.07
N ILE B 87 21.28 -4.60 43.77
CA ILE B 87 22.43 -4.42 42.89
C ILE B 87 22.33 -3.06 42.24
N GLU B 88 23.23 -2.16 42.61
CA GLU B 88 23.27 -0.82 42.03
C GLU B 88 24.05 -0.87 40.72
N HIS B 89 23.36 -0.56 39.63
CA HIS B 89 23.97 -0.64 38.29
C HIS B 89 24.57 0.68 37.88
N SER B 90 23.77 1.74 37.88
CA SER B 90 24.21 3.07 37.51
C SER B 90 23.62 4.02 38.53
N PRO B 91 24.10 5.27 38.58
CA PRO B 91 23.48 6.24 39.50
C PRO B 91 22.00 6.43 39.23
N HIS B 92 21.21 6.21 40.29
CA HIS B 92 19.76 6.19 40.32
C HIS B 92 19.16 5.07 39.47
N CYS B 93 19.88 3.96 39.32
CA CYS B 93 19.31 2.75 38.72
C CYS B 93 19.88 1.54 39.41
N ARG B 94 18.99 0.79 40.06
CA ARG B 94 19.36 -0.41 40.80
C ARG B 94 18.34 -1.52 40.58
N THR B 95 18.82 -2.76 40.67
CA THR B 95 17.94 -3.91 40.70
C THR B 95 17.70 -4.32 42.14
N ILE B 96 16.45 -4.58 42.48
CA ILE B 96 16.05 -5.01 43.81
C ILE B 96 15.48 -6.41 43.71
N ARG B 97 16.12 -7.34 44.41
CA ARG B 97 15.66 -8.73 44.50
C ARG B 97 14.82 -8.86 45.76
N LEU B 98 13.51 -9.03 45.58
CA LEU B 98 12.59 -9.15 46.68
C LEU B 98 12.43 -10.62 47.09
N GLN B 99 12.28 -10.84 48.38
CA GLN B 99 11.93 -12.16 48.90
C GLN B 99 10.45 -12.36 48.68
N ALA B 100 10.08 -12.93 47.54
CA ALA B 100 8.67 -13.22 47.31
C ALA B 100 8.34 -14.63 47.74
N GLY B 101 8.89 -15.62 47.07
CA GLY B 101 8.53 -16.98 47.36
C GLY B 101 9.62 -17.70 48.11
N PRO B 102 9.77 -18.99 47.83
CA PRO B 102 10.97 -19.70 48.28
C PRO B 102 12.21 -19.14 47.61
N LEU B 103 13.32 -19.19 48.32
CA LEU B 103 14.58 -18.63 47.81
C LEU B 103 15.37 -19.70 47.08
N THR B 104 14.70 -20.34 46.14
CA THR B 104 15.30 -21.22 45.15
C THR B 104 14.84 -20.76 43.77
N TYR B 105 15.39 -21.38 42.73
CA TYR B 105 14.87 -21.11 41.40
C TYR B 105 13.51 -21.76 41.22
N ILE B 106 12.55 -20.99 40.73
CA ILE B 106 11.24 -21.49 40.38
C ILE B 106 10.93 -21.04 38.96
N PRO B 107 10.54 -21.93 38.06
CA PRO B 107 10.24 -21.54 36.68
C PRO B 107 8.93 -20.77 36.61
N ARG B 108 8.64 -20.28 35.40
CA ARG B 108 7.55 -19.34 35.18
C ARG B 108 6.19 -19.97 35.43
N GLU B 109 6.09 -21.27 35.27
CA GLU B 109 4.81 -21.95 35.32
C GLU B 109 4.38 -22.28 36.73
N LYS B 110 5.19 -21.95 37.73
CA LYS B 110 4.83 -22.11 39.13
C LYS B 110 4.86 -20.80 39.89
N LEU B 111 5.00 -19.68 39.19
CA LEU B 111 5.19 -18.39 39.84
C LEU B 111 3.92 -17.62 40.12
N PHE B 112 2.75 -18.17 39.83
CA PHE B 112 1.54 -17.40 40.11
C PHE B 112 1.16 -17.49 41.58
N GLU B 113 1.46 -18.60 42.24
CA GLU B 113 1.11 -18.75 43.64
C GLU B 113 2.10 -18.04 44.57
N THR B 114 3.15 -17.45 44.02
CA THR B 114 4.09 -16.64 44.78
C THR B 114 3.85 -15.15 44.59
N LEU B 115 2.90 -14.77 43.75
CA LEU B 115 2.68 -13.35 43.45
C LEU B 115 2.12 -12.48 44.58
N PRO B 116 1.16 -12.91 45.43
CA PRO B 116 0.73 -12.00 46.50
C PRO B 116 1.80 -11.69 47.53
N LYS B 117 2.74 -12.61 47.76
CA LYS B 117 3.89 -12.27 48.58
C LYS B 117 4.80 -11.26 47.89
N PHE B 118 4.88 -11.31 46.55
CA PHE B 118 5.64 -10.31 45.82
C PHE B 118 4.98 -8.95 45.92
N VAL B 119 3.65 -8.91 45.89
CA VAL B 119 2.91 -7.66 46.07
C VAL B 119 3.15 -7.10 47.47
N GLU B 120 3.13 -7.98 48.48
CA GLU B 120 3.30 -7.55 49.85
C GLU B 120 4.71 -7.04 50.09
N ALA B 121 5.70 -7.62 49.40
CA ALA B 121 7.05 -7.10 49.49
C ALA B 121 7.22 -5.80 48.69
N PHE B 122 6.47 -5.64 47.61
CA PHE B 122 6.56 -4.43 46.80
C PHE B 122 5.98 -3.22 47.53
N LYS B 123 4.91 -3.44 48.29
CA LYS B 123 4.24 -2.33 48.96
C LYS B 123 5.12 -1.65 50.00
N ALA B 124 6.11 -2.37 50.53
CA ALA B 124 7.05 -1.79 51.49
C ALA B 124 7.88 -0.67 50.86
N TYR B 125 8.32 -0.87 49.62
CA TYR B 125 9.09 0.17 48.95
C TYR B 125 8.19 1.20 48.30
N HIS B 126 6.97 0.80 47.92
CA HIS B 126 6.03 1.76 47.37
C HIS B 126 5.57 2.75 48.44
N ALA B 127 5.56 2.32 49.71
CA ALA B 127 5.21 3.24 50.78
C ALA B 127 6.29 4.29 51.00
N LYS B 128 7.56 3.92 50.79
CA LYS B 128 8.62 4.89 50.97
C LYS B 128 8.70 5.85 49.79
N TYR B 129 8.66 5.32 48.56
CA TYR B 129 8.89 6.16 47.40
C TYR B 129 7.63 6.73 46.78
N GLY B 130 6.57 5.94 46.68
CA GLY B 130 5.33 6.42 46.08
C GLY B 130 5.46 6.63 44.59
N TYR B 131 5.63 5.55 43.85
CA TYR B 131 5.95 5.60 42.43
C TYR B 131 4.75 6.07 41.64
N PRO B 132 4.84 7.22 40.96
CA PRO B 132 3.71 7.69 40.17
C PRO B 132 3.54 6.95 38.85
N LEU B 133 4.49 6.10 38.48
CA LEU B 133 4.46 5.45 37.18
C LEU B 133 5.12 4.08 37.34
N ILE B 134 4.39 3.02 37.00
CA ILE B 134 4.88 1.66 37.17
C ILE B 134 4.76 0.94 35.84
N HIS B 135 5.87 0.35 35.39
CA HIS B 135 5.96 -0.33 34.11
C HIS B 135 6.21 -1.81 34.35
N THR B 136 5.17 -2.61 34.21
CA THR B 136 5.23 -4.04 34.39
C THR B 136 5.55 -4.71 33.06
N ASN B 137 6.26 -5.84 33.12
CA ASN B 137 6.96 -6.35 31.96
C ASN B 137 6.73 -7.84 31.75
N TYR B 138 5.65 -8.40 32.30
CA TYR B 138 5.22 -9.74 31.88
C TYR B 138 3.77 -9.89 32.30
N TRP B 139 3.15 -11.03 31.96
CA TRP B 139 1.92 -11.46 32.62
C TRP B 139 2.09 -11.54 34.13
N LEU B 140 3.17 -12.17 34.59
CA LEU B 140 3.36 -12.39 36.01
C LEU B 140 3.64 -11.08 36.73
N SER B 141 4.28 -10.14 36.04
CA SER B 141 4.45 -8.80 36.59
C SER B 141 3.17 -8.00 36.44
N GLY B 142 2.42 -8.24 35.38
CA GLY B 142 1.18 -7.54 35.13
C GLY B 142 0.08 -7.87 36.11
N TRP B 143 0.09 -9.08 36.67
CA TRP B 143 -0.89 -9.41 37.70
C TRP B 143 -0.60 -8.64 38.98
N VAL B 144 0.68 -8.46 39.30
CA VAL B 144 1.08 -7.62 40.42
C VAL B 144 0.64 -6.19 40.21
N GLY B 145 0.86 -5.67 38.99
CA GLY B 145 0.41 -4.32 38.68
C GLY B 145 -1.10 -4.16 38.70
N TRP B 146 -1.83 -5.21 38.32
CA TRP B 146 -3.29 -5.16 38.30
C TRP B 146 -3.85 -5.28 39.72
N GLN B 147 -3.13 -5.94 40.62
CA GLN B 147 -3.52 -5.90 42.02
C GLN B 147 -3.18 -4.56 42.66
N LEU B 148 -2.11 -3.92 42.21
CA LEU B 148 -1.72 -2.63 42.77
C LEU B 148 -2.61 -1.50 42.31
N ARG B 149 -3.16 -1.60 41.09
CA ARG B 149 -4.06 -0.59 40.54
C ARG B 149 -5.37 -0.51 41.33
N GLN B 150 -5.75 -1.59 42.02
CA GLN B 150 -6.96 -1.59 42.83
C GLN B 150 -6.80 -0.80 44.13
N GLN B 151 -5.57 -0.45 44.52
CA GLN B 151 -5.34 0.36 45.71
C GLN B 151 -4.63 1.67 45.44
N PHE B 152 -3.53 1.65 44.69
CA PHE B 152 -2.66 2.81 44.57
C PHE B 152 -2.85 3.49 43.21
N ASN B 153 -2.58 4.79 43.20
CA ASN B 153 -2.81 5.63 42.03
C ASN B 153 -1.48 5.86 41.32
N PHE B 154 -1.37 5.31 40.11
CA PHE B 154 -0.16 5.43 39.33
C PHE B 154 -0.49 5.17 37.87
N GLN B 155 0.37 5.66 36.99
CA GLN B 155 0.23 5.38 35.58
C GLN B 155 0.86 4.03 35.28
N TRP B 156 0.05 3.07 34.84
CA TRP B 156 0.49 1.70 34.68
C TRP B 156 0.71 1.40 33.20
N LEU B 157 1.90 0.95 32.89
CA LEU B 157 2.28 0.61 31.54
C LEU B 157 2.72 -0.84 31.54
N HIS B 158 2.49 -1.53 30.44
CA HIS B 158 2.77 -2.96 30.41
C HIS B 158 3.40 -3.35 29.09
N THR B 159 4.40 -4.21 29.17
CA THR B 159 4.98 -4.85 28.01
C THR B 159 4.81 -6.35 28.16
N TYR B 160 4.19 -6.99 27.17
CA TYR B 160 3.84 -8.40 27.31
C TYR B 160 5.06 -9.31 27.20
N HIS B 161 5.84 -9.12 26.13
CA HIS B 161 7.05 -9.85 25.71
C HIS B 161 6.76 -11.25 25.18
N SER B 162 5.55 -11.77 25.43
CA SER B 162 5.07 -13.04 24.91
C SER B 162 3.58 -13.14 25.21
N LEU B 163 2.77 -13.44 24.20
CA LEU B 163 1.34 -13.57 24.39
C LEU B 163 0.98 -15.04 24.55
N GLY B 164 0.05 -15.31 25.47
CA GLY B 164 -0.37 -16.68 25.69
C GLY B 164 -1.20 -17.22 24.55
N VAL B 165 -2.01 -16.36 23.93
CA VAL B 165 -2.94 -16.78 22.89
C VAL B 165 -2.16 -17.09 21.61
N VAL B 166 -0.94 -16.58 21.52
CA VAL B 166 -0.04 -16.90 20.42
C VAL B 166 0.87 -18.07 20.77
N LYS B 167 1.20 -18.23 22.05
CA LYS B 167 1.97 -19.37 22.51
C LYS B 167 1.19 -20.67 22.36
N TYR B 168 -0.07 -20.69 22.77
CA TYR B 168 -0.83 -21.92 22.74
C TYR B 168 -1.66 -22.08 21.47
N GLN B 169 -1.03 -21.87 20.32
CA GLN B 169 -1.60 -22.25 19.03
C GLN B 169 -0.64 -23.12 18.23
N VAL B 170 0.50 -23.47 18.79
CA VAL B 170 1.42 -24.40 18.15
C VAL B 170 0.93 -25.78 18.54
N ALA B 171 0.49 -26.56 17.54
CA ALA B 171 -0.22 -27.81 17.75
C ALA B 171 0.66 -28.93 18.28
N SER B 172 1.93 -28.51 18.35
CA SER B 172 3.13 -29.23 18.82
C SER B 172 3.40 -28.84 20.26
N GLU B 173 4.37 -29.52 20.88
CA GLU B 173 4.79 -29.28 22.29
C GLU B 173 4.96 -27.78 22.50
N GLN B 174 3.88 -27.19 23.00
CA GLN B 174 3.66 -25.78 23.35
C GLN B 174 2.18 -25.65 23.72
N ALA B 175 1.50 -26.77 23.99
CA ALA B 175 0.06 -26.78 24.32
C ALA B 175 -0.16 -26.96 25.81
N GLN B 176 0.74 -26.41 26.64
CA GLN B 176 0.58 -26.40 28.10
C GLN B 176 -0.30 -25.20 28.39
N ARG B 177 -1.52 -25.21 27.86
CA ARG B 177 -2.40 -24.04 27.96
C ARG B 177 -2.71 -23.66 29.41
N ASP B 178 -2.59 -22.36 29.69
CA ASP B 178 -2.86 -21.79 31.02
C ASP B 178 -3.97 -20.77 30.83
N GLU B 179 -5.17 -21.09 31.32
CA GLU B 179 -6.30 -20.19 31.16
C GLU B 179 -6.16 -18.96 32.02
N THR B 180 -5.46 -19.08 33.15
CA THR B 180 -5.26 -17.94 34.04
C THR B 180 -4.36 -16.90 33.39
N ARG B 181 -3.35 -17.36 32.63
CA ARG B 181 -2.48 -16.46 31.88
C ARG B 181 -3.26 -15.69 30.82
N LEU B 182 -4.11 -16.39 30.06
CA LEU B 182 -4.89 -15.73 29.01
C LEU B 182 -5.90 -14.75 29.60
N MET B 183 -6.47 -15.11 30.76
CA MET B 183 -7.40 -14.22 31.44
C MET B 183 -6.73 -12.95 31.92
N VAL B 184 -5.55 -13.10 32.54
CA VAL B 184 -4.89 -11.93 33.10
C VAL B 184 -4.28 -11.08 31.99
N GLU B 185 -3.79 -11.71 30.93
CA GLU B 185 -3.30 -10.95 29.78
C GLU B 185 -4.42 -10.21 29.06
N LYS B 186 -5.65 -10.72 29.14
CA LYS B 186 -6.78 -9.95 28.65
C LYS B 186 -7.09 -8.76 29.57
N ALA B 187 -7.05 -9.00 30.88
CA ALA B 187 -7.40 -7.96 31.85
C ALA B 187 -6.37 -6.83 31.87
N ILE B 188 -5.11 -7.14 31.56
CA ILE B 188 -4.07 -6.12 31.47
C ILE B 188 -4.39 -5.13 30.37
N LEU B 189 -4.68 -5.62 29.17
CA LEU B 189 -5.01 -4.75 28.05
C LEU B 189 -6.31 -4.00 28.32
N GLU B 190 -7.26 -4.64 28.99
CA GLU B 190 -8.48 -3.95 29.35
C GLU B 190 -8.30 -2.92 30.45
N ASN B 191 -7.20 -2.94 31.22
CA ASN B 191 -7.15 -2.03 32.34
C ASN B 191 -5.89 -1.15 32.42
N ALA B 192 -4.83 -1.49 31.70
CA ALA B 192 -3.59 -0.72 31.84
C ALA B 192 -3.71 0.63 31.16
N ASP B 193 -3.03 1.62 31.73
CA ASP B 193 -3.04 2.96 31.17
C ASP B 193 -2.29 3.03 29.85
N CYS B 194 -1.23 2.23 29.68
CA CYS B 194 -0.66 2.12 28.35
C CYS B 194 -0.04 0.75 28.19
N VAL B 195 -0.13 0.22 26.98
CA VAL B 195 0.44 -1.08 26.63
C VAL B 195 1.44 -0.85 25.50
N ILE B 196 2.64 -1.38 25.67
CA ILE B 196 3.73 -1.16 24.72
C ILE B 196 3.88 -2.41 23.89
N VAL B 197 3.51 -2.33 22.63
CA VAL B 197 3.73 -3.41 21.69
C VAL B 197 5.03 -3.13 20.95
N THR B 198 5.77 -4.21 20.67
CA THR B 198 7.08 -4.11 20.08
C THR B 198 7.07 -4.42 18.60
N SER B 199 5.90 -4.63 18.03
CA SER B 199 5.71 -4.99 16.64
C SER B 199 4.25 -4.74 16.27
N PRO B 200 3.95 -4.38 15.02
CA PRO B 200 2.54 -4.27 14.61
C PRO B 200 1.84 -5.61 14.52
N GLN B 201 2.61 -6.70 14.40
CA GLN B 201 2.05 -8.04 14.51
C GLN B 201 1.46 -8.26 15.89
N GLU B 202 2.09 -7.72 16.93
CA GLU B 202 1.59 -7.91 18.28
C GLU B 202 0.29 -7.15 18.50
N GLU B 203 0.16 -5.96 17.92
CA GLU B 203 -1.10 -5.24 18.03
C GLU B 203 -2.20 -5.94 17.23
N ALA B 204 -1.83 -6.50 16.07
CA ALA B 204 -2.78 -7.31 15.30
C ALA B 204 -3.25 -8.52 16.09
N TYR B 205 -2.32 -9.17 16.80
CA TYR B 205 -2.65 -10.34 17.61
C TYR B 205 -3.55 -9.96 18.78
N LEU B 206 -3.31 -8.80 19.39
CA LEU B 206 -4.13 -8.35 20.50
C LEU B 206 -5.53 -7.99 20.05
N ARG B 207 -5.65 -7.32 18.90
CA ARG B 207 -6.97 -6.92 18.43
C ARG B 207 -7.73 -8.06 17.80
N ARG B 208 -7.05 -9.13 17.39
CA ARG B 208 -7.74 -10.28 16.82
C ARG B 208 -8.11 -11.30 17.88
N TRP B 209 -7.25 -11.52 18.86
CA TRP B 209 -7.36 -12.69 19.71
C TRP B 209 -7.47 -12.40 21.20
N VAL B 210 -7.24 -11.16 21.64
CA VAL B 210 -7.29 -10.83 23.05
C VAL B 210 -8.45 -9.89 23.37
N SER B 211 -8.39 -8.67 22.85
CA SER B 211 -9.40 -7.65 23.17
C SER B 211 -9.30 -6.49 22.21
N LYS B 212 -10.44 -6.03 21.71
CA LYS B 212 -10.48 -4.84 20.88
C LYS B 212 -10.28 -3.57 21.71
N ALA B 213 -10.66 -3.62 22.98
CA ALA B 213 -10.54 -2.46 23.84
C ALA B 213 -9.10 -2.29 24.31
N GLY B 214 -8.85 -1.19 25.02
CA GLY B 214 -7.54 -0.94 25.55
C GLY B 214 -6.66 -0.07 24.67
N GLN B 215 -5.79 0.69 25.30
CA GLN B 215 -4.89 1.60 24.61
C GLN B 215 -3.53 0.95 24.44
N THR B 216 -2.96 1.10 23.25
CA THR B 216 -1.69 0.47 22.92
C THR B 216 -0.80 1.48 22.21
N ARG B 217 0.49 1.21 22.21
CA ARG B 217 1.46 2.14 21.64
C ARG B 217 2.61 1.34 21.06
N LEU B 218 2.95 1.60 19.80
CA LEU B 218 3.98 0.84 19.10
C LEU B 218 5.34 1.46 19.37
N ILE B 219 6.11 0.83 20.25
CA ILE B 219 7.51 1.19 20.46
C ILE B 219 8.31 -0.10 20.39
N PRO B 220 9.12 -0.30 19.36
CA PRO B 220 9.80 -1.59 19.18
C PRO B 220 10.99 -1.74 20.11
N CYS B 221 11.54 -2.96 20.12
CA CYS B 221 12.75 -3.21 20.89
C CYS B 221 13.96 -2.82 20.08
N GLY B 222 15.02 -2.40 20.78
CA GLY B 222 16.22 -1.95 20.13
C GLY B 222 17.44 -2.58 20.75
N THR B 223 18.56 -2.43 20.05
CA THR B 223 19.82 -3.02 20.49
C THR B 223 20.89 -1.95 20.56
N ASN B 224 21.94 -2.23 21.32
CA ASN B 224 23.03 -1.28 21.51
C ASN B 224 24.01 -1.45 20.36
N LEU B 225 24.21 -0.38 19.59
CA LEU B 225 25.13 -0.43 18.47
C LEU B 225 26.58 -0.30 18.89
N LYS B 226 26.86 0.04 20.14
CA LYS B 226 28.21 0.02 20.65
C LYS B 226 28.63 -1.35 21.13
N LEU B 227 27.68 -2.25 21.33
CA LEU B 227 27.97 -3.63 21.68
C LEU B 227 27.90 -4.56 20.49
N PHE B 228 27.19 -4.16 19.43
CA PHE B 228 26.99 -5.01 18.28
C PHE B 228 27.36 -4.24 17.01
N TYR B 229 28.40 -4.70 16.35
CA TYR B 229 29.02 -4.05 15.20
C TYR B 229 29.96 -5.07 14.56
N PRO B 230 30.29 -4.94 13.28
CA PRO B 230 31.23 -5.88 12.68
C PRO B 230 32.64 -5.74 13.25
N VAL B 231 33.25 -6.88 13.54
CA VAL B 231 34.60 -6.91 14.10
C VAL B 231 35.64 -7.09 13.01
N ALA B 232 35.35 -8.01 12.08
CA ALA B 232 36.13 -8.35 10.88
C ALA B 232 37.48 -8.99 11.16
N ASP B 233 37.81 -9.20 12.43
CA ASP B 233 38.92 -10.05 12.86
C ASP B 233 38.39 -11.14 13.78
N ALA B 234 37.15 -11.55 13.54
CA ALA B 234 36.44 -12.41 14.47
C ALA B 234 36.84 -13.86 14.30
N ARG B 235 37.08 -14.28 13.05
CA ARG B 235 37.51 -15.66 12.82
C ARG B 235 38.92 -15.90 13.34
N ALA B 236 39.73 -14.86 13.44
CA ALA B 236 41.03 -14.99 14.08
C ALA B 236 40.88 -15.11 15.59
N GLN B 237 39.95 -14.34 16.17
CA GLN B 237 39.76 -14.37 17.62
C GLN B 237 39.11 -15.66 18.08
N LEU B 238 38.29 -16.26 17.24
CA LEU B 238 37.60 -17.48 17.62
C LEU B 238 38.35 -18.73 17.19
N ASN B 239 39.44 -18.59 16.44
CA ASN B 239 40.24 -19.66 15.87
C ASN B 239 39.36 -20.60 15.04
N LEU B 240 38.78 -20.07 13.98
CA LEU B 240 37.86 -20.78 13.11
C LEU B 240 38.42 -20.79 11.70
N PRO B 241 38.07 -21.81 10.88
CA PRO B 241 38.48 -21.79 9.47
C PRO B 241 37.86 -20.63 8.69
N ALA B 242 38.72 -19.84 8.05
CA ALA B 242 38.28 -18.61 7.40
C ALA B 242 37.65 -18.87 6.03
N ASP B 243 37.71 -20.11 5.57
CA ASP B 243 37.09 -20.48 4.30
C ASP B 243 35.88 -21.38 4.45
N GLU B 244 35.79 -22.12 5.56
CA GLU B 244 34.66 -23.01 5.75
C GLU B 244 33.44 -22.20 6.19
N PRO B 245 32.25 -22.46 5.63
CA PRO B 245 31.07 -21.67 6.01
C PRO B 245 30.63 -21.94 7.43
N ILE B 246 30.00 -20.92 8.03
CA ILE B 246 29.51 -20.99 9.40
C ILE B 246 28.07 -20.52 9.44
N VAL B 247 27.19 -21.37 9.94
CA VAL B 247 25.81 -21.02 10.24
C VAL B 247 25.69 -20.90 11.75
N LEU B 248 25.06 -19.83 12.22
CA LEU B 248 25.00 -19.51 13.64
C LEU B 248 23.57 -19.56 14.16
N TYR B 249 23.40 -20.17 15.34
CA TYR B 249 22.21 -19.98 16.15
C TYR B 249 22.65 -19.39 17.48
N VAL B 250 22.01 -18.30 17.87
CA VAL B 250 22.20 -17.68 19.17
C VAL B 250 20.87 -17.73 19.89
N GLY B 251 20.87 -18.32 21.07
CA GLY B 251 19.65 -18.33 21.86
C GLY B 251 19.66 -19.47 22.84
N ARG B 252 18.68 -19.44 23.72
CA ARG B 252 18.49 -20.44 24.74
C ARG B 252 17.81 -21.68 24.16
N PHE B 253 17.92 -22.78 24.90
CA PHE B 253 17.39 -24.06 24.44
C PHE B 253 15.93 -24.18 24.84
N ASP B 254 15.05 -23.81 23.93
CA ASP B 254 13.62 -24.04 24.06
C ASP B 254 13.18 -24.77 22.80
N ARG B 255 12.07 -25.50 22.90
CA ARG B 255 11.58 -26.25 21.76
C ARG B 255 11.02 -25.32 20.70
N ARG B 256 10.45 -24.20 21.12
CA ARG B 256 9.83 -23.28 20.18
C ARG B 256 10.87 -22.52 19.37
N LYS B 257 12.13 -22.54 19.81
CA LYS B 257 13.20 -21.93 19.02
C LYS B 257 13.54 -22.74 17.79
N GLY B 258 13.16 -24.01 17.77
CA GLY B 258 13.22 -24.78 16.54
C GLY B 258 14.59 -25.22 16.09
N ILE B 259 15.46 -25.62 17.02
CA ILE B 259 16.80 -26.08 16.66
C ILE B 259 16.75 -27.41 15.94
N GLU B 260 15.66 -28.17 16.13
CA GLU B 260 15.44 -29.41 15.38
C GLU B 260 15.39 -29.16 13.88
N THR B 261 14.67 -28.12 13.47
CA THR B 261 14.56 -27.77 12.07
C THR B 261 15.90 -27.33 11.49
N LEU B 262 16.70 -26.63 12.29
CA LEU B 262 18.03 -26.19 11.85
C LEU B 262 18.99 -27.35 11.71
N VAL B 263 18.95 -28.30 12.65
CA VAL B 263 19.84 -29.47 12.56
C VAL B 263 19.39 -30.39 11.43
N ALA B 264 18.09 -30.46 11.16
CA ALA B 264 17.61 -31.22 10.02
C ALA B 264 18.01 -30.54 8.71
N ALA B 265 18.07 -29.20 8.71
CA ALA B 265 18.48 -28.49 7.51
C ALA B 265 19.98 -28.57 7.29
N MET B 266 20.75 -28.76 8.36
CA MET B 266 22.18 -28.97 8.23
C MET B 266 22.52 -30.27 7.53
N ALA B 267 21.61 -31.25 7.59
CA ALA B 267 21.88 -32.55 6.99
C ALA B 267 21.81 -32.47 5.47
N GLN B 268 21.09 -31.49 4.94
CA GLN B 268 20.99 -31.29 3.49
C GLN B 268 22.18 -30.49 2.98
N ILE B 269 23.10 -30.13 3.87
CA ILE B 269 24.26 -29.32 3.57
C ILE B 269 25.50 -30.16 3.82
N PRO B 270 26.39 -30.34 2.85
CA PRO B 270 27.53 -31.23 3.05
C PRO B 270 28.69 -30.58 3.79
N GLN B 271 28.77 -29.26 3.74
CA GLN B 271 29.88 -28.54 4.33
C GLN B 271 29.40 -27.70 5.50
N GLY B 272 30.33 -27.00 6.13
CA GLY B 272 29.95 -26.04 7.14
C GLY B 272 29.72 -26.65 8.51
N GLN B 273 29.98 -25.85 9.53
CA GLN B 273 29.74 -26.25 10.92
C GLN B 273 28.67 -25.34 11.51
N LEU B 274 27.60 -25.95 11.98
CA LEU B 274 26.62 -25.21 12.76
C LEU B 274 27.17 -24.90 14.13
N LEU B 275 27.02 -23.66 14.57
CA LEU B 275 27.40 -23.25 15.91
C LEU B 275 26.15 -22.94 16.71
N LEU B 276 26.10 -23.45 17.94
CA LEU B 276 24.98 -23.20 18.84
C LEU B 276 25.52 -22.42 20.03
N VAL B 277 24.95 -21.23 20.26
CA VAL B 277 25.37 -20.33 21.32
C VAL B 277 24.20 -20.17 22.27
N GLY B 278 24.39 -20.59 23.50
CA GLY B 278 23.35 -20.56 24.52
C GLY B 278 23.68 -21.56 25.60
N GLY B 279 23.32 -21.20 26.83
CA GLY B 279 23.56 -22.05 27.98
C GLY B 279 22.28 -22.71 28.48
N SER B 280 22.48 -23.64 29.41
CA SER B 280 21.39 -24.39 30.02
C SER B 280 21.94 -25.04 31.29
N ASP B 281 21.04 -25.57 32.09
CA ASP B 281 21.41 -26.37 33.24
C ASP B 281 20.63 -27.69 33.23
N PRO B 282 21.29 -28.81 33.50
CA PRO B 282 20.65 -30.12 33.29
C PRO B 282 19.57 -30.47 34.31
N GLN B 283 19.47 -29.76 35.43
CA GLN B 283 18.40 -30.00 36.38
C GLN B 283 17.18 -29.12 36.13
N ARG B 284 17.19 -28.33 35.06
CA ARG B 284 16.11 -27.41 34.76
C ARG B 284 15.27 -27.98 33.62
N SER B 285 14.09 -27.39 33.41
CA SER B 285 13.17 -27.86 32.38
C SER B 285 13.75 -27.59 31.00
N ASP B 286 13.98 -26.32 30.69
CA ASP B 286 14.66 -25.97 29.45
C ASP B 286 16.16 -26.14 29.64
N GLY B 287 16.60 -27.38 29.71
CA GLY B 287 17.99 -27.70 29.97
C GLY B 287 18.50 -28.82 29.12
N ALA B 288 19.06 -29.85 29.75
CA ALA B 288 19.63 -30.97 29.01
C ALA B 288 18.58 -31.81 28.30
N GLU B 289 17.33 -31.76 28.74
CA GLU B 289 16.26 -32.38 27.96
C GLU B 289 16.04 -31.62 26.66
N ARG B 290 16.12 -30.29 26.73
CA ARG B 290 16.04 -29.50 25.51
C ARG B 290 17.36 -29.53 24.75
N ARG B 291 18.43 -30.01 25.38
CA ARG B 291 19.56 -30.56 24.65
C ARG B 291 19.36 -32.04 24.29
N ARG B 292 18.20 -32.36 23.72
CA ARG B 292 18.00 -33.57 22.92
C ARG B 292 18.54 -33.38 21.52
N ILE B 293 18.94 -32.15 21.20
CA ILE B 293 19.65 -31.85 19.97
C ILE B 293 20.96 -32.64 19.90
N GLU B 294 21.59 -32.84 21.07
CA GLU B 294 22.72 -33.76 21.21
C GLU B 294 22.38 -35.16 20.72
N GLY B 295 21.14 -35.59 20.90
CA GLY B 295 20.66 -36.79 20.25
C GLY B 295 20.58 -36.64 18.74
N LEU B 296 20.00 -35.53 18.28
CA LEU B 296 19.83 -35.30 16.85
C LEU B 296 21.15 -35.04 16.15
N VAL B 297 22.17 -34.57 16.86
CA VAL B 297 23.51 -34.53 16.32
C VAL B 297 24.04 -35.95 16.08
N GLN B 298 23.75 -36.86 17.02
CA GLN B 298 24.16 -38.25 16.86
C GLN B 298 23.41 -38.93 15.74
N GLU B 299 22.09 -38.69 15.66
CA GLU B 299 21.25 -39.44 14.74
C GLU B 299 21.43 -38.95 13.30
N TYR B 300 21.61 -37.65 13.10
CA TYR B 300 21.95 -37.14 11.78
C TYR B 300 23.45 -37.18 11.52
N ASN B 301 24.25 -37.72 12.45
CA ASN B 301 25.69 -37.89 12.35
C ASN B 301 26.40 -36.57 12.08
N LEU B 302 26.30 -35.63 13.01
CA LEU B 302 26.80 -34.29 12.80
C LEU B 302 27.78 -33.81 13.86
N GLY B 303 28.36 -34.72 14.65
CA GLY B 303 29.33 -34.32 15.66
C GLY B 303 30.62 -33.79 15.10
N ASP B 304 30.92 -34.10 13.83
CA ASP B 304 32.07 -33.52 13.16
C ASP B 304 31.83 -32.03 12.89
N ARG B 305 30.57 -31.65 12.65
CA ARG B 305 30.26 -30.34 12.10
C ARG B 305 29.10 -29.67 12.83
N VAL B 306 28.96 -29.94 14.13
CA VAL B 306 28.11 -29.14 15.02
C VAL B 306 28.89 -28.89 16.30
N THR B 307 29.09 -27.62 16.63
CA THR B 307 29.86 -27.22 17.81
C THR B 307 28.94 -26.58 18.83
N PHE B 308 28.91 -27.13 20.04
CA PHE B 308 28.20 -26.52 21.16
C PHE B 308 29.15 -25.53 21.82
N VAL B 309 28.82 -24.25 21.76
CA VAL B 309 29.72 -23.26 22.37
C VAL B 309 29.37 -23.03 23.82
N GLY B 310 28.08 -22.97 24.15
CA GLY B 310 27.66 -22.71 25.50
C GLY B 310 27.10 -21.31 25.65
N GLN B 311 27.17 -20.76 26.85
CA GLN B 311 26.68 -19.42 27.11
C GLN B 311 27.82 -18.42 26.99
N ILE B 312 27.60 -17.39 26.19
CA ILE B 312 28.58 -16.34 25.94
C ILE B 312 28.03 -15.06 26.58
N ASP B 313 28.94 -14.22 27.09
CA ASP B 313 28.55 -12.91 27.61
C ASP B 313 27.87 -12.10 26.51
N HIS B 314 26.89 -11.28 26.93
CA HIS B 314 26.11 -10.48 25.99
C HIS B 314 26.96 -9.42 25.29
N GLU B 315 28.07 -9.05 25.88
CA GLU B 315 28.95 -8.02 25.36
C GLU B 315 30.10 -8.60 24.55
N TYR B 316 30.08 -9.91 24.27
CA TYR B 316 31.07 -10.53 23.42
C TYR B 316 30.45 -11.15 22.17
N LEU B 317 29.12 -11.19 22.08
CA LEU B 317 28.44 -11.91 21.01
C LEU B 317 28.66 -11.29 19.63
N ALA B 318 29.12 -10.04 19.56
CA ALA B 318 29.36 -9.41 18.27
C ALA B 318 30.43 -10.14 17.46
N VAL B 319 31.40 -10.72 18.16
CA VAL B 319 32.42 -11.54 17.52
C VAL B 319 31.81 -12.77 16.88
N TYR B 320 30.88 -13.42 17.59
CA TYR B 320 30.23 -14.61 17.05
C TYR B 320 29.29 -14.29 15.90
N TYR B 321 28.58 -13.16 15.98
CA TYR B 321 27.71 -12.77 14.87
C TYR B 321 28.53 -12.37 13.66
N SER B 322 29.68 -11.74 13.88
CA SER B 322 30.48 -11.25 12.77
C SER B 322 31.24 -12.37 12.09
N ALA B 323 31.62 -13.40 12.86
CA ALA B 323 32.39 -14.51 12.29
C ALA B 323 31.55 -15.41 11.41
N ALA B 324 30.24 -15.44 11.59
CA ALA B 324 29.40 -16.37 10.87
C ALA B 324 28.99 -15.80 9.53
N ASN B 325 28.51 -16.70 8.66
CA ASN B 325 27.94 -16.24 7.40
C ASN B 325 26.47 -15.88 7.55
N VAL B 326 25.77 -16.53 8.47
CA VAL B 326 24.36 -16.26 8.66
C VAL B 326 23.94 -16.62 10.08
N CYS B 327 23.12 -15.76 10.69
CA CYS B 327 22.40 -16.15 11.88
C CYS B 327 21.04 -16.72 11.48
N VAL B 328 20.62 -17.79 12.13
CA VAL B 328 19.35 -18.40 11.84
C VAL B 328 18.48 -18.33 13.09
N VAL B 329 17.26 -17.83 12.93
CA VAL B 329 16.29 -17.82 14.02
C VAL B 329 15.13 -18.72 13.60
N PRO B 330 15.21 -20.03 13.81
CA PRO B 330 14.19 -20.93 13.27
C PRO B 330 13.01 -21.12 14.20
N SER B 331 12.47 -20.03 14.72
CA SER B 331 11.53 -20.11 15.83
C SER B 331 10.15 -20.54 15.35
N TYR B 332 9.44 -21.29 16.20
CA TYR B 332 8.09 -21.70 15.84
C TYR B 332 7.10 -20.56 16.04
N TYR B 333 7.43 -19.63 16.92
CA TYR B 333 6.77 -18.34 17.06
C TYR B 333 7.74 -17.44 17.79
N GLU B 334 7.77 -16.17 17.41
CA GLU B 334 8.74 -15.30 18.07
C GLU B 334 8.30 -13.85 18.08
N PRO B 335 7.79 -13.35 19.19
CA PRO B 335 7.45 -11.93 19.29
C PRO B 335 8.67 -11.04 19.46
N PHE B 336 9.25 -10.61 18.33
CA PHE B 336 10.45 -9.76 18.24
C PHE B 336 11.67 -10.44 18.85
N GLY B 337 12.22 -11.45 18.19
CA GLY B 337 13.52 -11.99 18.55
C GLY B 337 14.60 -10.93 18.45
N LEU B 338 15.37 -10.80 19.52
CA LEU B 338 16.40 -9.77 19.57
C LEU B 338 17.68 -10.20 18.87
N VAL B 339 17.90 -11.50 18.73
CA VAL B 339 19.12 -11.98 18.08
C VAL B 339 19.13 -11.61 16.61
N ALA B 340 17.94 -11.42 16.02
CA ALA B 340 17.82 -10.94 14.65
C ALA B 340 18.40 -9.55 14.50
N ILE B 341 17.99 -8.61 15.35
CA ILE B 341 18.51 -7.26 15.22
C ILE B 341 19.94 -7.15 15.72
N GLU B 342 20.36 -8.03 16.64
CA GLU B 342 21.77 -8.04 17.03
C GLU B 342 22.67 -8.52 15.90
N ALA B 343 22.25 -9.58 15.20
CA ALA B 343 23.00 -10.05 14.05
C ALA B 343 22.99 -9.05 12.91
N MET B 344 21.83 -8.43 12.65
CA MET B 344 21.74 -7.45 11.57
C MET B 344 22.59 -6.22 11.88
N ALA B 345 22.59 -5.78 13.14
CA ALA B 345 23.48 -4.72 13.56
C ALA B 345 24.94 -5.12 13.44
N CYS B 346 25.25 -6.41 13.58
CA CYS B 346 26.61 -6.88 13.35
C CYS B 346 26.95 -7.08 11.88
N GLY B 347 26.06 -6.75 10.96
CA GLY B 347 26.36 -6.84 9.55
C GLY B 347 26.32 -8.22 8.96
N THR B 348 25.56 -9.14 9.55
CA THR B 348 25.32 -10.54 9.24
C THR B 348 23.87 -10.74 8.82
N PRO B 349 23.60 -11.46 7.73
CA PRO B 349 22.21 -11.72 7.34
C PRO B 349 21.54 -12.73 8.27
N VAL B 350 20.21 -12.66 8.28
CA VAL B 350 19.38 -13.46 9.18
C VAL B 350 18.35 -14.22 8.35
N ILE B 351 18.29 -15.54 8.55
CA ILE B 351 17.26 -16.38 7.95
C ILE B 351 16.34 -16.83 9.07
N ALA B 352 15.08 -16.44 8.98
CA ALA B 352 14.16 -16.59 10.10
C ALA B 352 12.82 -17.09 9.61
N SER B 353 12.02 -17.59 10.54
CA SER B 353 10.67 -18.00 10.21
C SER B 353 9.76 -16.78 10.08
N ALA B 354 8.66 -16.96 9.37
CA ALA B 354 7.72 -15.86 9.13
C ALA B 354 6.59 -15.91 10.15
N VAL B 355 6.94 -15.76 11.42
CA VAL B 355 6.00 -16.01 12.50
C VAL B 355 5.55 -14.75 13.23
N GLY B 356 6.44 -14.10 13.95
CA GLY B 356 6.01 -13.05 14.86
C GLY B 356 6.59 -11.69 14.56
N GLY B 357 7.54 -11.25 15.37
CA GLY B 357 8.17 -9.98 15.13
C GLY B 357 9.33 -10.08 14.15
N LEU B 358 9.75 -11.31 13.82
CA LEU B 358 10.85 -11.51 12.89
C LEU B 358 10.52 -10.98 11.50
N GLN B 359 9.28 -11.18 11.06
CA GLN B 359 8.77 -10.63 9.82
C GLN B 359 8.47 -9.14 9.91
N PHE B 360 8.73 -8.52 11.05
CA PHE B 360 8.86 -7.08 11.18
C PHE B 360 10.30 -6.59 11.08
N THR B 361 11.27 -7.41 11.48
CA THR B 361 12.66 -6.99 11.48
C THR B 361 13.37 -7.34 10.19
N VAL B 362 13.23 -8.57 9.74
CA VAL B 362 13.96 -9.07 8.58
C VAL B 362 13.15 -8.79 7.33
N ILE B 363 13.75 -8.12 6.37
CA ILE B 363 13.14 -7.87 5.07
C ILE B 363 13.60 -8.98 4.13
N PRO B 364 12.68 -9.68 3.45
CA PRO B 364 13.04 -10.96 2.82
C PRO B 364 13.95 -10.87 1.61
N GLU B 365 14.22 -9.69 1.07
CA GLU B 365 15.15 -9.58 -0.05
C GLU B 365 16.15 -8.44 0.16
N GLU B 366 16.17 -7.86 1.36
CA GLU B 366 17.04 -6.74 1.67
C GLU B 366 18.02 -7.08 2.79
N THR B 367 17.50 -7.69 3.85
CA THR B 367 18.28 -7.89 5.05
C THR B 367 18.52 -9.35 5.39
N GLY B 368 17.86 -10.26 4.72
CA GLY B 368 17.92 -11.67 5.06
C GLY B 368 16.82 -12.41 4.33
N LEU B 369 16.44 -13.56 4.89
CA LEU B 369 15.45 -14.44 4.27
C LEU B 369 14.43 -14.93 5.29
N LEU B 370 13.22 -15.18 4.81
CA LEU B 370 12.14 -15.73 5.61
C LEU B 370 11.71 -17.07 5.06
N VAL B 371 11.45 -18.01 5.96
CA VAL B 371 11.10 -19.39 5.63
C VAL B 371 9.82 -19.78 6.38
N PRO B 372 9.13 -20.83 5.97
CA PRO B 372 8.05 -21.39 6.81
C PRO B 372 8.60 -21.96 8.11
N PRO B 373 7.74 -22.11 9.15
CA PRO B 373 8.25 -22.48 10.48
C PRO B 373 8.83 -23.88 10.58
N GLN B 374 8.09 -24.90 10.18
CA GLN B 374 8.55 -26.29 10.36
C GLN B 374 8.69 -26.94 8.99
N ASP B 375 9.82 -26.67 8.34
CA ASP B 375 10.28 -27.44 7.19
C ASP B 375 11.77 -27.18 7.01
N ALA B 376 12.55 -28.26 7.03
CA ALA B 376 13.98 -28.14 6.79
C ALA B 376 14.30 -27.88 5.34
N ASN B 377 13.35 -28.13 4.44
CA ASN B 377 13.55 -27.98 3.00
C ASN B 377 13.79 -26.53 2.63
N ALA B 378 12.81 -25.66 2.94
CA ALA B 378 12.93 -24.25 2.64
C ALA B 378 14.04 -23.59 3.44
N LEU B 379 14.30 -24.06 4.66
CA LEU B 379 15.37 -23.52 5.47
C LEU B 379 16.74 -23.83 4.87
N ALA B 380 16.96 -25.08 4.47
CA ALA B 380 18.22 -25.46 3.86
C ALA B 380 18.38 -24.85 2.48
N ASN B 381 17.28 -24.64 1.76
CA ASN B 381 17.34 -23.90 0.51
C ASN B 381 17.77 -22.46 0.75
N ALA B 382 17.25 -21.85 1.82
CA ALA B 382 17.59 -20.46 2.14
C ALA B 382 19.05 -20.32 2.56
N ILE B 383 19.57 -21.33 3.27
CA ILE B 383 20.99 -21.32 3.61
C ILE B 383 21.84 -21.53 2.36
N GLN B 384 21.39 -22.41 1.48
CA GLN B 384 22.19 -22.80 0.31
C GLN B 384 22.21 -21.68 -0.72
N ARG B 385 21.18 -20.84 -0.74
CA ARG B 385 21.18 -19.66 -1.61
C ARG B 385 22.32 -18.71 -1.27
N ILE B 386 22.49 -18.41 0.02
CA ILE B 386 23.45 -17.39 0.39
C ILE B 386 24.83 -17.95 0.66
N LEU B 387 24.97 -19.27 0.83
CA LEU B 387 26.33 -19.79 0.89
C LEU B 387 26.95 -19.91 -0.50
N ALA B 388 26.14 -19.85 -1.54
CA ALA B 388 26.68 -19.89 -2.90
C ALA B 388 27.20 -18.52 -3.31
N ASP B 389 26.55 -17.44 -2.86
CA ASP B 389 26.91 -16.08 -3.24
C ASP B 389 27.27 -15.30 -1.98
N PRO B 390 28.57 -15.19 -1.65
CA PRO B 390 28.93 -14.54 -0.37
C PRO B 390 28.82 -13.02 -0.38
N ALA B 391 29.13 -12.36 -1.49
CA ALA B 391 29.04 -10.91 -1.54
C ALA B 391 27.59 -10.43 -1.43
N TRP B 392 26.66 -11.24 -1.92
CA TRP B 392 25.25 -10.95 -1.71
C TRP B 392 24.88 -11.05 -0.23
N ALA B 393 25.48 -12.02 0.48
CA ALA B 393 25.25 -12.14 1.91
C ALA B 393 25.81 -10.95 2.66
N ARG B 394 26.97 -10.45 2.22
CA ARG B 394 27.57 -9.30 2.88
C ARG B 394 26.76 -8.03 2.65
N THR B 395 26.20 -7.86 1.45
CA THR B 395 25.40 -6.65 1.25
C THR B 395 24.02 -6.77 1.90
N LEU B 396 23.49 -7.99 2.05
CA LEU B 396 22.32 -8.20 2.91
C LEU B 396 22.63 -7.81 4.34
N GLY B 397 23.83 -8.13 4.82
CA GLY B 397 24.19 -7.81 6.18
C GLY B 397 24.36 -6.32 6.42
N LYS B 398 24.96 -5.62 5.45
CA LYS B 398 25.11 -4.18 5.64
C LYS B 398 23.78 -3.45 5.50
N ASN B 399 22.86 -3.99 4.69
CA ASN B 399 21.51 -3.42 4.67
C ASN B 399 20.77 -3.70 5.97
N GLY B 400 21.05 -4.84 6.61
CA GLY B 400 20.52 -5.09 7.94
C GLY B 400 21.06 -4.13 8.97
N ARG B 401 22.34 -3.77 8.87
CA ARG B 401 22.90 -2.79 9.80
C ARG B 401 22.31 -1.41 9.58
N GLU B 402 22.09 -1.01 8.33
CA GLU B 402 21.42 0.25 8.05
C GLU B 402 19.99 0.25 8.57
N ARG B 403 19.32 -0.89 8.49
CA ARG B 403 17.96 -1.01 9.01
C ARG B 403 17.92 -0.91 10.53
N VAL B 404 18.89 -1.51 11.22
CA VAL B 404 18.92 -1.43 12.68
C VAL B 404 19.28 -0.03 13.13
N GLN B 405 20.22 0.62 12.44
CA GLN B 405 20.55 2.01 12.74
C GLN B 405 19.38 2.95 12.51
N ALA B 406 18.54 2.62 11.53
CA ALA B 406 17.38 3.45 11.23
C ALA B 406 16.21 3.23 12.18
N LEU B 407 15.94 1.98 12.56
CA LEU B 407 14.70 1.66 13.25
C LEU B 407 14.89 1.00 14.60
N PHE B 408 15.98 0.29 14.84
CA PHE B 408 16.11 -0.55 16.02
C PHE B 408 17.35 -0.17 16.81
N ASN B 409 17.73 1.09 16.73
CA ASN B 409 18.79 1.67 17.54
C ASN B 409 18.23 1.96 18.92
N TRP B 410 18.86 1.42 19.97
CA TRP B 410 18.36 1.66 21.30
C TRP B 410 18.61 3.09 21.77
N GLU B 411 19.63 3.75 21.22
CA GLU B 411 19.91 5.12 21.58
C GLU B 411 18.82 6.07 21.10
N ALA B 412 18.05 5.66 20.10
CA ALA B 412 16.93 6.46 19.64
C ALA B 412 15.63 6.09 20.37
N ILE B 413 15.41 4.80 20.57
CA ILE B 413 14.16 4.31 21.17
C ILE B 413 14.09 4.67 22.64
N ALA B 414 15.25 4.85 23.28
CA ALA B 414 15.32 5.29 24.67
C ALA B 414 14.66 6.65 24.87
N LEU B 415 14.88 7.54 23.91
CA LEU B 415 14.27 8.86 23.98
C LEU B 415 12.77 8.78 23.76
N GLN B 416 12.32 7.81 22.96
CA GLN B 416 10.90 7.65 22.70
C GLN B 416 10.18 7.17 23.95
N MET B 417 10.78 6.19 24.65
CA MET B 417 10.23 5.73 25.91
C MET B 417 10.24 6.84 26.95
N GLY B 418 11.30 7.66 26.95
CA GLY B 418 11.36 8.79 27.87
C GLY B 418 10.27 9.80 27.64
N GLN B 419 10.01 10.16 26.38
CA GLN B 419 8.92 11.09 26.08
C GLN B 419 7.55 10.49 26.33
N LEU B 420 7.41 9.17 26.20
CA LEU B 420 6.19 8.50 26.62
C LEU B 420 5.93 8.66 28.11
N TYR B 421 6.96 8.43 28.92
CA TYR B 421 6.80 8.60 30.37
C TYR B 421 6.53 10.05 30.72
N ARG B 422 7.16 10.98 30.01
CA ARG B 422 6.93 12.40 30.26
C ARG B 422 5.50 12.81 29.92
N GLN B 423 4.96 12.28 28.82
CA GLN B 423 3.61 12.70 28.47
C GLN B 423 2.56 12.00 29.33
N LEU B 424 2.87 10.83 29.89
CA LEU B 424 1.90 10.22 30.79
C LEU B 424 1.98 10.81 32.19
N PHE B 425 3.18 11.22 32.60
CA PHE B 425 3.37 11.88 33.88
C PHE B 425 2.79 13.29 33.83
N ALA B 426 2.76 13.88 32.62
CA ALA B 426 2.28 15.25 32.48
C ALA B 426 0.77 15.34 32.66
N ALA B 427 0.06 14.24 32.45
CA ALA B 427 -1.37 14.19 32.73
C ALA B 427 -1.58 14.31 34.23
N SER B 428 -2.50 15.20 34.62
CA SER B 428 -2.69 15.59 36.02
C SER B 428 -3.21 14.43 36.85
N ARG C 30 22.02 3.54 -10.32
CA ARG C 30 21.14 3.76 -9.18
C ARG C 30 19.70 3.57 -9.56
N GLN C 31 18.87 3.24 -8.60
CA GLN C 31 17.46 3.14 -8.94
C GLN C 31 16.79 4.50 -8.81
N PRO C 32 15.94 4.85 -9.76
CA PRO C 32 15.35 6.19 -9.75
C PRO C 32 14.10 6.31 -8.89
N ILE C 33 13.81 7.51 -8.41
CA ILE C 33 12.63 7.83 -7.65
C ILE C 33 12.01 9.08 -8.24
N ALA C 34 10.69 9.05 -8.41
CA ALA C 34 9.95 10.24 -8.83
C ALA C 34 9.16 10.78 -7.64
N LEU C 35 9.51 11.97 -7.20
CA LEU C 35 8.68 12.74 -6.29
C LEU C 35 7.83 13.68 -7.14
N ILE C 36 6.52 13.69 -6.90
CA ILE C 36 5.59 14.52 -7.65
C ILE C 36 4.92 15.47 -6.66
N SER C 37 5.16 16.76 -6.84
CA SER C 37 4.58 17.82 -6.02
C SER C 37 4.22 18.94 -6.98
N VAL C 38 2.99 18.93 -7.49
CA VAL C 38 2.67 19.75 -8.64
C VAL C 38 2.51 21.23 -8.26
N HIS C 39 1.81 21.52 -7.17
CA HIS C 39 1.43 22.89 -6.93
C HIS C 39 2.53 23.69 -6.23
N GLY C 40 3.37 23.03 -5.46
CA GLY C 40 4.45 23.69 -4.79
C GLY C 40 5.79 23.32 -5.38
N ASP C 41 6.60 24.32 -5.69
CA ASP C 41 7.93 24.11 -6.21
C ASP C 41 8.86 23.80 -5.04
N PRO C 42 9.52 22.64 -5.03
CA PRO C 42 10.49 22.36 -3.97
C PRO C 42 11.75 23.20 -4.05
N ALA C 43 11.99 23.90 -5.16
CA ALA C 43 13.10 24.84 -5.25
C ALA C 43 12.73 26.23 -4.78
N ALA C 44 11.50 26.45 -4.33
CA ALA C 44 11.04 27.79 -4.02
C ALA C 44 11.40 28.18 -2.59
N ASP C 45 11.68 29.46 -2.41
CA ASP C 45 11.84 30.03 -1.08
C ASP C 45 10.51 30.06 -0.36
N VAL C 46 10.43 29.34 0.76
CA VAL C 46 9.15 29.15 1.44
C VAL C 46 8.80 30.39 2.25
N GLY C 47 7.53 30.49 2.63
CA GLY C 47 7.07 31.61 3.42
C GLY C 47 5.93 32.39 2.82
N HIS C 48 5.27 31.89 1.78
CA HIS C 48 4.17 32.58 1.16
C HIS C 48 3.17 31.55 0.66
N GLU C 49 2.24 31.98 -0.19
CA GLU C 49 1.15 31.12 -0.65
C GLU C 49 1.68 29.97 -1.50
N SER C 50 1.26 28.76 -1.14
CA SER C 50 1.56 27.50 -1.84
C SER C 50 3.05 27.19 -1.85
N ALA C 51 3.83 27.80 -0.97
CA ALA C 51 5.20 27.34 -0.80
C ALA C 51 5.26 26.21 0.21
N GLY C 52 5.10 26.54 1.49
CA GLY C 52 4.71 25.56 2.47
C GLY C 52 5.69 24.47 2.90
N GLY C 53 5.26 23.82 4.00
CA GLY C 53 5.98 22.69 4.53
C GLY C 53 5.89 21.46 3.66
N GLN C 54 4.95 21.43 2.70
CA GLN C 54 4.97 20.41 1.67
C GLN C 54 6.25 20.49 0.85
N ASN C 55 6.65 21.70 0.48
CA ASN C 55 7.90 21.86 -0.26
C ASN C 55 9.10 21.62 0.63
N ILE C 56 9.00 22.01 1.90
CA ILE C 56 10.05 21.65 2.87
C ILE C 56 10.25 20.14 2.94
N TYR C 57 9.14 19.41 3.10
CA TYR C 57 9.05 17.95 3.15
C TYR C 57 9.69 17.31 1.94
N VAL C 58 9.24 17.69 0.73
CA VAL C 58 9.70 16.97 -0.46
C VAL C 58 11.14 17.34 -0.80
N ARG C 59 11.55 18.57 -0.47
CA ARG C 59 12.94 18.99 -0.70
C ARG C 59 13.89 18.20 0.17
N GLN C 60 13.66 18.21 1.49
CA GLN C 60 14.57 17.50 2.38
C GLN C 60 14.46 16.00 2.22
N LEU C 61 13.30 15.48 1.79
CA LEU C 61 13.16 14.07 1.51
C LEU C 61 14.00 13.66 0.32
N GLY C 62 13.86 14.34 -0.82
CA GLY C 62 14.61 13.95 -2.00
C GLY C 62 16.10 14.18 -1.85
N GLU C 63 16.49 15.21 -1.10
CA GLU C 63 17.90 15.46 -0.91
C GLU C 63 18.52 14.44 0.04
N ALA C 64 17.77 13.98 1.04
CA ALA C 64 18.23 12.91 1.92
C ALA C 64 18.26 11.57 1.20
N LEU C 65 17.34 11.34 0.27
CA LEU C 65 17.32 10.08 -0.47
C LEU C 65 18.46 10.00 -1.47
N ALA C 66 18.78 11.12 -2.11
CA ALA C 66 19.96 11.15 -2.96
C ALA C 66 21.23 10.98 -2.14
N ALA C 67 21.23 11.48 -0.90
CA ALA C 67 22.36 11.20 -0.02
C ALA C 67 22.40 9.74 0.41
N ALA C 68 21.28 9.03 0.33
CA ALA C 68 21.21 7.63 0.73
C ALA C 68 21.51 6.66 -0.40
N GLY C 69 21.68 7.12 -1.63
CA GLY C 69 22.11 6.26 -2.71
C GLY C 69 21.11 6.08 -3.83
N TRP C 70 20.11 6.95 -3.89
CA TRP C 70 19.07 6.87 -4.89
C TRP C 70 19.29 7.94 -5.96
N HIS C 71 18.59 7.76 -7.08
CA HIS C 71 18.45 8.81 -8.07
C HIS C 71 17.10 9.49 -7.88
N VAL C 72 17.11 10.78 -7.59
CA VAL C 72 15.89 11.47 -7.18
C VAL C 72 15.58 12.57 -8.18
N ASP C 73 14.39 12.50 -8.76
CA ASP C 73 13.84 13.55 -9.59
C ASP C 73 12.54 14.02 -8.96
N MET C 74 12.42 15.32 -8.74
CA MET C 74 11.27 15.91 -8.03
C MET C 74 10.53 16.80 -9.00
N PHE C 75 9.31 16.41 -9.36
CA PHE C 75 8.60 17.01 -10.47
C PHE C 75 7.58 18.03 -9.97
N THR C 76 7.68 19.25 -10.49
CA THR C 76 6.70 20.28 -10.15
C THR C 76 6.26 21.02 -11.41
N ARG C 77 5.44 22.04 -11.24
CA ARG C 77 4.83 22.77 -12.34
C ARG C 77 5.58 24.09 -12.56
N LYS C 78 5.90 24.38 -13.81
CA LYS C 78 6.58 25.63 -14.14
C LYS C 78 5.57 26.77 -14.19
N THR C 79 5.87 27.85 -13.45
CA THR C 79 4.94 28.97 -13.31
C THR C 79 5.48 30.26 -13.88
N ASP C 80 6.54 30.21 -14.67
CA ASP C 80 7.19 31.39 -15.21
C ASP C 80 8.05 30.92 -16.39
N PRO C 81 7.93 31.53 -17.57
CA PRO C 81 8.79 31.11 -18.69
C PRO C 81 10.25 31.47 -18.54
N ASN C 82 10.61 32.28 -17.55
CA ASN C 82 12.00 32.66 -17.33
C ASN C 82 12.69 31.79 -16.28
N ASP C 83 11.95 30.90 -15.61
CA ASP C 83 12.56 30.06 -14.62
C ASP C 83 13.39 28.95 -15.28
N PRO C 84 14.43 28.47 -14.60
CA PRO C 84 15.17 27.31 -15.12
C PRO C 84 14.34 26.05 -15.06
N ASP C 85 14.56 25.16 -16.02
CA ASP C 85 13.78 23.93 -16.07
C ASP C 85 14.27 22.93 -15.03
N VAL C 86 15.57 22.67 -14.98
CA VAL C 86 16.13 21.64 -14.12
C VAL C 86 17.15 22.27 -13.19
N ILE C 87 17.01 21.98 -11.89
CA ILE C 87 17.92 22.49 -10.86
C ILE C 87 18.45 21.29 -10.10
N GLU C 88 19.78 21.16 -10.02
CA GLU C 88 20.40 20.10 -9.24
C GLU C 88 20.78 20.66 -7.88
N HIS C 89 20.00 20.32 -6.85
CA HIS C 89 20.22 20.84 -5.51
C HIS C 89 21.40 20.15 -4.84
N SER C 90 21.56 18.88 -5.11
CA SER C 90 22.59 18.04 -4.51
C SER C 90 22.85 16.90 -5.49
N PRO C 91 24.01 16.21 -5.38
CA PRO C 91 24.28 15.07 -6.27
C PRO C 91 23.20 14.01 -6.29
N HIS C 92 22.69 13.79 -7.51
CA HIS C 92 21.59 12.90 -7.88
C HIS C 92 20.26 13.34 -7.27
N CYS C 93 20.03 14.64 -7.11
CA CYS C 93 18.73 15.16 -6.67
C CYS C 93 18.39 16.36 -7.54
N ARG C 94 17.54 16.16 -8.54
CA ARG C 94 17.11 17.24 -9.40
C ARG C 94 15.68 17.65 -9.06
N THR C 95 15.39 18.93 -9.24
CA THR C 95 14.03 19.42 -9.34
C THR C 95 13.76 19.72 -10.80
N ILE C 96 12.71 19.12 -11.33
CA ILE C 96 12.34 19.24 -12.73
C ILE C 96 11.02 19.97 -12.82
N ARG C 97 11.00 21.09 -13.53
CA ARG C 97 9.81 21.91 -13.70
C ARG C 97 9.21 21.61 -15.06
N LEU C 98 8.00 21.07 -15.05
CA LEU C 98 7.34 20.65 -16.28
C LEU C 98 6.42 21.75 -16.78
N GLN C 99 6.28 21.83 -18.10
CA GLN C 99 5.32 22.74 -18.71
C GLN C 99 4.00 21.99 -18.86
N ALA C 100 3.21 21.99 -17.80
CA ALA C 100 1.91 21.34 -17.87
C ALA C 100 0.88 22.26 -18.50
N GLY C 101 0.54 23.35 -17.81
CA GLY C 101 -0.51 24.21 -18.28
C GLY C 101 0.04 25.54 -18.77
N PRO C 102 -0.68 26.62 -18.47
CA PRO C 102 -0.14 27.95 -18.73
C PRO C 102 1.08 28.23 -17.87
N LEU C 103 1.99 29.04 -18.41
CA LEU C 103 3.26 29.32 -17.74
C LEU C 103 3.14 30.54 -16.84
N THR C 104 2.10 30.52 -16.01
CA THR C 104 1.88 31.53 -15.00
C THR C 104 1.55 30.82 -13.69
N TYR C 105 1.53 31.59 -12.61
CA TYR C 105 1.08 31.03 -11.35
C TYR C 105 -0.42 30.86 -11.37
N ILE C 106 -0.88 29.62 -11.22
CA ILE C 106 -2.28 29.30 -11.04
C ILE C 106 -2.42 28.75 -9.64
N PRO C 107 -3.34 29.27 -8.82
CA PRO C 107 -3.54 28.71 -7.48
C PRO C 107 -4.14 27.32 -7.55
N ARG C 108 -3.96 26.56 -6.46
CA ARG C 108 -4.17 25.13 -6.47
C ARG C 108 -5.64 24.72 -6.59
N GLU C 109 -6.57 25.67 -6.49
CA GLU C 109 -7.97 25.32 -6.65
C GLU C 109 -8.33 25.13 -8.12
N LYS C 110 -7.54 25.70 -9.02
CA LYS C 110 -7.82 25.67 -10.45
C LYS C 110 -6.84 24.81 -11.23
N LEU C 111 -5.99 24.04 -10.55
CA LEU C 111 -4.97 23.25 -11.23
C LEU C 111 -5.44 21.86 -11.63
N PHE C 112 -6.71 21.53 -11.43
CA PHE C 112 -7.17 20.18 -11.77
C PHE C 112 -7.28 20.01 -13.27
N GLU C 113 -7.57 21.09 -14.00
CA GLU C 113 -7.68 21.00 -15.44
C GLU C 113 -6.31 20.93 -16.12
N THR C 114 -5.24 21.25 -15.41
CA THR C 114 -3.92 21.29 -15.98
C THR C 114 -3.17 19.96 -15.85
N LEU C 115 -3.79 18.96 -15.27
CA LEU C 115 -3.15 17.70 -14.89
C LEU C 115 -2.89 16.62 -15.96
N PRO C 116 -3.74 16.38 -16.96
CA PRO C 116 -3.34 15.39 -17.98
C PRO C 116 -2.16 15.82 -18.83
N LYS C 117 -1.96 17.13 -19.02
CA LYS C 117 -0.75 17.60 -19.66
C LYS C 117 0.46 17.39 -18.77
N PHE C 118 0.27 17.38 -17.44
CA PHE C 118 1.35 17.04 -16.53
C PHE C 118 1.75 15.58 -16.69
N VAL C 119 0.76 14.71 -16.91
CA VAL C 119 1.04 13.30 -17.19
C VAL C 119 1.77 13.16 -18.52
N GLU C 120 1.38 13.96 -19.51
CA GLU C 120 2.02 13.94 -20.82
C GLU C 120 3.47 14.40 -20.74
N ALA C 121 3.76 15.34 -19.84
CA ALA C 121 5.14 15.76 -19.64
C ALA C 121 5.91 14.72 -18.83
N PHE C 122 5.23 14.03 -17.91
CA PHE C 122 5.92 13.09 -17.03
C PHE C 122 6.33 11.83 -17.76
N LYS C 123 5.55 11.43 -18.77
CA LYS C 123 5.85 10.18 -19.46
C LYS C 123 7.16 10.26 -20.25
N ALA C 124 7.59 11.46 -20.62
CA ALA C 124 8.87 11.61 -21.31
C ALA C 124 10.05 11.31 -20.41
N TYR C 125 9.93 11.59 -19.11
CA TYR C 125 10.96 11.19 -18.15
C TYR C 125 10.80 9.75 -17.71
N HIS C 126 9.56 9.26 -17.65
CA HIS C 126 9.36 7.86 -17.29
C HIS C 126 9.82 6.93 -18.40
N ALA C 127 9.84 7.39 -19.65
CA ALA C 127 10.39 6.58 -20.72
C ALA C 127 11.90 6.48 -20.63
N LYS C 128 12.56 7.48 -20.09
CA LYS C 128 14.01 7.43 -19.91
C LYS C 128 14.39 6.59 -18.70
N TYR C 129 13.85 6.95 -17.53
CA TYR C 129 14.34 6.34 -16.31
C TYR C 129 13.59 5.06 -15.95
N GLY C 130 12.27 5.05 -16.11
CA GLY C 130 11.48 3.90 -15.73
C GLY C 130 11.39 3.73 -14.25
N TYR C 131 10.72 4.67 -13.59
CA TYR C 131 10.70 4.79 -12.14
C TYR C 131 10.00 3.59 -11.50
N PRO C 132 10.67 2.80 -10.67
CA PRO C 132 9.98 1.70 -9.98
C PRO C 132 9.25 2.13 -8.75
N LEU C 133 9.39 3.38 -8.32
CA LEU C 133 8.85 3.83 -7.04
C LEU C 133 8.51 5.31 -7.19
N ILE C 134 7.22 5.63 -7.16
CA ILE C 134 6.74 7.00 -7.37
C ILE C 134 6.01 7.45 -6.11
N HIS C 135 6.42 8.60 -5.58
CA HIS C 135 5.89 9.15 -4.34
C HIS C 135 5.19 10.46 -4.68
N THR C 136 3.87 10.47 -4.60
CA THR C 136 3.06 11.64 -4.88
C THR C 136 2.70 12.36 -3.59
N ASN C 137 2.55 13.68 -3.68
CA ASN C 137 2.64 14.55 -2.50
C ASN C 137 1.53 15.59 -2.37
N TYR C 138 0.38 15.39 -3.03
CA TYR C 138 -0.84 16.12 -2.72
C TYR C 138 -1.98 15.39 -3.40
N TRP C 139 -3.20 15.90 -3.24
CA TRP C 139 -4.33 15.48 -4.06
C TRP C 139 -4.05 15.61 -5.54
N LEU C 140 -3.59 16.78 -5.97
CA LEU C 140 -3.37 17.03 -7.40
C LEU C 140 -2.19 16.21 -7.92
N SER C 141 -1.25 15.86 -7.04
CA SER C 141 -0.18 14.95 -7.41
C SER C 141 -0.66 13.52 -7.42
N GLY C 142 -1.55 13.18 -6.48
CA GLY C 142 -2.07 11.83 -6.42
C GLY C 142 -2.97 11.49 -7.57
N TRP C 143 -3.61 12.49 -8.18
CA TRP C 143 -4.40 12.24 -9.38
C TRP C 143 -3.50 11.84 -10.54
N VAL C 144 -2.34 12.50 -10.65
CA VAL C 144 -1.35 12.14 -11.66
C VAL C 144 -0.82 10.75 -11.42
N GLY C 145 -0.55 10.42 -10.15
CA GLY C 145 -0.14 9.07 -9.80
C GLY C 145 -1.20 8.03 -10.09
N TRP C 146 -2.47 8.40 -9.94
CA TRP C 146 -3.57 7.48 -10.19
C TRP C 146 -3.85 7.31 -11.67
N GLN C 147 -3.49 8.28 -12.51
CA GLN C 147 -3.54 8.07 -13.95
C GLN C 147 -2.35 7.23 -14.41
N LEU C 148 -1.20 7.40 -13.76
CA LEU C 148 -0.02 6.63 -14.16
C LEU C 148 -0.08 5.20 -13.66
N ARG C 149 -0.79 4.96 -12.57
CA ARG C 149 -0.83 3.64 -11.95
C ARG C 149 -1.55 2.63 -12.82
N GLN C 150 -2.48 3.09 -13.65
CA GLN C 150 -3.25 2.20 -14.51
C GLN C 150 -2.66 2.09 -15.91
N GLN C 151 -1.44 2.58 -16.13
CA GLN C 151 -0.66 2.23 -17.31
C GLN C 151 0.63 1.53 -16.95
N PHE C 152 1.38 2.05 -15.98
CA PHE C 152 2.70 1.57 -15.65
C PHE C 152 2.69 0.90 -14.28
N ASN C 153 3.64 -0.01 -14.08
CA ASN C 153 3.74 -0.77 -12.84
C ASN C 153 4.82 -0.14 -11.96
N PHE C 154 4.41 0.47 -10.86
CA PHE C 154 5.35 1.07 -9.93
C PHE C 154 4.78 0.99 -8.52
N GLN C 155 5.68 1.06 -7.53
CA GLN C 155 5.26 1.16 -6.14
C GLN C 155 4.83 2.60 -5.86
N TRP C 156 3.54 2.78 -5.59
CA TRP C 156 2.96 4.10 -5.48
C TRP C 156 2.75 4.45 -4.02
N LEU C 157 3.41 5.53 -3.60
CA LEU C 157 3.30 6.08 -2.27
C LEU C 157 2.62 7.42 -2.37
N HIS C 158 1.93 7.79 -1.29
CA HIS C 158 1.27 9.08 -1.31
C HIS C 158 1.28 9.70 0.07
N THR C 159 1.59 10.99 0.11
CA THR C 159 1.46 11.80 1.31
C THR C 159 0.43 12.87 1.03
N TYR C 160 -0.59 12.95 1.89
CA TYR C 160 -1.71 13.84 1.62
C TYR C 160 -1.37 15.31 1.86
N HIS C 161 -0.72 15.61 2.99
CA HIS C 161 -0.34 16.91 3.52
C HIS C 161 -1.53 17.78 3.93
N SER C 162 -2.75 17.33 3.63
CA SER C 162 -4.00 18.01 3.98
C SER C 162 -5.13 17.07 3.58
N LEU C 163 -6.25 17.15 4.27
CA LEU C 163 -7.39 16.33 3.95
C LEU C 163 -8.59 17.22 3.68
N GLY C 164 -9.25 16.99 2.54
CA GLY C 164 -10.42 17.78 2.20
C GLY C 164 -11.60 17.51 3.09
N VAL C 165 -11.73 16.28 3.59
CA VAL C 165 -12.86 15.94 4.43
C VAL C 165 -12.71 16.58 5.81
N VAL C 166 -11.49 16.96 6.18
CA VAL C 166 -11.26 17.72 7.40
C VAL C 166 -11.34 19.21 7.12
N LYS C 167 -10.93 19.65 5.94
CA LYS C 167 -10.99 21.04 5.53
C LYS C 167 -12.44 21.51 5.36
N TYR C 168 -13.33 20.61 4.97
CA TYR C 168 -14.71 20.95 4.62
C TYR C 168 -15.66 20.76 5.78
N GLN C 169 -15.15 20.79 7.01
CA GLN C 169 -15.97 20.76 8.21
C GLN C 169 -15.90 22.08 8.96
N VAL C 170 -15.51 23.15 8.29
CA VAL C 170 -15.38 24.47 8.89
C VAL C 170 -16.53 25.32 8.35
N ALA C 171 -17.38 25.82 9.26
CA ALA C 171 -18.58 26.56 8.86
C ALA C 171 -18.28 27.93 8.26
N SER C 172 -17.06 28.43 8.43
CA SER C 172 -16.63 29.64 7.74
C SER C 172 -16.19 29.30 6.32
N GLU C 173 -15.48 30.21 5.68
CA GLU C 173 -14.81 29.91 4.42
C GLU C 173 -13.87 28.72 4.61
N GLN C 174 -13.75 27.93 3.54
CA GLN C 174 -13.43 26.49 3.38
C GLN C 174 -14.67 25.63 3.55
N ALA C 175 -15.87 26.21 3.57
CA ALA C 175 -17.08 25.43 3.36
C ALA C 175 -17.42 25.25 1.89
N GLN C 176 -16.67 25.91 1.00
CA GLN C 176 -16.80 25.73 -0.45
C GLN C 176 -16.18 24.40 -0.86
N ARG C 177 -16.99 23.35 -0.79
CA ARG C 177 -16.49 21.99 -0.92
C ARG C 177 -16.15 21.63 -2.35
N ASP C 178 -15.59 20.43 -2.53
CA ASP C 178 -15.22 19.92 -3.83
C ASP C 178 -15.21 18.39 -3.75
N GLU C 179 -16.27 17.76 -4.23
CA GLU C 179 -16.38 16.30 -4.18
C GLU C 179 -15.45 15.59 -5.15
N THR C 180 -14.90 16.32 -6.12
CA THR C 180 -13.82 15.80 -6.95
C THR C 180 -12.62 15.43 -6.10
N ARG C 181 -12.26 16.32 -5.17
CA ARG C 181 -11.13 16.07 -4.27
C ARG C 181 -11.39 14.88 -3.36
N LEU C 182 -12.61 14.80 -2.80
CA LEU C 182 -12.94 13.69 -1.92
C LEU C 182 -12.95 12.35 -2.66
N MET C 183 -13.44 12.36 -3.89
CA MET C 183 -13.43 11.15 -4.71
C MET C 183 -12.02 10.70 -5.03
N VAL C 184 -11.16 11.64 -5.42
CA VAL C 184 -9.80 11.28 -5.80
C VAL C 184 -8.98 10.88 -4.58
N GLU C 185 -9.25 11.50 -3.43
CA GLU C 185 -8.55 11.11 -2.20
C GLU C 185 -8.97 9.72 -1.73
N LYS C 186 -10.25 9.38 -1.87
CA LYS C 186 -10.67 8.01 -1.61
C LYS C 186 -10.07 7.03 -2.61
N ALA C 187 -9.90 7.45 -3.86
CA ALA C 187 -9.27 6.60 -4.87
C ALA C 187 -7.80 6.38 -4.55
N ILE C 188 -7.12 7.41 -4.05
CA ILE C 188 -5.74 7.29 -3.62
C ILE C 188 -5.62 6.30 -2.48
N LEU C 189 -6.47 6.43 -1.45
CA LEU C 189 -6.37 5.55 -0.30
C LEU C 189 -6.74 4.11 -0.67
N GLU C 190 -7.66 3.93 -1.61
CA GLU C 190 -8.02 2.58 -2.01
C GLU C 190 -6.98 1.95 -2.93
N ASN C 191 -6.21 2.77 -3.66
CA ASN C 191 -5.37 2.22 -4.72
C ASN C 191 -3.87 2.41 -4.52
N ALA C 192 -3.41 3.30 -3.63
CA ALA C 192 -1.98 3.47 -3.47
C ALA C 192 -1.40 2.34 -2.65
N ASP C 193 -0.18 1.94 -3.02
CA ASP C 193 0.50 0.86 -2.33
C ASP C 193 0.89 1.24 -0.92
N CYS C 194 1.25 2.50 -0.67
CA CYS C 194 1.45 2.92 0.72
C CYS C 194 1.04 4.38 0.86
N VAL C 195 0.37 4.69 1.95
CA VAL C 195 -0.02 6.05 2.26
C VAL C 195 0.68 6.49 3.54
N ILE C 196 1.42 7.57 3.45
CA ILE C 196 2.14 8.13 4.59
C ILE C 196 1.20 9.03 5.34
N VAL C 197 1.02 8.77 6.62
CA VAL C 197 0.30 9.69 7.49
C VAL C 197 1.28 10.25 8.50
N THR C 198 1.21 11.55 8.71
CA THR C 198 2.17 12.26 9.53
C THR C 198 1.78 12.31 10.99
N SER C 199 0.60 11.80 11.34
CA SER C 199 0.08 11.85 12.69
C SER C 199 -0.98 10.79 12.83
N PRO C 200 -1.19 10.23 14.02
CA PRO C 200 -2.32 9.32 14.22
C PRO C 200 -3.67 9.99 14.12
N GLN C 201 -3.71 11.32 14.26
CA GLN C 201 -4.91 12.08 13.97
C GLN C 201 -5.31 11.95 12.50
N GLU C 202 -4.35 12.01 11.59
CA GLU C 202 -4.65 11.87 10.17
C GLU C 202 -5.09 10.46 9.82
N GLU C 203 -4.48 9.46 10.45
CA GLU C 203 -4.88 8.07 10.23
C GLU C 203 -6.28 7.83 10.75
N ALA C 204 -6.62 8.40 11.89
CA ALA C 204 -7.97 8.30 12.43
C ALA C 204 -8.99 9.01 11.54
N TYR C 205 -8.60 10.17 11.01
CA TYR C 205 -9.49 10.92 10.12
C TYR C 205 -9.76 10.17 8.83
N LEU C 206 -8.74 9.50 8.28
CA LEU C 206 -8.93 8.69 7.09
C LEU C 206 -9.79 7.45 7.38
N ARG C 207 -9.53 6.77 8.49
CA ARG C 207 -10.28 5.56 8.79
C ARG C 207 -11.70 5.83 9.25
N ARG C 208 -12.03 7.05 9.64
CA ARG C 208 -13.41 7.36 9.99
C ARG C 208 -14.18 8.06 8.87
N TRP C 209 -13.57 9.04 8.19
CA TRP C 209 -14.32 9.82 7.22
C TRP C 209 -14.02 9.52 5.75
N VAL C 210 -13.00 8.73 5.43
CA VAL C 210 -12.69 8.53 4.01
C VAL C 210 -12.95 7.08 3.59
N SER C 211 -12.18 6.14 4.15
CA SER C 211 -12.29 4.74 3.77
C SER C 211 -11.59 3.89 4.80
N LYS C 212 -11.96 2.62 4.84
CA LYS C 212 -11.32 1.65 5.72
C LYS C 212 -10.21 0.90 5.03
N ALA C 213 -10.31 0.71 3.72
CA ALA C 213 -9.32 -0.05 2.97
C ALA C 213 -8.07 0.78 2.75
N GLY C 214 -7.00 0.11 2.38
CA GLY C 214 -5.75 0.76 2.05
C GLY C 214 -4.70 0.54 3.13
N GLN C 215 -3.44 0.50 2.70
CA GLN C 215 -2.32 0.36 3.62
C GLN C 215 -1.84 1.73 4.04
N THR C 216 -1.56 1.89 5.33
CA THR C 216 -1.20 3.18 5.91
C THR C 216 0.04 3.02 6.77
N ARG C 217 0.83 4.08 6.85
CA ARG C 217 2.12 4.04 7.53
C ARG C 217 2.38 5.37 8.23
N LEU C 218 2.70 5.29 9.51
CA LEU C 218 2.95 6.47 10.33
C LEU C 218 4.44 6.81 10.30
N ILE C 219 4.78 7.83 9.54
CA ILE C 219 6.11 8.44 9.60
C ILE C 219 5.88 9.94 9.71
N PRO C 220 6.10 10.54 10.87
CA PRO C 220 5.78 11.96 11.06
C PRO C 220 6.81 12.85 10.38
N CYS C 221 6.42 14.11 10.19
CA CYS C 221 7.34 15.06 9.60
C CYS C 221 8.44 15.42 10.61
N GLY C 222 9.58 15.82 10.09
CA GLY C 222 10.71 16.17 10.94
C GLY C 222 11.31 17.50 10.51
N THR C 223 12.13 18.03 11.39
CA THR C 223 12.81 19.30 11.16
C THR C 223 14.30 19.12 11.35
N ASN C 224 15.07 20.08 10.85
CA ASN C 224 16.53 19.99 10.86
C ASN C 224 17.03 20.65 12.13
N LEU C 225 17.64 19.86 13.02
CA LEU C 225 18.16 20.42 14.26
C LEU C 225 19.42 21.24 14.04
N LYS C 226 20.07 21.09 12.89
CA LYS C 226 21.19 21.96 12.56
C LYS C 226 20.72 23.36 12.20
N LEU C 227 19.50 23.49 11.69
CA LEU C 227 18.97 24.79 11.32
C LEU C 227 18.21 25.45 12.46
N PHE C 228 17.65 24.64 13.35
CA PHE C 228 16.77 25.12 14.41
C PHE C 228 17.37 24.72 15.75
N TYR C 229 17.92 25.70 16.46
CA TYR C 229 18.63 25.49 17.70
C TYR C 229 18.43 26.72 18.57
N PRO C 230 18.61 26.60 19.88
CA PRO C 230 18.56 27.80 20.74
C PRO C 230 19.71 28.73 20.44
N VAL C 231 19.38 29.94 19.98
CA VAL C 231 20.40 30.87 19.55
C VAL C 231 20.93 31.71 20.71
N ALA C 232 20.04 32.34 21.49
CA ALA C 232 20.31 33.14 22.69
C ALA C 232 21.13 34.40 22.43
N ASP C 233 21.44 34.68 21.17
CA ASP C 233 22.04 35.94 20.74
C ASP C 233 20.95 36.69 19.99
N ALA C 234 19.71 36.23 20.17
CA ALA C 234 18.66 36.43 19.18
C ALA C 234 18.06 37.82 19.23
N ARG C 235 17.77 38.32 20.44
CA ARG C 235 17.21 39.66 20.56
C ARG C 235 18.25 40.73 20.24
N ALA C 236 19.52 40.40 20.40
CA ALA C 236 20.57 41.32 19.97
C ALA C 236 20.66 41.36 18.45
N GLN C 237 20.42 40.23 17.79
CA GLN C 237 20.48 40.21 16.34
C GLN C 237 19.30 40.89 15.68
N LEU C 238 18.20 41.08 16.41
CA LEU C 238 17.03 41.73 15.84
C LEU C 238 16.78 43.09 16.46
N ASN C 239 17.73 43.60 17.26
CA ASN C 239 17.67 44.90 17.94
C ASN C 239 16.44 45.03 18.83
N LEU C 240 16.02 43.94 19.42
CA LEU C 240 14.79 43.90 20.18
C LEU C 240 15.04 44.25 21.64
N PRO C 241 14.04 44.77 22.34
CA PRO C 241 14.18 44.98 23.79
C PRO C 241 14.19 43.63 24.51
N ALA C 242 15.17 43.46 25.40
CA ALA C 242 15.36 42.20 26.10
C ALA C 242 14.39 42.00 27.26
N ASP C 243 13.53 42.97 27.56
CA ASP C 243 12.59 42.84 28.65
C ASP C 243 11.14 43.06 28.25
N GLU C 244 10.88 43.56 27.07
CA GLU C 244 9.49 43.70 26.64
C GLU C 244 9.01 42.37 26.05
N PRO C 245 7.82 41.91 26.42
CA PRO C 245 7.37 40.59 25.99
C PRO C 245 7.05 40.53 24.49
N ILE C 246 7.29 39.37 23.91
CA ILE C 246 7.22 39.15 22.46
C ILE C 246 6.36 37.93 22.20
N VAL C 247 5.34 38.08 21.36
CA VAL C 247 4.50 36.98 20.90
C VAL C 247 4.78 36.79 19.42
N LEU C 248 5.02 35.55 19.01
CA LEU C 248 5.42 35.23 17.64
C LEU C 248 4.36 34.38 16.95
N TYR C 249 4.08 34.72 15.70
CA TYR C 249 3.43 33.82 14.76
C TYR C 249 4.31 33.64 13.55
N VAL C 250 4.48 32.39 13.12
CA VAL C 250 5.19 32.07 11.89
C VAL C 250 4.25 31.24 11.03
N GLY C 251 4.00 31.70 9.81
CA GLY C 251 3.16 30.95 8.90
C GLY C 251 2.67 31.81 7.76
N ARG C 252 1.70 31.26 7.03
CA ARG C 252 1.12 31.90 5.88
C ARG C 252 -0.09 32.73 6.29
N PHE C 253 -0.51 33.62 5.39
CA PHE C 253 -1.71 34.41 5.61
C PHE C 253 -2.89 33.69 4.98
N ASP C 254 -3.52 32.82 5.77
CA ASP C 254 -4.70 32.09 5.35
C ASP C 254 -5.68 32.15 6.51
N ARG C 255 -6.98 32.09 6.18
CA ARG C 255 -8.01 32.22 7.20
C ARG C 255 -8.05 31.00 8.11
N ARG C 256 -7.55 29.87 7.64
CA ARG C 256 -7.58 28.66 8.47
C ARG C 256 -6.53 28.74 9.56
N LYS C 257 -5.54 29.61 9.39
CA LYS C 257 -4.51 29.78 10.39
C LYS C 257 -5.00 30.56 11.60
N GLY C 258 -6.12 31.28 11.49
CA GLY C 258 -6.75 31.93 12.61
C GLY C 258 -5.99 33.09 13.23
N ILE C 259 -5.41 33.96 12.39
CA ILE C 259 -4.69 35.11 12.90
C ILE C 259 -5.63 36.17 13.47
N GLU C 260 -6.91 36.13 13.06
CA GLU C 260 -7.93 36.97 13.67
C GLU C 260 -8.09 36.66 15.15
N THR C 261 -8.11 35.38 15.51
CA THR C 261 -8.20 34.96 16.90
C THR C 261 -6.97 35.38 17.69
N LEU C 262 -5.80 35.32 17.07
CA LEU C 262 -4.56 35.75 17.71
C LEU C 262 -4.54 37.25 17.96
N VAL C 263 -4.99 38.03 16.99
CA VAL C 263 -5.01 39.49 17.14
C VAL C 263 -6.05 39.90 18.18
N ALA C 264 -7.20 39.23 18.19
CA ALA C 264 -8.22 39.52 19.19
C ALA C 264 -7.78 39.08 20.58
N ALA C 265 -6.93 38.06 20.66
CA ALA C 265 -6.38 37.68 21.96
C ALA C 265 -5.33 38.67 22.42
N MET C 266 -4.52 39.17 21.48
CA MET C 266 -3.56 40.23 21.78
C MET C 266 -4.23 41.53 22.17
N ALA C 267 -5.48 41.74 21.77
CA ALA C 267 -6.24 42.89 22.24
C ALA C 267 -6.54 42.84 23.74
N GLN C 268 -6.53 41.65 24.35
CA GLN C 268 -6.75 41.51 25.78
C GLN C 268 -5.46 41.57 26.59
N ILE C 269 -4.37 42.02 26.00
CA ILE C 269 -3.07 42.04 26.66
C ILE C 269 -2.60 43.48 26.77
N PRO C 270 -2.15 43.93 27.94
CA PRO C 270 -1.75 45.32 28.08
C PRO C 270 -0.30 45.59 27.71
N GLN C 271 0.54 44.55 27.66
CA GLN C 271 1.97 44.75 27.45
C GLN C 271 2.50 43.63 26.56
N GLY C 272 3.07 44.00 25.43
CA GLY C 272 3.69 43.06 24.52
C GLY C 272 3.46 43.45 23.08
N GLN C 273 4.35 42.99 22.20
CA GLN C 273 4.22 43.17 20.77
C GLN C 273 4.05 41.81 20.09
N LEU C 274 3.11 41.74 19.17
CA LEU C 274 2.97 40.59 18.31
C LEU C 274 3.83 40.76 17.07
N LEU C 275 4.54 39.70 16.70
CA LEU C 275 5.32 39.68 15.48
C LEU C 275 4.71 38.65 14.54
N LEU C 276 4.30 39.10 13.35
CA LEU C 276 3.73 38.22 12.35
C LEU C 276 4.77 37.99 11.26
N VAL C 277 5.29 36.76 11.20
CA VAL C 277 6.34 36.38 10.26
C VAL C 277 5.72 35.58 9.15
N GLY C 278 5.92 36.02 7.92
CA GLY C 278 5.34 35.39 6.77
C GLY C 278 5.14 36.40 5.67
N GLY C 279 5.45 36.01 4.43
CA GLY C 279 5.30 36.90 3.31
C GLY C 279 4.05 36.59 2.52
N SER C 280 3.83 37.39 1.48
CA SER C 280 2.60 37.33 0.70
C SER C 280 2.84 38.06 -0.61
N ASP C 281 1.88 37.94 -1.51
CA ASP C 281 1.82 38.72 -2.73
C ASP C 281 0.54 39.52 -2.76
N PRO C 282 0.60 40.81 -3.12
CA PRO C 282 -0.59 41.65 -3.05
C PRO C 282 -1.66 41.31 -4.07
N GLN C 283 -1.28 40.66 -5.16
CA GLN C 283 -2.19 40.34 -6.24
C GLN C 283 -2.81 38.96 -6.10
N ARG C 284 -2.64 38.30 -4.95
CA ARG C 284 -3.06 36.93 -4.78
C ARG C 284 -4.02 36.79 -3.61
N SER C 285 -4.78 35.69 -3.62
CA SER C 285 -5.88 35.47 -2.68
C SER C 285 -5.35 35.30 -1.27
N ASP C 286 -4.42 34.38 -1.07
CA ASP C 286 -3.76 34.25 0.22
C ASP C 286 -2.64 35.27 0.29
N GLY C 287 -3.00 36.55 0.30
CA GLY C 287 -2.07 37.64 0.13
C GLY C 287 -2.58 38.84 0.87
N ALA C 288 -2.63 40.00 0.19
CA ALA C 288 -3.11 41.24 0.79
C ALA C 288 -4.58 41.17 1.18
N GLU C 289 -5.37 40.32 0.51
CA GLU C 289 -6.78 40.18 0.89
C GLU C 289 -6.91 39.45 2.21
N ARG C 290 -6.08 38.44 2.44
CA ARG C 290 -5.99 37.80 3.74
C ARG C 290 -4.83 38.36 4.57
N ARG C 291 -4.23 39.46 4.12
CA ARG C 291 -3.52 40.40 4.97
C ARG C 291 -4.43 41.60 5.29
N ARG C 292 -5.73 41.33 5.47
CA ARG C 292 -6.73 42.28 5.94
C ARG C 292 -6.60 42.48 7.45
N ILE C 293 -5.71 41.68 8.05
CA ILE C 293 -5.47 41.65 9.48
C ILE C 293 -5.04 43.00 10.00
N GLU C 294 -4.31 43.78 9.18
CA GLU C 294 -3.91 45.13 9.56
C GLU C 294 -5.11 46.04 9.73
N GLY C 295 -6.15 45.85 8.91
CA GLY C 295 -7.42 46.50 9.17
C GLY C 295 -8.00 46.10 10.51
N LEU C 296 -7.89 44.80 10.85
CA LEU C 296 -8.26 44.35 12.18
C LEU C 296 -7.30 44.84 13.25
N VAL C 297 -6.11 45.29 12.86
CA VAL C 297 -5.29 46.05 13.80
C VAL C 297 -5.95 47.39 14.09
N GLN C 298 -6.40 48.10 13.04
CA GLN C 298 -6.96 49.43 13.22
C GLN C 298 -8.30 49.39 13.95
N GLU C 299 -9.06 48.30 13.80
CA GLU C 299 -10.27 48.12 14.58
C GLU C 299 -9.98 47.71 16.02
N TYR C 300 -8.79 47.17 16.29
CA TYR C 300 -8.42 46.79 17.64
C TYR C 300 -7.36 47.70 18.25
N ASN C 301 -6.90 48.71 17.49
CA ASN C 301 -6.00 49.78 17.96
C ASN C 301 -4.67 49.22 18.47
N LEU C 302 -3.98 48.52 17.58
CA LEU C 302 -2.81 47.75 17.94
C LEU C 302 -1.56 48.11 17.14
N GLY C 303 -1.53 49.25 16.47
CA GLY C 303 -0.48 49.58 15.52
C GLY C 303 0.91 49.71 16.10
N ASP C 304 0.99 50.10 17.37
CA ASP C 304 2.28 50.18 18.04
C ASP C 304 2.83 48.79 18.36
N ARG C 305 1.96 47.80 18.47
CA ARG C 305 2.33 46.52 19.05
C ARG C 305 2.05 45.33 18.13
N VAL C 306 1.97 45.55 16.82
CA VAL C 306 1.95 44.49 15.83
C VAL C 306 2.95 44.85 14.74
N THR C 307 3.85 43.92 14.44
CA THR C 307 4.88 44.16 13.42
C THR C 307 4.80 43.07 12.36
N PHE C 308 4.57 43.49 11.12
CA PHE C 308 4.65 42.61 9.96
C PHE C 308 6.11 42.48 9.57
N VAL C 309 6.63 41.25 9.53
CA VAL C 309 8.04 41.10 9.19
C VAL C 309 8.20 40.72 7.71
N GLY C 310 7.36 39.82 7.21
CA GLY C 310 7.42 39.44 5.82
C GLY C 310 8.08 38.09 5.61
N GLN C 311 8.63 37.93 4.41
CA GLN C 311 9.39 36.73 4.08
C GLN C 311 10.69 36.70 4.87
N ILE C 312 10.84 35.67 5.69
CA ILE C 312 12.10 35.37 6.35
C ILE C 312 12.61 34.05 5.77
N ASP C 313 13.88 34.05 5.35
CA ASP C 313 14.48 32.86 4.78
C ASP C 313 14.52 31.75 5.84
N HIS C 314 14.45 30.51 5.36
CA HIS C 314 14.20 29.38 6.24
C HIS C 314 15.41 29.05 7.11
N GLU C 315 16.59 29.57 6.77
CA GLU C 315 17.78 29.41 7.58
C GLU C 315 17.97 30.55 8.57
N TYR C 316 16.93 31.32 8.87
CA TYR C 316 17.11 32.48 9.74
C TYR C 316 15.98 32.54 10.76
N LEU C 317 14.98 31.66 10.62
CA LEU C 317 13.81 31.69 11.49
C LEU C 317 14.14 31.34 12.93
N ALA C 318 15.24 30.63 13.16
CA ALA C 318 15.66 30.28 14.51
C ALA C 318 15.95 31.51 15.35
N VAL C 319 16.37 32.60 14.72
CA VAL C 319 16.58 33.86 15.43
C VAL C 319 15.25 34.40 15.94
N TYR C 320 14.22 34.34 15.09
CA TYR C 320 12.90 34.82 15.49
C TYR C 320 12.25 33.90 16.51
N TYR C 321 12.50 32.60 16.42
CA TYR C 321 11.94 31.68 17.41
C TYR C 321 12.63 31.85 18.76
N SER C 322 13.95 32.01 18.75
CA SER C 322 14.70 32.08 20.00
C SER C 322 14.51 33.42 20.69
N ALA C 323 14.32 34.49 19.90
CA ALA C 323 14.08 35.80 20.49
C ALA C 323 12.72 35.86 21.16
N ALA C 324 11.75 35.14 20.62
CA ALA C 324 10.40 35.22 21.12
C ALA C 324 10.25 34.49 22.44
N ASN C 325 9.17 34.81 23.14
CA ASN C 325 8.79 34.08 24.34
C ASN C 325 7.76 33.02 24.05
N VAL C 326 6.99 33.18 22.99
CA VAL C 326 5.88 32.29 22.68
C VAL C 326 5.65 32.27 21.18
N CYS C 327 5.53 31.07 20.62
CA CYS C 327 5.02 30.85 19.29
C CYS C 327 3.59 30.36 19.40
N VAL C 328 2.69 30.98 18.65
CA VAL C 328 1.27 30.66 18.69
C VAL C 328 0.89 30.05 17.35
N VAL C 329 0.21 28.91 17.39
CA VAL C 329 -0.39 28.32 16.21
C VAL C 329 -1.90 28.34 16.43
N PRO C 330 -2.57 29.45 16.11
CA PRO C 330 -3.99 29.57 16.43
C PRO C 330 -4.89 29.02 15.34
N SER C 331 -4.59 27.84 14.84
CA SER C 331 -5.17 27.40 13.58
C SER C 331 -6.57 26.84 13.79
N TYR C 332 -7.21 26.51 12.68
CA TYR C 332 -8.55 25.95 12.72
C TYR C 332 -8.59 24.50 12.27
N TYR C 333 -7.53 24.06 11.58
CA TYR C 333 -7.18 22.66 11.37
C TYR C 333 -5.72 22.63 10.95
N GLU C 334 -4.99 21.63 11.45
CA GLU C 334 -3.61 21.43 11.03
C GLU C 334 -3.22 19.97 10.92
N PRO C 335 -2.98 19.48 9.74
CA PRO C 335 -2.31 18.19 9.57
C PRO C 335 -0.79 18.29 9.71
N PHE C 336 -0.33 18.24 10.97
CA PHE C 336 1.07 18.34 11.39
C PHE C 336 1.69 19.68 11.01
N GLY C 337 1.31 20.76 11.69
CA GLY C 337 1.99 22.03 11.52
C GLY C 337 3.46 21.94 11.86
N LEU C 338 4.31 22.48 10.96
CA LEU C 338 5.75 22.35 11.13
C LEU C 338 6.37 23.46 11.97
N VAL C 339 5.72 24.63 12.04
CA VAL C 339 6.28 25.71 12.83
C VAL C 339 6.24 25.41 14.31
N ALA C 340 5.36 24.52 14.76
CA ALA C 340 5.35 24.08 16.15
C ALA C 340 6.64 23.36 16.51
N ILE C 341 7.06 22.39 15.70
CA ILE C 341 8.29 21.68 16.01
C ILE C 341 9.52 22.51 15.66
N GLU C 342 9.42 23.42 14.69
CA GLU C 342 10.52 24.33 14.44
C GLU C 342 10.69 25.35 15.56
N ALA C 343 9.61 25.64 16.29
CA ALA C 343 9.71 26.51 17.46
C ALA C 343 10.21 25.74 18.67
N MET C 344 9.74 24.51 18.84
CA MET C 344 10.17 23.72 19.98
C MET C 344 11.62 23.33 19.85
N ALA C 345 12.13 23.16 18.63
CA ALA C 345 13.53 22.82 18.44
C ALA C 345 14.48 23.96 18.73
N CYS C 346 13.96 25.18 18.94
CA CYS C 346 14.77 26.32 19.31
C CYS C 346 14.63 26.67 20.79
N GLY C 347 13.86 25.91 21.54
CA GLY C 347 13.70 26.17 22.96
C GLY C 347 12.60 27.15 23.30
N THR C 348 11.53 27.19 22.53
CA THR C 348 10.46 28.16 22.71
C THR C 348 9.15 27.42 22.95
N PRO C 349 8.38 27.76 23.99
CA PRO C 349 7.09 27.11 24.20
C PRO C 349 6.06 27.56 23.19
N VAL C 350 5.10 26.66 22.95
CA VAL C 350 4.13 26.80 21.86
C VAL C 350 2.73 26.72 22.43
N ILE C 351 1.88 27.67 22.05
CA ILE C 351 0.45 27.61 22.33
C ILE C 351 -0.26 27.29 21.02
N ALA C 352 -0.90 26.13 20.96
CA ALA C 352 -1.48 25.66 19.71
C ALA C 352 -2.96 25.36 19.91
N SER C 353 -3.68 25.41 18.80
CA SER C 353 -5.08 24.99 18.82
C SER C 353 -5.18 23.48 18.73
N ALA C 354 -6.11 22.91 19.49
CA ALA C 354 -6.31 21.47 19.52
C ALA C 354 -7.14 21.01 18.33
N VAL C 355 -6.49 20.75 17.20
CA VAL C 355 -7.21 20.33 16.00
C VAL C 355 -6.65 19.04 15.40
N GLY C 356 -5.36 19.01 15.09
CA GLY C 356 -4.82 17.92 14.32
C GLY C 356 -3.50 17.39 14.83
N GLY C 357 -2.48 17.46 13.98
CA GLY C 357 -1.15 16.99 14.33
C GLY C 357 -0.46 17.82 15.39
N LEU C 358 -0.97 19.02 15.67
CA LEU C 358 -0.49 19.81 16.80
C LEU C 358 -0.66 19.05 18.11
N GLN C 359 -1.80 18.38 18.28
CA GLN C 359 -2.05 17.46 19.38
C GLN C 359 -1.06 16.31 19.44
N PHE C 360 -0.43 15.96 18.32
CA PHE C 360 0.60 14.95 18.30
C PHE C 360 1.95 15.49 18.72
N THR C 361 2.18 16.80 18.58
CA THR C 361 3.48 17.35 18.92
C THR C 361 3.48 18.11 20.22
N VAL C 362 2.39 18.78 20.56
CA VAL C 362 2.35 19.67 21.71
C VAL C 362 1.71 18.91 22.86
N ILE C 363 2.40 18.87 23.99
CA ILE C 363 1.90 18.24 25.22
C ILE C 363 1.38 19.34 26.11
N PRO C 364 0.18 19.21 26.69
CA PRO C 364 -0.47 20.37 27.31
C PRO C 364 0.18 20.89 28.58
N GLU C 365 1.10 20.15 29.20
CA GLU C 365 1.81 20.69 30.35
C GLU C 365 3.30 20.47 30.29
N GLU C 366 3.80 19.66 29.35
CA GLU C 366 5.22 19.45 29.20
C GLU C 366 5.87 20.39 28.20
N THR C 367 5.30 20.54 27.02
CA THR C 367 5.91 21.33 25.95
C THR C 367 5.27 22.70 25.81
N GLY C 368 3.96 22.79 25.83
CA GLY C 368 3.26 24.05 25.65
C GLY C 368 1.86 23.98 26.16
N LEU C 369 0.94 24.61 25.43
CA LEU C 369 -0.47 24.63 25.80
C LEU C 369 -1.35 24.37 24.60
N LEU C 370 -2.50 23.76 24.83
CA LEU C 370 -3.51 23.54 23.82
C LEU C 370 -4.76 24.31 24.21
N VAL C 371 -5.24 25.17 23.33
CA VAL C 371 -6.46 25.92 23.57
C VAL C 371 -7.49 25.48 22.53
N PRO C 372 -8.77 25.72 22.78
CA PRO C 372 -9.75 25.57 21.72
C PRO C 372 -9.51 26.59 20.62
N PRO C 373 -9.86 26.26 19.38
CA PRO C 373 -9.54 27.15 18.25
C PRO C 373 -10.31 28.45 18.23
N GLN C 374 -11.65 28.36 18.26
CA GLN C 374 -12.50 29.50 17.91
C GLN C 374 -12.89 30.32 19.14
N ASP C 375 -11.89 30.69 19.93
CA ASP C 375 -12.07 31.67 21.00
C ASP C 375 -10.74 32.32 21.33
N ALA C 376 -10.75 33.65 21.40
CA ALA C 376 -9.56 34.41 21.74
C ALA C 376 -9.38 34.60 23.24
N ASN C 377 -10.39 34.26 24.04
CA ASN C 377 -10.32 34.48 25.48
C ASN C 377 -9.39 33.48 26.14
N ALA C 378 -9.55 32.19 25.81
CA ALA C 378 -8.66 31.18 26.35
C ALA C 378 -7.25 31.31 25.77
N LEU C 379 -7.15 31.79 24.53
CA LEU C 379 -5.84 32.06 23.95
C LEU C 379 -5.13 33.18 24.68
N ALA C 380 -5.86 34.25 25.01
CA ALA C 380 -5.28 35.33 25.79
C ALA C 380 -4.94 34.88 27.21
N ASN C 381 -5.75 33.97 27.76
CA ASN C 381 -5.42 33.36 29.05
C ASN C 381 -4.11 32.60 28.98
N ALA C 382 -3.90 31.84 27.90
CA ALA C 382 -2.69 31.03 27.76
C ALA C 382 -1.44 31.91 27.56
N ILE C 383 -1.57 32.95 26.74
CA ILE C 383 -0.46 33.87 26.51
C ILE C 383 -0.13 34.63 27.79
N GLN C 384 -1.16 35.01 28.56
CA GLN C 384 -0.95 35.66 29.84
C GLN C 384 -0.28 34.73 30.84
N ARG C 385 -0.65 33.44 30.81
CA ARG C 385 -0.04 32.44 31.68
C ARG C 385 1.44 32.30 31.41
N ILE C 386 1.83 32.13 30.15
CA ILE C 386 3.26 31.88 29.91
C ILE C 386 4.06 33.14 29.63
N LEU C 387 3.43 34.31 29.66
CA LEU C 387 4.22 35.54 29.74
C LEU C 387 4.39 36.03 31.17
N ALA C 388 3.48 35.63 32.08
CA ALA C 388 3.65 36.00 33.47
C ALA C 388 4.80 35.24 34.13
N ASP C 389 5.06 34.01 33.70
CA ASP C 389 6.10 33.20 34.30
C ASP C 389 7.11 32.81 33.24
N PRO C 390 8.16 33.60 33.04
CA PRO C 390 9.19 33.20 32.06
C PRO C 390 10.00 32.00 32.48
N ALA C 391 10.15 31.79 33.80
CA ALA C 391 10.87 30.65 34.32
C ALA C 391 10.17 29.33 34.05
N TRP C 392 8.87 29.36 33.75
CA TRP C 392 8.14 28.18 33.34
C TRP C 392 8.16 28.02 31.84
N ALA C 393 8.16 29.15 31.11
CA ALA C 393 8.25 29.10 29.65
C ALA C 393 9.59 28.55 29.18
N ARG C 394 10.67 28.84 29.93
CA ARG C 394 11.97 28.32 29.57
C ARG C 394 12.05 26.80 29.72
N THR C 395 11.48 26.24 30.79
CA THR C 395 11.52 24.80 30.93
C THR C 395 10.51 24.10 30.03
N LEU C 396 9.39 24.76 29.67
CA LEU C 396 8.54 24.23 28.61
C LEU C 396 9.27 24.18 27.29
N GLY C 397 10.11 25.19 27.01
CA GLY C 397 10.88 25.19 25.78
C GLY C 397 11.93 24.10 25.74
N LYS C 398 12.62 23.87 26.86
CA LYS C 398 13.64 22.84 26.85
C LYS C 398 13.03 21.44 26.83
N ASN C 399 11.85 21.28 27.43
CA ASN C 399 11.14 20.01 27.29
C ASN C 399 10.66 19.78 25.86
N GLY C 400 10.25 20.85 25.19
CA GLY C 400 9.85 20.72 23.80
C GLY C 400 11.02 20.40 22.88
N ARG C 401 12.20 20.95 23.18
CA ARG C 401 13.38 20.60 22.40
C ARG C 401 13.79 19.16 22.63
N GLU C 402 13.65 18.65 23.86
CA GLU C 402 13.89 17.23 24.09
C GLU C 402 12.89 16.36 23.33
N ARG C 403 11.64 16.81 23.22
CA ARG C 403 10.65 16.04 22.49
C ARG C 403 10.94 16.02 20.99
N VAL C 404 11.38 17.14 20.44
CA VAL C 404 11.70 17.20 19.01
C VAL C 404 12.97 16.39 18.72
N GLN C 405 13.95 16.44 19.63
CA GLN C 405 15.13 15.61 19.48
C GLN C 405 14.81 14.13 19.60
N ALA C 406 13.75 13.79 20.33
CA ALA C 406 13.34 12.39 20.42
C ALA C 406 12.62 11.93 19.17
N LEU C 407 11.54 12.62 18.81
CA LEU C 407 10.57 12.07 17.87
C LEU C 407 10.56 12.76 16.52
N PHE C 408 11.13 13.95 16.39
CA PHE C 408 10.87 14.77 15.22
C PHE C 408 12.16 15.32 14.65
N ASN C 409 13.25 14.58 14.80
CA ASN C 409 14.52 14.93 14.19
C ASN C 409 14.53 14.36 12.78
N TRP C 410 14.78 15.22 11.79
CA TRP C 410 14.76 14.76 10.39
C TRP C 410 15.90 13.81 10.08
N GLU C 411 16.99 13.90 10.83
CA GLU C 411 18.11 12.98 10.64
C GLU C 411 17.72 11.56 11.03
N ALA C 412 16.73 11.40 11.91
CA ALA C 412 16.19 10.11 12.25
C ALA C 412 14.97 9.73 11.44
N ILE C 413 14.21 10.71 10.96
CA ILE C 413 13.01 10.41 10.16
C ILE C 413 13.40 9.97 8.76
N ALA C 414 14.41 10.62 8.19
CA ALA C 414 14.86 10.32 6.83
C ALA C 414 15.43 8.93 6.69
N LEU C 415 16.04 8.38 7.73
CA LEU C 415 16.45 6.99 7.72
C LEU C 415 15.27 6.03 7.72
N GLN C 416 14.17 6.39 8.39
CA GLN C 416 12.97 5.56 8.34
C GLN C 416 12.32 5.61 6.96
N MET C 417 12.33 6.79 6.33
CA MET C 417 11.83 6.93 4.97
C MET C 417 12.66 6.09 4.00
N GLY C 418 13.98 6.11 4.18
CA GLY C 418 14.86 5.30 3.36
C GLY C 418 14.63 3.81 3.54
N GLN C 419 14.39 3.37 4.77
CA GLN C 419 14.10 1.97 4.99
C GLN C 419 12.73 1.56 4.46
N LEU C 420 11.77 2.47 4.48
CA LEU C 420 10.49 2.17 3.84
C LEU C 420 10.65 2.02 2.34
N TYR C 421 11.45 2.88 1.71
CA TYR C 421 11.66 2.72 0.28
C TYR C 421 12.47 1.47 -0.03
N ARG C 422 13.38 1.07 0.85
CA ARG C 422 14.14 -0.14 0.63
C ARG C 422 13.26 -1.39 0.74
N GLN C 423 12.39 -1.45 1.75
CA GLN C 423 11.54 -2.63 1.87
C GLN C 423 10.41 -2.61 0.84
N LEU C 424 10.06 -1.44 0.33
CA LEU C 424 8.99 -1.39 -0.65
C LEU C 424 9.53 -1.63 -2.05
N PHE C 425 10.82 -1.36 -2.25
CA PHE C 425 11.51 -1.77 -3.47
C PHE C 425 11.84 -3.25 -3.43
N ALA C 426 12.02 -3.80 -2.23
CA ALA C 426 12.27 -5.24 -2.10
C ALA C 426 11.03 -6.07 -2.39
N ALA C 427 9.85 -5.46 -2.41
CA ALA C 427 8.69 -6.12 -2.99
C ALA C 427 8.90 -6.13 -4.49
N SER C 428 9.60 -7.16 -4.96
CA SER C 428 10.37 -7.09 -6.19
C SER C 428 9.54 -7.24 -7.44
N LEU C 429 10.22 -7.46 -8.55
CA LEU C 429 9.59 -7.47 -9.86
C LEU C 429 10.37 -8.34 -10.83
N ARG D 30 24.32 39.96 3.13
CA ARG D 30 25.16 39.04 2.37
C ARG D 30 25.07 39.35 0.89
N GLN D 31 26.11 39.99 0.37
CA GLN D 31 26.06 40.60 -0.95
C GLN D 31 26.41 39.58 -2.03
N PRO D 32 25.84 39.72 -3.24
CA PRO D 32 26.10 38.74 -4.29
C PRO D 32 27.36 39.00 -5.09
N ILE D 33 27.84 37.93 -5.72
CA ILE D 33 29.03 37.94 -6.58
C ILE D 33 28.76 37.08 -7.81
N ALA D 34 29.11 37.61 -8.98
CA ALA D 34 28.97 36.88 -10.24
C ALA D 34 30.35 36.52 -10.78
N LEU D 35 30.76 35.26 -10.62
CA LEU D 35 31.88 34.73 -11.35
C LEU D 35 31.40 34.34 -12.75
N ILE D 36 32.13 34.73 -13.79
CA ILE D 36 31.76 34.40 -15.16
C ILE D 36 32.91 33.65 -15.81
N SER D 37 32.61 32.46 -16.34
CA SER D 37 33.58 31.61 -17.02
C SER D 37 32.81 30.83 -18.07
N VAL D 38 32.88 31.28 -19.33
CA VAL D 38 31.92 30.79 -20.33
C VAL D 38 32.23 29.36 -20.75
N HIS D 39 33.48 29.02 -21.03
CA HIS D 39 33.76 27.68 -21.52
C HIS D 39 34.16 26.75 -20.41
N GLY D 40 34.72 27.28 -19.33
CA GLY D 40 35.06 26.48 -18.19
C GLY D 40 33.89 26.37 -17.23
N ASP D 41 33.16 25.28 -17.34
CA ASP D 41 32.09 24.94 -16.43
C ASP D 41 32.72 24.52 -15.11
N PRO D 42 32.44 25.22 -14.01
CA PRO D 42 32.95 24.76 -12.71
C PRO D 42 32.27 23.49 -12.22
N ALA D 43 31.09 23.18 -12.73
CA ALA D 43 30.34 22.00 -12.33
C ALA D 43 30.70 20.78 -13.15
N ALA D 44 31.78 20.83 -13.91
CA ALA D 44 32.20 19.73 -14.76
C ALA D 44 33.48 19.15 -14.18
N ASP D 45 33.58 17.81 -14.18
CA ASP D 45 34.81 17.17 -13.78
C ASP D 45 35.90 17.45 -14.80
N VAL D 46 37.13 17.45 -14.34
CA VAL D 46 38.21 18.06 -15.11
C VAL D 46 39.19 17.00 -15.58
N GLY D 47 39.86 17.31 -16.68
CA GLY D 47 40.84 16.41 -17.24
C GLY D 47 40.75 16.22 -18.74
N HIS D 48 39.95 17.05 -19.40
CA HIS D 48 39.78 16.95 -20.84
C HIS D 48 39.71 18.33 -21.47
N GLU D 49 39.25 18.41 -22.72
CA GLU D 49 39.18 19.67 -23.43
C GLU D 49 38.09 20.54 -22.84
N SER D 50 38.41 21.83 -22.66
CA SER D 50 37.61 22.85 -21.95
C SER D 50 37.35 22.46 -20.50
N ALA D 51 38.22 21.64 -19.94
CA ALA D 51 38.24 21.35 -18.52
C ALA D 51 39.58 21.77 -17.97
N GLY D 52 39.82 21.54 -16.68
CA GLY D 52 41.15 21.86 -16.23
C GLY D 52 41.21 22.89 -15.12
N GLY D 53 42.29 23.66 -15.14
CA GLY D 53 42.65 24.45 -13.97
C GLY D 53 41.78 25.67 -13.77
N GLN D 54 41.23 26.21 -14.86
CA GLN D 54 40.33 27.35 -14.74
C GLN D 54 39.03 26.96 -14.04
N ASN D 55 38.53 25.77 -14.37
CA ASN D 55 37.38 25.19 -13.70
C ASN D 55 37.65 25.02 -12.21
N ILE D 56 38.82 24.48 -11.87
CA ILE D 56 39.20 24.27 -10.48
C ILE D 56 39.29 25.61 -9.75
N TYR D 57 39.91 26.59 -10.41
CA TYR D 57 40.05 27.95 -9.89
C TYR D 57 38.71 28.55 -9.52
N VAL D 58 37.78 28.58 -10.48
CA VAL D 58 36.52 29.28 -10.26
C VAL D 58 35.64 28.50 -9.30
N ARG D 59 35.75 27.16 -9.30
CA ARG D 59 34.93 26.35 -8.41
C ARG D 59 35.36 26.52 -6.96
N GLN D 60 36.65 26.33 -6.68
CA GLN D 60 37.09 26.45 -5.29
C GLN D 60 37.06 27.90 -4.81
N LEU D 61 37.17 28.85 -5.72
CA LEU D 61 36.98 30.26 -5.37
C LEU D 61 35.54 30.52 -4.95
N GLY D 62 34.58 30.11 -5.76
CA GLY D 62 33.18 30.39 -5.44
C GLY D 62 32.71 29.64 -4.21
N GLU D 63 33.20 28.43 -4.01
CA GLU D 63 32.81 27.65 -2.85
C GLU D 63 33.44 28.21 -1.58
N ALA D 64 34.68 28.71 -1.66
CA ALA D 64 35.30 29.36 -0.51
C ALA D 64 34.61 30.68 -0.17
N LEU D 65 34.16 31.42 -1.19
CA LEU D 65 33.45 32.66 -0.92
C LEU D 65 32.07 32.42 -0.32
N ALA D 66 31.43 31.32 -0.73
CA ALA D 66 30.17 30.94 -0.11
C ALA D 66 30.39 30.58 1.35
N ALA D 67 31.49 29.90 1.64
CA ALA D 67 31.84 29.62 3.04
C ALA D 67 32.20 30.87 3.81
N ALA D 68 32.66 31.94 3.14
CA ALA D 68 33.06 33.16 3.80
C ALA D 68 31.92 34.15 4.00
N GLY D 69 30.73 33.83 3.50
CA GLY D 69 29.59 34.68 3.69
C GLY D 69 29.18 35.52 2.50
N TRP D 70 29.49 35.08 1.29
CA TRP D 70 29.04 35.76 0.09
C TRP D 70 27.94 34.95 -0.57
N HIS D 71 27.22 35.60 -1.48
CA HIS D 71 26.31 34.89 -2.39
C HIS D 71 27.03 34.74 -3.72
N VAL D 72 27.23 33.50 -4.17
CA VAL D 72 28.07 33.24 -5.33
C VAL D 72 27.23 32.58 -6.41
N ASP D 73 27.13 33.24 -7.55
CA ASP D 73 26.62 32.64 -8.77
C ASP D 73 27.78 32.54 -9.75
N MET D 74 27.97 31.37 -10.34
CA MET D 74 29.07 31.12 -11.26
C MET D 74 28.46 30.79 -12.62
N PHE D 75 28.77 31.60 -13.62
CA PHE D 75 28.06 31.55 -14.89
C PHE D 75 28.91 30.87 -15.96
N THR D 76 28.31 29.92 -16.67
CA THR D 76 28.97 29.23 -17.76
C THR D 76 27.98 29.01 -18.87
N ARG D 77 28.44 28.34 -19.92
CA ARG D 77 27.64 28.11 -21.13
C ARG D 77 27.11 26.68 -21.14
N LYS D 78 25.83 26.53 -21.49
CA LYS D 78 25.18 25.23 -21.52
C LYS D 78 25.43 24.54 -22.86
N THR D 79 25.89 23.29 -22.81
CA THR D 79 26.34 22.57 -24.00
C THR D 79 25.53 21.32 -24.28
N ASP D 80 24.46 21.08 -23.53
CA ASP D 80 23.60 19.92 -23.72
C ASP D 80 22.26 20.24 -23.09
N PRO D 81 21.15 20.17 -23.83
CA PRO D 81 19.85 20.45 -23.22
C PRO D 81 19.39 19.42 -22.21
N ASN D 82 20.06 18.27 -22.11
CA ASN D 82 19.79 17.33 -21.04
C ASN D 82 20.54 17.67 -19.76
N ASP D 83 21.50 18.58 -19.82
CA ASP D 83 22.21 18.99 -18.62
C ASP D 83 21.31 19.90 -17.78
N PRO D 84 21.48 19.90 -16.46
CA PRO D 84 20.67 20.79 -15.63
C PRO D 84 21.05 22.25 -15.82
N ASP D 85 20.11 23.13 -15.52
CA ASP D 85 20.34 24.55 -15.72
C ASP D 85 21.13 25.15 -14.56
N VAL D 86 20.76 24.82 -13.33
CA VAL D 86 21.38 25.35 -12.13
C VAL D 86 21.93 24.18 -11.32
N ILE D 87 23.19 24.27 -10.91
CA ILE D 87 23.80 23.26 -10.06
C ILE D 87 24.23 23.95 -8.77
N GLU D 88 23.69 23.48 -7.66
CA GLU D 88 24.02 24.03 -6.34
C GLU D 88 25.09 23.15 -5.70
N HIS D 89 26.21 23.76 -5.33
CA HIS D 89 27.35 22.99 -4.85
C HIS D 89 27.45 23.02 -3.33
N SER D 90 27.57 24.20 -2.78
CA SER D 90 27.59 24.47 -1.35
C SER D 90 26.52 25.53 -1.15
N PRO D 91 26.04 25.78 0.08
CA PRO D 91 25.00 26.80 0.26
C PRO D 91 25.50 28.18 -0.12
N HIS D 92 24.66 28.88 -0.91
CA HIS D 92 24.96 30.14 -1.56
C HIS D 92 26.16 30.02 -2.50
N CYS D 93 26.25 28.89 -3.19
CA CYS D 93 27.17 28.75 -4.32
C CYS D 93 26.44 27.99 -5.41
N ARG D 94 26.26 28.63 -6.55
CA ARG D 94 25.57 28.01 -7.68
C ARG D 94 26.44 28.04 -8.91
N THR D 95 26.26 27.04 -9.77
CA THR D 95 26.72 27.09 -11.15
C THR D 95 25.51 27.17 -12.04
N ILE D 96 25.49 28.16 -12.93
CA ILE D 96 24.37 28.43 -13.80
C ILE D 96 24.82 28.27 -15.24
N ARG D 97 24.17 27.35 -15.93
CA ARG D 97 24.47 27.05 -17.32
C ARG D 97 23.49 27.84 -18.19
N LEU D 98 23.98 28.94 -18.76
CA LEU D 98 23.16 29.87 -19.52
C LEU D 98 22.99 29.38 -20.95
N GLN D 99 21.79 29.55 -21.48
CA GLN D 99 21.48 29.15 -22.85
C GLN D 99 21.94 30.25 -23.79
N ALA D 100 23.26 30.33 -23.99
CA ALA D 100 23.79 31.42 -24.78
C ALA D 100 23.69 31.13 -26.27
N GLY D 101 24.44 30.17 -26.75
CA GLY D 101 24.51 29.93 -28.18
C GLY D 101 23.73 28.71 -28.55
N PRO D 102 24.24 27.95 -29.52
CA PRO D 102 23.70 26.62 -29.76
C PRO D 102 23.99 25.72 -28.58
N LEU D 103 23.04 24.83 -28.28
CA LEU D 103 23.19 23.98 -27.11
C LEU D 103 23.93 22.69 -27.46
N THR D 104 25.09 22.84 -28.07
CA THR D 104 26.05 21.76 -28.29
C THR D 104 27.39 22.20 -27.73
N TYR D 105 28.40 21.36 -27.88
CA TYR D 105 29.74 21.79 -27.53
C TYR D 105 30.31 22.67 -28.64
N ILE D 106 30.89 23.79 -28.25
CA ILE D 106 31.66 24.64 -29.16
C ILE D 106 32.98 24.95 -28.49
N PRO D 107 34.11 24.73 -29.16
CA PRO D 107 35.40 25.01 -28.53
C PRO D 107 35.67 26.49 -28.36
N ARG D 108 36.70 26.79 -27.57
CA ARG D 108 36.96 28.16 -27.12
C ARG D 108 37.49 29.04 -28.24
N GLU D 109 37.96 28.47 -29.33
CA GLU D 109 38.38 29.28 -30.46
C GLU D 109 37.26 29.59 -31.42
N LYS D 110 36.03 29.19 -31.11
CA LYS D 110 34.86 29.46 -31.96
C LYS D 110 33.72 30.10 -31.20
N LEU D 111 33.97 30.67 -30.02
CA LEU D 111 32.91 31.15 -29.15
C LEU D 111 32.77 32.67 -29.11
N PHE D 112 33.47 33.41 -29.96
CA PHE D 112 33.35 34.86 -29.89
C PHE D 112 32.01 35.35 -30.42
N GLU D 113 31.36 34.57 -31.28
CA GLU D 113 30.10 34.98 -31.87
C GLU D 113 28.89 34.67 -31.01
N THR D 114 29.05 33.86 -29.97
CA THR D 114 27.91 33.54 -29.11
C THR D 114 27.80 34.47 -27.92
N LEU D 115 28.76 35.34 -27.74
CA LEU D 115 28.88 36.18 -26.54
C LEU D 115 27.84 37.28 -26.32
N PRO D 116 27.31 37.98 -27.35
CA PRO D 116 26.19 38.90 -27.05
C PRO D 116 24.94 38.20 -26.55
N LYS D 117 24.70 36.98 -26.99
CA LYS D 117 23.62 36.19 -26.42
C LYS D 117 23.92 35.81 -24.97
N PHE D 118 25.20 35.61 -24.66
CA PHE D 118 25.60 35.33 -23.27
C PHE D 118 25.36 36.55 -22.40
N VAL D 119 25.66 37.74 -22.90
CA VAL D 119 25.44 38.96 -22.14
C VAL D 119 23.95 39.19 -21.93
N GLU D 120 23.15 38.95 -22.96
CA GLU D 120 21.73 39.20 -22.84
C GLU D 120 21.06 38.13 -21.96
N ALA D 121 21.66 36.95 -21.85
CA ALA D 121 21.20 35.98 -20.87
C ALA D 121 21.66 36.32 -19.46
N PHE D 122 22.83 36.95 -19.34
CA PHE D 122 23.33 37.36 -18.04
C PHE D 122 22.51 38.49 -17.44
N LYS D 123 21.95 39.35 -18.31
CA LYS D 123 21.20 40.51 -17.83
C LYS D 123 19.93 40.11 -17.09
N ALA D 124 19.39 38.93 -17.38
CA ALA D 124 18.18 38.46 -16.72
C ALA D 124 18.41 38.21 -15.24
N TYR D 125 19.58 37.67 -14.88
CA TYR D 125 19.87 37.47 -13.47
C TYR D 125 20.45 38.72 -12.86
N HIS D 126 21.12 39.55 -13.67
CA HIS D 126 21.65 40.80 -13.15
C HIS D 126 20.53 41.77 -12.79
N ALA D 127 19.38 41.65 -13.46
CA ALA D 127 18.23 42.46 -13.10
C ALA D 127 17.64 42.07 -11.75
N LYS D 128 17.82 40.82 -11.33
CA LYS D 128 17.35 40.42 -10.01
C LYS D 128 18.37 40.73 -8.93
N TYR D 129 19.58 40.18 -9.06
CA TYR D 129 20.52 40.22 -7.94
C TYR D 129 21.26 41.56 -7.85
N GLY D 130 21.69 42.08 -9.00
CA GLY D 130 22.36 43.37 -9.00
C GLY D 130 23.75 43.29 -8.43
N TYR D 131 24.63 42.59 -9.13
CA TYR D 131 25.94 42.22 -8.61
C TYR D 131 26.84 43.44 -8.47
N PRO D 132 27.35 43.74 -7.27
CA PRO D 132 28.35 44.80 -7.14
C PRO D 132 29.73 44.37 -7.56
N LEU D 133 29.98 43.08 -7.71
CA LEU D 133 31.28 42.59 -8.18
C LEU D 133 31.07 41.52 -9.23
N ILE D 134 31.89 41.58 -10.28
CA ILE D 134 31.96 40.56 -11.30
C ILE D 134 33.42 40.21 -11.54
N HIS D 135 33.77 38.95 -11.33
CA HIS D 135 35.13 38.45 -11.48
C HIS D 135 35.16 37.54 -12.70
N THR D 136 35.47 38.13 -13.85
CA THR D 136 35.52 37.37 -15.07
C THR D 136 36.84 36.59 -15.17
N ASN D 137 36.78 35.51 -15.92
CA ASN D 137 37.88 34.56 -16.09
C ASN D 137 37.93 34.18 -17.54
N TYR D 138 39.14 34.19 -18.15
CA TYR D 138 39.34 33.86 -19.57
C TYR D 138 38.68 34.87 -20.51
N TRP D 139 39.55 35.59 -21.23
CA TRP D 139 39.22 36.62 -22.24
C TRP D 139 37.81 36.65 -22.85
N LEU D 140 37.24 35.50 -23.20
CA LEU D 140 35.85 35.48 -23.68
C LEU D 140 34.88 36.04 -22.64
N SER D 141 34.95 35.54 -21.42
CA SER D 141 34.18 36.12 -20.33
C SER D 141 34.65 37.50 -19.97
N GLY D 142 35.93 37.80 -20.22
CA GLY D 142 36.39 39.17 -20.08
C GLY D 142 35.71 40.13 -21.04
N TRP D 143 35.44 39.68 -22.27
CA TRP D 143 34.69 40.47 -23.23
C TRP D 143 33.26 40.65 -22.78
N VAL D 144 32.68 39.60 -22.19
CA VAL D 144 31.35 39.67 -21.61
C VAL D 144 31.27 40.77 -20.56
N GLY D 145 32.18 40.72 -19.58
CA GLY D 145 32.19 41.73 -18.53
C GLY D 145 32.56 43.11 -19.02
N TRP D 146 33.33 43.17 -20.10
CA TRP D 146 33.70 44.45 -20.70
C TRP D 146 32.50 45.10 -21.39
N GLN D 147 31.64 44.29 -21.98
CA GLN D 147 30.38 44.83 -22.48
C GLN D 147 29.40 45.15 -21.36
N LEU D 148 29.56 44.51 -20.20
CA LEU D 148 28.68 44.81 -19.08
C LEU D 148 29.02 46.13 -18.40
N ARG D 149 30.32 46.45 -18.27
CA ARG D 149 30.76 47.69 -17.64
C ARG D 149 30.34 48.93 -18.42
N GLN D 150 30.06 48.79 -19.72
CA GLN D 150 29.60 49.92 -20.51
C GLN D 150 28.19 50.36 -20.12
N GLN D 151 27.39 49.44 -19.59
CA GLN D 151 26.03 49.73 -19.19
C GLN D 151 25.84 49.78 -17.68
N PHE D 152 26.53 48.91 -16.95
CA PHE D 152 26.31 48.76 -15.52
C PHE D 152 27.56 49.18 -14.76
N ASN D 153 27.36 49.50 -13.48
CA ASN D 153 28.43 49.86 -12.58
C ASN D 153 28.66 48.74 -11.59
N PHE D 154 29.90 48.24 -11.54
CA PHE D 154 30.28 47.14 -10.69
C PHE D 154 31.80 47.12 -10.61
N GLN D 155 32.31 46.44 -9.59
CA GLN D 155 33.74 46.21 -9.50
C GLN D 155 34.11 45.02 -10.37
N TRP D 156 34.92 45.26 -11.38
CA TRP D 156 35.25 44.24 -12.37
C TRP D 156 36.67 43.75 -12.13
N LEU D 157 36.76 42.47 -11.79
CA LEU D 157 38.03 41.80 -11.69
C LEU D 157 38.16 40.82 -12.84
N HIS D 158 39.40 40.44 -13.14
CA HIS D 158 39.62 39.54 -14.26
C HIS D 158 40.83 38.66 -13.97
N THR D 159 40.73 37.40 -14.35
CA THR D 159 41.86 36.49 -14.34
C THR D 159 41.99 35.89 -15.74
N TYR D 160 43.16 36.02 -16.34
CA TYR D 160 43.30 35.62 -17.75
C TYR D 160 43.34 34.12 -17.93
N HIS D 161 44.16 33.44 -17.13
CA HIS D 161 44.48 32.01 -17.08
C HIS D 161 45.34 31.55 -18.25
N SER D 162 45.44 32.37 -19.29
CA SER D 162 46.24 32.09 -20.47
C SER D 162 46.30 33.36 -21.29
N LEU D 163 47.52 33.81 -21.59
CA LEU D 163 47.71 34.98 -22.43
C LEU D 163 47.98 34.53 -23.85
N GLY D 164 47.24 35.10 -24.81
CA GLY D 164 47.44 34.74 -26.20
C GLY D 164 48.75 35.29 -26.75
N VAL D 165 49.22 36.40 -26.20
CA VAL D 165 50.43 37.04 -26.73
C VAL D 165 51.66 36.21 -26.35
N VAL D 166 51.56 35.44 -25.27
CA VAL D 166 52.61 34.49 -24.92
C VAL D 166 52.40 33.16 -25.63
N LYS D 167 51.14 32.83 -25.93
CA LYS D 167 50.78 31.61 -26.65
C LYS D 167 51.32 31.61 -28.07
N TYR D 168 51.22 32.75 -28.75
CA TYR D 168 51.42 32.80 -30.19
C TYR D 168 52.89 32.99 -30.58
N GLN D 169 53.79 32.81 -29.62
CA GLN D 169 55.22 32.81 -29.90
C GLN D 169 55.80 31.41 -30.03
N VAL D 170 54.99 30.38 -29.81
CA VAL D 170 55.48 29.00 -29.84
C VAL D 170 55.46 28.53 -31.29
N ALA D 171 56.54 27.87 -31.72
CA ALA D 171 56.63 27.37 -33.08
C ALA D 171 55.81 26.10 -33.31
N SER D 172 55.11 25.63 -32.28
CA SER D 172 54.19 24.50 -32.39
C SER D 172 52.85 24.96 -32.94
N GLU D 173 51.80 24.16 -32.75
CA GLU D 173 50.47 24.46 -33.26
C GLU D 173 49.95 25.78 -32.66
N GLN D 174 48.96 26.35 -33.36
CA GLN D 174 48.45 27.71 -33.14
C GLN D 174 49.58 28.72 -33.29
N ALA D 175 50.36 28.55 -34.35
CA ALA D 175 51.08 29.66 -34.94
C ALA D 175 50.14 30.61 -35.65
N GLN D 176 48.94 30.15 -36.00
CA GLN D 176 47.83 31.02 -36.35
C GLN D 176 47.46 31.88 -35.13
N ARG D 177 47.05 33.11 -35.37
CA ARG D 177 46.86 34.09 -34.33
C ARG D 177 45.44 34.65 -34.37
N ASP D 178 44.90 34.95 -33.20
CA ASP D 178 43.58 35.55 -33.07
C ASP D 178 43.75 36.98 -32.59
N GLU D 179 43.66 37.93 -33.53
CA GLU D 179 43.89 39.33 -33.19
C GLU D 179 42.76 39.92 -32.36
N THR D 180 41.55 39.35 -32.46
CA THR D 180 40.45 39.77 -31.60
C THR D 180 40.77 39.48 -30.14
N ARG D 181 41.40 38.33 -29.88
CA ARG D 181 41.82 37.97 -28.53
C ARG D 181 42.85 38.94 -27.99
N LEU D 182 43.83 39.33 -28.81
CA LEU D 182 44.86 40.26 -28.34
C LEU D 182 44.28 41.64 -28.09
N MET D 183 43.36 42.08 -28.94
CA MET D 183 42.72 43.38 -28.77
C MET D 183 41.90 43.43 -27.49
N VAL D 184 41.10 42.40 -27.25
CA VAL D 184 40.23 42.42 -26.08
C VAL D 184 41.05 42.17 -24.81
N GLU D 185 42.10 41.36 -24.89
CA GLU D 185 42.97 41.17 -23.73
C GLU D 185 43.76 42.42 -23.39
N LYS D 186 44.03 43.26 -24.38
CA LYS D 186 44.62 44.56 -24.06
C LYS D 186 43.59 45.47 -23.40
N ALA D 187 42.37 45.48 -23.94
CA ALA D 187 41.31 46.35 -23.42
C ALA D 187 40.83 45.95 -22.03
N ILE D 188 40.93 44.67 -21.68
CA ILE D 188 40.60 44.21 -20.33
C ILE D 188 41.54 44.84 -19.32
N LEU D 189 42.85 44.69 -19.53
CA LEU D 189 43.84 45.26 -18.62
C LEU D 189 43.78 46.78 -18.60
N GLU D 190 43.42 47.39 -19.72
CA GLU D 190 43.29 48.85 -19.73
C GLU D 190 42.03 49.31 -19.00
N ASN D 191 40.99 48.47 -18.92
CA ASN D 191 39.70 48.93 -18.41
C ASN D 191 39.21 48.20 -17.16
N ALA D 192 39.87 47.14 -16.71
CA ALA D 192 39.36 46.42 -15.55
C ALA D 192 39.77 47.10 -14.26
N ASP D 193 38.94 46.96 -13.24
CA ASP D 193 39.24 47.53 -11.94
C ASP D 193 40.37 46.76 -11.27
N CYS D 194 40.37 45.43 -11.38
CA CYS D 194 41.54 44.69 -10.90
C CYS D 194 41.78 43.45 -11.74
N VAL D 195 43.05 43.15 -11.97
CA VAL D 195 43.47 42.00 -12.75
C VAL D 195 44.30 41.09 -11.85
N ILE D 196 43.81 39.89 -11.61
CA ILE D 196 44.53 38.91 -10.84
C ILE D 196 45.57 38.25 -11.74
N VAL D 197 46.81 38.28 -11.30
CA VAL D 197 47.85 37.49 -11.95
C VAL D 197 48.22 36.36 -11.00
N THR D 198 48.54 35.22 -11.59
CA THR D 198 48.80 34.00 -10.85
C THR D 198 50.28 33.71 -10.72
N SER D 199 51.13 34.56 -11.28
CA SER D 199 52.58 34.42 -11.25
C SER D 199 53.18 35.77 -11.59
N PRO D 200 54.36 36.09 -11.05
CA PRO D 200 55.01 37.34 -11.45
C PRO D 200 55.56 37.30 -12.86
N GLN D 201 55.79 36.11 -13.41
CA GLN D 201 56.10 35.99 -14.83
C GLN D 201 54.94 36.44 -15.70
N GLU D 202 53.71 36.19 -15.25
CA GLU D 202 52.54 36.67 -15.98
C GLU D 202 52.45 38.18 -15.95
N GLU D 203 52.79 38.80 -14.82
CA GLU D 203 52.80 40.26 -14.75
C GLU D 203 53.91 40.83 -15.63
N ALA D 204 55.05 40.14 -15.69
CA ALA D 204 56.14 40.54 -16.58
C ALA D 204 55.71 40.49 -18.04
N TYR D 205 54.99 39.42 -18.40
CA TYR D 205 54.51 39.25 -19.77
C TYR D 205 53.46 40.30 -20.12
N LEU D 206 52.63 40.65 -19.15
CA LEU D 206 51.62 41.69 -19.36
C LEU D 206 52.26 43.05 -19.55
N ARG D 207 53.24 43.40 -18.72
CA ARG D 207 53.83 44.72 -18.83
C ARG D 207 54.80 44.81 -20.00
N ARG D 208 55.28 43.68 -20.52
CA ARG D 208 56.14 43.70 -21.69
C ARG D 208 55.35 43.70 -23.00
N TRP D 209 54.26 42.95 -23.07
CA TRP D 209 53.62 42.66 -24.35
C TRP D 209 52.20 43.16 -24.47
N VAL D 210 51.53 43.50 -23.38
CA VAL D 210 50.13 43.88 -23.47
C VAL D 210 49.98 45.38 -23.19
N SER D 211 50.30 45.80 -21.97
CA SER D 211 50.16 47.20 -21.59
C SER D 211 50.93 47.43 -20.30
N LYS D 212 51.31 48.68 -20.08
CA LYS D 212 51.91 49.10 -18.83
C LYS D 212 50.86 49.64 -17.87
N ALA D 213 49.77 50.21 -18.36
CA ALA D 213 48.74 50.77 -17.51
C ALA D 213 47.88 49.64 -16.92
N GLY D 214 46.86 50.02 -16.18
CA GLY D 214 45.97 49.05 -15.58
C GLY D 214 46.45 48.54 -14.23
N GLN D 215 45.52 48.23 -13.34
CA GLN D 215 45.87 47.81 -11.99
C GLN D 215 45.92 46.30 -11.91
N THR D 216 47.02 45.77 -11.38
CA THR D 216 47.21 44.35 -11.27
C THR D 216 47.40 43.98 -9.80
N ARG D 217 47.29 42.68 -9.51
CA ARG D 217 47.44 42.19 -8.15
C ARG D 217 47.92 40.76 -8.20
N LEU D 218 48.99 40.45 -7.48
CA LEU D 218 49.55 39.11 -7.45
C LEU D 218 48.84 38.29 -6.38
N ILE D 219 47.95 37.42 -6.82
CA ILE D 219 47.37 36.39 -5.95
C ILE D 219 47.52 35.06 -6.69
N PRO D 220 48.39 34.17 -6.23
CA PRO D 220 48.67 32.95 -6.98
C PRO D 220 47.54 31.93 -6.87
N CYS D 221 47.78 30.78 -7.49
CA CYS D 221 46.84 29.68 -7.46
C CYS D 221 47.25 28.71 -6.39
N GLY D 222 46.29 28.26 -5.59
CA GLY D 222 46.59 27.34 -4.52
C GLY D 222 45.92 26.00 -4.73
N THR D 223 46.35 25.00 -3.98
CA THR D 223 45.76 23.68 -4.04
C THR D 223 45.20 23.33 -2.67
N ASN D 224 44.41 22.26 -2.64
CA ASN D 224 43.84 21.77 -1.40
C ASN D 224 44.77 20.69 -0.87
N LEU D 225 45.33 20.93 0.31
CA LEU D 225 46.17 19.94 0.95
C LEU D 225 45.37 18.82 1.59
N LYS D 226 44.06 18.96 1.69
CA LYS D 226 43.21 17.85 2.11
C LYS D 226 42.99 16.87 0.96
N LEU D 227 42.97 17.35 -0.28
CA LEU D 227 42.86 16.46 -1.41
C LEU D 227 44.21 15.96 -1.89
N PHE D 228 45.30 16.58 -1.47
CA PHE D 228 46.62 16.20 -1.94
C PHE D 228 47.56 16.02 -0.77
N TYR D 229 48.02 14.79 -0.60
CA TYR D 229 48.84 14.37 0.53
C TYR D 229 49.55 13.08 0.13
N PRO D 230 50.69 12.78 0.75
CA PRO D 230 51.35 11.50 0.50
C PRO D 230 50.53 10.33 1.03
N VAL D 231 50.44 9.28 0.22
CA VAL D 231 49.58 8.16 0.49
C VAL D 231 50.35 6.94 0.98
N ALA D 232 51.39 6.53 0.23
CA ALA D 232 52.37 5.48 0.51
C ALA D 232 51.79 4.06 0.52
N ASP D 233 50.47 3.93 0.41
CA ASP D 233 49.87 2.66 0.03
C ASP D 233 49.34 2.82 -1.38
N ALA D 234 50.04 3.64 -2.17
CA ALA D 234 49.59 3.97 -3.52
C ALA D 234 49.74 2.78 -4.44
N ARG D 235 50.85 2.06 -4.32
CA ARG D 235 51.07 0.88 -5.15
C ARG D 235 50.24 -0.31 -4.71
N ALA D 236 49.60 -0.25 -3.54
CA ALA D 236 48.65 -1.28 -3.16
C ALA D 236 47.35 -1.13 -3.93
N GLN D 237 46.88 0.11 -4.11
CA GLN D 237 45.61 0.32 -4.78
C GLN D 237 45.71 0.29 -6.30
N LEU D 238 46.91 0.23 -6.87
CA LEU D 238 47.06 0.32 -8.30
C LEU D 238 47.65 -0.93 -8.94
N ASN D 239 48.03 -1.92 -8.13
CA ASN D 239 48.72 -3.15 -8.55
C ASN D 239 49.99 -2.81 -9.34
N LEU D 240 50.89 -2.13 -8.66
CA LEU D 240 52.13 -1.67 -9.26
C LEU D 240 53.31 -2.41 -8.66
N PRO D 241 54.37 -2.67 -9.45
CA PRO D 241 55.60 -3.22 -8.87
C PRO D 241 56.29 -2.18 -8.00
N ALA D 242 56.70 -2.62 -6.80
CA ALA D 242 57.23 -1.70 -5.81
C ALA D 242 58.62 -1.21 -6.14
N ASP D 243 59.34 -1.88 -7.04
CA ASP D 243 60.72 -1.53 -7.33
C ASP D 243 60.92 -0.94 -8.71
N GLU D 244 59.91 -0.90 -9.53
CA GLU D 244 60.14 -0.36 -10.85
C GLU D 244 59.87 1.14 -10.86
N PRO D 245 60.69 1.91 -11.58
CA PRO D 245 60.48 3.36 -11.63
C PRO D 245 59.26 3.73 -12.46
N ILE D 246 58.67 4.86 -12.11
CA ILE D 246 57.44 5.35 -12.74
C ILE D 246 57.60 6.83 -13.03
N VAL D 247 57.37 7.22 -14.27
CA VAL D 247 57.29 8.61 -14.65
C VAL D 247 55.83 8.93 -14.90
N LEU D 248 55.39 10.11 -14.45
CA LEU D 248 53.97 10.49 -14.49
C LEU D 248 53.79 11.77 -15.28
N TYR D 249 52.76 11.79 -16.11
CA TYR D 249 52.21 13.03 -16.66
C TYR D 249 50.74 13.08 -16.36
N VAL D 250 50.30 14.13 -15.68
CA VAL D 250 48.90 14.44 -15.52
C VAL D 250 48.64 15.73 -16.27
N GLY D 251 47.65 15.71 -17.14
CA GLY D 251 47.31 16.90 -17.90
C GLY D 251 46.47 16.55 -19.10
N ARG D 252 46.22 17.57 -19.90
CA ARG D 252 45.41 17.45 -21.10
C ARG D 252 46.27 16.96 -22.26
N PHE D 253 45.60 16.48 -23.30
CA PHE D 253 46.25 16.09 -24.55
C PHE D 253 46.18 17.30 -25.47
N ASP D 254 47.16 18.17 -25.35
CA ASP D 254 47.33 19.33 -26.19
C ASP D 254 48.79 19.35 -26.64
N ARG D 255 49.03 19.88 -27.84
CA ARG D 255 50.41 19.92 -28.34
C ARG D 255 51.27 20.91 -27.58
N ARG D 256 50.67 21.86 -26.85
CA ARG D 256 51.45 22.79 -26.05
C ARG D 256 51.97 22.15 -24.78
N LYS D 257 51.47 20.97 -24.42
CA LYS D 257 51.85 20.29 -23.20
C LYS D 257 53.12 19.48 -23.35
N GLY D 258 53.62 19.30 -24.56
CA GLY D 258 54.92 18.69 -24.74
C GLY D 258 54.99 17.21 -24.49
N ILE D 259 53.89 16.47 -24.74
CA ILE D 259 53.88 15.04 -24.46
C ILE D 259 54.76 14.29 -25.44
N GLU D 260 54.94 14.84 -26.65
CA GLU D 260 55.88 14.29 -27.62
C GLU D 260 57.31 14.27 -27.08
N THR D 261 57.68 15.32 -26.35
CA THR D 261 59.02 15.42 -25.78
C THR D 261 59.23 14.38 -24.69
N LEU D 262 58.21 14.16 -23.86
CA LEU D 262 58.28 13.14 -22.81
C LEU D 262 58.37 11.74 -23.40
N VAL D 263 57.60 11.49 -24.46
CA VAL D 263 57.62 10.18 -25.11
C VAL D 263 58.97 9.93 -25.78
N ALA D 264 59.55 10.96 -26.38
CA ALA D 264 60.86 10.83 -26.98
C ALA D 264 61.94 10.64 -25.92
N ALA D 265 61.76 11.25 -24.75
CA ALA D 265 62.73 11.09 -23.69
C ALA D 265 62.63 9.72 -23.02
N MET D 266 61.46 9.08 -23.08
CA MET D 266 61.37 7.71 -22.56
C MET D 266 62.08 6.70 -23.44
N ALA D 267 62.44 7.06 -24.67
CA ALA D 267 63.19 6.20 -25.56
C ALA D 267 64.68 6.21 -25.28
N GLN D 268 65.11 6.87 -24.22
CA GLN D 268 66.51 6.90 -23.84
C GLN D 268 66.77 6.29 -22.47
N ILE D 269 65.73 5.81 -21.81
CA ILE D 269 65.81 5.31 -20.43
C ILE D 269 65.38 3.85 -20.44
N PRO D 270 66.22 2.93 -19.99
CA PRO D 270 65.99 1.50 -20.26
C PRO D 270 64.87 0.87 -19.46
N GLN D 271 64.55 1.43 -18.30
CA GLN D 271 63.44 0.97 -17.49
C GLN D 271 62.49 2.12 -17.25
N GLY D 272 61.35 1.81 -16.63
CA GLY D 272 60.45 2.87 -16.26
C GLY D 272 59.13 2.88 -17.00
N GLN D 273 58.08 2.41 -16.33
CA GLN D 273 56.74 2.46 -16.89
C GLN D 273 56.20 3.88 -16.85
N LEU D 274 56.06 4.51 -18.01
CA LEU D 274 55.42 5.80 -18.08
C LEU D 274 53.92 5.66 -17.92
N LEU D 275 53.33 6.51 -17.09
CA LEU D 275 51.88 6.61 -16.96
C LEU D 275 51.45 7.97 -17.46
N LEU D 276 50.42 7.98 -18.31
CA LEU D 276 49.84 9.24 -18.76
C LEU D 276 48.41 9.29 -18.27
N VAL D 277 48.11 10.29 -17.45
CA VAL D 277 46.80 10.45 -16.83
C VAL D 277 46.11 11.65 -17.44
N GLY D 278 44.94 11.42 -18.03
CA GLY D 278 44.22 12.48 -18.68
C GLY D 278 43.14 11.94 -19.58
N GLY D 279 42.00 12.62 -19.60
CA GLY D 279 40.89 12.23 -20.44
C GLY D 279 40.91 12.95 -21.76
N SER D 280 40.09 12.46 -22.67
CA SER D 280 40.01 12.95 -24.05
C SER D 280 38.74 12.38 -24.66
N ASP D 281 38.47 12.78 -25.89
CA ASP D 281 37.37 12.25 -26.68
C ASP D 281 37.77 12.23 -28.14
N PRO D 282 37.26 11.28 -28.93
CA PRO D 282 37.64 11.20 -30.33
C PRO D 282 36.98 12.26 -31.19
N GLN D 283 35.79 12.69 -30.82
CA GLN D 283 35.09 13.70 -31.61
C GLN D 283 35.66 15.09 -31.37
N ARG D 284 36.37 15.27 -30.27
CA ARG D 284 36.86 16.59 -29.87
C ARG D 284 38.23 16.86 -30.46
N SER D 285 38.51 18.14 -30.72
CA SER D 285 39.77 18.57 -31.31
C SER D 285 40.96 18.28 -30.40
N ASP D 286 41.01 18.94 -29.26
CA ASP D 286 42.03 18.65 -28.27
C ASP D 286 41.59 17.44 -27.47
N GLY D 287 41.58 16.29 -28.11
CA GLY D 287 41.06 15.06 -27.52
C GLY D 287 41.90 13.93 -28.00
N ALA D 288 41.24 12.89 -28.53
CA ALA D 288 42.00 11.78 -29.10
C ALA D 288 42.63 12.13 -30.43
N GLU D 289 42.25 13.25 -31.04
CA GLU D 289 42.92 13.72 -32.25
C GLU D 289 44.35 14.16 -31.97
N ARG D 290 44.66 14.54 -30.73
CA ARG D 290 46.02 14.80 -30.31
C ARG D 290 46.55 13.73 -29.38
N ARG D 291 45.88 12.59 -29.31
CA ARG D 291 46.41 11.37 -28.72
C ARG D 291 47.12 10.53 -29.79
N ARG D 292 47.48 11.18 -30.90
CA ARG D 292 48.41 10.72 -31.93
C ARG D 292 49.82 10.49 -31.38
N ILE D 293 50.06 11.00 -30.17
CA ILE D 293 51.10 10.60 -29.25
C ILE D 293 51.26 9.08 -29.21
N GLU D 294 50.13 8.35 -29.17
CA GLU D 294 50.16 6.89 -29.27
C GLU D 294 50.81 6.41 -30.55
N GLY D 295 50.56 7.09 -31.67
CA GLY D 295 51.26 6.80 -32.90
C GLY D 295 52.76 7.06 -32.82
N LEU D 296 53.15 7.97 -31.93
CA LEU D 296 54.56 8.10 -31.59
C LEU D 296 55.01 7.02 -30.61
N VAL D 297 54.12 6.61 -29.70
CA VAL D 297 54.43 5.53 -28.76
C VAL D 297 54.73 4.24 -29.50
N GLN D 298 53.97 3.96 -30.54
CA GLN D 298 54.28 2.74 -31.32
C GLN D 298 55.58 3.01 -32.10
N GLU D 299 55.84 4.26 -32.46
CA GLU D 299 56.98 4.54 -33.32
C GLU D 299 58.30 4.30 -32.58
N TYR D 300 58.39 4.75 -31.34
CA TYR D 300 59.59 4.57 -30.54
C TYR D 300 59.67 3.19 -29.86
N ASN D 301 58.74 2.29 -30.18
CA ASN D 301 58.61 0.95 -29.57
C ASN D 301 58.46 1.05 -28.05
N LEU D 302 57.43 1.78 -27.63
CA LEU D 302 57.22 2.03 -26.21
C LEU D 302 55.87 1.57 -25.69
N GLY D 303 55.07 0.87 -26.50
CA GLY D 303 53.75 0.44 -26.08
C GLY D 303 53.77 -0.62 -24.99
N ASP D 304 54.91 -1.26 -24.79
CA ASP D 304 55.04 -2.28 -23.77
C ASP D 304 55.00 -1.67 -22.38
N ARG D 305 55.47 -0.43 -22.24
CA ARG D 305 55.64 0.17 -20.93
C ARG D 305 54.93 1.49 -20.74
N VAL D 306 54.45 2.14 -21.79
CA VAL D 306 53.68 3.37 -21.67
C VAL D 306 52.20 3.02 -21.54
N THR D 307 51.57 3.50 -20.48
CA THR D 307 50.18 3.19 -20.17
C THR D 307 49.36 4.47 -20.20
N PHE D 308 48.17 4.39 -20.80
CA PHE D 308 47.23 5.50 -20.87
C PHE D 308 46.13 5.18 -19.86
N VAL D 309 46.09 5.92 -18.75
CA VAL D 309 45.19 5.53 -17.68
C VAL D 309 43.76 6.01 -17.92
N GLY D 310 43.59 7.18 -18.53
CA GLY D 310 42.28 7.75 -18.71
C GLY D 310 42.08 8.98 -17.87
N GLN D 311 40.81 9.29 -17.62
CA GLN D 311 40.45 10.45 -16.82
C GLN D 311 40.29 10.03 -15.38
N ILE D 312 41.33 10.18 -14.60
CA ILE D 312 41.28 9.92 -13.17
C ILE D 312 40.61 11.12 -12.52
N ASP D 313 39.74 10.84 -11.54
CA ASP D 313 39.05 11.88 -10.80
C ASP D 313 40.04 12.76 -10.06
N HIS D 314 39.67 14.02 -9.85
CA HIS D 314 40.57 14.99 -9.22
C HIS D 314 40.83 14.64 -7.77
N GLU D 315 39.92 13.90 -7.13
CA GLU D 315 40.07 13.48 -5.75
C GLU D 315 40.73 12.12 -5.64
N TYR D 316 41.42 11.68 -6.69
CA TYR D 316 42.09 10.38 -6.62
C TYR D 316 43.50 10.51 -7.17
N LEU D 317 43.81 11.68 -7.75
CA LEU D 317 45.10 11.90 -8.40
C LEU D 317 46.28 11.82 -7.45
N ALA D 318 46.06 12.02 -6.14
CA ALA D 318 47.14 11.96 -5.17
C ALA D 318 47.77 10.58 -5.11
N VAL D 319 47.01 9.53 -5.43
CA VAL D 319 47.56 8.19 -5.50
C VAL D 319 48.54 8.07 -6.66
N TYR D 320 48.18 8.64 -7.81
CA TYR D 320 49.08 8.59 -8.97
C TYR D 320 50.28 9.49 -8.79
N TYR D 321 50.11 10.63 -8.09
CA TYR D 321 51.26 11.46 -7.78
C TYR D 321 52.18 10.79 -6.77
N SER D 322 51.59 10.05 -5.83
CA SER D 322 52.38 9.46 -4.75
C SER D 322 53.10 8.21 -5.21
N ALA D 323 52.49 7.45 -6.13
CA ALA D 323 53.13 6.25 -6.64
C ALA D 323 54.26 6.56 -7.61
N ALA D 324 54.32 7.77 -8.12
CA ALA D 324 55.33 8.12 -9.11
C ALA D 324 56.62 8.55 -8.43
N ASN D 325 57.74 8.32 -9.13
CA ASN D 325 59.00 8.86 -8.67
C ASN D 325 59.24 10.26 -9.20
N VAL D 326 58.50 10.67 -10.23
CA VAL D 326 58.65 11.99 -10.82
C VAL D 326 57.36 12.34 -11.57
N CYS D 327 56.92 13.58 -11.41
CA CYS D 327 55.93 14.20 -12.27
C CYS D 327 56.65 15.15 -13.20
N VAL D 328 56.33 15.07 -14.49
CA VAL D 328 56.99 15.88 -15.51
C VAL D 328 55.94 16.77 -16.15
N VAL D 329 56.24 18.06 -16.22
CA VAL D 329 55.41 19.01 -16.95
C VAL D 329 56.24 19.55 -18.11
N PRO D 330 56.20 18.90 -19.27
CA PRO D 330 57.09 19.29 -20.37
C PRO D 330 56.54 20.39 -21.26
N SER D 331 55.59 21.17 -20.76
CA SER D 331 54.79 22.09 -21.56
C SER D 331 55.64 23.14 -22.27
N TYR D 332 55.21 23.48 -23.49
CA TYR D 332 55.95 24.41 -24.34
C TYR D 332 55.69 25.86 -23.96
N TYR D 333 54.56 26.13 -23.33
CA TYR D 333 54.36 27.33 -22.53
C TYR D 333 53.34 26.95 -21.47
N GLU D 334 53.46 27.55 -20.30
CA GLU D 334 52.57 27.14 -19.23
C GLU D 334 52.38 28.23 -18.19
N PRO D 335 51.31 29.00 -18.29
CA PRO D 335 51.01 30.02 -17.27
C PRO D 335 50.48 29.42 -15.98
N PHE D 336 51.37 29.08 -15.04
CA PHE D 336 51.07 28.39 -13.78
C PHE D 336 50.48 27.02 -14.04
N GLY D 337 51.31 26.04 -14.41
CA GLY D 337 50.89 24.66 -14.31
C GLY D 337 50.40 24.26 -12.94
N LEU D 338 49.13 23.89 -12.85
CA LEU D 338 48.51 23.59 -11.57
C LEU D 338 48.78 22.17 -11.14
N VAL D 339 49.19 21.28 -12.05
CA VAL D 339 49.57 19.93 -11.61
C VAL D 339 50.93 19.93 -10.97
N ALA D 340 51.71 21.00 -11.11
CA ALA D 340 53.01 21.09 -10.45
C ALA D 340 52.84 21.17 -8.94
N ILE D 341 51.93 22.04 -8.48
CA ILE D 341 51.75 22.19 -7.04
C ILE D 341 50.97 21.02 -6.47
N GLU D 342 50.09 20.40 -7.27
CA GLU D 342 49.43 19.17 -6.84
C GLU D 342 50.42 18.04 -6.64
N ALA D 343 51.43 17.98 -7.50
CA ALA D 343 52.45 16.94 -7.41
C ALA D 343 53.43 17.21 -6.29
N MET D 344 53.79 18.47 -6.07
CA MET D 344 54.68 18.79 -4.96
C MET D 344 54.00 18.57 -3.63
N ALA D 345 52.69 18.90 -3.55
CA ALA D 345 51.94 18.70 -2.33
C ALA D 345 51.71 17.24 -1.99
N CYS D 346 51.97 16.32 -2.91
CA CYS D 346 51.89 14.89 -2.64
C CYS D 346 53.24 14.28 -2.37
N GLY D 347 54.29 15.09 -2.28
CA GLY D 347 55.61 14.58 -1.98
C GLY D 347 56.38 14.05 -3.17
N THR D 348 56.04 14.46 -4.37
CA THR D 348 56.67 13.95 -5.57
C THR D 348 57.49 15.06 -6.23
N PRO D 349 58.75 14.82 -6.56
CA PRO D 349 59.53 15.86 -7.25
C PRO D 349 59.05 16.05 -8.68
N VAL D 350 59.24 17.27 -9.17
CA VAL D 350 58.69 17.70 -10.45
C VAL D 350 59.83 18.14 -11.34
N ILE D 351 59.91 17.54 -12.52
CA ILE D 351 60.73 18.07 -13.59
C ILE D 351 59.83 18.83 -14.54
N ALA D 352 60.11 20.12 -14.72
CA ALA D 352 59.21 20.99 -15.47
C ALA D 352 60.02 21.78 -16.49
N SER D 353 59.32 22.20 -17.54
CA SER D 353 59.94 23.05 -18.55
C SER D 353 59.91 24.49 -18.06
N ALA D 354 61.03 25.19 -18.18
CA ALA D 354 61.13 26.57 -17.72
C ALA D 354 60.44 27.52 -18.68
N VAL D 355 59.14 27.69 -18.55
CA VAL D 355 58.42 28.56 -19.47
C VAL D 355 57.62 29.67 -18.77
N GLY D 356 56.75 29.29 -17.85
CA GLY D 356 55.85 30.26 -17.25
C GLY D 356 55.83 30.20 -15.75
N GLY D 357 54.67 29.90 -15.17
CA GLY D 357 54.55 29.78 -13.73
C GLY D 357 55.22 28.54 -13.18
N LEU D 358 55.62 27.61 -14.05
CA LEU D 358 56.46 26.50 -13.63
C LEU D 358 57.81 26.96 -13.10
N GLN D 359 58.30 28.11 -13.61
CA GLN D 359 59.48 28.73 -13.02
C GLN D 359 59.19 29.25 -11.63
N PHE D 360 57.93 29.61 -11.36
CA PHE D 360 57.58 30.22 -10.08
C PHE D 360 57.32 29.17 -9.01
N THR D 361 56.70 28.06 -9.39
CA THR D 361 56.40 27.02 -8.41
C THR D 361 57.60 26.16 -8.10
N VAL D 362 58.25 25.63 -9.12
CA VAL D 362 59.33 24.67 -8.95
C VAL D 362 60.64 25.41 -8.83
N ILE D 363 61.36 25.16 -7.74
CA ILE D 363 62.69 25.72 -7.51
C ILE D 363 63.71 24.75 -8.10
N PRO D 364 64.70 25.23 -8.87
CA PRO D 364 65.55 24.31 -9.64
C PRO D 364 66.46 23.40 -8.84
N GLU D 365 66.61 23.60 -7.53
CA GLU D 365 67.39 22.66 -6.73
C GLU D 365 66.74 22.26 -5.41
N GLU D 366 65.65 22.91 -4.98
CA GLU D 366 64.99 22.55 -3.75
C GLU D 366 63.88 21.53 -3.97
N THR D 367 63.07 21.73 -5.02
CA THR D 367 61.88 20.94 -5.24
C THR D 367 62.01 19.97 -6.41
N GLY D 368 62.60 20.41 -7.50
CA GLY D 368 62.78 19.57 -8.66
C GLY D 368 63.82 20.13 -9.59
N LEU D 369 63.59 19.98 -10.89
CA LEU D 369 64.52 20.44 -11.91
C LEU D 369 63.80 21.17 -13.02
N LEU D 370 64.45 22.19 -13.56
CA LEU D 370 63.94 22.94 -14.69
C LEU D 370 64.78 22.63 -15.93
N VAL D 371 64.10 22.27 -17.01
CA VAL D 371 64.74 21.81 -18.24
C VAL D 371 64.30 22.76 -19.35
N PRO D 372 65.04 22.81 -20.46
CA PRO D 372 64.57 23.55 -21.62
C PRO D 372 63.31 22.93 -22.20
N PRO D 373 62.48 23.71 -22.92
CA PRO D 373 61.21 23.18 -23.42
C PRO D 373 61.34 22.08 -24.46
N GLN D 374 62.00 22.34 -25.58
CA GLN D 374 62.01 21.39 -26.69
C GLN D 374 63.41 20.81 -26.85
N ASP D 375 63.73 19.83 -25.99
CA ASP D 375 64.80 18.85 -26.20
C ASP D 375 64.60 17.68 -25.25
N ALA D 376 64.33 16.50 -25.81
CA ALA D 376 64.08 15.32 -24.98
C ALA D 376 65.35 14.78 -24.36
N ASN D 377 66.52 15.15 -24.89
CA ASN D 377 67.79 14.70 -24.31
C ASN D 377 68.00 15.34 -22.94
N ALA D 378 67.69 16.62 -22.80
CA ALA D 378 67.83 17.31 -21.53
C ALA D 378 66.83 16.80 -20.51
N LEU D 379 65.60 16.54 -20.97
CA LEU D 379 64.57 15.98 -20.10
C LEU D 379 64.94 14.59 -19.62
N ALA D 380 65.46 13.75 -20.52
CA ALA D 380 65.92 12.43 -20.14
C ALA D 380 67.14 12.49 -19.25
N ASN D 381 67.98 13.52 -19.39
CA ASN D 381 69.13 13.68 -18.51
C ASN D 381 68.67 14.03 -17.09
N ALA D 382 67.63 14.85 -16.98
CA ALA D 382 67.10 15.19 -15.66
C ALA D 382 66.42 13.99 -15.00
N ILE D 383 65.68 13.21 -15.79
CA ILE D 383 65.06 11.99 -15.26
C ILE D 383 66.13 10.98 -14.88
N GLN D 384 67.24 10.95 -15.64
CA GLN D 384 68.35 10.06 -15.33
C GLN D 384 69.07 10.50 -14.06
N ARG D 385 69.10 11.82 -13.80
CA ARG D 385 69.62 12.29 -12.53
C ARG D 385 68.75 11.83 -11.37
N ILE D 386 67.47 12.17 -11.41
CA ILE D 386 66.68 11.96 -10.19
C ILE D 386 66.13 10.55 -10.08
N LEU D 387 66.33 9.69 -11.07
CA LEU D 387 66.12 8.26 -10.84
C LEU D 387 67.38 7.55 -10.41
N ALA D 388 68.54 8.19 -10.55
CA ALA D 388 69.77 7.60 -10.05
C ALA D 388 69.80 7.64 -8.53
N ASP D 389 69.24 8.70 -7.95
CA ASP D 389 69.28 8.88 -6.51
C ASP D 389 67.85 9.04 -6.00
N PRO D 390 67.20 7.96 -5.58
CA PRO D 390 65.81 8.06 -5.13
C PRO D 390 65.63 8.82 -3.83
N ALA D 391 66.59 8.76 -2.91
CA ALA D 391 66.49 9.48 -1.66
C ALA D 391 66.59 10.98 -1.86
N TRP D 392 67.42 11.40 -2.82
CA TRP D 392 67.47 12.81 -3.18
C TRP D 392 66.16 13.26 -3.81
N ALA D 393 65.53 12.37 -4.59
CA ALA D 393 64.22 12.67 -5.15
C ALA D 393 63.16 12.81 -4.06
N ARG D 394 63.24 11.96 -3.03
CA ARG D 394 62.28 12.04 -1.94
C ARG D 394 62.48 13.30 -1.09
N THR D 395 63.71 13.72 -0.89
CA THR D 395 63.88 14.96 -0.12
C THR D 395 63.53 16.18 -0.96
N LEU D 396 63.71 16.12 -2.29
CA LEU D 396 63.14 17.15 -3.17
C LEU D 396 61.62 17.19 -3.11
N GLY D 397 60.98 16.03 -3.03
CA GLY D 397 59.53 15.98 -2.93
C GLY D 397 58.99 16.53 -1.64
N LYS D 398 59.63 16.21 -0.52
CA LYS D 398 59.14 16.75 0.75
C LYS D 398 59.44 18.24 0.88
N ASN D 399 60.53 18.71 0.27
CA ASN D 399 60.75 20.15 0.21
C ASN D 399 59.70 20.83 -0.64
N GLY D 400 59.25 20.15 -1.70
CA GLY D 400 58.15 20.67 -2.50
C GLY D 400 56.84 20.73 -1.75
N ARG D 401 56.57 19.74 -0.90
CA ARG D 401 55.36 19.81 -0.09
C ARG D 401 55.44 20.94 0.92
N GLU D 402 56.62 21.15 1.52
CA GLU D 402 56.78 22.30 2.41
C GLU D 402 56.63 23.63 1.67
N ARG D 403 57.05 23.69 0.41
CA ARG D 403 56.90 24.93 -0.34
C ARG D 403 55.44 25.19 -0.70
N VAL D 404 54.69 24.15 -1.02
CA VAL D 404 53.26 24.33 -1.30
C VAL D 404 52.50 24.70 -0.04
N GLN D 405 52.89 24.13 1.11
CA GLN D 405 52.30 24.53 2.38
C GLN D 405 52.61 25.98 2.71
N ALA D 406 53.80 26.45 2.33
CA ALA D 406 54.17 27.82 2.63
C ALA D 406 53.49 28.82 1.70
N LEU D 407 53.40 28.52 0.41
CA LEU D 407 53.06 29.54 -0.57
C LEU D 407 51.84 29.25 -1.43
N PHE D 408 51.41 28.01 -1.58
CA PHE D 408 50.35 27.69 -2.52
C PHE D 408 49.26 26.88 -1.86
N ASN D 409 48.89 27.27 -0.65
CA ASN D 409 47.84 26.58 0.11
C ASN D 409 46.54 27.36 -0.08
N TRP D 410 45.52 26.70 -0.64
CA TRP D 410 44.26 27.39 -0.94
C TRP D 410 43.52 27.81 0.32
N GLU D 411 43.79 27.13 1.45
CA GLU D 411 43.27 27.57 2.74
C GLU D 411 43.78 28.96 3.10
N ALA D 412 44.98 29.32 2.64
CA ALA D 412 45.51 30.65 2.89
C ALA D 412 45.21 31.61 1.74
N ILE D 413 45.24 31.13 0.50
CA ILE D 413 45.04 32.02 -0.65
C ILE D 413 43.59 32.46 -0.75
N ALA D 414 42.65 31.62 -0.28
CA ALA D 414 41.24 31.99 -0.27
C ALA D 414 40.98 33.17 0.64
N LEU D 415 41.72 33.26 1.75
CA LEU D 415 41.60 34.41 2.62
C LEU D 415 42.10 35.68 1.96
N GLN D 416 43.12 35.56 1.10
CA GLN D 416 43.66 36.72 0.41
C GLN D 416 42.68 37.23 -0.63
N MET D 417 42.07 36.30 -1.38
CA MET D 417 41.00 36.67 -2.31
C MET D 417 39.82 37.30 -1.59
N GLY D 418 39.49 36.79 -0.40
CA GLY D 418 38.39 37.35 0.37
C GLY D 418 38.68 38.76 0.85
N GLN D 419 39.91 39.01 1.28
CA GLN D 419 40.31 40.35 1.68
C GLN D 419 40.32 41.30 0.49
N LEU D 420 40.68 40.80 -0.69
CA LEU D 420 40.66 41.64 -1.88
C LEU D 420 39.24 42.03 -2.25
N TYR D 421 38.31 41.08 -2.14
CA TYR D 421 36.92 41.42 -2.40
C TYR D 421 36.36 42.37 -1.36
N ARG D 422 36.77 42.21 -0.11
CA ARG D 422 36.35 43.15 0.93
C ARG D 422 36.87 44.56 0.70
N GLN D 423 38.10 44.72 0.17
CA GLN D 423 38.59 46.06 -0.04
C GLN D 423 38.21 46.67 -1.38
N LEU D 424 37.86 45.86 -2.38
CA LEU D 424 37.26 46.45 -3.58
C LEU D 424 35.78 46.74 -3.38
N PHE D 425 35.13 46.02 -2.47
CA PHE D 425 33.78 46.39 -2.05
C PHE D 425 33.83 47.56 -1.08
N ALA D 426 34.97 47.79 -0.42
CA ALA D 426 35.14 48.99 0.38
C ALA D 426 35.20 50.25 -0.47
N ALA D 427 35.59 50.12 -1.74
CA ALA D 427 35.38 51.19 -2.68
C ALA D 427 33.88 51.22 -2.98
N SER D 428 33.13 51.83 -2.06
CA SER D 428 31.65 51.84 -2.17
C SER D 428 31.21 52.38 -3.54
N ARG E 30 -14.41 -0.03 -27.08
CA ARG E 30 -13.60 -1.00 -27.80
C ARG E 30 -12.29 -1.20 -27.07
N GLN E 31 -12.03 -2.40 -26.56
CA GLN E 31 -10.85 -2.62 -25.76
C GLN E 31 -9.96 -3.67 -26.44
N PRO E 32 -8.68 -3.42 -26.57
CA PRO E 32 -7.79 -4.34 -27.28
C PRO E 32 -7.24 -5.46 -26.41
N ILE E 33 -6.74 -6.49 -27.08
CA ILE E 33 -6.24 -7.70 -26.46
C ILE E 33 -4.97 -8.14 -27.19
N ALA E 34 -3.94 -8.47 -26.42
CA ALA E 34 -2.77 -9.14 -26.96
C ALA E 34 -2.81 -10.62 -26.61
N LEU E 35 -2.65 -11.46 -27.63
CA LEU E 35 -2.44 -12.89 -27.46
C LEU E 35 -1.03 -13.20 -27.91
N ILE E 36 -0.18 -13.62 -26.99
CA ILE E 36 1.24 -13.81 -27.29
C ILE E 36 1.54 -15.30 -27.30
N SER E 37 2.06 -15.77 -28.44
CA SER E 37 2.43 -17.17 -28.65
C SER E 37 3.57 -17.18 -29.67
N VAL E 38 4.80 -17.32 -29.18
CA VAL E 38 5.98 -17.02 -30.00
C VAL E 38 6.18 -18.08 -31.09
N HIS E 39 6.28 -19.36 -30.71
CA HIS E 39 6.61 -20.38 -31.69
C HIS E 39 5.37 -20.93 -32.36
N GLY E 40 4.21 -20.79 -31.73
CA GLY E 40 2.98 -21.19 -32.35
C GLY E 40 2.33 -20.06 -33.11
N ASP E 41 2.54 -20.04 -34.41
CA ASP E 41 1.89 -19.10 -35.28
C ASP E 41 0.44 -19.51 -35.46
N PRO E 42 -0.54 -18.69 -35.07
CA PRO E 42 -1.93 -19.04 -35.38
C PRO E 42 -2.25 -18.96 -36.84
N ALA E 43 -1.50 -18.18 -37.61
CA ALA E 43 -1.69 -18.08 -39.04
C ALA E 43 -1.04 -19.22 -39.80
N ALA E 44 -0.44 -20.17 -39.12
CA ALA E 44 0.20 -21.29 -39.77
C ALA E 44 -0.70 -22.51 -39.78
N ASP E 45 -0.58 -23.30 -40.84
CA ASP E 45 -1.29 -24.56 -40.92
C ASP E 45 -0.70 -25.56 -39.93
N VAL E 46 -1.55 -26.43 -39.41
CA VAL E 46 -1.17 -27.30 -38.30
C VAL E 46 -1.00 -28.72 -38.80
N GLY E 47 -0.20 -29.49 -38.06
CA GLY E 47 0.02 -30.88 -38.39
C GLY E 47 1.44 -31.34 -38.19
N HIS E 48 2.33 -30.40 -37.90
CA HIS E 48 3.75 -30.69 -37.83
C HIS E 48 4.41 -29.97 -36.67
N GLU E 49 5.74 -29.89 -36.69
CA GLU E 49 6.51 -29.32 -35.59
C GLU E 49 6.24 -27.83 -35.46
N SER E 50 5.97 -27.39 -34.23
CA SER E 50 5.54 -26.03 -33.88
C SER E 50 4.26 -25.64 -34.62
N ALA E 51 3.39 -26.61 -34.85
CA ALA E 51 2.12 -26.38 -35.51
C ALA E 51 1.06 -27.34 -34.99
N GLY E 52 0.28 -26.93 -34.00
CA GLY E 52 -0.64 -27.85 -33.38
C GLY E 52 -1.76 -27.24 -32.55
N GLY E 53 -1.97 -27.82 -31.37
CA GLY E 53 -3.07 -27.45 -30.51
C GLY E 53 -3.00 -26.04 -29.98
N GLN E 54 -1.79 -25.53 -29.69
CA GLN E 54 -1.65 -24.14 -29.27
C GLN E 54 -2.03 -23.18 -30.39
N ASN E 55 -1.63 -23.51 -31.61
CA ASN E 55 -1.98 -22.74 -32.80
C ASN E 55 -3.49 -22.66 -32.98
N ILE E 56 -4.16 -23.82 -32.94
CA ILE E 56 -5.61 -23.87 -33.08
C ILE E 56 -6.28 -23.15 -31.92
N TYR E 57 -5.74 -23.32 -30.71
CA TYR E 57 -6.25 -22.68 -29.48
C TYR E 57 -6.28 -21.17 -29.62
N VAL E 58 -5.11 -20.58 -29.90
CA VAL E 58 -5.04 -19.13 -29.92
C VAL E 58 -5.73 -18.57 -31.16
N ARG E 59 -5.79 -19.33 -32.26
CA ARG E 59 -6.48 -18.87 -33.46
C ARG E 59 -7.99 -18.76 -33.23
N GLN E 60 -8.60 -19.84 -32.75
CA GLN E 60 -10.04 -19.82 -32.56
C GLN E 60 -10.43 -18.96 -31.38
N LEU E 61 -9.54 -18.82 -30.39
CA LEU E 61 -9.76 -17.87 -29.31
C LEU E 61 -9.78 -16.44 -29.82
N GLY E 62 -8.84 -16.09 -30.68
CA GLY E 62 -8.78 -14.74 -31.20
C GLY E 62 -9.96 -14.41 -32.10
N GLU E 63 -10.36 -15.36 -32.94
CA GLU E 63 -11.53 -15.14 -33.80
C GLU E 63 -12.81 -15.01 -33.00
N ALA E 64 -12.97 -15.83 -31.95
CA ALA E 64 -14.18 -15.78 -31.13
C ALA E 64 -14.24 -14.49 -30.34
N LEU E 65 -13.11 -14.04 -29.79
CA LEU E 65 -13.11 -12.80 -29.03
C LEU E 65 -13.32 -11.59 -29.93
N ALA E 66 -12.83 -11.66 -31.18
CA ALA E 66 -13.08 -10.59 -32.12
C ALA E 66 -14.54 -10.54 -32.52
N ALA E 67 -15.19 -11.71 -32.59
CA ALA E 67 -16.62 -11.74 -32.84
C ALA E 67 -17.40 -11.21 -31.63
N ALA E 68 -16.85 -11.37 -30.43
CA ALA E 68 -17.53 -10.88 -29.24
C ALA E 68 -17.43 -9.37 -29.06
N GLY E 69 -16.52 -8.71 -29.76
CA GLY E 69 -16.38 -7.27 -29.66
C GLY E 69 -15.02 -6.78 -29.22
N TRP E 70 -14.04 -7.66 -29.11
CA TRP E 70 -12.71 -7.26 -28.71
C TRP E 70 -11.86 -6.91 -29.93
N HIS E 71 -10.73 -6.28 -29.69
CA HIS E 71 -9.74 -5.99 -30.72
C HIS E 71 -8.54 -6.90 -30.47
N VAL E 72 -8.52 -8.02 -31.18
CA VAL E 72 -7.55 -9.08 -30.91
C VAL E 72 -6.36 -8.92 -31.84
N ASP E 73 -5.19 -8.69 -31.26
CA ASP E 73 -3.93 -8.73 -31.98
C ASP E 73 -3.11 -9.87 -31.41
N MET E 74 -3.01 -10.95 -32.16
CA MET E 74 -2.21 -12.11 -31.79
C MET E 74 -0.78 -11.86 -32.26
N PHE E 75 0.19 -12.37 -31.51
CA PHE E 75 1.60 -12.06 -31.75
C PHE E 75 2.40 -13.35 -31.80
N THR E 76 3.16 -13.53 -32.87
CA THR E 76 4.03 -14.67 -33.00
C THR E 76 5.38 -14.24 -33.56
N ARG E 77 6.29 -15.19 -33.66
CA ARG E 77 7.64 -14.91 -34.11
C ARG E 77 7.77 -15.17 -35.61
N LYS E 78 8.37 -14.23 -36.32
CA LYS E 78 8.54 -14.34 -37.75
C LYS E 78 9.73 -15.24 -38.08
N THR E 79 9.50 -16.24 -38.93
CA THR E 79 10.51 -17.25 -39.23
C THR E 79 10.89 -17.30 -40.70
N ASP E 80 10.44 -16.33 -41.50
CA ASP E 80 10.70 -16.30 -42.92
C ASP E 80 10.49 -14.86 -43.39
N PRO E 81 11.51 -14.22 -43.97
CA PRO E 81 11.36 -12.80 -44.37
C PRO E 81 10.43 -12.57 -45.53
N ASN E 82 10.02 -13.62 -46.24
CA ASN E 82 9.03 -13.49 -47.29
C ASN E 82 7.61 -13.70 -46.80
N ASP E 83 7.44 -14.13 -45.55
CA ASP E 83 6.12 -14.20 -44.97
C ASP E 83 5.58 -12.79 -44.73
N PRO E 84 4.27 -12.57 -44.89
CA PRO E 84 3.71 -11.26 -44.58
C PRO E 84 3.72 -10.99 -43.09
N ASP E 85 3.73 -9.71 -42.75
CA ASP E 85 3.94 -9.29 -41.37
C ASP E 85 2.67 -9.25 -40.56
N VAL E 86 1.56 -8.83 -41.18
CA VAL E 86 0.26 -8.77 -40.54
C VAL E 86 -0.71 -9.60 -41.38
N ILE E 87 -1.47 -10.47 -40.73
CA ILE E 87 -2.41 -11.35 -41.40
C ILE E 87 -3.77 -11.09 -40.76
N GLU E 88 -4.66 -10.44 -41.49
CA GLU E 88 -5.98 -10.13 -40.99
C GLU E 88 -6.92 -11.30 -41.29
N HIS E 89 -7.25 -12.07 -40.26
CA HIS E 89 -8.06 -13.28 -40.43
C HIS E 89 -9.54 -12.98 -40.52
N SER E 90 -10.07 -12.39 -39.46
CA SER E 90 -11.46 -11.95 -39.39
C SER E 90 -11.43 -10.50 -38.97
N PRO E 91 -12.56 -9.76 -39.14
CA PRO E 91 -12.61 -8.38 -38.64
C PRO E 91 -12.27 -8.23 -37.17
N HIS E 92 -11.30 -7.34 -36.93
CA HIS E 92 -10.67 -7.06 -35.65
C HIS E 92 -9.91 -8.25 -35.08
N CYS E 93 -9.34 -9.10 -35.92
CA CYS E 93 -8.49 -10.18 -35.48
C CYS E 93 -7.27 -10.25 -36.38
N ARG E 94 -6.10 -9.97 -35.84
CA ARG E 94 -4.86 -9.97 -36.61
C ARG E 94 -3.89 -10.97 -36.04
N THR E 95 -3.04 -11.52 -36.90
CA THR E 95 -1.81 -12.18 -36.48
C THR E 95 -0.65 -11.31 -36.91
N ILE E 96 0.26 -11.02 -35.97
CA ILE E 96 1.36 -10.11 -36.21
C ILE E 96 2.65 -10.88 -35.98
N ARG E 97 3.48 -10.96 -37.00
CA ARG E 97 4.75 -11.67 -36.90
C ARG E 97 5.83 -10.66 -36.58
N LEU E 98 6.48 -10.84 -35.44
CA LEU E 98 7.47 -9.89 -34.94
C LEU E 98 8.86 -10.34 -35.33
N GLN E 99 9.68 -9.37 -35.75
CA GLN E 99 11.08 -9.67 -36.02
C GLN E 99 11.84 -9.79 -34.71
N ALA E 100 11.74 -10.96 -34.06
CA ALA E 100 12.40 -11.11 -32.78
C ALA E 100 13.86 -11.45 -32.97
N GLY E 101 14.14 -12.63 -33.49
CA GLY E 101 15.51 -13.06 -33.61
C GLY E 101 15.96 -13.08 -35.05
N PRO E 102 16.73 -14.10 -35.42
CA PRO E 102 16.97 -14.37 -36.83
C PRO E 102 15.68 -14.73 -37.52
N LEU E 103 15.56 -14.34 -38.79
CA LEU E 103 14.34 -14.59 -39.55
C LEU E 103 14.40 -15.94 -40.25
N THR E 104 14.73 -16.96 -39.46
CA THR E 104 14.67 -18.35 -39.86
C THR E 104 13.92 -19.12 -38.78
N TYR E 105 13.63 -20.38 -39.06
CA TYR E 105 12.99 -21.23 -38.06
C TYR E 105 14.01 -21.61 -36.99
N ILE E 106 13.75 -21.21 -35.76
CA ILE E 106 14.47 -21.69 -34.59
C ILE E 106 13.47 -22.45 -33.73
N PRO E 107 13.72 -23.71 -33.38
CA PRO E 107 12.77 -24.46 -32.57
C PRO E 107 12.72 -23.95 -31.14
N ARG E 108 11.68 -24.37 -30.43
CA ARG E 108 11.34 -23.76 -29.15
C ARG E 108 12.34 -24.12 -28.05
N GLU E 109 13.18 -25.11 -28.29
CA GLU E 109 14.21 -25.45 -27.31
C GLU E 109 15.36 -24.44 -27.34
N LYS E 110 15.48 -23.67 -28.42
CA LYS E 110 16.56 -22.71 -28.57
C LYS E 110 16.07 -21.28 -28.74
N LEU E 111 14.86 -20.98 -28.30
CA LEU E 111 14.30 -19.65 -28.52
C LEU E 111 14.38 -18.73 -27.32
N PHE E 112 15.08 -19.12 -26.25
CA PHE E 112 15.05 -18.30 -25.04
C PHE E 112 15.86 -17.01 -25.21
N GLU E 113 16.89 -17.04 -26.05
CA GLU E 113 17.71 -15.84 -26.22
C GLU E 113 17.08 -14.81 -27.13
N THR E 114 15.98 -15.14 -27.79
CA THR E 114 15.30 -14.21 -28.70
C THR E 114 14.22 -13.40 -28.01
N LEU E 115 13.82 -13.82 -26.80
CA LEU E 115 12.70 -13.20 -26.11
C LEU E 115 12.92 -11.74 -25.67
N PRO E 116 14.09 -11.30 -25.18
CA PRO E 116 14.23 -9.86 -24.90
C PRO E 116 14.21 -8.97 -26.12
N LYS E 117 14.42 -9.51 -27.32
CA LYS E 117 14.07 -8.72 -28.50
C LYS E 117 12.59 -8.80 -28.82
N PHE E 118 11.98 -9.96 -28.56
CA PHE E 118 10.54 -10.12 -28.79
C PHE E 118 9.73 -9.20 -27.89
N VAL E 119 10.24 -8.91 -26.70
CA VAL E 119 9.63 -7.90 -25.84
C VAL E 119 9.73 -6.53 -26.50
N GLU E 120 10.90 -6.18 -27.02
CA GLU E 120 11.12 -4.80 -27.43
C GLU E 120 10.45 -4.47 -28.74
N ALA E 121 10.09 -5.49 -29.52
CA ALA E 121 9.19 -5.26 -30.65
C ALA E 121 7.76 -5.04 -30.16
N PHE E 122 7.34 -5.86 -29.18
CA PHE E 122 5.97 -5.84 -28.68
C PHE E 122 5.62 -4.49 -28.08
N LYS E 123 6.58 -3.88 -27.37
CA LYS E 123 6.40 -2.58 -26.74
C LYS E 123 6.02 -1.52 -27.75
N ALA E 124 6.52 -1.65 -28.99
CA ALA E 124 6.13 -0.76 -30.08
C ALA E 124 4.62 -0.79 -30.28
N TYR E 125 4.06 -1.99 -30.44
CA TYR E 125 2.62 -2.14 -30.50
C TYR E 125 1.97 -1.76 -29.18
N HIS E 126 2.67 -2.02 -28.05
CA HIS E 126 2.10 -1.66 -26.76
C HIS E 126 2.15 -0.16 -26.54
N ALA E 127 2.99 0.54 -27.30
CA ALA E 127 2.96 1.99 -27.25
C ALA E 127 1.73 2.52 -27.96
N LYS E 128 1.20 1.77 -28.92
CA LYS E 128 0.11 2.29 -29.74
C LYS E 128 -1.25 1.93 -29.14
N TYR E 129 -1.43 0.67 -28.77
CA TYR E 129 -2.74 0.23 -28.34
C TYR E 129 -2.90 0.22 -26.83
N GLY E 130 -1.83 -0.06 -26.08
CA GLY E 130 -1.89 -0.05 -24.63
C GLY E 130 -2.79 -1.14 -24.11
N TYR E 131 -2.36 -2.38 -24.26
CA TYR E 131 -3.23 -3.53 -24.06
C TYR E 131 -3.57 -3.71 -22.59
N PRO E 132 -4.84 -3.60 -22.19
CA PRO E 132 -5.21 -3.77 -20.79
C PRO E 132 -5.31 -5.22 -20.35
N LEU E 133 -5.18 -6.15 -21.29
CA LEU E 133 -5.32 -7.56 -20.99
C LEU E 133 -4.38 -8.30 -21.94
N ILE E 134 -3.44 -9.06 -21.39
CA ILE E 134 -2.50 -9.82 -22.19
C ILE E 134 -2.56 -11.27 -21.76
N HIS E 135 -2.86 -12.14 -22.71
CA HIS E 135 -3.04 -13.57 -22.50
C HIS E 135 -1.89 -14.28 -23.20
N THR E 136 -0.92 -14.75 -22.43
CA THR E 136 0.23 -15.44 -22.97
C THR E 136 0.01 -16.95 -22.97
N ASN E 137 0.69 -17.61 -23.89
CA ASN E 137 0.52 -19.03 -24.15
C ASN E 137 1.91 -19.60 -24.36
N TYR E 138 2.22 -20.76 -23.74
CA TYR E 138 3.56 -21.35 -23.77
C TYR E 138 4.63 -20.50 -23.08
N TRP E 139 5.12 -21.05 -21.96
CA TRP E 139 6.13 -20.50 -21.06
C TRP E 139 7.06 -19.43 -21.66
N LEU E 140 7.57 -19.63 -22.88
CA LEU E 140 8.40 -18.60 -23.53
C LEU E 140 7.67 -17.26 -23.63
N SER E 141 6.45 -17.30 -24.16
CA SER E 141 5.61 -16.10 -24.16
C SER E 141 5.20 -15.71 -22.76
N GLY E 142 5.14 -16.68 -21.85
CA GLY E 142 4.92 -16.33 -20.45
C GLY E 142 6.04 -15.51 -19.85
N TRP E 143 7.28 -15.82 -20.22
CA TRP E 143 8.43 -15.04 -19.81
C TRP E 143 8.39 -13.65 -20.41
N VAL E 144 7.94 -13.55 -21.65
CA VAL E 144 7.69 -12.25 -22.29
C VAL E 144 6.70 -11.43 -21.49
N GLY E 145 5.56 -12.03 -21.12
CA GLY E 145 4.57 -11.32 -20.33
C GLY E 145 5.03 -10.98 -18.93
N TRP E 146 5.92 -11.81 -18.37
CA TRP E 146 6.47 -11.51 -17.04
C TRP E 146 7.42 -10.34 -17.11
N GLN E 147 8.19 -10.23 -18.19
CA GLN E 147 9.04 -9.06 -18.35
C GLN E 147 8.22 -7.81 -18.64
N LEU E 148 7.05 -7.99 -19.26
CA LEU E 148 6.18 -6.84 -19.52
C LEU E 148 5.43 -6.37 -18.28
N ARG E 149 5.13 -7.28 -17.35
CA ARG E 149 4.41 -6.87 -16.13
C ARG E 149 5.30 -6.05 -15.22
N GLN E 150 6.63 -6.21 -15.34
CA GLN E 150 7.57 -5.43 -14.54
C GLN E 150 7.57 -3.95 -14.89
N GLN E 151 7.11 -3.59 -16.09
CA GLN E 151 6.95 -2.19 -16.47
C GLN E 151 5.49 -1.77 -16.51
N PHE E 152 4.61 -2.60 -17.08
CA PHE E 152 3.28 -2.17 -17.46
C PHE E 152 2.21 -2.84 -16.60
N ASN E 153 1.06 -2.17 -16.54
CA ASN E 153 -0.09 -2.63 -15.76
C ASN E 153 -1.12 -3.21 -16.72
N PHE E 154 -1.36 -4.51 -16.59
CA PHE E 154 -2.32 -5.20 -17.44
C PHE E 154 -2.76 -6.48 -16.76
N GLN E 155 -3.98 -6.89 -17.05
CA GLN E 155 -4.47 -8.19 -16.58
C GLN E 155 -3.75 -9.28 -17.35
N TRP E 156 -2.87 -10.01 -16.67
CA TRP E 156 -2.03 -11.00 -17.31
C TRP E 156 -2.59 -12.38 -17.04
N LEU E 157 -2.89 -13.08 -18.12
CA LEU E 157 -3.41 -14.43 -18.09
C LEU E 157 -2.41 -15.31 -18.80
N HIS E 158 -2.34 -16.56 -18.41
CA HIS E 158 -1.41 -17.49 -19.03
C HIS E 158 -2.12 -18.81 -19.30
N THR E 159 -1.63 -19.53 -20.31
CA THR E 159 -2.03 -20.90 -20.56
C THR E 159 -0.76 -21.67 -20.88
N TYR E 160 -0.47 -22.71 -20.11
CA TYR E 160 0.82 -23.38 -20.20
C TYR E 160 0.96 -24.18 -21.48
N HIS E 161 -0.06 -24.99 -21.80
CA HIS E 161 -0.20 -25.95 -22.91
C HIS E 161 0.68 -27.18 -22.75
N SER E 162 1.64 -27.14 -21.81
CA SER E 162 2.51 -28.25 -21.45
C SER E 162 3.29 -27.82 -20.22
N LEU E 163 3.44 -28.73 -19.27
CA LEU E 163 4.24 -28.46 -18.09
C LEU E 163 5.60 -29.12 -18.25
N GLY E 164 6.66 -28.38 -17.92
CA GLY E 164 7.98 -28.97 -17.99
C GLY E 164 8.21 -30.04 -16.96
N VAL E 165 7.57 -29.89 -15.80
CA VAL E 165 7.79 -30.83 -14.70
C VAL E 165 7.07 -32.14 -14.94
N VAL E 166 6.05 -32.16 -15.79
CA VAL E 166 5.44 -33.42 -16.21
C VAL E 166 6.19 -34.01 -17.39
N LYS E 167 6.73 -33.14 -18.26
CA LYS E 167 7.53 -33.58 -19.40
C LYS E 167 8.81 -34.28 -18.96
N TYR E 168 9.44 -33.79 -17.90
CA TYR E 168 10.78 -34.22 -17.52
C TYR E 168 10.77 -35.38 -16.53
N GLN E 169 9.72 -36.19 -16.54
CA GLN E 169 9.62 -37.38 -15.71
C GLN E 169 9.43 -38.63 -16.57
N VAL E 170 9.76 -38.54 -17.86
CA VAL E 170 9.42 -39.56 -18.84
C VAL E 170 10.70 -40.28 -19.24
N ALA E 171 10.62 -41.62 -19.31
CA ALA E 171 11.81 -42.44 -19.54
C ALA E 171 12.34 -42.30 -20.97
N SER E 172 11.50 -41.81 -21.88
CA SER E 172 11.91 -41.54 -23.25
C SER E 172 12.67 -40.22 -23.33
N GLU E 173 12.79 -39.67 -24.54
CA GLU E 173 13.56 -38.47 -24.81
C GLU E 173 13.02 -37.29 -23.99
N GLN E 174 13.89 -36.28 -23.81
CA GLN E 174 13.73 -35.14 -22.92
C GLN E 174 13.57 -35.65 -21.49
N ALA E 175 14.35 -36.66 -21.14
CA ALA E 175 14.72 -36.85 -19.75
C ALA E 175 15.72 -35.80 -19.31
N GLN E 176 16.43 -35.19 -20.26
CA GLN E 176 17.24 -34.01 -19.98
C GLN E 176 16.30 -32.83 -19.77
N ARG E 177 16.64 -31.97 -18.82
CA ARG E 177 15.72 -30.93 -18.37
C ARG E 177 16.10 -29.57 -18.94
N ASP E 178 15.44 -28.54 -18.44
CA ASP E 178 15.72 -27.15 -18.78
C ASP E 178 15.32 -26.32 -17.57
N GLU E 179 16.29 -25.96 -16.74
CA GLU E 179 15.98 -25.38 -15.43
C GLU E 179 15.44 -23.96 -15.54
N THR E 180 15.71 -23.27 -16.64
CA THR E 180 15.09 -21.97 -16.90
C THR E 180 13.60 -22.12 -17.09
N ARG E 181 13.18 -23.23 -17.72
CA ARG E 181 11.76 -23.47 -17.99
C ARG E 181 10.98 -23.62 -16.70
N LEU E 182 11.40 -24.52 -15.81
CA LEU E 182 10.71 -24.68 -14.54
C LEU E 182 10.89 -23.46 -13.66
N MET E 183 12.03 -22.79 -13.77
CA MET E 183 12.32 -21.61 -12.96
C MET E 183 11.36 -20.47 -13.26
N VAL E 184 10.89 -20.37 -14.49
CA VAL E 184 9.95 -19.30 -14.82
C VAL E 184 8.52 -19.84 -14.90
N GLU E 185 8.31 -21.15 -15.10
CA GLU E 185 6.97 -21.73 -14.99
C GLU E 185 6.44 -21.68 -13.56
N LYS E 186 7.34 -21.63 -12.57
CA LYS E 186 6.91 -21.33 -11.22
C LYS E 186 6.57 -19.86 -11.02
N ALA E 187 7.36 -18.97 -11.62
CA ALA E 187 7.17 -17.53 -11.38
C ALA E 187 5.97 -16.98 -12.13
N ILE E 188 5.59 -17.61 -13.24
CA ILE E 188 4.35 -17.25 -13.93
C ILE E 188 3.16 -17.53 -13.03
N LEU E 189 3.10 -18.74 -12.46
CA LEU E 189 2.01 -19.12 -11.58
C LEU E 189 2.01 -18.27 -10.32
N GLU E 190 3.18 -17.90 -9.81
CA GLU E 190 3.22 -17.03 -8.66
C GLU E 190 2.94 -15.56 -8.99
N ASN E 191 2.98 -15.18 -10.26
CA ASN E 191 2.86 -13.76 -10.60
C ASN E 191 1.85 -13.41 -11.69
N ALA E 192 1.16 -14.37 -12.29
CA ALA E 192 0.11 -14.01 -13.24
C ALA E 192 -1.18 -13.71 -12.50
N ASP E 193 -1.98 -12.82 -13.09
CA ASP E 193 -3.30 -12.55 -12.54
C ASP E 193 -4.21 -13.76 -12.68
N CYS E 194 -4.12 -14.49 -13.80
CA CYS E 194 -4.87 -15.74 -13.89
C CYS E 194 -4.15 -16.76 -14.75
N VAL E 195 -4.23 -18.02 -14.34
CA VAL E 195 -3.63 -19.13 -15.08
C VAL E 195 -4.76 -20.06 -15.51
N ILE E 196 -4.77 -20.42 -16.79
CA ILE E 196 -5.85 -21.21 -17.36
C ILE E 196 -5.38 -22.64 -17.49
N VAL E 197 -6.01 -23.53 -16.76
CA VAL E 197 -5.72 -24.94 -16.88
C VAL E 197 -6.77 -25.57 -17.77
N THR E 198 -6.32 -26.47 -18.63
CA THR E 198 -7.19 -27.12 -19.59
C THR E 198 -7.75 -28.43 -19.06
N SER E 199 -7.37 -28.82 -17.85
CA SER E 199 -7.78 -30.09 -17.27
C SER E 199 -7.58 -30.00 -15.76
N PRO E 200 -8.36 -30.76 -14.98
CA PRO E 200 -8.09 -30.82 -13.53
C PRO E 200 -6.83 -31.58 -13.18
N GLN E 201 -6.34 -32.42 -14.10
CA GLN E 201 -5.06 -33.08 -13.87
C GLN E 201 -3.91 -32.08 -13.90
N GLU E 202 -3.98 -31.08 -14.78
CA GLU E 202 -3.01 -29.99 -14.76
C GLU E 202 -3.11 -29.17 -13.49
N GLU E 203 -4.34 -28.97 -12.99
CA GLU E 203 -4.57 -28.31 -11.71
C GLU E 203 -3.91 -29.09 -10.57
N ALA E 204 -3.95 -30.42 -10.63
CA ALA E 204 -3.27 -31.20 -9.61
C ALA E 204 -1.76 -31.16 -9.79
N TYR E 205 -1.29 -31.17 -11.05
CA TYR E 205 0.14 -31.14 -11.35
C TYR E 205 0.82 -29.88 -10.84
N LEU E 206 0.17 -28.73 -11.05
CA LEU E 206 0.72 -27.46 -10.59
C LEU E 206 0.80 -27.41 -9.07
N ARG E 207 -0.28 -27.80 -8.40
CA ARG E 207 -0.33 -27.72 -6.95
C ARG E 207 0.49 -28.82 -6.27
N ARG E 208 0.91 -29.84 -7.01
CA ARG E 208 1.81 -30.84 -6.47
C ARG E 208 3.27 -30.54 -6.71
N TRP E 209 3.66 -30.16 -7.93
CA TRP E 209 5.07 -29.96 -8.23
C TRP E 209 5.48 -28.53 -8.51
N VAL E 210 4.57 -27.64 -8.88
CA VAL E 210 5.00 -26.30 -9.28
C VAL E 210 4.89 -25.34 -8.10
N SER E 211 3.68 -25.06 -7.65
CA SER E 211 3.47 -24.10 -6.56
C SER E 211 2.02 -24.21 -6.10
N LYS E 212 1.76 -23.63 -4.93
CA LYS E 212 0.41 -23.49 -4.40
C LYS E 212 -0.15 -22.09 -4.58
N ALA E 213 0.69 -21.07 -4.58
CA ALA E 213 0.23 -19.69 -4.67
C ALA E 213 -0.24 -19.38 -6.08
N GLY E 214 -0.84 -18.21 -6.25
CA GLY E 214 -1.33 -17.77 -7.54
C GLY E 214 -2.72 -18.27 -7.85
N GLN E 215 -3.38 -17.63 -8.80
CA GLN E 215 -4.76 -17.94 -9.15
C GLN E 215 -4.80 -18.98 -10.26
N THR E 216 -5.91 -19.71 -10.33
CA THR E 216 -6.08 -20.80 -11.29
C THR E 216 -7.54 -20.86 -11.71
N ARG E 217 -7.80 -21.38 -12.90
CA ARG E 217 -9.15 -21.41 -13.44
C ARG E 217 -9.27 -22.53 -14.45
N LEU E 218 -10.25 -23.41 -14.25
CA LEU E 218 -10.46 -24.55 -15.12
C LEU E 218 -11.39 -24.15 -16.26
N ILE E 219 -10.80 -23.92 -17.43
CA ILE E 219 -11.54 -23.80 -18.68
C ILE E 219 -10.84 -24.69 -19.70
N PRO E 220 -11.44 -25.80 -20.11
CA PRO E 220 -10.72 -26.74 -20.98
C PRO E 220 -10.68 -26.25 -22.42
N CYS E 221 -9.97 -27.02 -23.25
CA CYS E 221 -9.94 -26.72 -24.66
C CYS E 221 -11.18 -27.27 -25.34
N GLY E 222 -11.47 -26.75 -26.53
CA GLY E 222 -12.66 -27.14 -27.25
C GLY E 222 -12.39 -27.28 -28.73
N THR E 223 -13.22 -28.08 -29.39
CA THR E 223 -13.12 -28.28 -30.82
C THR E 223 -14.38 -27.76 -31.48
N ASN E 224 -14.29 -27.51 -32.78
CA ASN E 224 -15.39 -26.94 -33.52
C ASN E 224 -16.24 -28.07 -34.09
N LEU E 225 -17.54 -28.03 -33.80
CA LEU E 225 -18.45 -29.08 -34.25
C LEU E 225 -19.01 -28.82 -35.63
N LYS E 226 -18.70 -27.69 -36.24
CA LYS E 226 -19.01 -27.47 -37.64
C LYS E 226 -17.89 -27.94 -38.55
N LEU E 227 -16.77 -28.36 -37.98
CA LEU E 227 -15.67 -28.92 -38.74
C LEU E 227 -15.37 -30.36 -38.35
N PHE E 228 -16.05 -30.90 -37.34
CA PHE E 228 -15.81 -32.25 -36.87
C PHE E 228 -17.16 -32.92 -36.61
N TYR E 229 -17.54 -33.81 -37.51
CA TYR E 229 -18.85 -34.44 -37.48
C TYR E 229 -18.74 -35.77 -38.21
N PRO E 230 -19.66 -36.70 -37.95
CA PRO E 230 -19.67 -37.96 -38.72
C PRO E 230 -20.07 -37.71 -40.16
N VAL E 231 -19.24 -38.17 -41.08
CA VAL E 231 -19.48 -38.03 -42.52
C VAL E 231 -20.05 -39.31 -43.11
N ALA E 232 -19.41 -40.45 -42.82
CA ALA E 232 -19.83 -41.82 -43.13
C ALA E 232 -19.82 -42.16 -44.63
N ASP E 233 -19.53 -41.19 -45.49
CA ASP E 233 -19.14 -41.48 -46.87
C ASP E 233 -17.63 -41.33 -46.96
N ALA E 234 -16.95 -41.56 -45.84
CA ALA E 234 -15.52 -41.33 -45.77
C ALA E 234 -14.75 -42.39 -46.53
N ARG E 235 -15.24 -43.62 -46.50
CA ARG E 235 -14.60 -44.72 -47.22
C ARG E 235 -14.67 -44.50 -48.73
N ALA E 236 -15.76 -43.87 -49.19
CA ALA E 236 -15.88 -43.57 -50.61
C ALA E 236 -14.97 -42.43 -51.02
N GLN E 237 -14.80 -41.43 -50.15
CA GLN E 237 -13.94 -40.31 -50.48
C GLN E 237 -12.47 -40.67 -50.39
N LEU E 238 -12.11 -41.63 -49.54
CA LEU E 238 -10.71 -42.02 -49.37
C LEU E 238 -10.35 -43.27 -50.14
N ASN E 239 -11.31 -43.89 -50.82
CA ASN E 239 -11.17 -45.12 -51.61
C ASN E 239 -10.58 -46.25 -50.76
N LEU E 240 -11.29 -46.62 -49.70
CA LEU E 240 -10.83 -47.63 -48.77
C LEU E 240 -11.87 -48.73 -48.64
N PRO E 241 -11.46 -49.98 -48.39
CA PRO E 241 -12.43 -51.07 -48.35
C PRO E 241 -13.32 -50.99 -47.11
N ALA E 242 -14.55 -51.49 -47.27
CA ALA E 242 -15.59 -51.21 -46.29
C ALA E 242 -15.42 -52.03 -45.03
N ASP E 243 -15.39 -53.35 -45.16
CA ASP E 243 -15.38 -54.26 -44.02
C ASP E 243 -13.98 -54.67 -43.62
N GLU E 244 -13.01 -53.80 -43.87
CA GLU E 244 -11.62 -53.96 -43.45
C GLU E 244 -11.29 -52.95 -42.36
N PRO E 245 -10.70 -53.40 -41.26
CA PRO E 245 -10.48 -52.50 -40.11
C PRO E 245 -9.39 -51.48 -40.37
N ILE E 246 -9.63 -50.26 -39.90
CA ILE E 246 -8.71 -49.14 -40.06
C ILE E 246 -8.45 -48.54 -38.70
N VAL E 247 -7.19 -48.48 -38.31
CA VAL E 247 -6.77 -47.82 -37.07
C VAL E 247 -6.08 -46.51 -37.45
N LEU E 248 -6.50 -45.42 -36.82
CA LEU E 248 -6.06 -44.08 -37.21
C LEU E 248 -5.25 -43.44 -36.09
N TYR E 249 -4.15 -42.82 -36.46
CA TYR E 249 -3.44 -41.88 -35.59
C TYR E 249 -3.30 -40.56 -36.32
N VAL E 250 -3.84 -39.51 -35.72
CA VAL E 250 -3.62 -38.14 -36.17
C VAL E 250 -2.73 -37.47 -35.12
N GLY E 251 -1.64 -36.88 -35.57
CA GLY E 251 -0.77 -36.19 -34.65
C GLY E 251 0.60 -35.99 -35.26
N ARG E 252 1.46 -35.35 -34.48
CA ARG E 252 2.81 -35.04 -34.91
C ARG E 252 3.67 -36.31 -34.86
N PHE E 253 4.90 -36.20 -35.35
CA PHE E 253 5.90 -37.25 -35.23
C PHE E 253 6.87 -36.82 -34.14
N ASP E 254 6.55 -37.18 -32.91
CA ASP E 254 7.35 -36.80 -31.76
C ASP E 254 7.47 -38.03 -30.86
N ARG E 255 8.54 -38.06 -30.07
CA ARG E 255 8.81 -39.23 -29.24
C ARG E 255 7.81 -39.38 -28.12
N ARG E 256 7.20 -38.28 -27.69
CA ARG E 256 6.21 -38.35 -26.62
C ARG E 256 4.90 -38.92 -27.11
N LYS E 257 4.67 -38.92 -28.43
CA LYS E 257 3.38 -39.37 -28.96
C LYS E 257 3.27 -40.89 -28.96
N GLY E 258 4.39 -41.59 -28.88
CA GLY E 258 4.38 -43.02 -28.68
C GLY E 258 3.95 -43.83 -29.89
N ILE E 259 4.42 -43.46 -31.07
CA ILE E 259 4.08 -44.21 -32.27
C ILE E 259 4.80 -45.56 -32.28
N GLU E 260 5.91 -45.68 -31.53
CA GLU E 260 6.59 -46.96 -31.35
C GLU E 260 5.67 -48.00 -30.72
N THR E 261 4.95 -47.60 -29.68
CA THR E 261 4.01 -48.50 -29.01
C THR E 261 2.86 -48.87 -29.92
N LEU E 262 2.44 -47.93 -30.77
CA LEU E 262 1.34 -48.20 -31.70
C LEU E 262 1.76 -49.17 -32.80
N VAL E 263 2.99 -49.02 -33.29
CA VAL E 263 3.50 -49.94 -34.30
C VAL E 263 3.72 -51.32 -33.69
N ALA E 264 4.19 -51.36 -32.44
CA ALA E 264 4.37 -52.64 -31.76
C ALA E 264 3.03 -53.28 -31.40
N ALA E 265 1.98 -52.48 -31.29
CA ALA E 265 0.64 -53.04 -31.10
C ALA E 265 0.08 -53.63 -32.38
N MET E 266 0.54 -53.18 -33.54
CA MET E 266 0.17 -53.81 -34.81
C MET E 266 0.86 -55.15 -35.03
N ALA E 267 1.88 -55.46 -34.24
CA ALA E 267 2.58 -56.74 -34.35
C ALA E 267 1.78 -57.89 -33.76
N GLN E 268 0.70 -57.61 -33.03
CA GLN E 268 -0.16 -58.64 -32.48
C GLN E 268 -1.50 -58.72 -33.19
N ILE E 269 -1.67 -57.96 -34.27
CA ILE E 269 -2.97 -57.82 -34.93
C ILE E 269 -2.86 -58.29 -36.38
N PRO E 270 -3.57 -59.36 -36.76
CA PRO E 270 -3.44 -59.89 -38.12
C PRO E 270 -4.13 -59.05 -39.17
N GLN E 271 -5.32 -58.55 -38.89
CA GLN E 271 -6.13 -57.81 -39.86
C GLN E 271 -6.25 -56.36 -39.42
N GLY E 272 -5.85 -55.44 -40.28
CA GLY E 272 -5.97 -54.04 -39.98
C GLY E 272 -4.86 -53.16 -40.53
N GLN E 273 -5.25 -52.05 -41.16
CA GLN E 273 -4.27 -51.08 -41.62
C GLN E 273 -4.12 -49.96 -40.59
N LEU E 274 -2.91 -49.45 -40.47
CA LEU E 274 -2.59 -48.35 -39.57
C LEU E 274 -2.31 -47.13 -40.41
N LEU E 275 -3.28 -46.22 -40.46
CA LEU E 275 -3.04 -44.93 -41.11
C LEU E 275 -2.40 -43.97 -40.12
N LEU E 276 -1.38 -43.27 -40.58
CA LEU E 276 -0.68 -42.29 -39.74
C LEU E 276 -0.79 -40.95 -40.46
N VAL E 277 -1.56 -40.05 -39.89
CA VAL E 277 -1.81 -38.73 -40.46
C VAL E 277 -1.01 -37.71 -39.67
N GLY E 278 -0.07 -37.06 -40.32
CA GLY E 278 0.76 -36.09 -39.64
C GLY E 278 1.87 -35.54 -40.49
N GLY E 279 2.26 -34.30 -40.23
CA GLY E 279 3.28 -33.66 -41.02
C GLY E 279 4.67 -33.89 -40.49
N SER E 280 5.64 -33.70 -41.38
CA SER E 280 7.04 -33.89 -41.05
C SER E 280 7.89 -33.09 -42.02
N ASP E 281 9.06 -32.67 -41.55
CA ASP E 281 10.04 -32.05 -42.42
C ASP E 281 11.32 -32.86 -42.39
N PRO E 282 12.08 -32.89 -43.50
CA PRO E 282 13.30 -33.71 -43.51
C PRO E 282 14.42 -33.15 -42.67
N GLN E 283 14.64 -31.83 -42.72
CA GLN E 283 15.78 -31.20 -42.06
C GLN E 283 15.49 -30.80 -40.63
N ARG E 284 14.44 -31.35 -40.02
CA ARG E 284 13.99 -30.93 -38.70
C ARG E 284 13.94 -32.12 -37.75
N SER E 285 14.03 -31.83 -36.46
CA SER E 285 14.04 -32.85 -35.41
C SER E 285 12.72 -33.58 -35.34
N ASP E 286 11.65 -32.89 -34.96
CA ASP E 286 10.33 -33.49 -34.97
C ASP E 286 9.87 -33.55 -36.43
N GLY E 287 10.18 -34.66 -37.06
CA GLY E 287 10.03 -34.79 -38.49
C GLY E 287 10.68 -36.09 -38.92
N ALA E 288 11.52 -36.03 -39.95
CA ALA E 288 12.12 -37.24 -40.50
C ALA E 288 13.15 -37.84 -39.56
N GLU E 289 13.64 -37.05 -38.60
CA GLU E 289 14.48 -37.64 -37.56
C GLU E 289 13.67 -38.50 -36.62
N ARG E 290 12.36 -38.28 -36.52
CA ARG E 290 11.49 -39.15 -35.77
C ARG E 290 10.46 -39.80 -36.67
N ARG E 291 10.60 -39.65 -37.99
CA ARG E 291 9.89 -40.47 -38.96
C ARG E 291 10.88 -41.54 -39.42
N ARG E 292 11.68 -42.02 -38.47
CA ARG E 292 12.36 -43.30 -38.53
C ARG E 292 11.43 -44.46 -38.21
N ILE E 293 10.14 -44.16 -37.97
CA ILE E 293 9.09 -45.12 -37.71
C ILE E 293 8.98 -46.14 -38.84
N GLU E 294 9.30 -45.73 -40.07
CA GLU E 294 9.37 -46.66 -41.19
C GLU E 294 10.44 -47.73 -40.98
N GLY E 295 11.51 -47.38 -40.27
CA GLY E 295 12.50 -48.38 -39.89
C GLY E 295 11.98 -49.43 -38.92
N LEU E 296 11.19 -49.01 -37.94
CA LEU E 296 10.57 -49.96 -37.02
C LEU E 296 9.44 -50.73 -37.68
N VAL E 297 8.77 -50.11 -38.65
CA VAL E 297 7.76 -50.79 -39.46
C VAL E 297 8.41 -51.89 -40.29
N GLN E 298 9.58 -51.60 -40.85
CA GLN E 298 10.35 -52.63 -41.56
C GLN E 298 10.84 -53.70 -40.60
N GLU E 299 11.17 -53.30 -39.38
CA GLU E 299 11.65 -54.27 -38.38
C GLU E 299 10.52 -55.18 -37.91
N TYR E 300 9.30 -54.66 -37.83
CA TYR E 300 8.14 -55.46 -37.45
C TYR E 300 7.40 -56.02 -38.66
N ASN E 301 8.01 -55.92 -39.86
CA ASN E 301 7.49 -56.49 -41.11
C ASN E 301 6.12 -55.93 -41.49
N LEU E 302 5.91 -54.65 -41.24
CA LEU E 302 4.59 -54.02 -41.39
C LEU E 302 4.51 -53.10 -42.59
N GLY E 303 5.41 -53.24 -43.58
CA GLY E 303 5.57 -52.25 -44.63
C GLY E 303 4.41 -52.15 -45.60
N ASP E 304 3.47 -53.09 -45.57
CA ASP E 304 2.38 -53.10 -46.53
C ASP E 304 1.14 -52.40 -46.00
N ARG E 305 0.88 -52.49 -44.70
CA ARG E 305 -0.39 -52.06 -44.12
C ARG E 305 -0.22 -50.88 -43.16
N VAL E 306 0.88 -50.16 -43.25
CA VAL E 306 1.10 -48.93 -42.49
C VAL E 306 1.23 -47.80 -43.50
N THR E 307 0.22 -46.93 -43.55
CA THR E 307 0.18 -45.87 -44.54
C THR E 307 0.61 -44.55 -43.91
N PHE E 308 1.50 -43.84 -44.59
CA PHE E 308 1.95 -42.51 -44.17
C PHE E 308 1.18 -41.50 -45.01
N VAL E 309 0.13 -40.90 -44.43
CA VAL E 309 -0.74 -40.04 -45.22
C VAL E 309 -0.15 -38.65 -45.38
N GLY E 310 0.57 -38.15 -44.38
CA GLY E 310 1.15 -36.83 -44.49
C GLY E 310 0.34 -35.80 -43.70
N GLN E 311 0.48 -34.54 -44.09
CA GLN E 311 -0.20 -33.44 -43.44
C GLN E 311 -1.49 -33.13 -44.20
N ILE E 312 -2.60 -33.57 -43.63
CA ILE E 312 -3.94 -33.28 -44.15
C ILE E 312 -4.38 -31.96 -43.57
N ASP E 313 -5.14 -31.18 -44.35
CA ASP E 313 -5.81 -29.98 -43.85
C ASP E 313 -6.66 -30.32 -42.64
N HIS E 314 -6.65 -29.39 -41.67
CA HIS E 314 -7.38 -29.56 -40.42
C HIS E 314 -8.87 -29.67 -40.68
N GLU E 315 -9.39 -28.78 -41.54
CA GLU E 315 -10.80 -28.74 -41.89
C GLU E 315 -11.25 -29.98 -42.66
N TYR E 316 -10.33 -30.78 -43.17
CA TYR E 316 -10.65 -32.01 -43.87
C TYR E 316 -10.54 -33.24 -42.99
N LEU E 317 -9.85 -33.12 -41.83
CA LEU E 317 -9.44 -34.28 -41.02
C LEU E 317 -10.59 -35.15 -40.57
N ALA E 318 -11.79 -34.56 -40.45
CA ALA E 318 -12.99 -35.28 -40.01
C ALA E 318 -13.26 -36.49 -40.87
N VAL E 319 -12.95 -36.39 -42.17
CA VAL E 319 -13.16 -37.51 -43.09
C VAL E 319 -12.33 -38.70 -42.67
N TYR E 320 -11.04 -38.47 -42.36
CA TYR E 320 -10.21 -39.54 -41.84
C TYR E 320 -10.71 -40.03 -40.49
N TYR E 321 -11.19 -39.12 -39.65
CA TYR E 321 -11.77 -39.52 -38.37
C TYR E 321 -13.07 -40.27 -38.59
N SER E 322 -13.78 -39.93 -39.66
CA SER E 322 -15.01 -40.65 -39.95
C SER E 322 -14.73 -41.97 -40.65
N ALA E 323 -13.49 -42.18 -41.12
CA ALA E 323 -13.21 -43.42 -41.84
C ALA E 323 -12.89 -44.55 -40.89
N ALA E 324 -12.23 -44.24 -39.79
CA ALA E 324 -11.67 -45.27 -38.94
C ALA E 324 -12.75 -45.88 -38.04
N ASN E 325 -12.37 -46.96 -37.39
CA ASN E 325 -13.15 -47.59 -36.35
C ASN E 325 -12.60 -47.29 -34.96
N VAL E 326 -11.39 -46.74 -34.89
CA VAL E 326 -10.71 -46.43 -33.65
C VAL E 326 -9.62 -45.39 -33.91
N CYS E 327 -9.55 -44.37 -33.06
CA CYS E 327 -8.41 -43.46 -33.05
C CYS E 327 -7.61 -43.72 -31.79
N VAL E 328 -6.29 -43.79 -31.95
CA VAL E 328 -5.39 -44.15 -30.85
C VAL E 328 -4.54 -42.94 -30.54
N VAL E 329 -4.49 -42.57 -29.26
CA VAL E 329 -3.58 -41.55 -28.77
C VAL E 329 -2.62 -42.22 -27.80
N PRO E 330 -1.52 -42.80 -28.29
CA PRO E 330 -0.63 -43.58 -27.42
C PRO E 330 0.46 -42.74 -26.77
N SER E 331 0.10 -41.61 -26.19
CA SER E 331 1.11 -40.65 -25.76
C SER E 331 1.82 -41.12 -24.50
N TYR E 332 2.96 -40.51 -24.23
CA TYR E 332 3.71 -40.84 -23.03
C TYR E 332 3.48 -39.81 -21.93
N TYR E 333 3.23 -38.56 -22.33
CA TYR E 333 2.53 -37.59 -21.51
C TYR E 333 1.70 -36.76 -22.46
N GLU E 334 0.51 -36.35 -22.02
CA GLU E 334 -0.32 -35.55 -22.92
C GLU E 334 -1.26 -34.63 -22.15
N PRO E 335 -0.91 -33.37 -22.00
CA PRO E 335 -1.81 -32.42 -21.37
C PRO E 335 -2.95 -31.97 -22.27
N PHE E 336 -4.09 -32.68 -22.23
CA PHE E 336 -5.27 -32.48 -23.09
C PHE E 336 -4.95 -32.74 -24.56
N GLY E 337 -4.84 -34.01 -24.95
CA GLY E 337 -4.89 -34.34 -26.37
C GLY E 337 -6.15 -33.87 -27.06
N LEU E 338 -5.98 -32.97 -28.04
CA LEU E 338 -7.14 -32.36 -28.68
C LEU E 338 -7.67 -33.21 -29.82
N VAL E 339 -6.81 -34.07 -30.38
CA VAL E 339 -7.24 -34.99 -31.42
C VAL E 339 -8.22 -36.02 -30.89
N ALA E 340 -8.17 -36.29 -29.59
CA ALA E 340 -9.12 -37.22 -28.97
C ALA E 340 -10.54 -36.67 -28.99
N ILE E 341 -10.71 -35.41 -28.62
CA ILE E 341 -12.04 -34.84 -28.66
C ILE E 341 -12.47 -34.52 -30.08
N GLU E 342 -11.52 -34.31 -31.00
CA GLU E 342 -11.86 -34.25 -32.42
C GLU E 342 -12.41 -35.58 -32.92
N ALA E 343 -11.75 -36.69 -32.54
CA ALA E 343 -12.18 -38.00 -32.98
C ALA E 343 -13.51 -38.39 -32.37
N MET E 344 -13.73 -38.02 -31.11
CA MET E 344 -15.02 -38.29 -30.48
C MET E 344 -16.11 -37.43 -31.11
N ALA E 345 -15.79 -36.18 -31.45
CA ALA E 345 -16.72 -35.32 -32.15
C ALA E 345 -17.07 -35.83 -33.54
N CYS E 346 -16.20 -36.64 -34.13
CA CYS E 346 -16.52 -37.29 -35.39
C CYS E 346 -17.13 -38.68 -35.20
N GLY E 347 -17.56 -39.01 -33.98
CA GLY E 347 -18.25 -40.25 -33.75
C GLY E 347 -17.38 -41.49 -33.69
N THR E 348 -16.10 -41.33 -33.60
CA THR E 348 -15.13 -42.42 -33.56
C THR E 348 -14.65 -42.62 -32.13
N PRO E 349 -14.64 -43.85 -31.61
CA PRO E 349 -14.11 -44.08 -30.27
C PRO E 349 -12.60 -43.91 -30.23
N VAL E 350 -12.08 -43.70 -29.02
CA VAL E 350 -10.69 -43.38 -28.79
C VAL E 350 -10.10 -44.38 -27.80
N ILE E 351 -8.97 -44.96 -28.16
CA ILE E 351 -8.12 -45.66 -27.20
C ILE E 351 -6.92 -44.78 -26.94
N ALA E 352 -6.68 -44.47 -25.67
CA ALA E 352 -5.66 -43.49 -25.33
C ALA E 352 -4.88 -43.96 -24.11
N SER E 353 -3.76 -43.26 -23.89
CA SER E 353 -3.00 -43.45 -22.66
C SER E 353 -3.68 -42.73 -21.50
N ALA E 354 -3.29 -43.10 -20.29
CA ALA E 354 -3.75 -42.42 -19.08
C ALA E 354 -2.62 -41.54 -18.57
N VAL E 355 -2.48 -40.36 -19.17
CA VAL E 355 -1.31 -39.51 -18.94
C VAL E 355 -1.64 -38.07 -18.62
N GLY E 356 -2.88 -37.62 -18.69
CA GLY E 356 -3.10 -36.19 -18.68
C GLY E 356 -4.55 -35.83 -18.86
N GLY E 357 -4.85 -34.96 -19.83
CA GLY E 357 -6.23 -34.69 -20.16
C GLY E 357 -6.94 -35.85 -20.82
N LEU E 358 -6.19 -36.85 -21.29
CA LEU E 358 -6.78 -38.03 -21.91
C LEU E 358 -7.59 -38.84 -20.91
N GLN E 359 -7.17 -38.86 -19.65
CA GLN E 359 -7.99 -39.47 -18.62
C GLN E 359 -9.03 -38.51 -18.06
N PHE E 360 -9.21 -37.35 -18.67
CA PHE E 360 -10.29 -36.42 -18.40
C PHE E 360 -11.33 -36.38 -19.51
N THR E 361 -10.90 -36.51 -20.76
CA THR E 361 -11.84 -36.45 -21.87
C THR E 361 -12.47 -37.81 -22.15
N VAL E 362 -11.71 -38.89 -22.03
CA VAL E 362 -12.16 -40.21 -22.44
C VAL E 362 -12.55 -41.01 -21.21
N ILE E 363 -13.80 -41.46 -21.17
CA ILE E 363 -14.35 -42.22 -20.05
C ILE E 363 -14.14 -43.70 -20.36
N PRO E 364 -13.51 -44.48 -19.47
CA PRO E 364 -12.91 -45.76 -19.89
C PRO E 364 -13.88 -46.87 -20.27
N GLU E 365 -15.18 -46.70 -20.09
CA GLU E 365 -16.12 -47.69 -20.64
C GLU E 365 -17.31 -47.02 -21.32
N GLU E 366 -17.28 -45.71 -21.47
CA GLU E 366 -18.33 -44.94 -22.11
C GLU E 366 -17.95 -44.44 -23.50
N THR E 367 -16.78 -43.83 -23.63
CA THR E 367 -16.39 -43.17 -24.88
C THR E 367 -15.19 -43.84 -25.54
N GLY E 368 -14.63 -44.87 -24.94
CA GLY E 368 -13.46 -45.52 -25.46
C GLY E 368 -12.68 -46.20 -24.35
N LEU E 369 -11.42 -46.48 -24.62
CA LEU E 369 -10.58 -47.28 -23.74
C LEU E 369 -9.32 -46.53 -23.35
N LEU E 370 -8.84 -46.78 -22.14
CA LEU E 370 -7.57 -46.26 -21.67
C LEU E 370 -6.64 -47.38 -21.26
N VAL E 371 -5.39 -47.26 -21.68
CA VAL E 371 -4.35 -48.25 -21.38
C VAL E 371 -3.20 -47.55 -20.69
N PRO E 372 -2.34 -48.29 -20.00
CA PRO E 372 -1.04 -47.75 -19.61
C PRO E 372 -0.20 -47.40 -20.83
N PRO E 373 0.72 -46.43 -20.70
CA PRO E 373 1.44 -45.93 -21.88
C PRO E 373 2.36 -46.91 -22.58
N GLN E 374 3.36 -47.43 -21.88
CA GLN E 374 4.41 -48.20 -22.53
C GLN E 374 4.18 -49.70 -22.33
N ASP E 375 3.06 -50.18 -22.87
CA ASP E 375 2.86 -51.62 -23.06
C ASP E 375 1.96 -51.80 -24.28
N ALA E 376 2.55 -52.26 -25.38
CA ALA E 376 1.80 -52.49 -26.61
C ALA E 376 0.93 -53.73 -26.53
N ASN E 377 1.13 -54.57 -25.52
CA ASN E 377 0.32 -55.76 -25.32
C ASN E 377 -1.09 -55.33 -24.92
N ALA E 378 -1.18 -54.46 -23.92
CA ALA E 378 -2.47 -53.96 -23.47
C ALA E 378 -3.13 -53.08 -24.53
N LEU E 379 -2.34 -52.32 -25.27
CA LEU E 379 -2.89 -51.49 -26.34
C LEU E 379 -3.42 -52.34 -27.48
N ALA E 380 -2.70 -53.41 -27.81
CA ALA E 380 -3.16 -54.32 -28.85
C ALA E 380 -4.40 -55.07 -28.41
N ASN E 381 -4.48 -55.41 -27.12
CA ASN E 381 -5.69 -56.02 -26.58
C ASN E 381 -6.86 -55.05 -26.65
N ALA E 382 -6.61 -53.77 -26.37
CA ALA E 382 -7.67 -52.77 -26.43
C ALA E 382 -8.15 -52.54 -27.86
N ILE E 383 -7.23 -52.57 -28.84
CA ILE E 383 -7.64 -52.45 -30.23
C ILE E 383 -8.41 -53.69 -30.68
N GLN E 384 -7.97 -54.86 -30.20
CA GLN E 384 -8.63 -56.11 -30.59
C GLN E 384 -10.01 -56.21 -29.98
N ARG E 385 -10.23 -55.58 -28.82
CA ARG E 385 -11.56 -55.54 -28.22
C ARG E 385 -12.57 -54.81 -29.08
N ILE E 386 -12.31 -53.55 -29.44
CA ILE E 386 -13.33 -52.79 -30.14
C ILE E 386 -13.25 -53.03 -31.64
N LEU E 387 -12.28 -53.83 -32.09
CA LEU E 387 -12.38 -54.39 -33.42
C LEU E 387 -13.09 -55.73 -33.44
N ALA E 388 -13.50 -56.25 -32.28
CA ALA E 388 -14.29 -57.46 -32.25
C ALA E 388 -15.78 -57.20 -32.21
N ASP E 389 -16.21 -56.08 -31.63
CA ASP E 389 -17.62 -55.72 -31.55
C ASP E 389 -17.73 -54.32 -32.14
N PRO E 390 -18.02 -54.22 -33.44
CA PRO E 390 -18.04 -52.90 -34.09
C PRO E 390 -19.21 -52.03 -33.70
N ALA E 391 -20.37 -52.64 -33.41
CA ALA E 391 -21.52 -51.87 -32.94
C ALA E 391 -21.24 -51.25 -31.58
N TRP E 392 -20.48 -51.97 -30.75
CA TRP E 392 -20.06 -51.43 -29.47
C TRP E 392 -19.08 -50.28 -29.65
N ALA E 393 -18.21 -50.38 -30.66
CA ALA E 393 -17.33 -49.25 -30.97
C ALA E 393 -18.11 -48.05 -31.45
N ARG E 394 -19.18 -48.28 -32.23
CA ARG E 394 -20.00 -47.19 -32.71
C ARG E 394 -20.79 -46.53 -31.59
N THR E 395 -21.26 -47.30 -30.62
CA THR E 395 -21.98 -46.64 -29.53
C THR E 395 -21.01 -45.95 -28.56
N LEU E 396 -19.78 -46.45 -28.42
CA LEU E 396 -18.76 -45.69 -27.69
C LEU E 396 -18.45 -44.37 -28.38
N GLY E 397 -18.39 -44.39 -29.72
CA GLY E 397 -18.15 -43.20 -30.49
C GLY E 397 -19.26 -42.16 -30.41
N LYS E 398 -20.51 -42.60 -30.44
CA LYS E 398 -21.59 -41.62 -30.33
C LYS E 398 -21.72 -41.11 -28.90
N ASN E 399 -21.33 -41.92 -27.90
CA ASN E 399 -21.24 -41.39 -26.54
C ASN E 399 -20.17 -40.33 -26.45
N GLY E 400 -19.05 -40.54 -27.16
CA GLY E 400 -18.02 -39.51 -27.22
C GLY E 400 -18.47 -38.25 -27.92
N ARG E 401 -19.31 -38.39 -28.95
CA ARG E 401 -19.87 -37.21 -29.62
C ARG E 401 -20.77 -36.42 -28.69
N GLU E 402 -21.63 -37.11 -27.94
CA GLU E 402 -22.48 -36.42 -26.98
C GLU E 402 -21.67 -35.78 -25.86
N ARG E 403 -20.56 -36.42 -25.48
CA ARG E 403 -19.69 -35.86 -24.45
C ARG E 403 -19.00 -34.60 -24.92
N VAL E 404 -18.54 -34.59 -26.18
CA VAL E 404 -17.89 -33.39 -26.71
C VAL E 404 -18.91 -32.28 -26.93
N GLN E 405 -20.13 -32.64 -27.33
CA GLN E 405 -21.19 -31.65 -27.46
C GLN E 405 -21.57 -31.03 -26.11
N ALA E 406 -21.48 -31.81 -25.05
CA ALA E 406 -21.82 -31.31 -23.73
C ALA E 406 -20.70 -30.50 -23.08
N LEU E 407 -19.48 -31.02 -23.11
CA LEU E 407 -18.41 -30.48 -22.32
C LEU E 407 -17.30 -29.81 -23.11
N PHE E 408 -17.20 -30.06 -24.41
CA PHE E 408 -16.03 -29.57 -25.14
C PHE E 408 -16.42 -28.89 -26.45
N ASN E 409 -17.61 -28.32 -26.52
CA ASN E 409 -18.03 -27.52 -27.66
C ASN E 409 -17.37 -26.15 -27.55
N TRP E 410 -16.68 -25.73 -28.61
CA TRP E 410 -15.97 -24.45 -28.57
C TRP E 410 -16.93 -23.28 -28.57
N GLU E 411 -18.16 -23.48 -29.03
CA GLU E 411 -19.15 -22.41 -29.04
C GLU E 411 -19.55 -22.01 -27.61
N ALA E 412 -19.37 -22.92 -26.64
CA ALA E 412 -19.65 -22.58 -25.25
C ALA E 412 -18.38 -22.14 -24.52
N ILE E 413 -17.24 -22.77 -24.84
CA ILE E 413 -15.98 -22.45 -24.19
C ILE E 413 -15.54 -21.04 -24.56
N ALA E 414 -15.87 -20.59 -25.77
CA ALA E 414 -15.57 -19.22 -26.18
C ALA E 414 -16.34 -18.22 -25.34
N LEU E 415 -17.60 -18.54 -25.04
CA LEU E 415 -18.41 -17.71 -24.17
C LEU E 415 -17.87 -17.68 -22.74
N GLN E 416 -17.36 -18.81 -22.26
CA GLN E 416 -16.78 -18.86 -20.93
C GLN E 416 -15.50 -18.05 -20.84
N MET E 417 -14.62 -18.16 -21.84
CA MET E 417 -13.40 -17.36 -21.88
C MET E 417 -13.70 -15.88 -22.00
N GLY E 418 -14.74 -15.53 -22.75
CA GLY E 418 -15.13 -14.14 -22.85
C GLY E 418 -15.63 -13.56 -21.54
N GLN E 419 -16.41 -14.34 -20.79
CA GLN E 419 -16.85 -13.89 -19.48
C GLN E 419 -15.70 -13.81 -18.50
N LEU E 420 -14.71 -14.69 -18.65
CA LEU E 420 -13.49 -14.58 -17.86
C LEU E 420 -12.77 -13.28 -18.13
N TYR E 421 -12.64 -12.88 -19.40
CA TYR E 421 -11.96 -11.64 -19.70
C TYR E 421 -12.75 -10.44 -19.21
N ARG E 422 -14.09 -10.53 -19.28
CA ARG E 422 -14.90 -9.41 -18.83
C ARG E 422 -14.88 -9.25 -17.32
N GLN E 423 -14.80 -10.35 -16.57
CA GLN E 423 -14.69 -10.17 -15.13
C GLN E 423 -13.27 -9.83 -14.68
N LEU E 424 -12.25 -10.16 -15.47
CA LEU E 424 -10.93 -9.64 -15.14
C LEU E 424 -10.79 -8.18 -15.55
N PHE E 425 -11.52 -7.76 -16.58
CA PHE E 425 -11.56 -6.34 -16.93
C PHE E 425 -12.42 -5.55 -15.96
N ALA E 426 -13.29 -6.24 -15.20
CA ALA E 426 -14.11 -5.57 -14.21
C ALA E 426 -13.28 -4.94 -13.08
N ALA E 427 -12.14 -5.52 -12.74
CA ALA E 427 -11.15 -4.81 -11.95
C ALA E 427 -10.59 -3.67 -12.77
N SER E 428 -10.92 -2.45 -12.38
CA SER E 428 -10.89 -1.31 -13.30
C SER E 428 -9.48 -0.87 -13.64
N LEU E 429 -9.32 -0.39 -14.88
CA LEU E 429 -8.05 0.10 -15.38
C LEU E 429 -8.01 1.61 -15.29
N ARG F 30 -3.96 -19.06 -61.08
CA ARG F 30 -4.12 -17.85 -60.29
C ARG F 30 -3.17 -16.76 -60.77
N GLN F 31 -3.69 -15.82 -61.53
CA GLN F 31 -2.86 -14.82 -62.17
C GLN F 31 -2.65 -13.63 -61.25
N PRO F 32 -1.45 -13.04 -61.21
CA PRO F 32 -1.20 -11.90 -60.33
C PRO F 32 -1.54 -10.57 -60.99
N ILE F 33 -1.87 -9.60 -60.14
CA ILE F 33 -2.27 -8.26 -60.57
C ILE F 33 -1.59 -7.26 -59.65
N ALA F 34 -1.04 -6.19 -60.21
CA ALA F 34 -0.58 -5.06 -59.42
C ALA F 34 -1.65 -3.99 -59.37
N LEU F 35 -1.92 -3.48 -58.17
CA LEU F 35 -2.62 -2.23 -57.96
C LEU F 35 -1.64 -1.25 -57.35
N ILE F 36 -1.49 -0.09 -57.97
CA ILE F 36 -0.47 0.87 -57.52
C ILE F 36 -1.17 2.15 -57.11
N SER F 37 -1.02 2.52 -55.84
CA SER F 37 -1.52 3.77 -55.27
C SER F 37 -0.44 4.26 -54.31
N VAL F 38 0.35 5.26 -54.71
CA VAL F 38 1.56 5.56 -53.96
C VAL F 38 1.29 6.44 -52.74
N HIS F 39 0.40 7.43 -52.84
CA HIS F 39 0.13 8.27 -51.69
C HIS F 39 -0.95 7.69 -50.82
N GLY F 40 -1.74 6.77 -51.36
CA GLY F 40 -2.78 6.14 -50.62
C GLY F 40 -2.41 4.77 -50.11
N ASP F 41 -2.58 4.56 -48.81
CA ASP F 41 -2.32 3.28 -48.19
C ASP F 41 -3.67 2.59 -48.01
N PRO F 42 -3.94 1.48 -48.71
CA PRO F 42 -5.22 0.77 -48.50
C PRO F 42 -5.37 0.16 -47.12
N ALA F 43 -4.27 0.02 -46.38
CA ALA F 43 -4.29 -0.41 -44.99
C ALA F 43 -4.37 0.75 -44.02
N ALA F 44 -4.97 1.86 -44.41
CA ALA F 44 -5.07 3.01 -43.53
C ALA F 44 -6.48 3.12 -42.95
N ASP F 45 -6.55 3.81 -41.82
CA ASP F 45 -7.82 4.19 -41.21
C ASP F 45 -8.31 5.47 -41.88
N VAL F 46 -9.33 5.34 -42.71
CA VAL F 46 -9.66 6.37 -43.68
C VAL F 46 -10.40 7.53 -43.02
N GLY F 47 -10.20 8.72 -43.58
CA GLY F 47 -10.87 9.91 -43.12
C GLY F 47 -10.02 11.15 -43.10
N HIS F 48 -8.72 11.00 -42.88
CA HIS F 48 -7.82 12.13 -42.73
C HIS F 48 -7.13 12.46 -44.06
N GLU F 49 -6.11 13.31 -44.02
CA GLU F 49 -5.38 13.70 -45.23
C GLU F 49 -4.61 12.51 -45.78
N SER F 50 -4.68 12.35 -47.11
CA SER F 50 -4.12 11.22 -47.88
C SER F 50 -4.73 9.88 -47.46
N ALA F 51 -5.91 9.90 -46.85
CA ALA F 51 -6.63 8.66 -46.62
C ALA F 51 -7.70 8.48 -47.70
N GLY F 52 -8.71 9.33 -47.70
CA GLY F 52 -9.66 9.46 -48.79
C GLY F 52 -10.44 8.26 -49.26
N GLY F 53 -11.15 8.42 -50.39
CA GLY F 53 -11.90 7.32 -50.95
C GLY F 53 -11.10 6.48 -51.92
N GLN F 54 -9.91 6.95 -52.30
CA GLN F 54 -9.01 6.16 -53.13
C GLN F 54 -8.55 4.90 -52.41
N ASN F 55 -8.36 4.98 -51.10
CA ASN F 55 -7.97 3.82 -50.32
C ASN F 55 -9.11 2.83 -50.20
N ILE F 56 -10.32 3.33 -50.02
CA ILE F 56 -11.51 2.47 -50.03
C ILE F 56 -11.61 1.77 -51.37
N TYR F 57 -11.42 2.52 -52.46
CA TYR F 57 -11.46 2.02 -53.82
C TYR F 57 -10.50 0.87 -54.05
N VAL F 58 -9.21 1.10 -53.78
CA VAL F 58 -8.21 0.09 -54.08
C VAL F 58 -8.31 -1.08 -53.11
N ARG F 59 -8.75 -0.82 -51.87
CA ARG F 59 -8.86 -1.88 -50.88
C ARG F 59 -9.98 -2.83 -51.23
N GLN F 60 -11.19 -2.30 -51.48
CA GLN F 60 -12.30 -3.18 -51.78
C GLN F 60 -12.19 -3.79 -53.16
N LEU F 61 -11.50 -3.10 -54.09
CA LEU F 61 -11.22 -3.68 -55.39
C LEU F 61 -10.29 -4.88 -55.28
N GLY F 62 -9.13 -4.72 -54.64
CA GLY F 62 -8.19 -5.81 -54.57
C GLY F 62 -8.69 -6.97 -53.73
N GLU F 63 -9.47 -6.68 -52.69
CA GLU F 63 -10.00 -7.74 -51.86
C GLU F 63 -11.10 -8.50 -52.60
N ALA F 64 -11.89 -7.80 -53.43
CA ALA F 64 -12.90 -8.45 -54.25
C ALA F 64 -12.28 -9.29 -55.36
N LEU F 65 -11.15 -8.82 -55.90
CA LEU F 65 -10.46 -9.57 -56.94
C LEU F 65 -9.85 -10.84 -56.40
N ALA F 66 -9.23 -10.77 -55.22
CA ALA F 66 -8.68 -11.97 -54.61
C ALA F 66 -9.77 -12.93 -54.20
N ALA F 67 -10.96 -12.41 -53.88
CA ALA F 67 -12.13 -13.28 -53.69
C ALA F 67 -12.50 -13.98 -54.99
N ALA F 68 -12.28 -13.31 -56.11
CA ALA F 68 -12.70 -13.85 -57.41
C ALA F 68 -11.63 -14.72 -58.05
N GLY F 69 -10.61 -15.11 -57.27
CA GLY F 69 -9.62 -16.04 -57.76
C GLY F 69 -8.36 -15.41 -58.31
N TRP F 70 -8.13 -14.13 -58.05
CA TRP F 70 -6.91 -13.49 -58.50
C TRP F 70 -5.87 -13.51 -57.39
N HIS F 71 -4.69 -13.00 -57.72
CA HIS F 71 -3.61 -12.75 -56.77
C HIS F 71 -3.32 -11.26 -56.77
N VAL F 72 -3.52 -10.61 -55.64
CA VAL F 72 -3.52 -9.15 -55.59
C VAL F 72 -2.38 -8.69 -54.68
N ASP F 73 -1.49 -7.90 -55.25
CA ASP F 73 -0.51 -7.11 -54.51
C ASP F 73 -0.83 -5.64 -54.73
N MET F 74 -1.05 -4.90 -53.66
CA MET F 74 -1.42 -3.50 -53.71
C MET F 74 -0.24 -2.69 -53.19
N PHE F 75 0.40 -1.94 -54.07
CA PHE F 75 1.65 -1.29 -53.74
C PHE F 75 1.42 0.14 -53.29
N THR F 76 2.08 0.52 -52.21
CA THR F 76 1.99 1.87 -51.69
C THR F 76 3.31 2.24 -51.05
N ARG F 77 3.40 3.49 -50.60
CA ARG F 77 4.66 4.01 -50.09
C ARG F 77 4.72 3.87 -48.57
N LYS F 78 5.89 3.50 -48.08
CA LYS F 78 6.11 3.33 -46.65
C LYS F 78 6.53 4.66 -46.03
N THR F 79 5.87 5.03 -44.93
CA THR F 79 6.03 6.35 -44.33
C THR F 79 6.50 6.28 -42.88
N ASP F 80 6.95 5.13 -42.42
CA ASP F 80 7.40 4.93 -41.04
C ASP F 80 8.26 3.67 -41.03
N PRO F 81 9.51 3.73 -40.55
CA PRO F 81 10.35 2.52 -40.53
C PRO F 81 9.91 1.46 -39.52
N ASN F 82 8.91 1.73 -38.69
CA ASN F 82 8.37 0.73 -37.79
C ASN F 82 7.05 0.16 -38.25
N ASP F 83 6.52 0.64 -39.38
CA ASP F 83 5.35 0.03 -39.97
C ASP F 83 5.71 -1.32 -40.59
N PRO F 84 4.76 -2.25 -40.64
CA PRO F 84 5.03 -3.53 -41.32
C PRO F 84 5.12 -3.34 -42.82
N ASP F 85 5.89 -4.22 -43.46
CA ASP F 85 6.09 -4.12 -44.89
C ASP F 85 4.96 -4.76 -45.70
N VAL F 86 4.51 -5.94 -45.31
CA VAL F 86 3.49 -6.66 -46.07
C VAL F 86 2.34 -7.01 -45.14
N ILE F 87 1.12 -6.62 -45.51
CA ILE F 87 -0.07 -6.87 -44.72
C ILE F 87 -1.04 -7.69 -45.57
N GLU F 88 -1.38 -8.88 -45.09
CA GLU F 88 -2.30 -9.77 -45.82
C GLU F 88 -3.70 -9.59 -45.24
N HIS F 89 -4.53 -8.82 -45.95
CA HIS F 89 -5.86 -8.48 -45.47
C HIS F 89 -6.82 -9.66 -45.57
N SER F 90 -6.62 -10.48 -46.59
CA SER F 90 -7.49 -11.61 -46.92
C SER F 90 -6.66 -12.55 -47.77
N PRO F 91 -7.07 -13.82 -47.91
CA PRO F 91 -6.27 -14.78 -48.68
C PRO F 91 -6.03 -14.35 -50.12
N HIS F 92 -4.75 -14.25 -50.46
CA HIS F 92 -4.19 -13.78 -51.72
C HIS F 92 -4.47 -12.31 -51.99
N CYS F 93 -4.60 -11.49 -50.95
CA CYS F 93 -4.69 -10.04 -51.10
C CYS F 93 -3.75 -9.40 -50.11
N ARG F 94 -2.73 -8.72 -50.61
CA ARG F 94 -1.70 -8.14 -49.75
C ARG F 94 -1.50 -6.67 -50.08
N THR F 95 -1.15 -5.90 -49.07
CA THR F 95 -0.66 -4.54 -49.24
C THR F 95 0.83 -4.50 -48.97
N ILE F 96 1.57 -3.91 -49.89
CA ILE F 96 3.02 -3.92 -49.87
C ILE F 96 3.53 -2.49 -49.83
N ARG F 97 4.31 -2.18 -48.80
CA ARG F 97 4.83 -0.85 -48.56
C ARG F 97 6.29 -0.80 -49.00
N LEU F 98 6.58 0.09 -49.93
CA LEU F 98 7.88 0.15 -50.58
C LEU F 98 8.68 1.34 -50.08
N GLN F 99 9.98 1.14 -49.87
CA GLN F 99 10.86 2.24 -49.54
C GLN F 99 11.19 3.01 -50.80
N ALA F 100 10.46 4.09 -51.05
CA ALA F 100 10.80 4.96 -52.16
C ALA F 100 11.89 5.95 -51.74
N GLY F 101 11.56 6.87 -50.85
CA GLY F 101 12.48 7.91 -50.47
C GLY F 101 12.61 8.04 -48.98
N PRO F 102 12.28 9.22 -48.46
CA PRO F 102 12.21 9.40 -47.01
C PRO F 102 11.11 8.57 -46.41
N LEU F 103 11.38 7.99 -45.25
CA LEU F 103 10.39 7.14 -44.59
C LEU F 103 9.57 7.97 -43.62
N THR F 104 9.06 9.10 -44.08
CA THR F 104 8.14 9.93 -43.33
C THR F 104 6.97 10.25 -44.24
N TYR F 105 6.00 10.97 -43.69
CA TYR F 105 4.93 11.49 -44.52
C TYR F 105 5.49 12.56 -45.46
N ILE F 106 5.20 12.40 -46.75
CA ILE F 106 5.40 13.45 -47.73
C ILE F 106 4.05 13.68 -48.38
N PRO F 107 3.58 14.92 -48.49
CA PRO F 107 2.32 15.15 -49.20
C PRO F 107 2.45 14.85 -50.67
N ARG F 108 1.30 14.63 -51.32
CA ARG F 108 1.27 14.12 -52.68
C ARG F 108 1.85 15.11 -53.67
N GLU F 109 1.68 16.41 -53.43
CA GLU F 109 2.17 17.44 -54.34
C GLU F 109 3.69 17.47 -54.38
N LYS F 110 4.34 16.93 -53.34
CA LYS F 110 5.79 16.82 -53.32
C LYS F 110 6.27 15.38 -53.43
N LEU F 111 5.46 14.46 -53.96
CA LEU F 111 5.90 13.08 -54.04
C LEU F 111 6.59 12.71 -55.34
N PHE F 112 6.66 13.64 -56.30
CA PHE F 112 7.08 13.28 -57.66
C PHE F 112 8.53 12.85 -57.70
N GLU F 113 9.41 13.54 -56.98
CA GLU F 113 10.81 13.16 -56.94
C GLU F 113 11.06 11.90 -56.11
N THR F 114 10.06 11.35 -55.42
CA THR F 114 10.24 10.05 -54.83
C THR F 114 9.87 8.93 -55.80
N LEU F 115 9.31 9.28 -56.94
CA LEU F 115 8.77 8.27 -57.86
C LEU F 115 9.78 7.41 -58.61
N PRO F 116 10.91 7.91 -59.15
CA PRO F 116 11.83 6.97 -59.83
C PRO F 116 12.53 5.98 -58.91
N LYS F 117 12.51 6.19 -57.60
CA LYS F 117 13.01 5.14 -56.71
C LYS F 117 11.94 4.10 -56.45
N PHE F 118 10.67 4.54 -56.36
CA PHE F 118 9.53 3.65 -56.19
C PHE F 118 9.48 2.59 -57.28
N VAL F 119 9.65 3.04 -58.53
CA VAL F 119 9.70 2.16 -59.70
C VAL F 119 10.76 1.09 -59.51
N GLU F 120 11.93 1.48 -58.99
CA GLU F 120 12.99 0.52 -58.75
C GLU F 120 12.58 -0.49 -57.68
N ALA F 121 11.92 0.00 -56.62
CA ALA F 121 11.44 -0.89 -55.58
C ALA F 121 10.31 -1.77 -56.07
N PHE F 122 9.67 -1.38 -57.18
CA PHE F 122 8.64 -2.23 -57.75
C PHE F 122 9.23 -3.45 -58.42
N LYS F 123 10.41 -3.31 -59.03
CA LYS F 123 10.82 -4.20 -60.11
C LYS F 123 11.01 -5.64 -59.65
N ALA F 124 11.50 -5.81 -58.42
CA ALA F 124 11.74 -7.14 -57.87
C ALA F 124 10.45 -7.92 -57.72
N TYR F 125 9.35 -7.22 -57.38
CA TYR F 125 8.06 -7.89 -57.32
C TYR F 125 7.62 -8.36 -58.70
N HIS F 126 7.91 -7.56 -59.73
CA HIS F 126 7.72 -8.04 -61.11
C HIS F 126 8.57 -9.26 -61.36
N ALA F 127 9.79 -9.24 -60.82
CA ALA F 127 10.71 -10.36 -60.97
C ALA F 127 10.21 -11.61 -60.27
N LYS F 128 9.32 -11.46 -59.28
CA LYS F 128 8.77 -12.66 -58.69
C LYS F 128 7.55 -13.13 -59.46
N TYR F 129 6.78 -12.21 -60.02
CA TYR F 129 5.46 -12.59 -60.50
C TYR F 129 5.25 -12.36 -61.98
N GLY F 130 5.76 -11.27 -62.53
CA GLY F 130 5.55 -10.96 -63.93
C GLY F 130 4.12 -10.58 -64.20
N TYR F 131 3.73 -9.42 -63.69
CA TYR F 131 2.36 -8.91 -63.68
C TYR F 131 1.84 -8.69 -65.09
N PRO F 132 0.78 -9.39 -65.50
CA PRO F 132 0.18 -9.11 -66.80
C PRO F 132 -0.78 -7.93 -66.78
N LEU F 133 -1.33 -7.62 -65.60
CA LEU F 133 -2.20 -6.47 -65.43
C LEU F 133 -1.68 -5.59 -64.31
N ILE F 134 -1.51 -4.31 -64.63
CA ILE F 134 -1.16 -3.29 -63.65
C ILE F 134 -2.18 -2.18 -63.74
N HIS F 135 -2.87 -1.95 -62.63
CA HIS F 135 -3.90 -0.92 -62.51
C HIS F 135 -3.33 0.16 -61.60
N THR F 136 -3.09 1.32 -62.17
CA THR F 136 -2.57 2.45 -61.42
C THR F 136 -3.67 3.45 -61.11
N ASN F 137 -3.72 3.85 -59.86
CA ASN F 137 -4.69 4.80 -59.34
C ASN F 137 -3.95 6.05 -58.94
N TYR F 138 -4.50 7.24 -59.24
CA TYR F 138 -3.86 8.53 -58.98
C TYR F 138 -2.57 8.76 -59.77
N TRP F 139 -2.68 9.70 -60.71
CA TRP F 139 -1.61 10.22 -61.58
C TRP F 139 -0.17 10.02 -61.07
N LEU F 140 0.10 10.27 -59.80
CA LEU F 140 1.41 9.94 -59.22
C LEU F 140 1.78 8.49 -59.40
N SER F 141 0.83 7.58 -59.29
CA SER F 141 1.10 6.19 -59.58
C SER F 141 1.01 5.92 -61.06
N GLY F 142 0.26 6.75 -61.77
CA GLY F 142 0.20 6.63 -63.22
C GLY F 142 1.54 6.91 -63.88
N TRP F 143 2.34 7.79 -63.28
CA TRP F 143 3.69 8.04 -63.78
C TRP F 143 4.57 6.80 -63.63
N VAL F 144 4.41 6.08 -62.51
CA VAL F 144 5.10 4.81 -62.30
C VAL F 144 4.67 3.81 -63.36
N GLY F 145 3.37 3.74 -63.63
CA GLY F 145 2.88 2.83 -64.66
C GLY F 145 3.37 3.19 -66.06
N TRP F 146 3.54 4.48 -66.31
CA TRP F 146 4.01 4.92 -67.63
C TRP F 146 5.49 4.66 -67.80
N GLN F 147 6.27 4.79 -66.72
CA GLN F 147 7.69 4.43 -66.79
C GLN F 147 7.88 2.92 -66.92
N LEU F 148 7.02 2.13 -66.29
CA LEU F 148 7.10 0.69 -66.42
C LEU F 148 6.61 0.24 -67.79
N ARG F 149 5.73 1.02 -68.41
CA ARG F 149 5.18 0.72 -69.73
C ARG F 149 6.25 0.70 -70.81
N GLN F 150 7.30 1.49 -70.66
CA GLN F 150 8.43 1.46 -71.58
C GLN F 150 9.41 0.33 -71.31
N GLN F 151 9.19 -0.45 -70.26
CA GLN F 151 10.17 -1.47 -69.91
C GLN F 151 9.58 -2.86 -69.69
N PHE F 152 8.34 -2.98 -69.23
CA PHE F 152 7.70 -4.27 -69.05
C PHE F 152 6.40 -4.31 -69.86
N ASN F 153 5.99 -5.51 -70.23
CA ASN F 153 4.78 -5.72 -71.01
C ASN F 153 3.65 -6.14 -70.09
N PHE F 154 2.59 -5.34 -70.05
CA PHE F 154 1.44 -5.61 -69.20
C PHE F 154 0.24 -4.86 -69.74
N GLN F 155 -0.93 -5.27 -69.27
CA GLN F 155 -2.17 -4.56 -69.55
C GLN F 155 -2.31 -3.45 -68.52
N TRP F 156 -2.22 -2.20 -68.97
CA TRP F 156 -2.20 -1.07 -68.06
C TRP F 156 -3.56 -0.41 -68.00
N LEU F 157 -4.15 -0.44 -66.81
CA LEU F 157 -5.40 0.22 -66.52
C LEU F 157 -5.11 1.39 -65.59
N HIS F 158 -5.97 2.39 -65.64
CA HIS F 158 -5.70 3.57 -64.83
C HIS F 158 -6.99 4.24 -64.39
N THR F 159 -7.03 4.62 -63.13
CA THR F 159 -8.10 5.46 -62.58
C THR F 159 -7.47 6.74 -62.06
N TYR F 160 -8.04 7.87 -62.43
CA TYR F 160 -7.41 9.15 -62.09
C TYR F 160 -7.64 9.51 -60.63
N HIS F 161 -8.91 9.48 -60.20
CA HIS F 161 -9.48 9.87 -58.90
C HIS F 161 -9.46 11.38 -58.67
N SER F 162 -8.74 12.14 -59.51
CA SER F 162 -8.69 13.59 -59.42
C SER F 162 -8.07 14.12 -60.72
N LEU F 163 -8.84 14.90 -61.47
CA LEU F 163 -8.26 15.58 -62.62
C LEU F 163 -7.73 16.94 -62.20
N GLY F 164 -6.49 17.24 -62.62
CA GLY F 164 -5.89 18.51 -62.25
C GLY F 164 -6.49 19.67 -63.00
N VAL F 165 -6.93 19.43 -64.24
CA VAL F 165 -7.45 20.52 -65.06
C VAL F 165 -8.82 20.97 -64.54
N VAL F 166 -9.53 20.10 -63.82
CA VAL F 166 -10.75 20.51 -63.15
C VAL F 166 -10.42 21.10 -61.78
N LYS F 167 -9.35 20.61 -61.16
CA LYS F 167 -8.85 21.13 -59.89
C LYS F 167 -8.45 22.59 -59.98
N TYR F 168 -7.87 22.99 -61.11
CA TYR F 168 -7.22 24.27 -61.23
C TYR F 168 -8.12 25.34 -61.83
N GLN F 169 -9.39 25.03 -62.09
CA GLN F 169 -10.36 26.06 -62.45
C GLN F 169 -10.93 26.76 -61.23
N VAL F 170 -10.62 26.29 -60.03
CA VAL F 170 -11.25 26.79 -58.82
C VAL F 170 -10.43 27.97 -58.30
N ALA F 171 -11.11 29.07 -57.98
CA ALA F 171 -10.44 30.28 -57.52
C ALA F 171 -10.08 30.24 -56.05
N SER F 172 -10.35 29.14 -55.34
CA SER F 172 -9.91 28.92 -53.97
C SER F 172 -8.48 28.38 -53.98
N GLU F 173 -8.09 27.72 -52.88
CA GLU F 173 -6.85 26.97 -52.76
C GLU F 173 -6.62 26.07 -53.97
N GLN F 174 -5.34 25.90 -54.31
CA GLN F 174 -4.85 25.18 -55.49
C GLN F 174 -5.36 25.85 -56.75
N ALA F 175 -5.25 27.18 -56.76
CA ALA F 175 -5.27 27.97 -57.98
C ALA F 175 -3.88 28.04 -58.62
N GLN F 176 -2.87 27.47 -57.97
CA GLN F 176 -1.55 27.26 -58.54
C GLN F 176 -1.59 25.96 -59.33
N ARG F 177 -1.23 26.05 -60.61
CA ARG F 177 -1.33 24.90 -61.49
C ARG F 177 -0.09 24.03 -61.41
N ASP F 178 -0.07 22.95 -62.18
CA ASP F 178 1.09 22.07 -62.23
C ASP F 178 1.13 21.40 -63.60
N GLU F 179 1.90 21.97 -64.53
CA GLU F 179 1.86 21.50 -65.92
C GLU F 179 2.51 20.13 -66.07
N THR F 180 3.36 19.75 -65.12
CA THR F 180 3.86 18.38 -65.09
C THR F 180 2.74 17.39 -64.86
N ARG F 181 1.80 17.73 -63.96
CA ARG F 181 0.65 16.88 -63.71
C ARG F 181 -0.25 16.78 -64.92
N LEU F 182 -0.52 17.90 -65.57
CA LEU F 182 -1.39 17.89 -66.75
C LEU F 182 -0.75 17.13 -67.90
N MET F 183 0.56 17.29 -68.07
CA MET F 183 1.27 16.61 -69.14
C MET F 183 1.28 15.10 -68.92
N VAL F 184 1.50 14.66 -67.68
CA VAL F 184 1.60 13.22 -67.48
C VAL F 184 0.22 12.58 -67.37
N GLU F 185 -0.81 13.34 -66.97
CA GLU F 185 -2.17 12.83 -67.10
C GLU F 185 -2.58 12.68 -68.58
N LYS F 186 -2.15 13.62 -69.43
CA LYS F 186 -2.34 13.44 -70.87
C LYS F 186 -1.58 12.23 -71.39
N ALA F 187 -0.37 12.01 -70.88
CA ALA F 187 0.42 10.86 -71.29
C ALA F 187 -0.23 9.55 -70.86
N ILE F 188 -0.90 9.55 -69.71
CA ILE F 188 -1.65 8.39 -69.26
C ILE F 188 -2.82 8.13 -70.20
N LEU F 189 -3.60 9.17 -70.50
CA LEU F 189 -4.79 8.99 -71.35
C LEU F 189 -4.40 8.59 -72.76
N GLU F 190 -3.24 9.05 -73.23
CA GLU F 190 -2.73 8.61 -74.53
C GLU F 190 -2.26 7.16 -74.48
N ASN F 191 -1.54 6.78 -73.44
CA ASN F 191 -0.72 5.58 -73.49
C ASN F 191 -1.18 4.46 -72.55
N ALA F 192 -2.38 4.54 -71.97
CA ALA F 192 -2.87 3.45 -71.14
C ALA F 192 -3.84 2.60 -71.94
N ASP F 193 -3.83 1.30 -71.65
CA ASP F 193 -4.71 0.37 -72.35
C ASP F 193 -6.16 0.60 -71.99
N CYS F 194 -6.44 0.87 -70.72
CA CYS F 194 -7.80 1.22 -70.35
C CYS F 194 -7.78 2.28 -69.26
N VAL F 195 -8.73 3.21 -69.35
CA VAL F 195 -8.89 4.27 -68.37
C VAL F 195 -10.31 4.16 -67.81
N ILE F 196 -10.41 4.00 -66.50
CA ILE F 196 -11.70 3.85 -65.84
C ILE F 196 -12.18 5.21 -65.39
N VAL F 197 -13.36 5.60 -65.84
CA VAL F 197 -13.96 6.84 -65.40
C VAL F 197 -15.13 6.51 -64.49
N THR F 198 -15.28 7.30 -63.43
CA THR F 198 -16.24 7.01 -62.39
C THR F 198 -17.58 7.67 -62.63
N SER F 199 -17.65 8.60 -63.57
CA SER F 199 -18.85 9.36 -63.88
C SER F 199 -18.73 9.84 -65.32
N PRO F 200 -19.85 10.09 -66.00
CA PRO F 200 -19.76 10.64 -67.35
C PRO F 200 -19.26 12.08 -67.38
N GLN F 201 -19.33 12.76 -66.24
CA GLN F 201 -18.72 14.07 -66.13
C GLN F 201 -17.21 13.99 -66.31
N GLU F 202 -16.59 12.94 -65.78
CA GLU F 202 -15.16 12.75 -65.97
C GLU F 202 -14.83 12.42 -67.42
N GLU F 203 -15.75 11.71 -68.09
CA GLU F 203 -15.61 11.42 -69.51
C GLU F 203 -15.60 12.71 -70.33
N ALA F 204 -16.54 13.60 -70.03
CA ALA F 204 -16.61 14.91 -70.66
C ALA F 204 -15.38 15.74 -70.39
N TYR F 205 -14.91 15.72 -69.12
CA TYR F 205 -13.71 16.43 -68.71
C TYR F 205 -12.47 15.98 -69.48
N LEU F 206 -12.28 14.66 -69.58
CA LEU F 206 -11.11 14.10 -70.25
C LEU F 206 -11.15 14.37 -71.74
N ARG F 207 -12.31 14.17 -72.37
CA ARG F 207 -12.39 14.38 -73.80
C ARG F 207 -12.43 15.86 -74.16
N ARG F 208 -12.65 16.74 -73.18
CA ARG F 208 -12.66 18.17 -73.47
C ARG F 208 -11.29 18.80 -73.24
N TRP F 209 -10.71 18.62 -72.05
CA TRP F 209 -9.51 19.37 -71.70
C TRP F 209 -8.23 18.54 -71.72
N VAL F 210 -8.30 17.24 -72.04
CA VAL F 210 -7.07 16.47 -71.94
C VAL F 210 -6.68 15.89 -73.31
N SER F 211 -7.49 14.99 -73.84
CA SER F 211 -7.18 14.33 -75.11
C SER F 211 -8.42 13.62 -75.61
N LYS F 212 -8.68 13.75 -76.91
CA LYS F 212 -9.78 13.06 -77.55
C LYS F 212 -9.49 11.57 -77.74
N ALA F 213 -8.23 11.19 -77.88
CA ALA F 213 -7.85 9.81 -78.10
C ALA F 213 -7.86 9.04 -76.78
N GLY F 214 -7.42 7.79 -76.83
CA GLY F 214 -7.39 6.95 -75.66
C GLY F 214 -8.69 6.21 -75.41
N GLN F 215 -8.59 4.94 -75.03
CA GLN F 215 -9.79 4.16 -74.73
C GLN F 215 -10.23 4.41 -73.30
N THR F 216 -11.54 4.43 -73.09
CA THR F 216 -12.13 4.77 -71.80
C THR F 216 -13.16 3.72 -71.42
N ARG F 217 -13.57 3.75 -70.15
CA ARG F 217 -14.56 2.81 -69.65
C ARG F 217 -15.27 3.41 -68.45
N LEU F 218 -16.59 3.50 -68.52
CA LEU F 218 -17.39 4.00 -67.41
C LEU F 218 -17.72 2.86 -66.46
N ILE F 219 -17.01 2.81 -65.33
CA ILE F 219 -17.37 1.94 -64.22
C ILE F 219 -17.36 2.82 -62.98
N PRO F 220 -18.50 3.10 -62.38
CA PRO F 220 -18.55 4.04 -61.26
C PRO F 220 -18.04 3.42 -59.98
N CYS F 221 -17.91 4.25 -58.95
CA CYS F 221 -17.56 3.74 -57.65
C CYS F 221 -18.81 3.23 -56.95
N GLY F 222 -18.62 2.26 -56.06
CA GLY F 222 -19.73 1.64 -55.36
C GLY F 222 -19.45 1.56 -53.88
N THR F 223 -20.53 1.42 -53.11
CA THR F 223 -20.43 1.28 -51.67
C THR F 223 -20.94 -0.08 -51.24
N ASN F 224 -20.55 -0.47 -50.03
CA ASN F 224 -20.95 -1.75 -49.46
C ASN F 224 -22.23 -1.55 -48.69
N LEU F 225 -23.31 -2.19 -49.13
CA LEU F 225 -24.58 -2.06 -48.44
C LEU F 225 -24.65 -2.86 -47.16
N LYS F 226 -23.69 -3.75 -46.92
CA LYS F 226 -23.62 -4.42 -45.63
C LYS F 226 -23.08 -3.49 -44.55
N LEU F 227 -22.34 -2.46 -44.93
CA LEU F 227 -21.81 -1.49 -43.99
C LEU F 227 -22.62 -0.21 -43.93
N PHE F 228 -23.43 0.06 -44.95
CA PHE F 228 -24.17 1.31 -45.04
C PHE F 228 -25.63 0.99 -45.26
N TYR F 229 -26.43 1.27 -44.25
CA TYR F 229 -27.81 0.82 -44.15
C TYR F 229 -28.50 1.67 -43.09
N PRO F 230 -29.82 1.82 -43.16
CA PRO F 230 -30.53 2.55 -42.09
C PRO F 230 -30.48 1.78 -40.79
N VAL F 231 -30.02 2.45 -39.74
CA VAL F 231 -29.88 1.82 -38.44
C VAL F 231 -31.11 2.14 -37.60
N ALA F 232 -31.46 3.43 -37.53
CA ALA F 232 -32.60 4.00 -36.81
C ALA F 232 -32.54 3.82 -35.29
N ASP F 233 -31.45 3.23 -34.80
CA ASP F 233 -31.14 3.13 -33.38
C ASP F 233 -30.05 4.15 -33.12
N ALA F 234 -29.89 5.06 -34.08
CA ALA F 234 -28.66 5.83 -34.25
C ALA F 234 -28.54 6.95 -33.22
N ARG F 235 -29.59 7.75 -33.05
CA ARG F 235 -29.55 8.82 -32.06
C ARG F 235 -29.60 8.28 -30.64
N ALA F 236 -30.07 7.05 -30.47
CA ALA F 236 -29.92 6.36 -29.20
C ALA F 236 -28.48 5.93 -29.00
N GLN F 237 -27.85 5.43 -30.06
CA GLN F 237 -26.46 4.96 -29.94
C GLN F 237 -25.47 6.11 -29.84
N LEU F 238 -25.84 7.32 -30.25
CA LEU F 238 -24.95 8.46 -30.14
C LEU F 238 -25.34 9.40 -29.01
N ASN F 239 -26.40 9.06 -28.26
CA ASN F 239 -26.96 9.86 -27.17
C ASN F 239 -27.31 11.27 -27.64
N LEU F 240 -28.16 11.32 -28.66
CA LEU F 240 -28.57 12.55 -29.31
C LEU F 240 -30.08 12.73 -29.15
N PRO F 241 -30.56 13.98 -29.12
CA PRO F 241 -32.00 14.19 -28.98
C PRO F 241 -32.77 13.76 -30.22
N ALA F 242 -33.92 13.13 -30.00
CA ALA F 242 -34.59 12.40 -31.07
C ALA F 242 -35.32 13.33 -32.02
N ASP F 243 -35.75 14.50 -31.55
CA ASP F 243 -36.58 15.38 -32.37
C ASP F 243 -35.86 16.67 -32.75
N GLU F 244 -34.54 16.70 -32.69
CA GLU F 244 -33.77 17.88 -33.03
C GLU F 244 -33.17 17.73 -34.43
N PRO F 245 -33.20 18.79 -35.24
CA PRO F 245 -32.58 18.71 -36.57
C PRO F 245 -31.07 18.69 -36.54
N ILE F 246 -30.46 17.74 -37.25
CA ILE F 246 -29.02 17.55 -37.29
C ILE F 246 -28.56 17.61 -38.74
N VAL F 247 -27.58 18.46 -39.03
CA VAL F 247 -26.97 18.57 -40.34
C VAL F 247 -25.58 17.96 -40.27
N LEU F 248 -25.26 17.05 -41.18
CA LEU F 248 -24.07 16.24 -41.10
C LEU F 248 -23.12 16.55 -42.25
N TYR F 249 -21.83 16.64 -41.93
CA TYR F 249 -20.77 16.64 -42.92
C TYR F 249 -19.79 15.53 -42.60
N VAL F 250 -19.58 14.64 -43.56
CA VAL F 250 -18.55 13.63 -43.48
C VAL F 250 -17.57 13.89 -44.60
N GLY F 251 -16.29 13.93 -44.27
CA GLY F 251 -15.27 14.23 -45.25
C GLY F 251 -14.05 14.86 -44.63
N ARG F 252 -13.02 15.07 -45.43
CA ARG F 252 -11.75 15.58 -44.93
C ARG F 252 -11.83 17.08 -44.69
N PHE F 253 -10.74 17.65 -44.19
CA PHE F 253 -10.64 19.09 -44.03
C PHE F 253 -9.79 19.62 -45.18
N ASP F 254 -10.46 20.14 -46.19
CA ASP F 254 -9.82 20.83 -47.29
C ASP F 254 -10.68 22.03 -47.65
N ARG F 255 -10.04 23.06 -48.21
CA ARG F 255 -10.80 24.23 -48.62
C ARG F 255 -11.71 23.91 -49.80
N ARG F 256 -11.38 22.88 -50.59
CA ARG F 256 -12.21 22.51 -51.73
C ARG F 256 -13.47 21.78 -51.31
N LYS F 257 -13.53 21.29 -50.07
CA LYS F 257 -14.73 20.65 -49.57
C LYS F 257 -15.80 21.64 -49.17
N GLY F 258 -15.45 22.92 -49.06
CA GLY F 258 -16.42 23.96 -48.86
C GLY F 258 -17.08 23.94 -47.50
N ILE F 259 -16.30 23.60 -46.46
CA ILE F 259 -16.83 23.61 -45.11
C ILE F 259 -17.10 25.03 -44.65
N GLU F 260 -16.35 26.00 -45.18
CA GLU F 260 -16.60 27.42 -44.92
C GLU F 260 -18.00 27.83 -45.38
N THR F 261 -18.39 27.36 -46.57
CA THR F 261 -19.72 27.64 -47.08
C THR F 261 -20.81 26.96 -46.25
N LEU F 262 -20.52 25.77 -45.72
CA LEU F 262 -21.50 25.08 -44.88
C LEU F 262 -21.67 25.76 -43.54
N VAL F 263 -20.57 26.28 -42.96
CA VAL F 263 -20.68 27.03 -41.71
C VAL F 263 -21.41 28.35 -41.94
N ALA F 264 -21.14 29.01 -43.06
CA ALA F 264 -21.84 30.26 -43.37
C ALA F 264 -23.30 30.02 -43.69
N ALA F 265 -23.66 28.83 -44.17
CA ALA F 265 -25.05 28.49 -44.38
C ALA F 265 -25.76 28.09 -43.11
N MET F 266 -25.06 27.46 -42.17
CA MET F 266 -25.65 27.18 -40.87
C MET F 266 -25.77 28.44 -40.02
N ALA F 267 -25.01 29.48 -40.35
CA ALA F 267 -25.18 30.76 -39.67
C ALA F 267 -26.51 31.40 -40.01
N GLN F 268 -27.06 31.13 -41.20
CA GLN F 268 -28.35 31.68 -41.61
C GLN F 268 -29.53 30.87 -41.12
N ILE F 269 -29.31 29.92 -40.20
CA ILE F 269 -30.36 29.02 -39.75
C ILE F 269 -30.52 29.18 -38.23
N PRO F 270 -31.72 29.44 -37.72
CA PRO F 270 -31.89 29.60 -36.28
C PRO F 270 -31.70 28.32 -35.48
N GLN F 271 -32.38 27.25 -35.87
CA GLN F 271 -32.28 25.98 -35.17
C GLN F 271 -31.18 25.13 -35.76
N GLY F 272 -31.15 23.84 -35.42
CA GLY F 272 -30.29 22.92 -36.12
C GLY F 272 -28.97 22.71 -35.43
N GLN F 273 -28.31 21.60 -35.79
CA GLN F 273 -27.01 21.25 -35.25
C GLN F 273 -26.13 20.74 -36.37
N LEU F 274 -24.90 21.23 -36.43
CA LEU F 274 -23.95 20.84 -37.44
C LEU F 274 -22.91 19.88 -36.85
N LEU F 275 -22.58 18.83 -37.58
CA LEU F 275 -21.57 17.87 -37.17
C LEU F 275 -20.53 17.72 -38.25
N LEU F 276 -19.26 17.84 -37.89
CA LEU F 276 -18.16 17.68 -38.83
C LEU F 276 -17.41 16.41 -38.48
N VAL F 277 -17.61 15.37 -39.28
CA VAL F 277 -17.00 14.07 -39.07
C VAL F 277 -15.81 13.98 -40.03
N GLY F 278 -14.60 14.05 -39.48
CA GLY F 278 -13.44 14.06 -40.34
C GLY F 278 -12.11 14.08 -39.60
N GLY F 279 -11.12 13.39 -40.15
CA GLY F 279 -9.83 13.28 -39.51
C GLY F 279 -8.90 14.40 -39.89
N SER F 280 -8.02 14.74 -38.95
CA SER F 280 -7.05 15.81 -39.13
C SER F 280 -5.91 15.61 -38.16
N ASP F 281 -4.75 16.16 -38.51
CA ASP F 281 -3.58 16.14 -37.66
C ASP F 281 -3.04 17.55 -37.51
N PRO F 282 -2.42 17.90 -36.38
CA PRO F 282 -2.02 19.30 -36.17
C PRO F 282 -0.90 19.77 -37.06
N GLN F 283 0.14 18.96 -37.24
CA GLN F 283 1.30 19.37 -38.01
C GLN F 283 1.05 19.31 -39.51
N ARG F 284 0.09 18.52 -39.96
CA ARG F 284 -0.16 18.32 -41.38
C ARG F 284 -0.92 19.52 -41.96
N SER F 285 -0.78 19.69 -43.28
CA SER F 285 -1.40 20.81 -43.99
C SER F 285 -2.92 20.73 -43.97
N ASP F 286 -3.49 19.71 -44.58
CA ASP F 286 -4.93 19.53 -44.46
C ASP F 286 -5.22 18.98 -43.07
N GLY F 287 -5.39 19.89 -42.13
CA GLY F 287 -5.32 19.58 -40.72
C GLY F 287 -5.61 20.84 -39.93
N ALA F 288 -4.74 21.16 -38.96
CA ALA F 288 -4.92 22.37 -38.17
C ALA F 288 -4.80 23.63 -39.00
N GLU F 289 -4.05 23.56 -40.11
CA GLU F 289 -3.99 24.68 -41.03
C GLU F 289 -5.33 24.88 -41.72
N ARG F 290 -6.08 23.80 -41.92
CA ARG F 290 -7.39 23.86 -42.55
C ARG F 290 -8.50 23.59 -41.56
N ARG F 291 -8.17 23.61 -40.26
CA ARG F 291 -9.15 23.79 -39.20
C ARG F 291 -9.24 25.24 -38.76
N ARG F 292 -9.12 26.15 -39.73
CA ARG F 292 -9.62 27.51 -39.60
C ARG F 292 -11.14 27.56 -39.54
N ILE F 293 -11.80 26.44 -39.86
CA ILE F 293 -13.22 26.25 -39.61
C ILE F 293 -13.51 26.40 -38.12
N GLU F 294 -12.59 25.94 -37.28
CA GLU F 294 -12.68 26.17 -35.83
C GLU F 294 -12.70 27.66 -35.51
N GLY F 295 -11.96 28.46 -36.28
CA GLY F 295 -12.05 29.90 -36.14
C GLY F 295 -13.34 30.46 -36.72
N LEU F 296 -13.80 29.89 -37.83
CA LEU F 296 -14.99 30.42 -38.51
C LEU F 296 -16.27 30.13 -37.77
N VAL F 297 -16.29 29.07 -36.96
CA VAL F 297 -17.44 28.84 -36.08
C VAL F 297 -17.48 29.91 -35.00
N GLN F 298 -16.32 30.27 -34.47
CA GLN F 298 -16.23 31.31 -33.44
C GLN F 298 -16.57 32.68 -33.99
N GLU F 299 -16.19 32.96 -35.25
CA GLU F 299 -16.51 34.25 -35.85
C GLU F 299 -17.99 34.40 -36.16
N TYR F 300 -18.72 33.30 -36.29
CA TYR F 300 -20.15 33.33 -36.50
C TYR F 300 -20.94 33.03 -35.24
N ASN F 301 -20.25 32.80 -34.12
CA ASN F 301 -20.84 32.50 -32.81
C ASN F 301 -21.73 31.27 -32.88
N LEU F 302 -21.19 30.18 -33.42
CA LEU F 302 -21.95 28.95 -33.62
C LEU F 302 -21.43 27.80 -32.79
N GLY F 303 -20.69 28.07 -31.72
CA GLY F 303 -19.97 27.02 -31.02
C GLY F 303 -20.84 26.06 -30.23
N ASP F 304 -22.09 26.43 -29.95
CA ASP F 304 -22.96 25.57 -29.16
C ASP F 304 -23.43 24.39 -29.98
N ARG F 305 -23.72 24.61 -31.26
CA ARG F 305 -24.38 23.61 -32.09
C ARG F 305 -23.46 22.96 -33.12
N VAL F 306 -22.28 23.53 -33.36
CA VAL F 306 -21.30 22.90 -34.23
C VAL F 306 -20.45 21.96 -33.39
N THR F 307 -20.38 20.70 -33.79
CA THR F 307 -19.66 19.67 -33.05
C THR F 307 -18.61 19.06 -33.96
N PHE F 308 -17.34 19.15 -33.56
CA PHE F 308 -16.27 18.54 -34.34
C PHE F 308 -16.13 17.12 -33.83
N VAL F 309 -16.63 16.16 -34.61
CA VAL F 309 -16.69 14.78 -34.16
C VAL F 309 -15.31 14.13 -34.23
N GLY F 310 -14.56 14.44 -35.27
CA GLY F 310 -13.27 13.83 -35.49
C GLY F 310 -13.34 12.73 -36.53
N GLN F 311 -12.38 11.81 -36.43
CA GLN F 311 -12.33 10.66 -37.31
C GLN F 311 -13.11 9.51 -36.68
N ILE F 312 -14.13 9.04 -37.40
CA ILE F 312 -14.90 7.88 -37.02
C ILE F 312 -14.56 6.77 -37.99
N ASP F 313 -14.45 5.54 -37.49
CA ASP F 313 -14.19 4.39 -38.33
C ASP F 313 -15.31 4.23 -39.35
N HIS F 314 -14.88 3.93 -40.58
CA HIS F 314 -15.70 3.76 -41.78
C HIS F 314 -16.87 2.83 -41.51
N GLU F 315 -16.59 1.70 -40.88
CA GLU F 315 -17.57 0.67 -40.60
C GLU F 315 -18.55 1.06 -39.49
N TYR F 316 -18.40 2.24 -38.91
CA TYR F 316 -19.34 2.77 -37.96
C TYR F 316 -20.10 3.98 -38.50
N LEU F 317 -19.65 4.57 -39.61
CA LEU F 317 -20.16 5.86 -40.08
C LEU F 317 -21.64 5.86 -40.39
N ALA F 318 -22.19 4.68 -40.72
CA ALA F 318 -23.61 4.54 -41.03
C ALA F 318 -24.49 5.02 -39.91
N VAL F 319 -24.04 4.83 -38.66
CA VAL F 319 -24.78 5.33 -37.50
C VAL F 319 -24.97 6.83 -37.58
N TYR F 320 -23.87 7.56 -37.88
CA TYR F 320 -23.97 9.00 -38.12
C TYR F 320 -24.85 9.29 -39.33
N TYR F 321 -24.74 8.47 -40.39
CA TYR F 321 -25.59 8.69 -41.55
C TYR F 321 -27.03 8.33 -41.23
N SER F 322 -27.23 7.43 -40.26
CA SER F 322 -28.60 7.14 -39.87
C SER F 322 -29.08 8.15 -38.83
N ALA F 323 -28.14 8.86 -38.19
CA ALA F 323 -28.55 9.79 -37.15
C ALA F 323 -29.03 11.10 -37.73
N ALA F 324 -28.58 11.44 -38.91
CA ALA F 324 -28.81 12.78 -39.43
C ALA F 324 -30.11 12.85 -40.21
N ASN F 325 -30.54 14.08 -40.46
CA ASN F 325 -31.62 14.34 -41.39
C ASN F 325 -31.10 14.72 -42.77
N VAL F 326 -29.82 15.10 -42.86
CA VAL F 326 -29.17 15.42 -44.12
C VAL F 326 -27.66 15.29 -44.00
N CYS F 327 -27.05 14.62 -44.96
CA CYS F 327 -25.63 14.77 -45.21
C CYS F 327 -25.43 15.83 -46.29
N VAL F 328 -24.48 16.72 -46.07
CA VAL F 328 -24.21 17.80 -47.00
C VAL F 328 -22.81 17.60 -47.55
N VAL F 329 -22.68 17.65 -48.87
CA VAL F 329 -21.36 17.64 -49.50
C VAL F 329 -21.21 18.98 -50.21
N PRO F 330 -20.77 20.02 -49.52
CA PRO F 330 -20.75 21.36 -50.13
C PRO F 330 -19.47 21.63 -50.90
N SER F 331 -19.07 20.71 -51.75
CA SER F 331 -17.72 20.74 -52.28
C SER F 331 -17.61 21.73 -53.43
N TYR F 332 -16.37 21.91 -53.89
CA TYR F 332 -16.11 22.81 -54.99
C TYR F 332 -15.74 22.07 -56.26
N TYR F 333 -15.18 20.88 -56.09
CA TYR F 333 -14.81 20.01 -57.23
C TYR F 333 -14.75 18.61 -56.66
N GLU F 334 -15.68 17.75 -57.03
CA GLU F 334 -15.74 16.41 -56.41
C GLU F 334 -15.94 15.36 -57.49
N PRO F 335 -14.90 14.71 -58.02
CA PRO F 335 -15.12 13.67 -59.00
C PRO F 335 -15.65 12.42 -58.31
N PHE F 336 -16.97 12.35 -58.12
CA PHE F 336 -17.81 11.25 -57.52
C PHE F 336 -17.79 11.28 -56.00
N GLY F 337 -18.54 12.15 -55.33
CA GLY F 337 -18.53 12.17 -53.86
C GLY F 337 -18.85 10.84 -53.21
N LEU F 338 -17.86 10.16 -52.65
CA LEU F 338 -18.11 8.81 -52.06
C LEU F 338 -19.03 8.86 -50.85
N VAL F 339 -19.01 9.93 -50.07
CA VAL F 339 -19.87 10.05 -48.90
C VAL F 339 -21.31 10.31 -49.30
N ALA F 340 -21.55 10.80 -50.53
CA ALA F 340 -22.91 10.99 -50.99
C ALA F 340 -23.63 9.66 -51.18
N ILE F 341 -22.97 8.69 -51.82
CA ILE F 341 -23.63 7.39 -51.96
C ILE F 341 -23.62 6.63 -50.64
N GLU F 342 -22.60 6.86 -49.79
CA GLU F 342 -22.61 6.25 -48.47
C GLU F 342 -23.72 6.80 -47.59
N ALA F 343 -24.13 8.05 -47.86
CA ALA F 343 -25.24 8.64 -47.13
C ALA F 343 -26.57 8.18 -47.67
N MET F 344 -26.71 8.14 -49.00
CA MET F 344 -27.98 7.75 -49.61
C MET F 344 -28.29 6.29 -49.35
N ALA F 345 -27.27 5.45 -49.22
CA ALA F 345 -27.50 4.05 -48.87
C ALA F 345 -28.06 3.86 -47.47
N CYS F 346 -27.90 4.84 -46.59
CA CYS F 346 -28.43 4.78 -45.24
C CYS F 346 -29.79 5.43 -45.11
N GLY F 347 -30.40 5.86 -46.21
CA GLY F 347 -31.70 6.48 -46.16
C GLY F 347 -31.70 7.95 -45.80
N THR F 348 -30.60 8.65 -46.02
CA THR F 348 -30.48 10.04 -45.65
C THR F 348 -30.41 10.90 -46.91
N PRO F 349 -31.24 11.92 -47.04
CA PRO F 349 -31.15 12.78 -48.23
C PRO F 349 -29.90 13.65 -48.20
N VAL F 350 -29.46 14.06 -49.39
CA VAL F 350 -28.16 14.67 -49.59
C VAL F 350 -28.34 15.98 -50.33
N ILE F 351 -27.74 17.05 -49.80
CA ILE F 351 -27.54 18.29 -50.54
C ILE F 351 -26.09 18.31 -51.00
N ALA F 352 -25.89 18.47 -52.30
CA ALA F 352 -24.55 18.53 -52.86
C ALA F 352 -24.45 19.75 -53.75
N SER F 353 -23.25 19.98 -54.26
CA SER F 353 -22.99 21.07 -55.18
C SER F 353 -22.88 20.53 -56.59
N ALA F 354 -23.35 21.29 -57.57
CA ALA F 354 -23.33 20.86 -58.95
C ALA F 354 -21.92 21.00 -59.52
N VAL F 355 -21.00 20.14 -59.09
CA VAL F 355 -19.59 20.30 -59.41
C VAL F 355 -18.99 19.09 -60.10
N GLY F 356 -19.57 17.90 -59.99
CA GLY F 356 -18.90 16.72 -60.47
C GLY F 356 -19.78 15.50 -60.48
N GLY F 357 -19.28 14.39 -59.93
CA GLY F 357 -20.06 13.17 -59.79
C GLY F 357 -21.26 13.29 -58.86
N LEU F 358 -21.30 14.38 -58.07
CA LEU F 358 -22.48 14.70 -57.28
C LEU F 358 -23.69 14.97 -58.15
N GLN F 359 -23.49 15.50 -59.35
CA GLN F 359 -24.56 15.61 -60.34
C GLN F 359 -25.01 14.25 -60.84
N PHE F 360 -24.13 13.26 -60.78
CA PHE F 360 -24.42 11.93 -61.31
C PHE F 360 -25.09 11.05 -60.27
N THR F 361 -24.74 11.20 -59.00
CA THR F 361 -25.33 10.38 -57.96
C THR F 361 -26.66 10.95 -57.48
N VAL F 362 -26.67 12.22 -57.11
CA VAL F 362 -27.84 12.83 -56.51
C VAL F 362 -28.72 13.38 -57.62
N ILE F 363 -29.97 12.92 -57.65
CA ILE F 363 -30.98 13.44 -58.58
C ILE F 363 -31.67 14.61 -57.88
N PRO F 364 -31.75 15.79 -58.50
CA PRO F 364 -32.04 17.02 -57.76
C PRO F 364 -33.45 17.16 -57.20
N GLU F 365 -34.38 16.25 -57.49
CA GLU F 365 -35.65 16.25 -56.77
C GLU F 365 -36.10 14.87 -56.36
N GLU F 366 -35.31 13.83 -56.63
CA GLU F 366 -35.63 12.45 -56.28
C GLU F 366 -34.83 11.94 -55.10
N THR F 367 -33.54 12.26 -55.04
CA THR F 367 -32.66 11.75 -54.00
C THR F 367 -32.11 12.84 -53.10
N GLY F 368 -32.23 14.10 -53.49
CA GLY F 368 -31.65 15.17 -52.70
C GLY F 368 -31.78 16.48 -53.42
N LEU F 369 -30.76 17.32 -53.25
CA LEU F 369 -30.75 18.65 -53.83
C LEU F 369 -29.35 18.99 -54.32
N LEU F 370 -29.29 19.88 -55.31
CA LEU F 370 -28.03 20.38 -55.86
C LEU F 370 -28.03 21.89 -55.83
N VAL F 371 -26.91 22.46 -55.39
CA VAL F 371 -26.76 23.91 -55.26
C VAL F 371 -25.59 24.33 -56.12
N PRO F 372 -25.50 25.62 -56.46
CA PRO F 372 -24.25 26.15 -57.01
C PRO F 372 -23.13 26.07 -55.99
N PRO F 373 -21.84 26.07 -56.43
CA PRO F 373 -20.74 25.73 -55.52
C PRO F 373 -20.51 26.65 -54.33
N GLN F 374 -20.29 27.94 -54.57
CA GLN F 374 -19.93 28.85 -53.49
C GLN F 374 -21.08 29.84 -53.27
N ASP F 375 -22.08 29.43 -52.50
CA ASP F 375 -23.01 30.37 -51.90
C ASP F 375 -23.63 29.75 -50.66
N ALA F 376 -23.62 30.49 -49.56
CA ALA F 376 -24.29 30.02 -48.36
C ALA F 376 -25.78 30.21 -48.46
N ASN F 377 -26.23 31.07 -49.38
CA ASN F 377 -27.63 31.46 -49.42
C ASN F 377 -28.51 30.34 -49.98
N ALA F 378 -28.13 29.80 -51.13
CA ALA F 378 -28.90 28.70 -51.71
C ALA F 378 -28.75 27.43 -50.89
N LEU F 379 -27.57 27.22 -50.29
CA LEU F 379 -27.36 26.06 -49.43
C LEU F 379 -28.24 26.14 -48.18
N ALA F 380 -28.31 27.32 -47.57
CA ALA F 380 -29.15 27.52 -46.40
C ALA F 380 -30.63 27.43 -46.75
N ASN F 381 -31.01 27.91 -47.94
CA ASN F 381 -32.39 27.77 -48.37
C ASN F 381 -32.76 26.32 -48.61
N ALA F 382 -31.81 25.53 -49.11
CA ALA F 382 -32.07 24.11 -49.32
C ALA F 382 -32.22 23.35 -48.01
N ILE F 383 -31.36 23.67 -47.03
CA ILE F 383 -31.48 23.05 -45.71
C ILE F 383 -32.78 23.49 -45.03
N GLN F 384 -33.18 24.74 -45.25
CA GLN F 384 -34.47 25.24 -44.78
C GLN F 384 -35.62 24.48 -45.41
N ARG F 385 -35.51 24.16 -46.70
CA ARG F 385 -36.52 23.38 -47.39
C ARG F 385 -36.68 22.00 -46.78
N ILE F 386 -35.57 21.29 -46.60
CA ILE F 386 -35.68 19.90 -46.19
C ILE F 386 -35.88 19.71 -44.69
N LEU F 387 -35.54 20.71 -43.87
CA LEU F 387 -35.84 20.56 -42.45
C LEU F 387 -37.27 20.96 -42.14
N ALA F 388 -37.91 21.68 -43.05
CA ALA F 388 -39.30 22.07 -42.84
C ALA F 388 -40.24 20.90 -43.02
N ASP F 389 -39.80 19.85 -43.70
CA ASP F 389 -40.63 18.66 -43.93
C ASP F 389 -39.75 17.44 -43.70
N PRO F 390 -39.89 16.76 -42.55
CA PRO F 390 -39.13 15.52 -42.33
C PRO F 390 -39.61 14.37 -43.20
N ALA F 391 -40.89 14.34 -43.56
CA ALA F 391 -41.42 13.23 -44.36
C ALA F 391 -40.86 13.27 -45.78
N TRP F 392 -40.69 14.48 -46.31
CA TRP F 392 -40.10 14.63 -47.63
C TRP F 392 -38.63 14.23 -47.62
N ALA F 393 -37.94 14.54 -46.53
CA ALA F 393 -36.55 14.11 -46.38
C ALA F 393 -36.44 12.61 -46.28
N ARG F 394 -37.36 11.98 -45.55
CA ARG F 394 -37.36 10.52 -45.43
C ARG F 394 -37.65 9.84 -46.75
N THR F 395 -38.57 10.40 -47.55
CA THR F 395 -38.85 9.74 -48.82
C THR F 395 -37.76 10.01 -49.86
N LEU F 396 -37.07 11.14 -49.77
CA LEU F 396 -35.89 11.33 -50.63
C LEU F 396 -34.78 10.38 -50.24
N GLY F 397 -34.62 10.11 -48.94
CA GLY F 397 -33.62 9.14 -48.52
C GLY F 397 -33.97 7.72 -48.93
N LYS F 398 -35.26 7.38 -48.91
CA LYS F 398 -35.70 6.07 -49.38
C LYS F 398 -35.44 5.91 -50.88
N ASN F 399 -35.72 6.95 -51.65
CA ASN F 399 -35.44 6.90 -53.08
C ASN F 399 -33.95 6.84 -53.36
N GLY F 400 -33.14 7.51 -52.52
CA GLY F 400 -31.70 7.43 -52.67
C GLY F 400 -31.14 6.07 -52.34
N ARG F 401 -31.72 5.40 -51.34
CA ARG F 401 -31.32 4.02 -51.04
C ARG F 401 -31.62 3.10 -52.20
N GLU F 402 -32.79 3.24 -52.81
CA GLU F 402 -33.10 2.42 -53.96
C GLU F 402 -32.23 2.74 -55.17
N ARG F 403 -31.83 4.01 -55.33
CA ARG F 403 -30.92 4.36 -56.41
C ARG F 403 -29.53 3.77 -56.20
N VAL F 404 -29.05 3.75 -54.95
CA VAL F 404 -27.74 3.17 -54.67
C VAL F 404 -27.79 1.66 -54.84
N GLN F 405 -28.90 1.03 -54.45
CA GLN F 405 -29.07 -0.40 -54.67
C GLN F 405 -29.11 -0.73 -56.16
N ALA F 406 -29.65 0.18 -56.96
CA ALA F 406 -29.71 -0.04 -58.40
C ALA F 406 -28.36 0.14 -59.07
N LEU F 407 -27.69 1.27 -58.85
CA LEU F 407 -26.56 1.66 -59.68
C LEU F 407 -25.24 1.80 -58.95
N PHE F 408 -25.23 1.73 -57.62
CA PHE F 408 -23.98 2.00 -56.90
C PHE F 408 -23.70 0.96 -55.83
N ASN F 409 -24.06 -0.30 -56.09
CA ASN F 409 -23.83 -1.39 -55.17
C ASN F 409 -22.51 -2.06 -55.51
N TRP F 410 -21.58 -2.09 -54.56
CA TRP F 410 -20.25 -2.65 -54.80
C TRP F 410 -20.29 -4.15 -55.07
N GLU F 411 -21.33 -4.84 -54.60
CA GLU F 411 -21.48 -6.27 -54.86
C GLU F 411 -21.67 -6.56 -56.35
N ALA F 412 -22.18 -5.59 -57.11
CA ALA F 412 -22.32 -5.74 -58.56
C ALA F 412 -21.20 -5.04 -59.33
N ILE F 413 -20.75 -3.89 -58.82
CA ILE F 413 -19.67 -3.14 -59.46
C ILE F 413 -18.38 -3.96 -59.44
N ALA F 414 -18.19 -4.75 -58.39
CA ALA F 414 -17.04 -5.66 -58.31
C ALA F 414 -17.09 -6.73 -59.39
N LEU F 415 -18.29 -7.20 -59.73
CA LEU F 415 -18.43 -8.17 -60.79
C LEU F 415 -18.17 -7.55 -62.15
N GLN F 416 -18.60 -6.29 -62.33
CA GLN F 416 -18.29 -5.58 -63.56
C GLN F 416 -16.79 -5.35 -63.73
N MET F 417 -16.10 -5.05 -62.63
CA MET F 417 -14.64 -4.91 -62.64
C MET F 417 -13.97 -6.24 -62.94
N GLY F 418 -14.51 -7.33 -62.41
CA GLY F 418 -13.99 -8.66 -62.68
C GLY F 418 -14.09 -9.05 -64.14
N GLN F 419 -15.23 -8.76 -64.76
CA GLN F 419 -15.38 -9.05 -66.18
C GLN F 419 -14.51 -8.14 -67.03
N LEU F 420 -14.31 -6.90 -66.58
CA LEU F 420 -13.35 -6.00 -67.23
C LEU F 420 -11.94 -6.58 -67.25
N TYR F 421 -11.46 -7.04 -66.10
CA TYR F 421 -10.11 -7.59 -66.04
C TYR F 421 -10.01 -8.88 -66.84
N ARG F 422 -11.07 -9.65 -66.84
CA ARG F 422 -10.99 -10.92 -67.59
C ARG F 422 -10.93 -10.63 -69.08
N GLN F 423 -11.71 -9.67 -69.58
CA GLN F 423 -11.66 -9.47 -71.03
C GLN F 423 -10.37 -8.77 -71.44
N LEU F 424 -9.75 -7.99 -70.54
CA LEU F 424 -8.45 -7.42 -70.89
C LEU F 424 -7.36 -8.49 -70.82
N PHE F 425 -7.50 -9.45 -69.92
CA PHE F 425 -6.56 -10.57 -69.90
C PHE F 425 -6.85 -11.54 -71.03
N ALA F 426 -8.07 -11.51 -71.57
CA ALA F 426 -8.41 -12.36 -72.70
C ALA F 426 -7.71 -11.91 -73.97
N ALA F 427 -7.54 -10.60 -74.14
CA ALA F 427 -6.56 -10.10 -75.09
C ALA F 427 -5.20 -10.51 -74.56
N SER F 428 -4.59 -11.52 -75.20
CA SER F 428 -3.57 -12.39 -74.62
C SER F 428 -2.35 -11.68 -74.08
N ARG G 30 -30.42 -50.22 -16.33
CA ARG G 30 -29.66 -49.18 -17.03
C ARG G 30 -30.45 -47.88 -17.08
N GLN G 31 -31.76 -47.99 -17.25
CA GLN G 31 -32.65 -46.83 -17.31
C GLN G 31 -32.94 -46.12 -15.98
N PRO G 32 -33.46 -46.76 -14.91
CA PRO G 32 -34.17 -45.98 -13.89
C PRO G 32 -33.29 -45.12 -12.99
N ILE G 33 -33.87 -44.01 -12.54
CA ILE G 33 -33.22 -43.04 -11.66
C ILE G 33 -34.25 -42.54 -10.67
N ALA G 34 -33.89 -42.52 -9.39
CA ALA G 34 -34.72 -41.95 -8.35
C ALA G 34 -34.14 -40.62 -7.89
N LEU G 35 -34.94 -39.57 -7.99
CA LEU G 35 -34.62 -38.29 -7.37
C LEU G 35 -35.44 -38.15 -6.10
N ILE G 36 -34.79 -37.77 -5.00
CA ILE G 36 -35.47 -37.69 -3.72
C ILE G 36 -35.39 -36.25 -3.21
N SER G 37 -36.56 -35.67 -2.96
CA SER G 37 -36.70 -34.32 -2.41
C SER G 37 -37.96 -34.33 -1.54
N VAL G 38 -37.78 -34.54 -0.23
CA VAL G 38 -38.93 -34.87 0.59
C VAL G 38 -39.77 -33.62 0.88
N HIS G 39 -39.14 -32.48 1.18
CA HIS G 39 -39.93 -31.33 1.54
C HIS G 39 -40.31 -30.51 0.32
N GLY G 40 -39.72 -30.84 -0.82
CA GLY G 40 -40.00 -30.12 -2.05
C GLY G 40 -40.74 -30.97 -3.06
N ASP G 41 -41.90 -30.51 -3.45
CA ASP G 41 -42.72 -31.14 -4.47
C ASP G 41 -42.42 -30.50 -5.81
N PRO G 42 -41.73 -31.17 -6.74
CA PRO G 42 -41.45 -30.56 -8.03
C PRO G 42 -42.68 -30.34 -8.89
N ALA G 43 -43.78 -31.02 -8.60
CA ALA G 43 -45.05 -30.81 -9.28
C ALA G 43 -45.86 -29.66 -8.67
N ALA G 44 -45.26 -28.87 -7.79
CA ALA G 44 -45.94 -27.77 -7.14
C ALA G 44 -45.44 -26.45 -7.69
N ASP G 45 -46.33 -25.46 -7.77
CA ASP G 45 -45.95 -24.12 -8.17
C ASP G 45 -45.09 -23.48 -7.09
N VAL G 46 -44.15 -22.64 -7.50
CA VAL G 46 -43.13 -22.17 -6.61
C VAL G 46 -43.33 -20.69 -6.31
N GLY G 47 -42.73 -20.24 -5.21
CA GLY G 47 -42.82 -18.86 -4.80
C GLY G 47 -43.25 -18.68 -3.37
N HIS G 48 -43.64 -19.77 -2.71
CA HIS G 48 -44.06 -19.72 -1.31
C HIS G 48 -43.16 -20.64 -0.50
N GLU G 49 -43.50 -20.81 0.78
CA GLU G 49 -42.62 -21.50 1.72
C GLU G 49 -42.50 -22.97 1.38
N SER G 50 -41.26 -23.46 1.41
CA SER G 50 -40.84 -24.83 1.08
C SER G 50 -41.20 -25.21 -0.35
N ALA G 51 -41.39 -24.23 -1.22
CA ALA G 51 -41.39 -24.53 -2.65
C ALA G 51 -40.03 -24.20 -3.24
N GLY G 52 -39.70 -22.92 -3.30
CA GLY G 52 -38.40 -22.42 -3.69
C GLY G 52 -37.79 -22.90 -5.00
N GLY G 53 -36.47 -22.75 -5.13
CA GLY G 53 -35.73 -23.15 -6.30
C GLY G 53 -35.32 -24.60 -6.36
N GLN G 54 -35.49 -25.34 -5.26
CA GLN G 54 -35.22 -26.76 -5.27
C GLN G 54 -36.19 -27.51 -6.17
N ASN G 55 -37.45 -27.07 -6.21
CA ASN G 55 -38.41 -27.70 -7.10
C ASN G 55 -38.09 -27.43 -8.54
N ILE G 56 -37.67 -26.22 -8.85
CA ILE G 56 -37.24 -25.88 -10.20
C ILE G 56 -36.06 -26.73 -10.61
N TYR G 57 -35.09 -26.86 -9.70
CA TYR G 57 -33.90 -27.70 -9.88
C TYR G 57 -34.27 -29.13 -10.24
N VAL G 58 -35.01 -29.81 -9.34
CA VAL G 58 -35.23 -31.23 -9.55
C VAL G 58 -36.23 -31.48 -10.66
N ARG G 59 -37.16 -30.54 -10.89
CA ARG G 59 -38.13 -30.67 -11.97
C ARG G 59 -37.46 -30.64 -13.32
N GLN G 60 -36.66 -29.60 -13.58
CA GLN G 60 -36.04 -29.50 -14.89
C GLN G 60 -34.91 -30.51 -15.04
N LEU G 61 -34.29 -30.93 -13.92
CA LEU G 61 -33.31 -32.00 -13.99
C LEU G 61 -33.94 -33.32 -14.40
N GLY G 62 -35.06 -33.68 -13.77
CA GLY G 62 -35.70 -34.94 -14.09
C GLY G 62 -36.28 -34.95 -15.49
N GLU G 63 -36.81 -33.80 -15.93
CA GLU G 63 -37.40 -33.74 -17.26
C GLU G 63 -36.32 -33.78 -18.35
N ALA G 64 -35.16 -33.17 -18.08
CA ALA G 64 -34.06 -33.22 -19.02
C ALA G 64 -33.44 -34.62 -19.08
N LEU G 65 -33.36 -35.29 -17.93
CA LEU G 65 -32.87 -36.67 -17.92
C LEU G 65 -33.82 -37.61 -18.62
N ALA G 66 -35.13 -37.33 -18.52
CA ALA G 66 -36.11 -38.10 -19.27
C ALA G 66 -35.93 -37.90 -20.77
N ALA G 67 -35.65 -36.65 -21.17
CA ALA G 67 -35.43 -36.39 -22.58
C ALA G 67 -34.11 -36.96 -23.09
N ALA G 68 -33.19 -37.31 -22.20
CA ALA G 68 -31.90 -37.85 -22.62
C ALA G 68 -31.93 -39.36 -22.82
N GLY G 69 -32.83 -40.07 -22.15
CA GLY G 69 -32.92 -41.51 -22.32
C GLY G 69 -33.01 -42.29 -21.04
N TRP G 70 -33.23 -41.61 -19.93
CA TRP G 70 -33.34 -42.27 -18.64
C TRP G 70 -34.80 -42.47 -18.27
N HIS G 71 -35.01 -43.11 -17.12
CA HIS G 71 -36.32 -43.26 -16.51
C HIS G 71 -36.28 -42.56 -15.15
N VAL G 72 -37.13 -41.56 -14.98
CA VAL G 72 -37.02 -40.65 -13.84
C VAL G 72 -38.28 -40.76 -12.99
N ASP G 73 -38.08 -41.06 -11.70
CA ASP G 73 -39.15 -41.07 -10.70
C ASP G 73 -38.71 -40.19 -9.54
N MET G 74 -39.35 -39.03 -9.39
CA MET G 74 -38.96 -38.02 -8.43
C MET G 74 -39.88 -38.10 -7.22
N PHE G 75 -39.31 -38.37 -6.05
CA PHE G 75 -40.11 -38.71 -4.88
C PHE G 75 -40.21 -37.53 -3.93
N THR G 76 -41.44 -37.21 -3.53
CA THR G 76 -41.68 -36.16 -2.56
C THR G 76 -42.76 -36.63 -1.59
N ARG G 77 -43.17 -35.72 -0.71
CA ARG G 77 -44.05 -36.06 0.40
C ARG G 77 -45.46 -35.54 0.14
N LYS G 78 -46.46 -36.37 0.42
CA LYS G 78 -47.85 -36.01 0.20
C LYS G 78 -48.37 -35.21 1.39
N THR G 79 -48.92 -34.04 1.11
CA THR G 79 -49.38 -33.12 2.16
C THR G 79 -50.88 -32.88 2.07
N ASP G 80 -51.60 -33.67 1.28
CA ASP G 80 -53.03 -33.51 1.05
C ASP G 80 -53.51 -34.82 0.46
N PRO G 81 -54.51 -35.49 1.05
CA PRO G 81 -55.00 -36.75 0.48
C PRO G 81 -55.78 -36.57 -0.81
N ASN G 82 -56.16 -35.35 -1.17
CA ASN G 82 -56.83 -35.12 -2.43
C ASN G 82 -55.86 -34.89 -3.58
N ASP G 83 -54.58 -34.70 -3.28
CA ASP G 83 -53.59 -34.53 -4.33
C ASP G 83 -53.29 -35.87 -4.98
N PRO G 84 -52.94 -35.88 -6.28
CA PRO G 84 -52.65 -37.15 -6.95
C PRO G 84 -51.34 -37.75 -6.48
N ASP G 85 -51.25 -39.07 -6.53
CA ASP G 85 -50.04 -39.73 -6.07
C ASP G 85 -48.92 -39.66 -7.10
N VAL G 86 -49.24 -39.79 -8.37
CA VAL G 86 -48.23 -39.84 -9.43
C VAL G 86 -48.58 -38.83 -10.51
N ILE G 87 -47.69 -37.88 -10.77
CA ILE G 87 -47.86 -36.92 -11.86
C ILE G 87 -46.78 -37.15 -12.90
N GLU G 88 -47.18 -37.34 -14.15
CA GLU G 88 -46.24 -37.53 -15.25
C GLU G 88 -46.19 -36.24 -16.06
N HIS G 89 -45.04 -35.56 -16.01
CA HIS G 89 -44.84 -34.27 -16.65
C HIS G 89 -44.41 -34.40 -18.10
N SER G 90 -43.41 -35.23 -18.34
CA SER G 90 -42.95 -35.54 -19.69
C SER G 90 -42.85 -37.05 -19.76
N PRO G 91 -42.76 -37.61 -20.97
CA PRO G 91 -42.57 -39.06 -21.08
C PRO G 91 -41.34 -39.55 -20.35
N HIS G 92 -41.54 -40.62 -19.59
CA HIS G 92 -40.59 -41.22 -18.66
C HIS G 92 -40.16 -40.27 -17.55
N CYS G 93 -41.03 -39.36 -17.11
CA CYS G 93 -40.72 -38.48 -15.99
C CYS G 93 -41.94 -38.38 -15.07
N ARG G 94 -41.90 -39.09 -13.96
CA ARG G 94 -43.03 -39.16 -13.04
C ARG G 94 -42.65 -38.53 -11.71
N THR G 95 -43.56 -37.74 -11.15
CA THR G 95 -43.42 -37.19 -9.80
C THR G 95 -44.30 -37.99 -8.86
N ILE G 96 -43.70 -38.74 -7.97
CA ILE G 96 -44.41 -39.66 -7.08
C ILE G 96 -44.46 -39.07 -5.69
N ARG G 97 -45.67 -38.95 -5.15
CA ARG G 97 -45.89 -38.44 -3.81
C ARG G 97 -46.13 -39.61 -2.87
N LEU G 98 -45.14 -39.88 -2.02
CA LEU G 98 -45.12 -41.11 -1.23
C LEU G 98 -46.02 -41.02 0.00
N GLN G 99 -46.48 -42.18 0.43
CA GLN G 99 -47.33 -42.31 1.61
C GLN G 99 -46.45 -42.17 2.84
N ALA G 100 -46.23 -40.93 3.25
CA ALA G 100 -45.44 -40.56 4.42
C ALA G 100 -46.29 -40.63 5.68
N GLY G 101 -45.93 -39.85 6.68
CA GLY G 101 -46.67 -39.82 7.92
C GLY G 101 -47.94 -39.02 7.74
N PRO G 102 -48.11 -37.95 8.53
CA PRO G 102 -49.33 -37.15 8.44
C PRO G 102 -49.50 -36.48 7.08
N LEU G 103 -50.69 -36.64 6.52
CA LEU G 103 -51.00 -36.08 5.20
C LEU G 103 -51.53 -34.66 5.31
N THR G 104 -50.82 -33.82 6.04
CA THR G 104 -51.03 -32.38 6.05
C THR G 104 -49.68 -31.72 5.83
N TYR G 105 -49.70 -30.41 5.64
CA TYR G 105 -48.46 -29.69 5.45
C TYR G 105 -47.71 -29.57 6.77
N ILE G 106 -46.45 -30.01 6.77
CA ILE G 106 -45.57 -29.84 7.91
C ILE G 106 -44.33 -29.11 7.38
N PRO G 107 -43.91 -28.02 8.02
CA PRO G 107 -42.69 -27.34 7.58
C PRO G 107 -41.46 -28.19 7.84
N ARG G 108 -40.36 -27.81 7.18
CA ARG G 108 -39.20 -28.68 7.06
C ARG G 108 -38.49 -28.92 8.39
N GLU G 109 -38.56 -27.95 9.31
CA GLU G 109 -37.80 -28.02 10.55
C GLU G 109 -38.26 -29.17 11.43
N LYS G 110 -39.50 -29.61 11.26
CA LYS G 110 -40.05 -30.71 12.03
C LYS G 110 -40.17 -32.00 11.24
N LEU G 111 -39.58 -32.10 10.05
CA LEU G 111 -39.85 -33.26 9.21
C LEU G 111 -39.00 -34.49 9.49
N PHE G 112 -37.99 -34.37 10.37
CA PHE G 112 -37.04 -35.46 10.57
C PHE G 112 -37.70 -36.72 11.12
N GLU G 113 -38.67 -36.55 12.01
CA GLU G 113 -39.39 -37.68 12.58
C GLU G 113 -40.24 -38.40 11.54
N THR G 114 -40.60 -37.72 10.45
CA THR G 114 -41.36 -38.38 9.40
C THR G 114 -40.48 -39.09 8.40
N LEU G 115 -39.17 -39.06 8.60
CA LEU G 115 -38.28 -39.65 7.60
C LEU G 115 -38.18 -41.17 7.50
N PRO G 116 -38.24 -41.98 8.57
CA PRO G 116 -38.10 -43.43 8.33
C PRO G 116 -39.28 -44.06 7.61
N LYS G 117 -40.50 -43.52 7.78
CA LYS G 117 -41.64 -43.98 6.99
C LYS G 117 -41.41 -43.75 5.50
N PHE G 118 -40.77 -42.62 5.17
CA PHE G 118 -40.41 -42.33 3.79
C PHE G 118 -39.45 -43.36 3.23
N VAL G 119 -38.62 -43.95 4.11
CA VAL G 119 -37.69 -44.98 3.67
C VAL G 119 -38.46 -46.25 3.31
N GLU G 120 -39.58 -46.50 3.98
CA GLU G 120 -40.23 -47.79 3.80
C GLU G 120 -41.00 -47.87 2.49
N ALA G 121 -41.80 -46.85 2.19
CA ALA G 121 -42.65 -46.85 1.01
C ALA G 121 -41.82 -46.86 -0.27
N PHE G 122 -40.69 -46.13 -0.26
CA PHE G 122 -39.74 -46.12 -1.36
C PHE G 122 -39.25 -47.53 -1.69
N LYS G 123 -39.10 -48.38 -0.66
CA LYS G 123 -38.64 -49.75 -0.84
C LYS G 123 -39.52 -50.51 -1.81
N ALA G 124 -40.83 -50.25 -1.76
CA ALA G 124 -41.78 -50.84 -2.70
C ALA G 124 -41.38 -50.53 -4.13
N TYR G 125 -41.18 -49.23 -4.41
CA TYR G 125 -40.74 -48.80 -5.73
C TYR G 125 -39.36 -49.34 -6.05
N HIS G 126 -38.51 -49.47 -5.03
CA HIS G 126 -37.16 -49.97 -5.26
C HIS G 126 -37.23 -51.42 -5.72
N ALA G 127 -38.16 -52.18 -5.13
CA ALA G 127 -38.31 -53.59 -5.50
C ALA G 127 -38.86 -53.73 -6.90
N LYS G 128 -39.51 -52.69 -7.43
CA LYS G 128 -39.98 -52.78 -8.80
C LYS G 128 -38.88 -52.37 -9.76
N TYR G 129 -37.98 -51.49 -9.32
CA TYR G 129 -37.03 -50.90 -10.25
C TYR G 129 -35.58 -51.19 -9.92
N GLY G 130 -35.19 -51.06 -8.66
CA GLY G 130 -33.81 -51.26 -8.28
C GLY G 130 -32.92 -50.18 -8.86
N TYR G 131 -33.11 -48.95 -8.38
CA TYR G 131 -32.51 -47.77 -8.97
C TYR G 131 -30.99 -47.80 -8.85
N PRO G 132 -30.26 -47.86 -9.96
CA PRO G 132 -28.79 -47.85 -9.86
C PRO G 132 -28.22 -46.49 -9.50
N LEU G 133 -28.94 -45.42 -9.75
CA LEU G 133 -28.51 -44.10 -9.34
C LEU G 133 -29.61 -43.43 -8.54
N ILE G 134 -29.26 -42.92 -7.37
CA ILE G 134 -30.19 -42.15 -6.56
C ILE G 134 -29.54 -40.82 -6.25
N HIS G 135 -30.20 -39.74 -6.64
CA HIS G 135 -29.73 -38.38 -6.47
C HIS G 135 -30.64 -37.67 -5.49
N THR G 136 -30.14 -37.44 -4.29
CA THR G 136 -30.87 -36.82 -3.21
C THR G 136 -30.55 -35.34 -3.13
N ASN G 137 -31.55 -34.56 -2.73
CA ASN G 137 -31.48 -33.11 -2.70
C ASN G 137 -31.99 -32.68 -1.34
N TYR G 138 -31.25 -31.78 -0.65
CA TYR G 138 -31.60 -31.29 0.69
C TYR G 138 -31.57 -32.37 1.78
N TRP G 139 -30.57 -32.25 2.67
CA TRP G 139 -30.30 -33.13 3.82
C TRP G 139 -31.49 -33.94 4.36
N LEU G 140 -32.68 -33.33 4.48
CA LEU G 140 -33.89 -34.07 4.82
C LEU G 140 -34.16 -35.26 3.90
N SER G 141 -33.76 -35.15 2.64
CA SER G 141 -33.76 -36.29 1.77
C SER G 141 -32.43 -37.02 1.77
N GLY G 142 -31.37 -36.30 2.13
CA GLY G 142 -30.07 -36.94 2.24
C GLY G 142 -29.99 -38.03 3.29
N TRP G 143 -30.76 -37.85 4.37
CA TRP G 143 -30.83 -38.84 5.44
C TRP G 143 -31.47 -40.12 4.94
N VAL G 144 -32.52 -39.98 4.12
CA VAL G 144 -33.17 -41.13 3.49
C VAL G 144 -32.20 -41.83 2.56
N GLY G 145 -31.43 -41.06 1.80
CA GLY G 145 -30.42 -41.65 0.93
C GLY G 145 -29.33 -42.39 1.71
N TRP G 146 -28.96 -41.86 2.86
CA TRP G 146 -27.97 -42.47 3.73
C TRP G 146 -28.47 -43.78 4.33
N GLN G 147 -29.73 -43.77 4.81
CA GLN G 147 -30.35 -44.98 5.34
C GLN G 147 -30.47 -46.06 4.27
N LEU G 148 -30.75 -45.66 3.04
CA LEU G 148 -30.80 -46.64 1.95
C LEU G 148 -29.41 -47.11 1.58
N ARG G 149 -28.41 -46.25 1.74
CA ARG G 149 -27.02 -46.62 1.47
C ARG G 149 -26.52 -47.67 2.45
N GLN G 150 -27.07 -47.67 3.67
CA GLN G 150 -26.78 -48.76 4.60
C GLN G 150 -27.33 -50.09 4.09
N GLN G 151 -28.42 -50.07 3.35
CA GLN G 151 -29.09 -51.32 2.97
C GLN G 151 -28.81 -51.71 1.53
N PHE G 152 -29.00 -50.79 0.58
CA PHE G 152 -28.96 -51.10 -0.84
C PHE G 152 -27.68 -50.59 -1.48
N ASN G 153 -27.47 -51.03 -2.72
CA ASN G 153 -26.27 -50.71 -3.48
C ASN G 153 -26.67 -49.80 -4.65
N PHE G 154 -26.16 -48.56 -4.63
CA PHE G 154 -26.51 -47.58 -5.65
C PHE G 154 -25.50 -46.44 -5.63
N GLN G 155 -25.30 -45.83 -6.79
CA GLN G 155 -24.51 -44.61 -6.89
C GLN G 155 -25.32 -43.46 -6.31
N TRP G 156 -24.82 -42.86 -5.23
CA TRP G 156 -25.58 -41.86 -4.49
C TRP G 156 -24.95 -40.49 -4.71
N LEU G 157 -25.77 -39.57 -5.21
CA LEU G 157 -25.37 -38.19 -5.44
C LEU G 157 -26.20 -37.31 -4.52
N HIS G 158 -25.67 -36.16 -4.15
CA HIS G 158 -26.40 -35.28 -3.26
C HIS G 158 -26.15 -33.83 -3.58
N THR G 159 -27.22 -33.04 -3.54
CA THR G 159 -27.18 -31.59 -3.67
C THR G 159 -27.75 -31.01 -2.37
N TYR G 160 -26.97 -30.18 -1.69
CA TYR G 160 -27.38 -29.71 -0.37
C TYR G 160 -28.50 -28.68 -0.45
N HIS G 161 -28.35 -27.71 -1.37
CA HIS G 161 -29.22 -26.55 -1.65
C HIS G 161 -29.18 -25.49 -0.57
N SER G 162 -28.61 -25.81 0.60
CA SER G 162 -28.39 -24.91 1.71
C SER G 162 -27.57 -25.66 2.74
N LEU G 163 -26.65 -24.96 3.39
CA LEU G 163 -25.81 -25.55 4.42
C LEU G 163 -26.14 -24.94 5.76
N GLY G 164 -26.29 -25.79 6.78
CA GLY G 164 -26.71 -25.31 8.08
C GLY G 164 -25.64 -24.52 8.81
N VAL G 165 -24.37 -24.84 8.55
CA VAL G 165 -23.30 -24.10 9.22
C VAL G 165 -23.14 -22.72 8.61
N VAL G 166 -23.58 -22.55 7.35
CA VAL G 166 -23.62 -21.24 6.75
C VAL G 166 -24.83 -20.47 7.25
N LYS G 167 -25.95 -21.18 7.40
CA LYS G 167 -27.21 -20.64 7.87
C LYS G 167 -27.11 -20.09 9.29
N TYR G 168 -26.49 -20.87 10.17
CA TYR G 168 -26.56 -20.60 11.59
C TYR G 168 -25.43 -19.68 12.04
N GLN G 169 -25.24 -18.56 11.33
CA GLN G 169 -24.25 -17.57 11.74
C GLN G 169 -24.77 -16.15 11.57
N VAL G 170 -26.07 -15.95 11.50
CA VAL G 170 -26.67 -14.63 11.38
C VAL G 170 -27.30 -14.27 12.71
N ALA G 171 -27.10 -13.03 13.16
CA ALA G 171 -27.60 -12.56 14.45
C ALA G 171 -29.11 -12.48 14.51
N SER G 172 -29.81 -12.56 13.38
CA SER G 172 -31.26 -12.62 13.36
C SER G 172 -31.70 -14.05 13.67
N GLU G 173 -32.97 -14.35 13.38
CA GLU G 173 -33.57 -15.65 13.67
C GLU G 173 -32.92 -16.72 12.79
N GLN G 174 -33.14 -18.00 13.13
CA GLN G 174 -32.36 -19.15 12.67
C GLN G 174 -30.89 -18.96 13.03
N ALA G 175 -30.66 -18.46 14.24
CA ALA G 175 -29.40 -18.61 14.95
C ALA G 175 -29.45 -19.78 15.92
N GLN G 176 -30.51 -20.59 15.85
CA GLN G 176 -30.69 -21.76 16.70
C GLN G 176 -30.30 -23.00 15.90
N ARG G 177 -29.44 -23.82 16.49
CA ARG G 177 -28.80 -24.88 15.74
C ARG G 177 -29.59 -26.18 15.82
N ASP G 178 -29.80 -26.80 14.66
CA ASP G 178 -30.30 -28.16 14.56
C ASP G 178 -29.06 -29.04 14.33
N GLU G 179 -28.53 -29.58 15.43
CA GLU G 179 -27.28 -30.34 15.36
C GLU G 179 -27.45 -31.67 14.66
N THR G 180 -28.69 -32.19 14.63
CA THR G 180 -28.99 -33.38 13.82
C THR G 180 -28.69 -33.11 12.36
N ARG G 181 -29.11 -31.94 11.87
CA ARG G 181 -28.87 -31.49 10.50
C ARG G 181 -27.39 -31.42 10.19
N LEU G 182 -26.62 -30.74 11.04
CA LEU G 182 -25.19 -30.53 10.82
C LEU G 182 -24.41 -31.84 10.86
N MET G 183 -24.77 -32.71 11.80
CA MET G 183 -24.09 -33.99 11.93
C MET G 183 -24.35 -34.87 10.72
N VAL G 184 -25.60 -34.93 10.26
CA VAL G 184 -25.89 -35.85 9.18
C VAL G 184 -25.52 -35.23 7.83
N GLU G 185 -25.43 -33.90 7.75
CA GLU G 185 -24.86 -33.27 6.55
C GLU G 185 -23.37 -33.59 6.42
N LYS G 186 -22.65 -33.58 7.55
CA LYS G 186 -21.26 -34.03 7.54
C LYS G 186 -21.17 -35.50 7.15
N ALA G 187 -22.12 -36.31 7.61
CA ALA G 187 -22.16 -37.72 7.21
C ALA G 187 -22.46 -37.88 5.73
N ILE G 188 -23.26 -36.99 5.15
CA ILE G 188 -23.53 -37.01 3.71
C ILE G 188 -22.26 -36.71 2.94
N LEU G 189 -21.55 -35.65 3.34
CA LEU G 189 -20.31 -35.28 2.64
C LEU G 189 -19.24 -36.35 2.78
N GLU G 190 -19.23 -37.07 3.90
CA GLU G 190 -18.25 -38.13 4.07
C GLU G 190 -18.68 -39.46 3.46
N ASN G 191 -19.96 -39.65 3.15
CA ASN G 191 -20.45 -40.95 2.71
C ASN G 191 -21.13 -40.97 1.35
N ALA G 192 -21.17 -39.86 0.61
CA ALA G 192 -21.82 -39.88 -0.69
C ALA G 192 -20.81 -40.13 -1.80
N ASP G 193 -21.29 -40.79 -2.85
CA ASP G 193 -20.46 -41.02 -4.03
C ASP G 193 -20.21 -39.74 -4.81
N CYS G 194 -21.18 -38.84 -4.89
CA CYS G 194 -20.86 -37.53 -5.47
C CYS G 194 -21.67 -36.42 -4.83
N VAL G 195 -21.09 -35.24 -4.71
CA VAL G 195 -21.73 -34.10 -4.08
C VAL G 195 -21.70 -32.95 -5.08
N ILE G 196 -22.87 -32.57 -5.58
CA ILE G 196 -22.96 -31.42 -6.47
C ILE G 196 -22.96 -30.15 -5.66
N VAL G 197 -21.98 -29.30 -5.91
CA VAL G 197 -22.00 -27.94 -5.41
C VAL G 197 -22.33 -27.03 -6.57
N THR G 198 -23.09 -25.98 -6.28
CA THR G 198 -23.59 -25.08 -7.30
C THR G 198 -22.74 -23.83 -7.43
N SER G 199 -21.72 -23.68 -6.60
CA SER G 199 -20.85 -22.51 -6.61
C SER G 199 -19.55 -22.91 -5.90
N PRO G 200 -18.43 -22.26 -6.23
CA PRO G 200 -17.19 -22.56 -5.50
C PRO G 200 -17.19 -22.01 -4.09
N GLN G 201 -18.06 -21.05 -3.79
CA GLN G 201 -18.25 -20.62 -2.42
C GLN G 201 -18.81 -21.73 -1.55
N GLU G 202 -19.69 -22.57 -2.11
CA GLU G 202 -20.24 -23.69 -1.36
C GLU G 202 -19.18 -24.75 -1.09
N GLU G 203 -18.27 -24.97 -2.04
CA GLU G 203 -17.17 -25.89 -1.79
C GLU G 203 -16.21 -25.34 -0.75
N ALA G 204 -16.01 -24.02 -0.77
CA ALA G 204 -15.20 -23.37 0.27
C ALA G 204 -15.85 -23.52 1.64
N TYR G 205 -17.18 -23.40 1.69
CA TYR G 205 -17.92 -23.56 2.94
C TYR G 205 -17.83 -25.00 3.45
N LEU G 206 -18.00 -25.97 2.56
CA LEU G 206 -17.94 -27.38 2.94
C LEU G 206 -16.55 -27.79 3.38
N ARG G 207 -15.50 -27.26 2.77
CA ARG G 207 -14.16 -27.64 3.18
C ARG G 207 -13.67 -26.86 4.38
N ARG G 208 -14.22 -25.67 4.62
CA ARG G 208 -13.79 -24.89 5.78
C ARG G 208 -14.51 -25.37 7.04
N TRP G 209 -15.84 -25.41 7.00
CA TRP G 209 -16.61 -25.65 8.21
C TRP G 209 -17.18 -27.05 8.36
N VAL G 210 -17.16 -27.90 7.34
CA VAL G 210 -17.85 -29.18 7.48
C VAL G 210 -16.89 -30.36 7.50
N SER G 211 -16.23 -30.63 6.38
CA SER G 211 -15.43 -31.84 6.25
C SER G 211 -14.55 -31.77 5.01
N LYS G 212 -13.38 -32.38 5.11
CA LYS G 212 -12.38 -32.34 4.05
C LYS G 212 -12.48 -33.53 3.11
N ALA G 213 -13.04 -34.64 3.56
CA ALA G 213 -13.10 -35.86 2.75
C ALA G 213 -14.28 -35.78 1.77
N GLY G 214 -14.54 -36.86 1.07
CA GLY G 214 -15.63 -36.90 0.11
C GLY G 214 -15.28 -36.29 -1.23
N GLN G 215 -15.94 -36.74 -2.29
CA GLN G 215 -15.67 -36.28 -3.65
C GLN G 215 -16.80 -35.35 -4.08
N THR G 216 -16.49 -34.08 -4.24
CA THR G 216 -17.46 -33.07 -4.64
C THR G 216 -17.36 -32.81 -6.14
N ARG G 217 -18.27 -32.00 -6.68
CA ARG G 217 -18.27 -31.70 -8.10
C ARG G 217 -19.01 -30.39 -8.36
N LEU G 218 -18.43 -29.51 -9.17
CA LEU G 218 -19.00 -28.19 -9.43
C LEU G 218 -19.81 -28.24 -10.72
N ILE G 219 -21.13 -28.28 -10.59
CA ILE G 219 -22.06 -28.09 -11.69
C ILE G 219 -23.07 -27.05 -11.23
N PRO G 220 -22.97 -25.81 -11.68
CA PRO G 220 -23.81 -24.75 -11.12
C PRO G 220 -25.24 -24.83 -11.60
N CYS G 221 -26.13 -24.12 -10.91
CA CYS G 221 -27.52 -24.10 -11.32
C CYS G 221 -27.67 -23.30 -12.61
N GLY G 222 -28.68 -23.67 -13.40
CA GLY G 222 -28.96 -23.00 -14.65
C GLY G 222 -30.42 -22.60 -14.72
N THR G 223 -30.74 -21.83 -15.74
CA THR G 223 -32.09 -21.31 -15.91
C THR G 223 -32.50 -21.44 -17.36
N ASN G 224 -33.80 -21.49 -17.60
CA ASN G 224 -34.34 -21.69 -18.94
C ASN G 224 -34.41 -20.36 -19.65
N LEU G 225 -33.61 -20.20 -20.71
CA LEU G 225 -33.62 -18.96 -21.47
C LEU G 225 -34.84 -18.82 -22.37
N LYS G 226 -35.62 -19.88 -22.54
CA LYS G 226 -36.91 -19.74 -23.21
C LYS G 226 -37.96 -19.14 -22.30
N LEU G 227 -37.81 -19.29 -20.99
CA LEU G 227 -38.75 -18.72 -20.02
C LEU G 227 -38.37 -17.33 -19.58
N PHE G 228 -37.09 -16.98 -19.66
CA PHE G 228 -36.60 -15.70 -19.17
C PHE G 228 -35.86 -14.99 -20.28
N TYR G 229 -36.40 -13.87 -20.73
CA TYR G 229 -35.84 -13.11 -21.83
C TYR G 229 -36.30 -11.67 -21.66
N PRO G 230 -35.60 -10.72 -22.28
CA PRO G 230 -36.09 -9.33 -22.27
C PRO G 230 -37.39 -9.21 -23.06
N VAL G 231 -38.41 -8.67 -22.40
CA VAL G 231 -39.75 -8.60 -22.99
C VAL G 231 -39.96 -7.29 -23.74
N ALA G 232 -39.67 -6.17 -23.07
CA ALA G 232 -39.66 -4.78 -23.56
C ALA G 232 -41.05 -4.23 -23.86
N ASP G 233 -42.08 -5.07 -23.78
CA ASP G 233 -43.47 -4.63 -23.69
C ASP G 233 -44.01 -4.78 -22.28
N ALA G 234 -43.12 -4.71 -21.30
CA ALA G 234 -43.41 -5.21 -19.96
C ALA G 234 -44.29 -4.24 -19.19
N ARG G 235 -43.98 -2.95 -19.23
CA ARG G 235 -44.79 -1.97 -18.51
C ARG G 235 -46.13 -1.72 -19.18
N ALA G 236 -46.32 -2.15 -20.42
CA ALA G 236 -47.62 -2.07 -21.07
C ALA G 236 -48.55 -3.12 -20.48
N GLN G 237 -48.05 -4.34 -20.31
CA GLN G 237 -48.87 -5.42 -19.77
C GLN G 237 -49.19 -5.19 -18.30
N LEU G 238 -48.23 -4.67 -17.55
CA LEU G 238 -48.43 -4.37 -16.15
C LEU G 238 -49.06 -3.01 -15.92
N ASN G 239 -49.27 -2.23 -17.00
CA ASN G 239 -49.98 -0.97 -17.02
C ASN G 239 -49.36 0.05 -16.08
N LEU G 240 -48.05 0.03 -15.98
CA LEU G 240 -47.28 0.90 -15.11
C LEU G 240 -46.81 2.12 -15.89
N PRO G 241 -46.45 3.21 -15.19
CA PRO G 241 -45.88 4.36 -15.90
C PRO G 241 -44.52 4.04 -16.49
N ALA G 242 -44.30 4.50 -17.72
CA ALA G 242 -43.17 4.03 -18.52
C ALA G 242 -41.85 4.64 -18.12
N ASP G 243 -41.85 5.67 -17.27
CA ASP G 243 -40.62 6.32 -16.87
C ASP G 243 -40.37 6.35 -15.37
N GLU G 244 -41.36 5.99 -14.56
CA GLU G 244 -41.18 6.01 -13.12
C GLU G 244 -40.35 4.81 -12.69
N PRO G 245 -39.36 4.99 -11.81
CA PRO G 245 -38.46 3.88 -11.49
C PRO G 245 -39.11 2.80 -10.63
N ILE G 246 -38.71 1.56 -10.91
CA ILE G 246 -39.22 0.37 -10.25
C ILE G 246 -38.05 -0.40 -9.68
N VAL G 247 -38.14 -0.76 -8.41
CA VAL G 247 -37.19 -1.63 -7.75
C VAL G 247 -37.92 -2.93 -7.42
N LEU G 248 -37.38 -4.07 -7.87
CA LEU G 248 -38.11 -5.33 -7.81
C LEU G 248 -37.44 -6.30 -6.86
N TYR G 249 -38.21 -6.83 -5.93
CA TYR G 249 -37.83 -8.02 -5.19
C TYR G 249 -38.68 -9.18 -5.65
N VAL G 250 -38.03 -10.28 -6.00
CA VAL G 250 -38.68 -11.55 -6.27
C VAL G 250 -38.08 -12.58 -5.33
N GLY G 251 -38.93 -13.23 -4.55
CA GLY G 251 -38.49 -14.28 -3.66
C GLY G 251 -39.50 -14.51 -2.56
N ARG G 252 -39.24 -15.52 -1.75
CA ARG G 252 -40.09 -15.84 -0.63
C ARG G 252 -39.97 -14.76 0.45
N PHE G 253 -40.98 -14.69 1.31
CA PHE G 253 -40.91 -13.84 2.49
C PHE G 253 -40.23 -14.61 3.60
N ASP G 254 -39.02 -14.19 3.96
CA ASP G 254 -38.25 -14.83 5.01
C ASP G 254 -37.30 -13.78 5.57
N ARG G 255 -36.87 -13.99 6.81
CA ARG G 255 -35.96 -13.03 7.44
C ARG G 255 -34.59 -13.07 6.80
N ARG G 256 -34.18 -14.24 6.30
CA ARG G 256 -32.86 -14.34 5.70
C ARG G 256 -32.80 -13.64 4.35
N LYS G 257 -33.97 -13.41 3.75
CA LYS G 257 -34.05 -12.71 2.47
C LYS G 257 -33.78 -11.22 2.60
N GLY G 258 -33.82 -10.66 3.81
CA GLY G 258 -33.39 -9.29 4.02
C GLY G 258 -34.29 -8.22 3.44
N ILE G 259 -35.61 -8.43 3.48
CA ILE G 259 -36.54 -7.44 2.93
C ILE G 259 -36.59 -6.22 3.82
N GLU G 260 -36.30 -6.39 5.12
CA GLU G 260 -36.16 -5.30 6.07
C GLU G 260 -35.12 -4.29 5.60
N THR G 261 -33.99 -4.81 5.10
CA THR G 261 -32.90 -3.95 4.63
C THR G 261 -33.32 -3.13 3.42
N LEU G 262 -34.10 -3.75 2.51
CA LEU G 262 -34.52 -3.05 1.31
C LEU G 262 -35.58 -2.00 1.62
N VAL G 263 -36.47 -2.31 2.57
CA VAL G 263 -37.48 -1.33 2.99
C VAL G 263 -36.82 -0.15 3.70
N ALA G 264 -35.80 -0.43 4.50
CA ALA G 264 -35.06 0.65 5.15
C ALA G 264 -34.25 1.45 4.15
N ALA G 265 -33.81 0.81 3.07
CA ALA G 265 -33.10 1.53 2.02
C ALA G 265 -34.03 2.42 1.23
N MET G 266 -35.30 2.03 1.13
CA MET G 266 -36.30 2.88 0.48
C MET G 266 -36.55 4.19 1.24
N ALA G 267 -36.16 4.26 2.52
CA ALA G 267 -36.30 5.50 3.26
C ALA G 267 -35.31 6.54 2.80
N GLN G 268 -34.13 6.12 2.35
CA GLN G 268 -33.13 7.05 1.85
C GLN G 268 -33.34 7.40 0.39
N ILE G 269 -34.39 6.86 -0.22
CA ILE G 269 -34.69 7.06 -1.64
C ILE G 269 -36.07 7.68 -1.74
N PRO G 270 -36.18 9.00 -1.97
CA PRO G 270 -37.48 9.67 -1.92
C PRO G 270 -38.47 9.26 -2.99
N GLN G 271 -38.09 9.33 -4.26
CA GLN G 271 -38.96 8.83 -5.31
C GLN G 271 -38.72 7.33 -5.48
N GLY G 272 -39.44 6.74 -6.44
CA GLY G 272 -39.19 5.35 -6.78
C GLY G 272 -39.92 4.35 -5.92
N GLN G 273 -40.67 3.45 -6.55
CA GLN G 273 -41.46 2.48 -5.80
C GLN G 273 -40.69 1.22 -5.50
N LEU G 274 -41.39 0.20 -5.02
CA LEU G 274 -40.82 -1.06 -4.57
C LEU G 274 -41.85 -2.17 -4.66
N LEU G 275 -41.61 -3.16 -5.51
CA LEU G 275 -42.53 -4.28 -5.67
C LEU G 275 -41.98 -5.50 -4.95
N LEU G 276 -42.79 -6.05 -4.06
CA LEU G 276 -42.46 -7.31 -3.38
C LEU G 276 -43.26 -8.43 -4.04
N VAL G 277 -42.56 -9.35 -4.68
CA VAL G 277 -43.16 -10.46 -5.41
C VAL G 277 -42.79 -11.74 -4.68
N GLY G 278 -43.80 -12.51 -4.31
CA GLY G 278 -43.55 -13.75 -3.60
C GLY G 278 -44.76 -14.24 -2.84
N GLY G 279 -44.97 -15.54 -2.84
CA GLY G 279 -46.13 -16.11 -2.18
C GLY G 279 -45.97 -16.16 -0.68
N SER G 280 -47.12 -16.28 -0.02
CA SER G 280 -47.18 -16.33 1.43
C SER G 280 -48.49 -16.98 1.83
N ASP G 281 -48.53 -17.48 3.06
CA ASP G 281 -49.75 -17.98 3.67
C ASP G 281 -49.83 -17.44 5.09
N PRO G 282 -50.98 -16.90 5.50
CA PRO G 282 -51.10 -16.35 6.85
C PRO G 282 -51.07 -17.39 7.93
N GLN G 283 -51.38 -18.64 7.62
CA GLN G 283 -51.41 -19.69 8.63
C GLN G 283 -50.01 -20.15 9.00
N ARG G 284 -49.03 -19.92 8.13
CA ARG G 284 -47.70 -20.48 8.34
C ARG G 284 -46.66 -19.40 8.61
N SER G 285 -45.47 -19.89 8.95
CA SER G 285 -44.35 -19.10 9.43
C SER G 285 -43.86 -18.10 8.40
N ASP G 286 -43.32 -18.61 7.30
CA ASP G 286 -42.94 -17.73 6.21
C ASP G 286 -44.20 -17.30 5.49
N GLY G 287 -44.72 -16.15 5.89
CA GLY G 287 -46.03 -15.73 5.48
C GLY G 287 -46.38 -14.41 6.12
N ALA G 288 -47.58 -14.30 6.70
CA ALA G 288 -47.98 -13.06 7.35
C ALA G 288 -47.17 -12.79 8.60
N GLU G 289 -46.61 -13.83 9.21
CA GLU G 289 -45.65 -13.62 10.30
C GLU G 289 -44.39 -12.97 9.76
N ARG G 290 -43.98 -13.32 8.55
CA ARG G 290 -42.87 -12.66 7.88
C ARG G 290 -43.30 -11.51 6.99
N ARG G 291 -44.61 -11.21 6.94
CA ARG G 291 -45.09 -9.96 6.38
C ARG G 291 -45.23 -8.93 7.50
N ARG G 292 -44.39 -9.06 8.53
CA ARG G 292 -44.03 -7.98 9.44
C ARG G 292 -43.27 -6.86 8.73
N ILE G 293 -42.80 -7.11 7.51
CA ILE G 293 -42.43 -6.07 6.56
C ILE G 293 -43.60 -5.12 6.36
N GLU G 294 -44.84 -5.64 6.38
CA GLU G 294 -46.07 -4.85 6.51
C GLU G 294 -45.98 -3.81 7.62
N GLY G 295 -45.43 -4.19 8.77
CA GLY G 295 -45.19 -3.25 9.85
C GLY G 295 -44.01 -2.33 9.59
N LEU G 296 -43.03 -2.81 8.82
CA LEU G 296 -41.86 -1.99 8.51
C LEU G 296 -42.14 -0.99 7.40
N VAL G 297 -43.15 -1.24 6.56
CA VAL G 297 -43.47 -0.30 5.50
C VAL G 297 -44.08 0.97 6.07
N GLN G 298 -45.13 0.83 6.87
CA GLN G 298 -45.82 1.99 7.39
C GLN G 298 -45.13 2.59 8.61
N GLU G 299 -44.06 1.96 9.10
CA GLU G 299 -43.16 2.65 10.01
C GLU G 299 -42.51 3.84 9.32
N TYR G 300 -42.06 3.65 8.08
CA TYR G 300 -41.53 4.73 7.26
C TYR G 300 -42.60 5.36 6.38
N ASN G 301 -43.87 4.97 6.57
CA ASN G 301 -45.02 5.43 5.78
C ASN G 301 -44.84 5.17 4.29
N LEU G 302 -44.27 4.02 3.94
CA LEU G 302 -43.93 3.75 2.55
C LEU G 302 -45.10 3.15 1.76
N GLY G 303 -46.28 3.06 2.34
CA GLY G 303 -47.39 2.36 1.68
C GLY G 303 -47.92 3.08 0.47
N ASP G 304 -47.59 4.36 0.33
CA ASP G 304 -47.92 5.07 -0.90
C ASP G 304 -47.14 4.51 -2.09
N ARG G 305 -45.92 4.05 -1.85
CA ARG G 305 -45.01 3.68 -2.93
C ARG G 305 -44.36 2.34 -2.66
N VAL G 306 -45.11 1.40 -2.07
CA VAL G 306 -44.70 0.00 -1.97
C VAL G 306 -45.87 -0.86 -2.40
N THR G 307 -45.66 -1.69 -3.42
CA THR G 307 -46.70 -2.57 -3.93
C THR G 307 -46.39 -4.00 -3.52
N PHE G 308 -47.40 -4.70 -3.01
CA PHE G 308 -47.33 -6.12 -2.74
C PHE G 308 -48.00 -6.85 -3.89
N VAL G 309 -47.32 -7.84 -4.46
CA VAL G 309 -47.86 -8.56 -5.60
C VAL G 309 -48.27 -9.98 -5.26
N GLY G 310 -47.62 -10.62 -4.31
CA GLY G 310 -47.94 -12.00 -4.03
C GLY G 310 -47.16 -12.92 -4.94
N GLN G 311 -47.74 -14.07 -5.24
CA GLN G 311 -47.08 -15.09 -6.04
C GLN G 311 -47.42 -14.91 -7.52
N ILE G 312 -46.38 -14.85 -8.34
CA ILE G 312 -46.50 -14.79 -9.80
C ILE G 312 -46.00 -16.11 -10.35
N ASP G 313 -46.68 -16.62 -11.38
CA ASP G 313 -46.29 -17.86 -12.03
C ASP G 313 -44.90 -17.74 -12.66
N HIS G 314 -44.24 -18.88 -12.80
CA HIS G 314 -42.83 -18.88 -13.16
C HIS G 314 -42.63 -18.49 -14.62
N GLU G 315 -43.63 -18.78 -15.46
CA GLU G 315 -43.54 -18.41 -16.87
C GLU G 315 -43.72 -16.92 -17.07
N TYR G 316 -44.26 -16.21 -16.09
CA TYR G 316 -44.65 -14.83 -16.29
C TYR G 316 -43.72 -13.83 -15.60
N LEU G 317 -42.76 -14.31 -14.80
CA LEU G 317 -41.86 -13.41 -14.07
C LEU G 317 -40.97 -12.58 -14.97
N ALA G 318 -40.80 -12.98 -16.22
CA ALA G 318 -39.99 -12.24 -17.17
C ALA G 318 -40.53 -10.84 -17.39
N VAL G 319 -41.85 -10.69 -17.37
CA VAL G 319 -42.48 -9.38 -17.52
C VAL G 319 -42.16 -8.49 -16.32
N TYR G 320 -42.20 -9.05 -15.11
CA TYR G 320 -41.89 -8.28 -13.92
C TYR G 320 -40.41 -7.91 -13.86
N TYR G 321 -39.54 -8.81 -14.29
CA TYR G 321 -38.11 -8.49 -14.31
C TYR G 321 -37.80 -7.47 -15.39
N SER G 322 -38.48 -7.56 -16.53
CA SER G 322 -38.18 -6.68 -17.65
C SER G 322 -38.73 -5.28 -17.42
N ALA G 323 -39.83 -5.18 -16.67
CA ALA G 323 -40.33 -3.87 -16.28
C ALA G 323 -39.44 -3.25 -15.22
N ALA G 324 -38.70 -4.07 -14.49
CA ALA G 324 -37.86 -3.59 -13.40
C ALA G 324 -36.64 -2.88 -13.94
N ASN G 325 -36.27 -1.78 -13.30
CA ASN G 325 -34.97 -1.20 -13.58
C ASN G 325 -33.86 -1.97 -12.87
N VAL G 326 -34.20 -2.64 -11.77
CA VAL G 326 -33.25 -3.48 -11.06
C VAL G 326 -34.03 -4.50 -10.25
N CYS G 327 -33.48 -5.70 -10.16
CA CYS G 327 -33.87 -6.64 -9.13
C CYS G 327 -32.88 -6.59 -7.99
N VAL G 328 -33.40 -6.66 -6.77
CA VAL G 328 -32.60 -6.65 -5.56
C VAL G 328 -32.75 -8.00 -4.89
N VAL G 329 -31.61 -8.65 -4.63
CA VAL G 329 -31.61 -9.87 -3.84
C VAL G 329 -30.88 -9.52 -2.55
N PRO G 330 -31.58 -8.99 -1.55
CA PRO G 330 -30.90 -8.38 -0.41
C PRO G 330 -30.54 -9.37 0.70
N SER G 331 -30.48 -10.65 0.33
CA SER G 331 -30.52 -11.74 1.28
C SER G 331 -29.29 -11.78 2.17
N TYR G 332 -29.41 -12.52 3.28
CA TYR G 332 -28.35 -12.58 4.27
C TYR G 332 -27.47 -13.80 4.08
N TYR G 333 -27.97 -14.83 3.41
CA TYR G 333 -27.14 -15.88 2.86
C TYR G 333 -27.86 -16.48 1.66
N GLU G 334 -27.11 -16.75 0.61
CA GLU G 334 -27.68 -17.38 -0.59
C GLU G 334 -26.73 -18.37 -1.24
N PRO G 335 -26.91 -19.64 -1.04
CA PRO G 335 -26.21 -20.60 -1.90
C PRO G 335 -26.86 -20.67 -3.29
N PHE G 336 -26.39 -19.77 -4.17
CA PHE G 336 -26.82 -19.61 -5.56
C PHE G 336 -28.29 -19.23 -5.67
N GLY G 337 -28.65 -17.99 -5.35
CA GLY G 337 -29.98 -17.47 -5.61
C GLY G 337 -30.31 -17.48 -7.10
N LEU G 338 -31.47 -18.05 -7.43
CA LEU G 338 -31.85 -18.22 -8.84
C LEU G 338 -32.40 -16.94 -9.43
N VAL G 339 -32.98 -16.06 -8.59
CA VAL G 339 -33.60 -14.84 -9.10
C VAL G 339 -32.54 -13.91 -9.67
N ALA G 340 -31.30 -14.05 -9.22
CA ALA G 340 -30.17 -13.32 -9.80
C ALA G 340 -30.00 -13.65 -11.27
N ILE G 341 -29.87 -14.95 -11.60
CA ILE G 341 -29.64 -15.30 -13.00
C ILE G 341 -30.91 -15.17 -13.81
N GLU G 342 -32.09 -15.28 -13.17
CA GLU G 342 -33.35 -15.00 -13.86
C GLU G 342 -33.43 -13.55 -14.29
N ALA G 343 -33.13 -12.63 -13.38
CA ALA G 343 -33.21 -11.22 -13.67
C ALA G 343 -32.14 -10.79 -14.66
N MET G 344 -30.95 -11.38 -14.56
CA MET G 344 -29.91 -11.06 -15.52
C MET G 344 -30.27 -11.58 -16.90
N ALA G 345 -30.84 -12.78 -16.97
CA ALA G 345 -31.30 -13.33 -18.24
C ALA G 345 -32.44 -12.52 -18.82
N CYS G 346 -33.21 -11.83 -17.99
CA CYS G 346 -34.23 -10.92 -18.49
C CYS G 346 -33.69 -9.53 -18.82
N GLY G 347 -32.38 -9.36 -18.90
CA GLY G 347 -31.81 -8.09 -19.28
C GLY G 347 -31.92 -7.02 -18.24
N THR G 348 -31.90 -7.40 -16.96
CA THR G 348 -32.14 -6.48 -15.86
C THR G 348 -31.01 -6.62 -14.86
N PRO G 349 -30.39 -5.53 -14.40
CA PRO G 349 -29.31 -5.66 -13.42
C PRO G 349 -29.81 -6.05 -12.05
N VAL G 350 -28.88 -6.52 -11.22
CA VAL G 350 -29.17 -7.06 -9.90
C VAL G 350 -28.25 -6.40 -8.90
N ILE G 351 -28.81 -5.93 -7.79
CA ILE G 351 -28.01 -5.62 -6.61
C ILE G 351 -28.16 -6.76 -5.62
N ALA G 352 -27.05 -7.37 -5.25
CA ALA G 352 -27.07 -8.50 -4.37
C ALA G 352 -26.08 -8.30 -3.24
N SER G 353 -26.28 -9.04 -2.16
CA SER G 353 -25.33 -9.01 -1.05
C SER G 353 -24.17 -9.93 -1.35
N ALA G 354 -23.00 -9.58 -0.83
CA ALA G 354 -21.80 -10.41 -1.00
C ALA G 354 -21.81 -11.48 0.07
N VAL G 355 -22.66 -12.49 -0.14
CA VAL G 355 -22.91 -13.47 0.90
C VAL G 355 -22.58 -14.90 0.48
N GLY G 356 -23.10 -15.35 -0.64
CA GLY G 356 -23.04 -16.76 -0.99
C GLY G 356 -22.70 -17.02 -2.43
N GLY G 357 -23.60 -17.69 -3.14
CA GLY G 357 -23.45 -17.86 -4.56
C GLY G 357 -23.81 -16.64 -5.39
N LEU G 358 -24.42 -15.63 -4.76
CA LEU G 358 -24.78 -14.40 -5.47
C LEU G 358 -23.54 -13.69 -6.00
N GLN G 359 -22.50 -13.62 -5.19
CA GLN G 359 -21.22 -13.07 -5.62
C GLN G 359 -20.46 -14.00 -6.57
N PHE G 360 -21.00 -15.19 -6.86
CA PHE G 360 -20.58 -16.01 -7.98
C PHE G 360 -21.29 -15.63 -9.26
N THR G 361 -22.55 -15.21 -9.17
CA THR G 361 -23.33 -14.88 -10.35
C THR G 361 -23.21 -13.42 -10.74
N VAL G 362 -23.31 -12.51 -9.77
CA VAL G 362 -23.33 -11.09 -10.02
C VAL G 362 -21.89 -10.59 -9.97
N ILE G 363 -21.44 -10.01 -11.08
CA ILE G 363 -20.11 -9.40 -11.17
C ILE G 363 -20.26 -7.93 -10.81
N PRO G 364 -19.47 -7.40 -9.86
CA PRO G 364 -19.83 -6.13 -9.22
C PRO G 364 -19.73 -4.90 -10.11
N GLU G 365 -19.17 -4.99 -11.30
CA GLU G 365 -19.22 -3.87 -12.23
C GLU G 365 -19.64 -4.27 -13.64
N GLU G 366 -19.86 -5.56 -13.90
CA GLU G 366 -20.30 -6.03 -15.20
C GLU G 366 -21.80 -6.26 -15.26
N THR G 367 -22.38 -6.87 -14.23
CA THR G 367 -23.78 -7.28 -14.26
C THR G 367 -24.63 -6.45 -13.32
N GLY G 368 -24.24 -6.36 -12.04
CA GLY G 368 -25.00 -5.59 -11.08
C GLY G 368 -24.10 -4.92 -10.07
N LEU G 369 -24.53 -4.86 -8.82
CA LEU G 369 -23.73 -4.26 -7.76
C LEU G 369 -23.81 -5.13 -6.51
N LEU G 370 -22.66 -5.32 -5.87
CA LEU G 370 -22.59 -6.06 -4.62
C LEU G 370 -22.57 -5.11 -3.43
N VAL G 371 -23.30 -5.49 -2.39
CA VAL G 371 -23.41 -4.71 -1.16
C VAL G 371 -23.07 -5.61 0.02
N PRO G 372 -22.71 -5.01 1.15
CA PRO G 372 -22.60 -5.78 2.40
C PRO G 372 -23.98 -6.26 2.84
N PRO G 373 -24.04 -7.33 3.68
CA PRO G 373 -25.32 -7.96 4.01
C PRO G 373 -26.36 -7.08 4.72
N GLN G 374 -25.99 -6.42 5.81
CA GLN G 374 -26.95 -5.60 6.55
C GLN G 374 -26.43 -4.17 6.66
N ASP G 375 -26.66 -3.38 5.61
CA ASP G 375 -26.61 -1.92 5.73
C ASP G 375 -27.48 -1.33 4.60
N ALA G 376 -28.52 -0.61 5.00
CA ALA G 376 -29.39 0.01 4.02
C ALA G 376 -28.72 1.21 3.36
N ASN G 377 -27.65 1.72 3.96
CA ASN G 377 -26.93 2.87 3.41
C ASN G 377 -26.30 2.52 2.06
N ALA G 378 -25.55 1.41 2.03
CA ALA G 378 -24.88 1.00 0.81
C ALA G 378 -25.87 0.57 -0.25
N LEU G 379 -26.94 -0.11 0.17
CA LEU G 379 -27.97 -0.55 -0.76
C LEU G 379 -28.70 0.64 -1.38
N ALA G 380 -29.04 1.63 -0.55
CA ALA G 380 -29.76 2.79 -1.06
C ALA G 380 -28.87 3.64 -1.95
N ASN G 381 -27.58 3.73 -1.61
CA ASN G 381 -26.65 4.49 -2.45
C ASN G 381 -26.43 3.78 -3.78
N ALA G 382 -26.45 2.45 -3.78
CA ALA G 382 -26.33 1.69 -5.02
C ALA G 382 -27.55 1.88 -5.90
N ILE G 383 -28.75 1.91 -5.29
CA ILE G 383 -29.96 2.16 -6.06
C ILE G 383 -29.97 3.58 -6.61
N GLN G 384 -29.43 4.54 -5.85
CA GLN G 384 -29.27 5.90 -6.36
C GLN G 384 -28.27 5.96 -7.50
N ARG G 385 -27.24 5.12 -7.48
CA ARG G 385 -26.30 5.06 -8.60
C ARG G 385 -26.98 4.57 -9.86
N ILE G 386 -27.66 3.43 -9.78
CA ILE G 386 -28.22 2.83 -10.97
C ILE G 386 -29.49 3.52 -11.46
N LEU G 387 -30.16 4.31 -10.63
CA LEU G 387 -31.34 5.02 -11.10
C LEU G 387 -31.05 6.45 -11.55
N ALA G 388 -29.82 6.91 -11.41
CA ALA G 388 -29.41 8.19 -11.96
C ALA G 388 -28.65 8.03 -13.27
N ASP G 389 -28.59 6.82 -13.81
CA ASP G 389 -27.93 6.55 -15.08
C ASP G 389 -28.61 5.33 -15.69
N PRO G 390 -29.68 5.54 -16.46
CA PRO G 390 -30.46 4.40 -16.96
C PRO G 390 -29.77 3.59 -18.03
N ALA G 391 -29.02 4.25 -18.92
CA ALA G 391 -28.30 3.54 -19.98
C ALA G 391 -27.20 2.66 -19.41
N TRP G 392 -26.58 3.08 -18.30
CA TRP G 392 -25.61 2.24 -17.61
C TRP G 392 -26.28 1.00 -17.03
N ALA G 393 -27.49 1.15 -16.47
CA ALA G 393 -28.22 0.00 -15.95
C ALA G 393 -28.64 -0.94 -17.08
N ARG G 394 -28.96 -0.37 -18.24
CA ARG G 394 -29.38 -1.16 -19.38
C ARG G 394 -28.20 -1.96 -19.95
N THR G 395 -27.02 -1.36 -20.00
CA THR G 395 -25.87 -2.12 -20.49
C THR G 395 -25.37 -3.11 -19.44
N LEU G 396 -25.57 -2.83 -18.15
CA LEU G 396 -25.33 -3.85 -17.12
C LEU G 396 -26.29 -5.02 -17.29
N GLY G 397 -27.54 -4.75 -17.68
CA GLY G 397 -28.50 -5.79 -17.95
C GLY G 397 -28.13 -6.68 -19.12
N LYS G 398 -27.69 -6.07 -20.23
CA LYS G 398 -27.31 -6.90 -21.37
C LYS G 398 -26.01 -7.66 -21.10
N ASN G 399 -25.11 -7.10 -20.28
CA ASN G 399 -23.93 -7.85 -19.89
C ASN G 399 -24.29 -9.01 -18.97
N GLY G 400 -25.29 -8.81 -18.10
CA GLY G 400 -25.75 -9.91 -17.27
C GLY G 400 -26.42 -11.01 -18.07
N ARG G 401 -27.14 -10.63 -19.12
CA ARG G 401 -27.75 -11.63 -20.00
C ARG G 401 -26.70 -12.42 -20.75
N GLU G 402 -25.64 -11.75 -21.21
CA GLU G 402 -24.55 -12.48 -21.85
C GLU G 402 -23.85 -13.42 -20.88
N ARG G 403 -23.73 -13.00 -19.61
CA ARG G 403 -23.12 -13.86 -18.61
C ARG G 403 -23.96 -15.09 -18.33
N VAL G 404 -25.29 -14.94 -18.31
CA VAL G 404 -26.16 -16.09 -18.07
C VAL G 404 -26.15 -17.01 -19.28
N GLN G 405 -26.16 -16.44 -20.50
CA GLN G 405 -26.06 -17.25 -21.72
C GLN G 405 -24.75 -18.00 -21.80
N ALA G 406 -23.68 -17.44 -21.24
CA ALA G 406 -22.39 -18.10 -21.26
C ALA G 406 -22.27 -19.18 -20.19
N LEU G 407 -22.75 -18.91 -18.98
CA LEU G 407 -22.43 -19.75 -17.84
C LEU G 407 -23.63 -20.39 -17.17
N PHE G 408 -24.85 -19.91 -17.39
CA PHE G 408 -25.96 -20.32 -16.55
C PHE G 408 -27.17 -20.68 -17.40
N ASN G 409 -26.94 -21.35 -18.52
CA ASN G 409 -28.01 -21.82 -19.39
C ASN G 409 -28.29 -23.28 -19.06
N TRP G 410 -29.56 -23.63 -18.90
CA TRP G 410 -29.91 -24.98 -18.51
C TRP G 410 -29.70 -25.97 -19.65
N GLU G 411 -29.73 -25.47 -20.89
CA GLU G 411 -29.57 -26.33 -22.05
C GLU G 411 -28.16 -26.95 -22.11
N ALA G 412 -27.18 -26.29 -21.48
CA ALA G 412 -25.83 -26.83 -21.37
C ALA G 412 -25.61 -27.60 -20.07
N ILE G 413 -26.14 -27.06 -18.96
CA ILE G 413 -25.93 -27.65 -17.64
C ILE G 413 -26.63 -29.00 -17.53
N ALA G 414 -27.77 -29.16 -18.20
CA ALA G 414 -28.45 -30.45 -18.23
C ALA G 414 -27.60 -31.50 -18.93
N LEU G 415 -26.92 -31.11 -20.00
CA LEU G 415 -26.01 -32.02 -20.69
C LEU G 415 -24.81 -32.36 -19.83
N GLN G 416 -24.33 -31.40 -19.04
CA GLN G 416 -23.21 -31.68 -18.14
C GLN G 416 -23.61 -32.63 -17.02
N MET G 417 -24.81 -32.46 -16.47
CA MET G 417 -25.35 -33.40 -15.49
C MET G 417 -25.54 -34.79 -16.10
N GLY G 418 -25.94 -34.83 -17.38
CA GLY G 418 -26.08 -36.11 -18.05
C GLY G 418 -24.76 -36.82 -18.23
N GLN G 419 -23.71 -36.06 -18.53
CA GLN G 419 -22.37 -36.64 -18.62
C GLN G 419 -21.90 -37.14 -17.26
N LEU G 420 -22.27 -36.42 -16.20
CA LEU G 420 -21.95 -36.87 -14.86
C LEU G 420 -22.62 -38.19 -14.53
N TYR G 421 -23.91 -38.31 -14.86
CA TYR G 421 -24.59 -39.57 -14.56
C TYR G 421 -24.08 -40.71 -15.44
N ARG G 422 -23.67 -40.41 -16.67
CA ARG G 422 -23.13 -41.46 -17.52
C ARG G 422 -21.77 -41.95 -17.03
N GLN G 423 -20.92 -41.05 -16.54
CA GLN G 423 -19.63 -41.52 -16.03
C GLN G 423 -19.75 -42.13 -14.64
N LEU G 424 -20.76 -41.76 -13.85
CA LEU G 424 -21.00 -42.45 -12.60
C LEU G 424 -21.73 -43.77 -12.81
N PHE G 425 -22.33 -43.95 -13.99
CA PHE G 425 -22.92 -45.24 -14.31
C PHE G 425 -21.89 -46.16 -14.94
N ALA G 426 -20.88 -45.59 -15.60
CA ALA G 426 -19.79 -46.39 -16.15
C ALA G 426 -18.95 -47.01 -15.04
N ALA G 427 -18.55 -46.21 -14.07
CA ALA G 427 -18.02 -46.75 -12.83
C ALA G 427 -19.18 -47.35 -12.08
N SER G 428 -19.38 -48.67 -12.26
CA SER G 428 -20.67 -49.30 -12.03
C SER G 428 -21.05 -49.29 -10.55
N LEU G 429 -22.36 -49.43 -10.30
CA LEU G 429 -22.93 -49.46 -8.96
C LEU G 429 -22.45 -50.66 -8.16
N ARG H 30 -42.89 82.51 20.59
CA ARG H 30 -42.64 81.10 20.33
C ARG H 30 -41.42 80.65 21.09
N GLN H 31 -41.57 79.64 21.92
CA GLN H 31 -40.45 79.21 22.75
C GLN H 31 -39.60 78.20 21.99
N PRO H 32 -38.28 78.30 22.10
CA PRO H 32 -37.40 77.49 21.26
C PRO H 32 -36.99 76.17 21.90
N ILE H 33 -36.75 75.19 21.03
CA ILE H 33 -36.33 73.85 21.43
C ILE H 33 -35.14 73.44 20.56
N ALA H 34 -34.11 72.88 21.17
CA ALA H 34 -33.01 72.28 20.45
C ALA H 34 -33.07 70.77 20.60
N LEU H 35 -33.26 70.06 19.49
CA LEU H 35 -33.08 68.63 19.43
C LEU H 35 -31.71 68.33 18.88
N ILE H 36 -30.97 67.42 19.51
CA ILE H 36 -29.61 67.12 19.10
C ILE H 36 -29.50 65.64 18.79
N SER H 37 -29.01 65.33 17.59
CA SER H 37 -28.80 63.95 17.17
C SER H 37 -27.64 63.99 16.16
N VAL H 38 -26.43 63.71 16.66
CA VAL H 38 -25.26 64.10 15.88
C VAL H 38 -24.88 63.05 14.85
N HIS H 39 -25.22 61.79 15.08
CA HIS H 39 -24.81 60.77 14.13
C HIS H 39 -25.88 60.49 13.09
N GLY H 40 -27.09 60.98 13.32
CA GLY H 40 -28.15 60.78 12.37
C GLY H 40 -28.87 62.05 12.00
N ASP H 41 -29.04 62.26 10.71
CA ASP H 41 -29.71 63.44 10.20
C ASP H 41 -31.21 63.21 10.26
N PRO H 42 -31.99 64.08 10.89
CA PRO H 42 -33.45 63.97 10.78
C PRO H 42 -33.99 64.35 9.42
N ALA H 43 -33.19 64.96 8.55
CA ALA H 43 -33.57 65.29 7.20
C ALA H 43 -33.24 64.18 6.22
N ALA H 44 -32.81 63.04 6.71
CA ALA H 44 -32.22 62.01 5.87
C ALA H 44 -33.25 60.98 5.44
N ASP H 45 -33.08 60.48 4.23
CA ASP H 45 -33.81 59.30 3.80
C ASP H 45 -33.37 58.11 4.63
N VAL H 46 -34.32 57.26 4.99
CA VAL H 46 -34.11 56.29 6.04
C VAL H 46 -34.10 54.88 5.47
N GLY H 47 -33.37 53.99 6.14
CA GLY H 47 -33.23 52.62 5.73
C GLY H 47 -31.82 52.15 5.43
N HIS H 48 -30.82 52.73 6.11
CA HIS H 48 -29.43 52.31 5.96
C HIS H 48 -28.64 52.63 7.21
N GLU H 49 -27.31 52.58 7.12
CA GLU H 49 -26.44 52.80 8.27
C GLU H 49 -26.54 54.25 8.74
N SER H 50 -26.89 54.40 10.03
CA SER H 50 -27.19 55.62 10.78
C SER H 50 -28.45 56.33 10.32
N ALA H 51 -29.18 55.78 9.35
CA ALA H 51 -30.45 56.36 8.94
C ALA H 51 -31.51 56.23 10.03
N GLY H 52 -32.02 55.05 10.25
CA GLY H 52 -32.62 54.71 11.54
C GLY H 52 -33.96 55.29 11.97
N GLY H 53 -34.60 54.48 12.83
CA GLY H 53 -35.75 54.90 13.59
C GLY H 53 -35.47 55.98 14.60
N GLN H 54 -34.21 56.18 14.98
CA GLN H 54 -33.85 57.36 15.77
C GLN H 54 -34.10 58.65 15.01
N ASN H 55 -33.75 58.68 13.72
CA ASN H 55 -34.00 59.90 12.97
C ASN H 55 -35.46 60.04 12.60
N ILE H 56 -36.15 58.90 12.41
CA ILE H 56 -37.62 58.93 12.32
C ILE H 56 -38.22 59.58 13.57
N TYR H 57 -37.76 59.12 14.74
CA TYR H 57 -38.20 59.60 16.06
C TYR H 57 -38.00 61.10 16.20
N VAL H 58 -36.78 61.57 15.95
CA VAL H 58 -36.49 62.97 16.21
C VAL H 58 -37.12 63.87 15.14
N ARG H 59 -37.27 63.38 13.91
CA ARG H 59 -37.92 64.15 12.87
C ARG H 59 -39.40 64.38 13.18
N GLN H 60 -40.13 63.30 13.47
CA GLN H 60 -41.54 63.47 13.73
C GLN H 60 -41.81 64.11 15.08
N LEU H 61 -40.89 63.97 16.03
CA LEU H 61 -40.99 64.69 17.29
C LEU H 61 -40.88 66.19 17.07
N GLY H 62 -39.85 66.64 16.36
CA GLY H 62 -39.68 68.06 16.14
C GLY H 62 -40.76 68.66 15.28
N GLU H 63 -41.26 67.89 14.32
CA GLU H 63 -42.31 68.41 13.44
C GLU H 63 -43.64 68.50 14.18
N ALA H 64 -43.94 67.54 15.07
CA ALA H 64 -45.15 67.62 15.87
C ALA H 64 -45.06 68.71 16.92
N LEU H 65 -43.88 68.93 17.49
CA LEU H 65 -43.71 70.02 18.46
C LEU H 65 -43.85 71.37 17.81
N ALA H 66 -43.33 71.53 16.59
CA ALA H 66 -43.57 72.77 15.85
C ALA H 66 -45.03 72.96 15.50
N ALA H 67 -45.75 71.87 15.23
CA ALA H 67 -47.19 71.97 15.05
C ALA H 67 -47.92 72.30 16.34
N ALA H 68 -47.35 71.96 17.50
CA ALA H 68 -47.99 72.30 18.76
C ALA H 68 -47.76 73.73 19.19
N GLY H 69 -46.90 74.47 18.49
CA GLY H 69 -46.68 75.87 18.79
C GLY H 69 -45.30 76.24 19.28
N TRP H 70 -44.32 75.36 19.14
CA TRP H 70 -42.97 75.61 19.59
C TRP H 70 -42.13 76.18 18.45
N HIS H 71 -40.82 76.25 18.66
CA HIS H 71 -39.84 76.64 17.64
C HIS H 71 -38.71 75.61 17.70
N VAL H 72 -38.72 74.65 16.80
CA VAL H 72 -37.82 73.52 16.91
C VAL H 72 -36.66 73.69 15.95
N ASP H 73 -35.45 73.52 16.47
CA ASP H 73 -34.23 73.47 15.69
C ASP H 73 -33.53 72.16 16.01
N MET H 74 -33.36 71.31 15.00
CA MET H 74 -32.81 69.98 15.17
C MET H 74 -31.38 69.98 14.66
N PHE H 75 -30.43 69.79 15.55
CA PHE H 75 -29.02 69.98 15.24
C PHE H 75 -28.36 68.65 14.97
N THR H 76 -27.69 68.54 13.83
CA THR H 76 -26.98 67.33 13.46
C THR H 76 -25.67 67.69 12.79
N ARG H 77 -24.92 66.67 12.38
CA ARG H 77 -23.59 66.85 11.83
C ARG H 77 -23.63 66.85 10.30
N LYS H 78 -22.89 67.78 9.71
CA LYS H 78 -22.76 67.84 8.27
C LYS H 78 -21.68 66.89 7.80
N THR H 79 -22.01 66.05 6.81
CA THR H 79 -21.13 64.99 6.35
C THR H 79 -20.75 65.13 4.88
N ASP H 80 -21.13 66.21 4.23
CA ASP H 80 -20.85 66.44 2.82
C ASP H 80 -20.97 67.94 2.58
N PRO H 81 -19.94 68.60 2.05
CA PRO H 81 -20.05 70.04 1.79
C PRO H 81 -21.03 70.41 0.68
N ASN H 82 -21.51 69.44 -0.08
CA ASN H 82 -22.56 69.67 -1.05
C ASN H 82 -23.95 69.69 -0.43
N ASP H 83 -24.08 69.29 0.84
CA ASP H 83 -25.36 69.32 1.52
C ASP H 83 -25.68 70.73 1.99
N PRO H 84 -26.96 71.08 2.10
CA PRO H 84 -27.34 72.38 2.64
C PRO H 84 -27.25 72.43 4.16
N ASP H 85 -27.15 73.65 4.68
CA ASP H 85 -26.97 73.84 6.11
C ASP H 85 -28.29 73.81 6.86
N VAL H 86 -29.30 74.52 6.36
CA VAL H 86 -30.58 74.68 7.04
C VAL H 86 -31.68 74.14 6.15
N ILE H 87 -32.54 73.28 6.70
CA ILE H 87 -33.68 72.71 5.99
C ILE H 87 -34.94 72.93 6.82
N GLU H 88 -35.88 73.69 6.29
CA GLU H 88 -37.16 73.91 6.95
C GLU H 88 -38.16 72.87 6.47
N HIS H 89 -38.42 71.86 7.31
CA HIS H 89 -39.33 70.78 6.93
C HIS H 89 -40.78 71.24 6.97
N SER H 90 -41.08 72.13 7.90
CA SER H 90 -42.41 72.64 8.18
C SER H 90 -42.22 73.96 8.90
N PRO H 91 -43.28 74.81 8.98
CA PRO H 91 -43.15 76.06 9.74
C PRO H 91 -42.70 75.89 11.18
N HIS H 92 -41.52 76.46 11.44
CA HIS H 92 -40.78 76.50 12.70
C HIS H 92 -40.24 75.13 13.09
N CYS H 93 -39.84 74.33 12.12
CA CYS H 93 -39.12 73.08 12.36
C CYS H 93 -37.93 73.01 11.42
N ARG H 94 -36.80 73.56 11.87
CA ARG H 94 -35.61 73.58 11.03
C ARG H 94 -34.66 72.47 11.43
N THR H 95 -33.87 72.01 10.45
CA THR H 95 -32.77 71.10 10.66
C THR H 95 -31.49 71.82 10.29
N ILE H 96 -30.55 71.85 11.23
CA ILE H 96 -29.32 72.59 11.06
C ILE H 96 -28.16 71.62 11.10
N ARG H 97 -27.41 71.53 10.01
CA ARG H 97 -26.23 70.70 9.94
C ARG H 97 -25.02 71.56 10.28
N LEU H 98 -24.22 71.11 11.23
CA LEU H 98 -23.11 71.88 11.75
C LEU H 98 -21.80 71.25 11.32
N GLN H 99 -20.84 72.11 10.99
CA GLN H 99 -19.50 71.62 10.67
C GLN H 99 -18.82 71.20 11.96
N ALA H 100 -19.03 69.95 12.37
CA ALA H 100 -18.40 69.45 13.58
C ALA H 100 -16.93 69.16 13.30
N GLY H 101 -16.66 68.20 12.43
CA GLY H 101 -15.30 67.84 12.12
C GLY H 101 -15.05 67.79 10.64
N PRO H 102 -14.44 66.70 10.17
CA PRO H 102 -14.26 66.51 8.74
C PRO H 102 -15.60 66.30 8.05
N LEU H 103 -15.73 66.84 6.85
CA LEU H 103 -17.00 66.84 6.12
C LEU H 103 -17.09 65.60 5.22
N THR H 104 -16.84 64.45 5.84
CA THR H 104 -17.10 63.15 5.26
C THR H 104 -17.91 62.34 6.26
N TYR H 105 -18.44 61.22 5.80
CA TYR H 105 -19.22 60.36 6.67
C TYR H 105 -18.28 59.62 7.62
N ILE H 106 -18.28 60.03 8.88
CA ILE H 106 -17.56 59.29 9.91
C ILE H 106 -18.58 58.45 10.68
N PRO H 107 -18.36 57.16 10.85
CA PRO H 107 -19.32 56.33 11.59
C PRO H 107 -19.30 56.64 13.08
N ARG H 108 -20.37 56.21 13.74
CA ARG H 108 -20.63 56.58 15.14
C ARG H 108 -19.70 55.90 16.12
N GLU H 109 -18.87 54.97 15.69
CA GLU H 109 -17.83 54.39 16.52
C GLU H 109 -16.56 55.21 16.51
N LYS H 110 -16.52 56.29 15.70
CA LYS H 110 -15.34 57.14 15.58
C LYS H 110 -15.67 58.62 15.70
N LEU H 111 -16.86 58.98 16.18
CA LEU H 111 -17.29 60.37 16.23
C LEU H 111 -16.98 61.06 17.54
N PHE H 112 -16.43 60.35 18.53
CA PHE H 112 -16.26 60.93 19.86
C PHE H 112 -15.25 62.06 19.87
N GLU H 113 -14.23 62.00 19.01
CA GLU H 113 -13.28 63.10 18.91
C GLU H 113 -13.84 64.29 18.13
N THR H 114 -14.96 64.10 17.43
CA THR H 114 -15.58 65.21 16.71
C THR H 114 -16.56 65.98 17.56
N LEU H 115 -16.83 65.51 18.76
CA LEU H 115 -17.83 66.10 19.63
C LEU H 115 -17.56 67.49 20.22
N PRO H 116 -16.36 67.87 20.70
CA PRO H 116 -16.25 69.19 21.33
C PRO H 116 -16.41 70.35 20.38
N LYS H 117 -15.94 70.21 19.14
CA LYS H 117 -16.11 71.25 18.13
C LYS H 117 -17.59 71.48 17.82
N PHE H 118 -18.37 70.39 17.83
CA PHE H 118 -19.82 70.47 17.72
C PHE H 118 -20.40 71.32 18.83
N VAL H 119 -19.89 71.14 20.05
CA VAL H 119 -20.30 71.92 21.21
C VAL H 119 -20.02 73.40 20.98
N GLU H 120 -18.95 73.69 20.24
CA GLU H 120 -18.67 75.08 19.91
C GLU H 120 -19.68 75.63 18.91
N ALA H 121 -20.04 74.82 17.91
CA ALA H 121 -20.88 75.31 16.82
C ALA H 121 -22.30 75.58 17.29
N PHE H 122 -22.80 74.71 18.17
CA PHE H 122 -24.09 74.91 18.82
C PHE H 122 -24.13 76.20 19.62
N LYS H 123 -22.97 76.61 20.17
CA LYS H 123 -22.89 77.85 20.95
C LYS H 123 -23.19 79.07 20.12
N ALA H 124 -23.09 78.97 18.78
CA ALA H 124 -23.58 80.04 17.94
C ALA H 124 -25.09 80.19 18.08
N TYR H 125 -25.83 79.11 17.81
CA TYR H 125 -27.28 79.20 17.75
C TYR H 125 -27.87 79.38 19.14
N HIS H 126 -27.29 78.72 20.13
CA HIS H 126 -27.69 78.93 21.52
C HIS H 126 -27.38 80.35 21.99
N ALA H 127 -26.45 81.05 21.35
CA ALA H 127 -26.27 82.45 21.68
C ALA H 127 -27.42 83.31 21.18
N LYS H 128 -28.03 82.92 20.06
CA LYS H 128 -29.12 83.74 19.54
C LYS H 128 -30.42 83.41 20.23
N TYR H 129 -30.76 82.13 20.31
CA TYR H 129 -32.07 81.75 20.82
C TYR H 129 -32.07 81.58 22.33
N GLY H 130 -31.04 80.95 22.88
CA GLY H 130 -31.01 80.70 24.30
C GLY H 130 -32.04 79.67 24.68
N TYR H 131 -31.82 78.43 24.26
CA TYR H 131 -32.80 77.38 24.37
C TYR H 131 -33.01 76.98 25.83
N PRO H 132 -34.22 77.12 26.37
CA PRO H 132 -34.44 76.70 27.76
C PRO H 132 -34.66 75.22 27.91
N LEU H 133 -34.70 74.47 26.81
CA LEU H 133 -35.13 73.08 26.86
C LEU H 133 -34.39 72.35 25.74
N ILE H 134 -33.43 71.51 26.11
CA ILE H 134 -32.61 70.78 25.15
C ILE H 134 -32.83 69.30 25.31
N HIS H 135 -33.14 68.63 24.21
CA HIS H 135 -33.44 67.20 24.18
C HIS H 135 -32.41 66.53 23.28
N THR H 136 -31.73 65.52 23.84
CA THR H 136 -30.57 64.90 23.25
C THR H 136 -30.82 63.42 23.04
N ASN H 137 -30.06 62.83 22.11
CA ASN H 137 -30.36 61.51 21.58
C ASN H 137 -29.07 60.73 21.34
N TYR H 138 -29.00 59.53 21.93
CA TYR H 138 -27.93 58.55 21.75
C TYR H 138 -26.56 59.11 22.12
N TRP H 139 -26.37 59.45 23.39
CA TRP H 139 -25.08 59.40 24.07
C TRP H 139 -23.99 60.36 23.60
N LEU H 140 -24.00 60.75 22.33
CA LEU H 140 -23.01 61.69 21.85
C LEU H 140 -23.59 63.08 21.99
N SER H 141 -24.85 63.21 21.56
CA SER H 141 -25.67 64.35 21.92
C SER H 141 -25.79 64.51 23.42
N GLY H 142 -25.85 63.38 24.15
CA GLY H 142 -25.85 63.45 25.59
C GLY H 142 -24.56 64.00 26.16
N TRP H 143 -23.42 63.63 25.56
CA TRP H 143 -22.15 64.19 25.98
C TRP H 143 -22.08 65.68 25.67
N VAL H 144 -22.64 66.08 24.52
CA VAL H 144 -22.68 67.49 24.14
C VAL H 144 -23.52 68.29 25.12
N GLY H 145 -24.69 67.75 25.48
CA GLY H 145 -25.53 68.38 26.49
C GLY H 145 -24.93 68.38 27.88
N TRP H 146 -24.03 67.43 28.16
CA TRP H 146 -23.33 67.41 29.43
C TRP H 146 -22.22 68.45 29.47
N GLN H 147 -21.59 68.69 28.32
CA GLN H 147 -20.60 69.76 28.23
C GLN H 147 -21.23 71.14 28.22
N LEU H 148 -22.52 71.24 27.93
CA LEU H 148 -23.27 72.48 28.05
C LEU H 148 -23.90 72.63 29.41
N ARG H 149 -24.04 71.52 30.14
CA ARG H 149 -24.63 71.52 31.47
C ARG H 149 -23.73 72.23 32.48
N GLN H 150 -22.41 72.17 32.24
CA GLN H 150 -21.45 72.85 33.11
C GLN H 150 -21.52 74.35 32.94
N GLN H 151 -21.87 74.82 31.74
CA GLN H 151 -21.87 76.24 31.44
C GLN H 151 -23.25 76.87 31.61
N PHE H 152 -24.25 76.29 30.95
CA PHE H 152 -25.60 76.82 30.93
C PHE H 152 -26.51 75.98 31.80
N ASN H 153 -27.68 76.54 32.11
CA ASN H 153 -28.74 75.83 32.82
C ASN H 153 -29.92 75.73 31.89
N PHE H 154 -30.33 74.51 31.60
CA PHE H 154 -31.42 74.25 30.68
C PHE H 154 -32.10 72.95 31.05
N GLN H 155 -33.40 72.86 30.78
CA GLN H 155 -34.13 71.63 31.02
C GLN H 155 -33.65 70.58 30.04
N TRP H 156 -32.88 69.61 30.54
CA TRP H 156 -32.20 68.65 29.69
C TRP H 156 -32.93 67.32 29.73
N LEU H 157 -33.36 66.87 28.55
CA LEU H 157 -34.03 65.59 28.37
C LEU H 157 -33.17 64.74 27.45
N HIS H 158 -33.25 63.42 27.63
CA HIS H 158 -32.35 62.54 26.87
C HIS H 158 -33.02 61.22 26.58
N THR H 159 -32.94 60.77 25.32
CA THR H 159 -33.40 59.46 24.91
C THR H 159 -32.19 58.65 24.44
N TYR H 160 -32.01 57.45 25.00
CA TYR H 160 -30.80 56.69 24.72
C TYR H 160 -30.83 56.04 23.35
N HIS H 161 -31.95 55.40 22.99
CA HIS H 161 -32.26 54.61 21.80
C HIS H 161 -31.55 53.26 21.76
N SER H 162 -30.53 53.08 22.61
CA SER H 162 -29.75 51.86 22.75
C SER H 162 -28.78 52.07 23.89
N LEU H 163 -28.45 50.99 24.59
CA LEU H 163 -27.54 51.04 25.72
C LEU H 163 -26.34 50.15 25.44
N GLY H 164 -25.15 50.65 25.79
CA GLY H 164 -23.94 49.91 25.49
C GLY H 164 -23.78 48.67 26.34
N VAL H 165 -24.24 48.72 27.59
CA VAL H 165 -24.13 47.57 28.48
C VAL H 165 -25.05 46.46 28.01
N VAL H 166 -26.13 46.81 27.32
CA VAL H 166 -26.99 45.81 26.71
C VAL H 166 -26.43 45.41 25.34
N LYS H 167 -25.70 46.32 24.70
CA LYS H 167 -25.12 46.03 23.40
C LYS H 167 -24.03 44.98 23.47
N TYR H 168 -23.10 45.12 24.41
CA TYR H 168 -21.91 44.30 24.41
C TYR H 168 -22.04 43.06 25.28
N GLN H 169 -23.24 42.55 25.47
CA GLN H 169 -23.41 41.24 26.10
C GLN H 169 -23.68 40.14 25.10
N VAL H 170 -23.84 40.47 23.82
CA VAL H 170 -24.00 39.46 22.78
C VAL H 170 -22.63 38.85 22.49
N ALA H 171 -22.61 37.53 22.36
CA ALA H 171 -21.36 36.78 22.11
C ALA H 171 -20.81 37.08 20.72
N SER H 172 -21.68 37.35 19.75
CA SER H 172 -21.25 37.57 18.33
C SER H 172 -20.71 38.99 18.10
N GLU H 173 -20.29 39.26 16.86
CA GLU H 173 -19.77 40.60 16.44
C GLU H 173 -20.71 41.69 16.97
N GLN H 174 -20.34 42.18 18.16
CA GLN H 174 -20.95 43.14 19.11
C GLN H 174 -20.29 42.70 20.40
N ALA H 175 -18.97 42.58 20.29
CA ALA H 175 -18.03 42.08 21.30
C ALA H 175 -17.05 43.16 21.76
N GLN H 176 -16.51 43.94 20.84
CA GLN H 176 -15.49 44.94 21.16
C GLN H 176 -16.12 46.14 21.87
N ARG H 177 -15.96 46.17 23.20
CA ARG H 177 -16.65 47.13 24.06
C ARG H 177 -16.10 48.54 23.95
N ASP H 178 -16.63 49.44 24.79
CA ASP H 178 -16.11 50.78 24.97
C ASP H 178 -16.53 51.30 26.34
N GLU H 179 -15.56 51.48 27.23
CA GLU H 179 -15.83 51.94 28.59
C GLU H 179 -16.26 53.40 28.63
N THR H 180 -15.87 54.18 27.61
CA THR H 180 -16.22 55.59 27.53
C THR H 180 -17.73 55.77 27.42
N ARG H 181 -18.38 54.94 26.61
CA ARG H 181 -19.81 55.02 26.41
C ARG H 181 -20.57 54.72 27.69
N LEU H 182 -20.13 53.67 28.41
CA LEU H 182 -20.76 53.28 29.67
C LEU H 182 -20.62 54.38 30.72
N MET H 183 -19.43 54.99 30.79
CA MET H 183 -19.22 56.06 31.77
C MET H 183 -20.03 57.30 31.44
N VAL H 184 -20.12 57.65 30.15
CA VAL H 184 -20.86 58.85 29.76
C VAL H 184 -22.36 58.66 29.97
N GLU H 185 -22.88 57.48 29.63
CA GLU H 185 -24.30 57.23 29.83
C GLU H 185 -24.67 57.15 31.30
N LYS H 186 -23.75 56.63 32.13
CA LYS H 186 -23.97 56.66 33.57
C LYS H 186 -23.93 58.09 34.10
N ALA H 187 -23.15 58.96 33.48
CA ALA H 187 -23.17 60.37 33.86
C ALA H 187 -24.45 61.06 33.41
N ILE H 188 -24.96 60.69 32.23
CA ILE H 188 -26.18 61.28 31.69
C ILE H 188 -27.37 60.94 32.57
N LEU H 189 -27.45 59.68 33.02
CA LEU H 189 -28.60 59.26 33.81
C LEU H 189 -28.61 59.93 35.18
N GLU H 190 -27.44 60.28 35.71
CA GLU H 190 -27.41 61.01 36.97
C GLU H 190 -27.68 62.50 36.78
N ASN H 191 -27.16 63.10 35.71
CA ASN H 191 -27.18 64.55 35.60
C ASN H 191 -28.40 65.11 34.88
N ALA H 192 -29.09 64.31 34.07
CA ALA H 192 -30.17 64.86 33.25
C ALA H 192 -31.41 65.10 34.07
N ASP H 193 -32.16 66.15 33.70
CA ASP H 193 -33.44 66.40 34.33
C ASP H 193 -34.44 65.31 33.99
N CYS H 194 -34.48 64.87 32.73
CA CYS H 194 -35.45 63.84 32.38
C CYS H 194 -34.84 62.88 31.36
N VAL H 195 -34.98 61.60 31.61
CA VAL H 195 -34.57 60.56 30.68
C VAL H 195 -35.83 59.86 30.17
N ILE H 196 -35.92 59.71 28.85
CA ILE H 196 -37.09 59.14 28.21
C ILE H 196 -36.77 57.68 27.91
N VAL H 197 -37.62 56.77 28.37
CA VAL H 197 -37.48 55.35 28.11
C VAL H 197 -38.61 54.90 27.21
N THR H 198 -38.28 54.08 26.22
CA THR H 198 -39.24 53.67 25.19
C THR H 198 -39.95 52.39 25.56
N SER H 199 -39.63 51.80 26.70
CA SER H 199 -40.17 50.53 27.15
C SER H 199 -39.88 50.37 28.63
N PRO H 200 -40.66 49.58 29.37
CA PRO H 200 -40.27 49.25 30.75
C PRO H 200 -39.03 48.38 30.82
N GLN H 201 -38.70 47.67 29.75
CA GLN H 201 -37.49 46.87 29.72
C GLN H 201 -36.24 47.75 29.69
N GLU H 202 -36.30 48.90 29.01
CA GLU H 202 -35.18 49.84 29.04
C GLU H 202 -35.06 50.49 30.42
N GLU H 203 -36.18 50.72 31.08
CA GLU H 203 -36.17 51.21 32.46
C GLU H 203 -35.50 50.20 33.39
N ALA H 204 -35.80 48.91 33.19
CA ALA H 204 -35.19 47.86 33.99
C ALA H 204 -33.70 47.74 33.70
N TYR H 205 -33.31 47.87 32.43
CA TYR H 205 -31.93 47.74 32.03
C TYR H 205 -31.11 48.93 32.51
N LEU H 206 -31.74 50.08 32.68
CA LEU H 206 -31.06 51.22 33.29
C LEU H 206 -30.99 51.11 34.80
N ARG H 207 -32.02 50.58 35.46
CA ARG H 207 -31.98 50.54 36.91
C ARG H 207 -31.17 49.37 37.45
N ARG H 208 -31.06 48.28 36.68
CA ARG H 208 -30.26 47.16 37.15
C ARG H 208 -28.79 47.38 36.84
N TRP H 209 -28.48 47.91 35.66
CA TRP H 209 -27.12 47.88 35.14
C TRP H 209 -26.45 49.24 35.02
N VAL H 210 -27.13 50.33 35.33
CA VAL H 210 -26.46 51.63 35.26
C VAL H 210 -26.49 52.35 36.60
N SER H 211 -27.68 52.72 37.07
CA SER H 211 -27.80 53.54 38.27
C SER H 211 -29.23 53.50 38.77
N LYS H 212 -29.43 54.07 39.96
CA LYS H 212 -30.74 54.29 40.56
C LYS H 212 -30.85 55.77 40.93
N ALA H 213 -30.53 56.62 39.97
CA ALA H 213 -30.57 58.06 40.17
C ALA H 213 -31.31 58.71 39.01
N GLY H 214 -31.61 59.99 39.17
CA GLY H 214 -32.25 60.75 38.11
C GLY H 214 -33.74 60.49 37.98
N GLN H 215 -34.40 61.27 37.15
CA GLN H 215 -35.82 61.10 36.90
C GLN H 215 -36.03 60.42 35.55
N THR H 216 -37.04 59.56 35.50
CA THR H 216 -37.40 58.85 34.29
C THR H 216 -38.89 59.05 34.02
N ARG H 217 -39.29 58.81 32.78
CA ARG H 217 -40.69 58.95 32.40
C ARG H 217 -40.93 58.03 31.21
N LEU H 218 -41.82 57.06 31.39
CA LEU H 218 -42.11 56.07 30.35
C LEU H 218 -43.03 56.70 29.31
N ILE H 219 -42.46 57.06 28.17
CA ILE H 219 -43.25 57.46 27.01
C ILE H 219 -42.72 56.65 25.83
N PRO H 220 -43.53 55.78 25.24
CA PRO H 220 -43.05 54.89 24.18
C PRO H 220 -42.88 55.64 22.87
N CYS H 221 -42.50 54.92 21.84
CA CYS H 221 -42.48 55.52 20.53
C CYS H 221 -43.81 55.29 19.84
N GLY H 222 -43.99 55.94 18.70
CA GLY H 222 -45.23 55.85 17.98
C GLY H 222 -45.00 55.89 16.49
N THR H 223 -45.88 55.24 15.74
CA THR H 223 -45.83 55.25 14.29
C THR H 223 -47.01 56.02 13.75
N ASN H 224 -46.90 56.43 12.49
CA ASN H 224 -47.88 57.32 11.88
C ASN H 224 -48.92 56.45 11.17
N LEU H 225 -50.13 56.40 11.71
CA LEU H 225 -51.16 55.55 11.14
C LEU H 225 -51.72 56.10 9.85
N LYS H 226 -51.46 57.38 9.54
CA LYS H 226 -51.76 57.90 8.22
C LYS H 226 -50.80 57.40 7.16
N LEU H 227 -49.65 56.85 7.56
CA LEU H 227 -48.69 56.27 6.64
C LEU H 227 -48.55 54.76 6.78
N PHE H 228 -49.23 54.14 7.75
CA PHE H 228 -49.13 52.70 7.97
C PHE H 228 -50.55 52.16 8.17
N TYR H 229 -51.08 51.57 7.11
CA TYR H 229 -52.43 51.02 7.04
C TYR H 229 -52.40 49.85 6.09
N PRO H 230 -53.32 48.89 6.25
CA PRO H 230 -53.40 47.79 5.28
C PRO H 230 -53.86 48.28 3.92
N VAL H 231 -53.01 48.06 2.90
CA VAL H 231 -53.26 48.59 1.58
C VAL H 231 -54.29 47.74 0.83
N ALA H 232 -54.18 46.42 0.92
CA ALA H 232 -55.10 45.40 0.40
C ALA H 232 -55.13 45.30 -1.12
N ASP H 233 -54.42 46.17 -1.82
CA ASP H 233 -54.10 45.98 -3.22
C ASP H 233 -52.60 45.91 -3.43
N ALA H 234 -51.89 45.38 -2.44
CA ALA H 234 -50.44 45.50 -2.37
C ALA H 234 -49.75 44.54 -3.33
N ARG H 235 -50.21 43.29 -3.36
CA ARG H 235 -49.64 42.32 -4.31
C ARG H 235 -50.03 42.63 -5.75
N ALA H 236 -51.04 43.47 -5.98
CA ALA H 236 -51.30 43.99 -7.31
C ALA H 236 -50.33 45.11 -7.66
N GLN H 237 -50.02 45.96 -6.67
CA GLN H 237 -49.05 47.04 -6.90
C GLN H 237 -47.64 46.52 -7.05
N LEU H 238 -47.35 45.32 -6.56
CA LEU H 238 -46.03 44.72 -6.68
C LEU H 238 -45.99 43.61 -7.71
N ASN H 239 -47.14 43.28 -8.32
CA ASN H 239 -47.33 42.18 -9.26
C ASN H 239 -46.85 40.86 -8.69
N LEU H 240 -47.51 40.40 -7.63
CA LEU H 240 -47.13 39.19 -6.93
C LEU H 240 -48.27 38.19 -6.94
N PRO H 241 -47.97 36.89 -7.02
CA PRO H 241 -49.05 35.89 -6.98
C PRO H 241 -49.63 35.78 -5.58
N ALA H 242 -50.95 35.59 -5.52
CA ALA H 242 -51.65 35.61 -4.24
C ALA H 242 -51.39 34.35 -3.43
N ASP H 243 -51.36 33.20 -4.12
CA ASP H 243 -51.24 31.93 -3.42
C ASP H 243 -49.83 31.70 -2.87
N GLU H 244 -48.84 32.42 -3.38
CA GLU H 244 -47.47 32.21 -2.93
C GLU H 244 -47.28 32.89 -1.58
N PRO H 245 -46.79 32.18 -0.57
CA PRO H 245 -46.53 32.83 0.72
C PRO H 245 -45.31 33.73 0.66
N ILE H 246 -45.35 34.80 1.45
CA ILE H 246 -44.29 35.81 1.47
C ILE H 246 -43.89 36.08 2.91
N VAL H 247 -42.61 35.94 3.21
CA VAL H 247 -42.05 36.30 4.50
C VAL H 247 -41.18 37.54 4.29
N LEU H 248 -41.31 38.50 5.20
CA LEU H 248 -40.68 39.80 5.02
C LEU H 248 -39.76 40.13 6.19
N TYR H 249 -38.62 40.70 5.88
CA TYR H 249 -37.79 41.42 6.82
C TYR H 249 -37.66 42.86 6.35
N VAL H 250 -37.90 43.80 7.26
CA VAL H 250 -37.63 45.21 7.01
C VAL H 250 -36.63 45.67 8.06
N GLY H 251 -35.51 46.20 7.59
CA GLY H 251 -34.53 46.71 8.53
C GLY H 251 -33.23 47.01 7.81
N ARG H 252 -32.15 46.86 8.56
CA ARG H 252 -30.81 47.21 8.11
C ARG H 252 -29.95 45.97 8.10
N PHE H 253 -28.79 46.06 7.47
CA PHE H 253 -27.87 44.94 7.38
C PHE H 253 -26.80 45.13 8.45
N ASP H 254 -27.03 44.51 9.61
CA ASP H 254 -26.09 44.56 10.72
C ASP H 254 -26.10 43.19 11.38
N ARG H 255 -25.02 42.86 12.08
CA ARG H 255 -24.89 41.55 12.70
C ARG H 255 -25.91 41.35 13.81
N ARG H 256 -26.29 42.43 14.49
CA ARG H 256 -27.23 42.32 15.59
C ARG H 256 -28.65 42.08 15.10
N LYS H 257 -28.92 42.31 13.81
CA LYS H 257 -30.26 42.18 13.26
C LYS H 257 -30.67 40.74 13.03
N GLY H 258 -29.72 39.80 13.01
CA GLY H 258 -30.07 38.39 12.94
C GLY H 258 -30.63 37.92 11.62
N ILE H 259 -30.20 38.52 10.50
CA ILE H 259 -30.68 38.07 9.20
C ILE H 259 -30.14 36.70 8.87
N GLU H 260 -28.95 36.36 9.40
CA GLU H 260 -28.31 35.06 9.28
C GLU H 260 -29.21 33.95 9.79
N THR H 261 -29.78 34.14 10.97
CA THR H 261 -30.71 33.19 11.57
C THR H 261 -31.99 33.09 10.74
N LEU H 262 -32.42 34.18 10.11
CA LEU H 262 -33.62 34.15 9.28
C LEU H 262 -33.39 33.32 8.01
N VAL H 263 -32.25 33.51 7.36
CA VAL H 263 -31.94 32.76 6.16
C VAL H 263 -31.69 31.29 6.50
N ALA H 264 -31.15 31.03 7.70
CA ALA H 264 -30.99 29.66 8.16
C ALA H 264 -32.33 29.01 8.45
N ALA H 265 -33.29 29.76 8.99
CA ALA H 265 -34.61 29.23 9.25
C ALA H 265 -35.42 29.05 7.97
N MET H 266 -35.05 29.76 6.89
CA MET H 266 -35.64 29.51 5.58
C MET H 266 -35.32 28.12 5.01
N ALA H 267 -34.32 27.43 5.55
CA ALA H 267 -33.93 26.13 5.01
C ALA H 267 -34.99 25.07 5.31
N GLN H 268 -35.74 25.25 6.38
CA GLN H 268 -36.72 24.24 6.77
C GLN H 268 -38.07 24.50 6.12
N ILE H 269 -38.14 25.51 5.25
CA ILE H 269 -39.41 25.93 4.66
C ILE H 269 -39.31 25.84 3.14
N PRO H 270 -40.01 24.89 2.51
CA PRO H 270 -39.86 24.68 1.06
C PRO H 270 -40.37 25.81 0.18
N GLN H 271 -41.60 26.26 0.41
CA GLN H 271 -42.15 27.35 -0.37
C GLN H 271 -41.82 28.68 0.31
N GLY H 272 -42.32 29.76 -0.27
CA GLY H 272 -42.21 31.06 0.37
C GLY H 272 -41.03 31.90 -0.07
N GLN H 273 -41.30 32.99 -0.78
CA GLN H 273 -40.24 33.93 -1.16
C GLN H 273 -39.91 34.84 0.01
N LEU H 274 -38.68 34.77 0.48
CA LEU H 274 -38.19 35.73 1.46
C LEU H 274 -37.85 37.04 0.76
N LEU H 275 -38.23 38.14 1.40
CA LEU H 275 -37.96 39.47 0.88
C LEU H 275 -37.14 40.24 1.90
N LEU H 276 -36.07 40.88 1.44
CA LEU H 276 -35.16 41.60 2.32
C LEU H 276 -35.15 43.06 1.90
N VAL H 277 -35.64 43.93 2.77
CA VAL H 277 -35.81 45.35 2.48
C VAL H 277 -34.81 46.14 3.31
N GLY H 278 -34.00 46.96 2.63
CA GLY H 278 -33.02 47.78 3.31
C GLY H 278 -31.95 48.28 2.38
N GLY H 279 -31.44 49.47 2.63
CA GLY H 279 -30.39 50.03 1.81
C GLY H 279 -29.02 49.58 2.27
N SER H 280 -28.03 49.86 1.41
CA SER H 280 -26.67 49.43 1.65
C SER H 280 -25.73 50.33 0.86
N ASP H 281 -24.49 50.41 1.34
CA ASP H 281 -23.43 51.11 0.65
C ASP H 281 -22.21 50.21 0.54
N PRO H 282 -21.47 50.28 -0.57
CA PRO H 282 -20.32 49.37 -0.74
C PRO H 282 -19.17 49.64 0.19
N GLN H 283 -18.88 50.91 0.46
CA GLN H 283 -17.69 51.28 1.21
C GLN H 283 -17.90 51.31 2.71
N ARG H 284 -19.04 50.83 3.20
CA ARG H 284 -19.42 51.00 4.59
C ARG H 284 -19.56 49.64 5.26
N SER H 285 -19.26 49.60 6.55
CA SER H 285 -19.32 48.37 7.33
C SER H 285 -20.74 47.85 7.40
N ASP H 286 -21.62 48.62 8.05
CA ASP H 286 -23.04 48.27 8.08
C ASP H 286 -23.63 48.54 6.72
N GLY H 287 -23.45 47.60 5.80
CA GLY H 287 -23.75 47.81 4.41
C GLY H 287 -23.34 46.59 3.62
N ALA H 288 -22.59 46.77 2.53
CA ALA H 288 -22.16 45.64 1.73
C ALA H 288 -21.13 44.80 2.48
N GLU H 289 -20.45 45.38 3.46
CA GLU H 289 -19.60 44.60 4.33
C GLU H 289 -20.39 43.79 5.35
N ARG H 290 -21.70 44.04 5.46
CA ARG H 290 -22.60 43.12 6.13
C ARG H 290 -23.68 42.55 5.22
N ARG H 291 -23.67 42.88 3.93
CA ARG H 291 -24.57 42.28 2.95
C ARG H 291 -23.92 41.06 2.26
N ARG H 292 -23.10 40.36 3.04
CA ARG H 292 -22.54 39.07 2.65
C ARG H 292 -23.53 37.95 2.95
N ILE H 293 -24.73 38.34 3.42
CA ILE H 293 -25.87 37.43 3.52
C ILE H 293 -26.20 36.84 2.14
N GLU H 294 -25.98 37.64 1.09
CA GLU H 294 -26.05 37.16 -0.30
C GLU H 294 -25.17 35.94 -0.54
N GLY H 295 -24.02 35.87 0.11
CA GLY H 295 -23.24 34.64 0.07
C GLY H 295 -23.96 33.50 0.77
N LEU H 296 -24.49 33.75 1.96
CA LEU H 296 -25.18 32.73 2.75
C LEU H 296 -26.51 32.32 2.13
N VAL H 297 -27.09 33.15 1.26
CA VAL H 297 -28.21 32.69 0.44
C VAL H 297 -27.73 31.61 -0.53
N GLN H 298 -26.59 31.85 -1.19
CA GLN H 298 -26.12 30.92 -2.21
C GLN H 298 -25.53 29.67 -1.59
N GLU H 299 -25.00 29.77 -0.36
CA GLU H 299 -24.59 28.57 0.36
C GLU H 299 -25.78 27.71 0.72
N TYR H 300 -26.90 28.32 1.06
CA TYR H 300 -28.12 27.59 1.41
C TYR H 300 -28.98 27.26 0.21
N ASN H 301 -28.54 27.63 -1.00
CA ASN H 301 -29.24 27.40 -2.27
C ASN H 301 -30.65 27.98 -2.24
N LEU H 302 -30.71 29.30 -2.05
CA LEU H 302 -31.99 29.98 -1.88
C LEU H 302 -32.19 31.15 -2.83
N GLY H 303 -31.45 31.21 -3.94
CA GLY H 303 -31.52 32.35 -4.85
C GLY H 303 -32.82 32.51 -5.59
N ASP H 304 -33.62 31.44 -5.63
CA ASP H 304 -34.93 31.50 -6.26
C ASP H 304 -35.91 32.31 -5.40
N ARG H 305 -35.94 32.02 -4.10
CA ARG H 305 -36.96 32.57 -3.21
C ARG H 305 -36.39 33.50 -2.15
N VAL H 306 -35.24 34.12 -2.40
CA VAL H 306 -34.74 35.21 -1.56
C VAL H 306 -34.38 36.38 -2.46
N THR H 307 -34.95 37.55 -2.16
CA THR H 307 -34.80 38.69 -3.05
C THR H 307 -34.43 39.92 -2.24
N PHE H 308 -33.30 40.53 -2.59
CA PHE H 308 -32.95 41.84 -2.07
C PHE H 308 -33.79 42.88 -2.80
N VAL H 309 -34.73 43.50 -2.08
CA VAL H 309 -35.54 44.54 -2.71
C VAL H 309 -34.76 45.83 -2.85
N GLY H 310 -33.93 46.17 -1.85
CA GLY H 310 -33.19 47.41 -1.87
C GLY H 310 -33.69 48.35 -0.80
N GLN H 311 -33.47 49.65 -0.97
CA GLN H 311 -33.99 50.65 -0.05
C GLN H 311 -35.35 51.12 -0.55
N ILE H 312 -36.39 50.74 0.17
CA ILE H 312 -37.75 51.23 -0.05
C ILE H 312 -37.95 52.41 0.87
N ASP H 313 -38.55 53.49 0.33
CA ASP H 313 -38.85 54.67 1.13
C ASP H 313 -39.82 54.32 2.25
N HIS H 314 -39.72 55.08 3.35
CA HIS H 314 -40.51 54.85 4.55
C HIS H 314 -42.00 54.97 4.25
N GLU H 315 -42.38 56.06 3.56
CA GLU H 315 -43.75 56.33 3.17
C GLU H 315 -44.32 55.36 2.14
N TYR H 316 -43.55 54.38 1.67
CA TYR H 316 -44.07 53.33 0.80
C TYR H 316 -44.13 51.98 1.48
N LEU H 317 -43.44 51.81 2.61
CA LEU H 317 -43.18 50.49 3.20
C LEU H 317 -44.42 49.70 3.54
N ALA H 318 -45.55 50.38 3.75
CA ALA H 318 -46.81 49.73 4.07
C ALA H 318 -47.24 48.75 2.99
N VAL H 319 -46.95 49.07 1.72
CA VAL H 319 -47.27 48.17 0.62
C VAL H 319 -46.47 46.88 0.73
N TYR H 320 -45.24 46.98 1.23
CA TYR H 320 -44.48 45.76 1.51
C TYR H 320 -44.99 45.09 2.77
N TYR H 321 -45.47 45.86 3.75
CA TYR H 321 -45.96 45.25 4.98
C TYR H 321 -47.30 44.57 4.75
N SER H 322 -48.16 45.19 3.94
CA SER H 322 -49.50 44.65 3.74
C SER H 322 -49.48 43.39 2.89
N ALA H 323 -48.55 43.33 1.93
CA ALA H 323 -48.45 42.17 1.07
C ALA H 323 -47.85 40.97 1.77
N ALA H 324 -47.10 41.17 2.84
CA ALA H 324 -46.45 40.07 3.52
C ALA H 324 -47.44 39.28 4.35
N ASN H 325 -47.12 38.00 4.56
CA ASN H 325 -47.89 37.21 5.51
C ASN H 325 -47.32 37.31 6.91
N VAL H 326 -46.05 37.67 7.03
CA VAL H 326 -45.38 37.82 8.32
C VAL H 326 -44.18 38.74 8.13
N CYS H 327 -44.00 39.67 9.07
CA CYS H 327 -42.73 40.36 9.24
C CYS H 327 -41.96 39.72 10.38
N VAL H 328 -40.65 39.65 10.22
CA VAL H 328 -39.77 39.04 11.21
C VAL H 328 -38.77 40.08 11.68
N VAL H 329 -38.67 40.27 12.98
CA VAL H 329 -37.60 41.06 13.58
C VAL H 329 -36.74 40.07 14.37
N PRO H 330 -35.75 39.46 13.74
CA PRO H 330 -34.99 38.39 14.39
C PRO H 330 -33.80 38.90 15.18
N SER H 331 -33.83 40.19 15.52
CA SER H 331 -32.66 40.92 16.02
C SER H 331 -32.12 40.33 17.31
N TYR H 332 -30.79 40.25 17.38
CA TYR H 332 -30.13 39.60 18.52
C TYR H 332 -30.28 40.43 19.78
N TYR H 333 -30.43 41.74 19.63
CA TYR H 333 -31.00 42.60 20.65
C TYR H 333 -31.66 43.75 19.92
N GLU H 334 -32.77 44.25 20.47
CA GLU H 334 -33.47 45.36 19.83
C GLU H 334 -34.29 46.15 20.81
N PRO H 335 -33.84 47.31 21.25
CA PRO H 335 -34.66 48.14 22.14
C PRO H 335 -35.74 48.91 21.40
N PHE H 336 -36.99 48.48 21.56
CA PHE H 336 -38.17 49.00 20.85
C PHE H 336 -38.00 48.88 19.35
N GLY H 337 -38.11 47.68 18.81
CA GLY H 337 -38.21 47.50 17.37
C GLY H 337 -39.37 48.28 16.78
N LEU H 338 -39.09 49.22 15.88
CA LEU H 338 -40.11 50.14 15.40
C LEU H 338 -40.80 49.58 14.17
N VAL H 339 -40.11 48.74 13.40
CA VAL H 339 -40.75 48.05 12.29
C VAL H 339 -41.76 47.03 12.77
N ALA H 340 -41.69 46.59 14.03
CA ALA H 340 -42.71 45.73 14.60
C ALA H 340 -44.05 46.44 14.71
N ILE H 341 -44.06 47.65 15.27
CA ILE H 341 -45.33 48.37 15.38
C ILE H 341 -45.75 48.92 14.02
N GLU H 342 -44.79 49.14 13.11
CA GLU H 342 -45.15 49.45 11.73
C GLU H 342 -45.89 48.28 11.07
N ALA H 343 -45.34 47.07 11.19
CA ALA H 343 -45.92 45.90 10.56
C ALA H 343 -47.26 45.55 11.19
N MET H 344 -47.38 45.74 12.50
CA MET H 344 -48.67 45.53 13.14
C MET H 344 -49.67 46.59 12.70
N ALA H 345 -49.23 47.84 12.56
CA ALA H 345 -50.09 48.91 12.09
C ALA H 345 -50.54 48.71 10.65
N CYS H 346 -49.84 47.90 9.88
CA CYS H 346 -50.32 47.53 8.55
C CYS H 346 -51.05 46.20 8.53
N GLY H 347 -51.38 45.64 9.70
CA GLY H 347 -52.13 44.40 9.76
C GLY H 347 -51.34 43.14 9.52
N THR H 348 -50.01 43.19 9.65
CA THR H 348 -49.17 42.04 9.39
C THR H 348 -48.60 41.53 10.70
N PRO H 349 -48.70 40.24 11.01
CA PRO H 349 -48.16 39.73 12.26
C PRO H 349 -46.64 39.74 12.27
N VAL H 350 -46.10 39.68 13.48
CA VAL H 350 -44.66 39.85 13.71
C VAL H 350 -44.15 38.65 14.48
N ILE H 351 -43.08 38.05 13.97
CA ILE H 351 -42.27 37.13 14.75
C ILE H 351 -41.00 37.86 15.14
N ALA H 352 -40.82 38.05 16.44
CA ALA H 352 -39.71 38.86 16.90
C ALA H 352 -38.94 38.11 17.96
N SER H 353 -37.70 38.53 18.16
CA SER H 353 -36.91 37.93 19.22
C SER H 353 -37.32 38.51 20.57
N ALA H 354 -37.23 37.68 21.61
CA ALA H 354 -37.62 38.08 22.96
C ALA H 354 -36.43 38.78 23.62
N VAL H 355 -36.20 40.03 23.22
CA VAL H 355 -34.99 40.73 23.65
C VAL H 355 -35.27 42.05 24.35
N GLY H 356 -35.87 43.01 23.66
CA GLY H 356 -35.89 44.38 24.16
C GLY H 356 -37.26 44.96 24.34
N GLY H 357 -37.58 45.99 23.56
CA GLY H 357 -38.93 46.50 23.55
C GLY H 357 -39.88 45.71 22.69
N LEU H 358 -39.36 44.75 21.91
CA LEU H 358 -40.20 43.88 21.10
C LEU H 358 -41.16 43.08 21.97
N GLN H 359 -40.66 42.55 23.09
CA GLN H 359 -41.51 41.86 24.05
C GLN H 359 -42.42 42.80 24.81
N PHE H 360 -42.24 44.12 24.67
CA PHE H 360 -43.24 45.08 25.09
C PHE H 360 -44.27 45.33 23.99
N THR H 361 -43.85 45.31 22.73
CA THR H 361 -44.79 45.64 21.66
C THR H 361 -45.56 44.41 21.21
N VAL H 362 -44.86 43.36 20.85
CA VAL H 362 -45.51 42.15 20.34
C VAL H 362 -45.99 41.33 21.52
N ILE H 363 -47.27 41.01 21.53
CA ILE H 363 -47.86 40.14 22.55
C ILE H 363 -47.75 38.71 22.05
N PRO H 364 -47.21 37.78 22.84
CA PRO H 364 -46.80 36.47 22.30
C PRO H 364 -47.90 35.55 21.82
N GLU H 365 -49.17 35.87 22.06
CA GLU H 365 -50.25 35.11 21.43
C GLU H 365 -51.34 35.98 20.81
N GLU H 366 -51.43 37.27 21.13
CA GLU H 366 -52.42 38.18 20.59
C GLU H 366 -51.99 38.79 19.26
N THR H 367 -50.75 39.27 19.18
CA THR H 367 -50.31 40.02 18.03
C THR H 367 -49.34 39.25 17.14
N GLY H 368 -48.62 38.29 17.69
CA GLY H 368 -47.63 37.56 16.92
C GLY H 368 -46.92 36.52 17.75
N LEU H 369 -45.62 36.34 17.53
CA LEU H 369 -44.86 35.33 18.26
C LEU H 369 -43.48 35.85 18.60
N LEU H 370 -42.90 35.27 19.64
CA LEU H 370 -41.56 35.61 20.11
C LEU H 370 -40.69 34.37 20.18
N VAL H 371 -39.42 34.56 19.86
CA VAL H 371 -38.45 33.47 19.83
C VAL H 371 -37.18 33.86 20.59
N PRO H 372 -36.39 32.90 21.05
CA PRO H 372 -35.02 33.21 21.47
C PRO H 372 -34.19 33.68 20.28
N PRO H 373 -33.17 34.52 20.52
CA PRO H 373 -32.51 35.21 19.40
C PRO H 373 -31.72 34.35 18.45
N GLN H 374 -30.71 33.65 18.96
CA GLN H 374 -29.72 33.00 18.11
C GLN H 374 -30.00 31.51 17.96
N ASP H 375 -31.21 31.21 17.49
CA ASP H 375 -31.53 29.85 17.05
C ASP H 375 -32.62 29.92 16.00
N ALA H 376 -32.47 29.06 14.99
CA ALA H 376 -33.30 29.12 13.79
C ALA H 376 -34.42 28.10 13.78
N ASN H 377 -34.34 27.05 14.61
CA ASN H 377 -35.38 26.02 14.59
C ASN H 377 -36.67 26.53 15.21
N ALA H 378 -36.57 27.30 16.29
CA ALA H 378 -37.75 27.91 16.89
C ALA H 378 -38.35 28.95 15.96
N LEU H 379 -37.49 29.69 15.26
CA LEU H 379 -37.97 30.67 14.28
C LEU H 379 -38.68 30.00 13.11
N ALA H 380 -38.15 28.87 12.63
CA ALA H 380 -38.78 28.18 11.52
C ALA H 380 -40.09 27.54 11.94
N ASN H 381 -40.17 27.05 13.18
CA ASN H 381 -41.44 26.58 13.73
C ASN H 381 -42.46 27.71 13.79
N ALA H 382 -42.00 28.90 14.21
CA ALA H 382 -42.89 30.04 14.34
C ALA H 382 -43.40 30.50 12.97
N ILE H 383 -42.54 30.45 11.96
CA ILE H 383 -42.98 30.81 10.61
C ILE H 383 -43.93 29.76 10.07
N GLN H 384 -43.68 28.48 10.37
CA GLN H 384 -44.49 27.41 9.81
C GLN H 384 -45.89 27.39 10.45
N ARG H 385 -46.00 27.86 11.69
CA ARG H 385 -47.32 27.89 12.33
C ARG H 385 -48.26 28.89 11.66
N ILE H 386 -47.72 29.91 11.02
CA ILE H 386 -48.56 30.94 10.42
C ILE H 386 -48.51 30.95 8.90
N LEU H 387 -47.61 30.18 8.28
CA LEU H 387 -47.79 29.90 6.86
C LEU H 387 -48.85 28.83 6.67
N ALA H 388 -49.06 28.00 7.68
CA ALA H 388 -50.06 26.94 7.62
C ALA H 388 -51.46 27.51 7.70
N ASP H 389 -51.70 28.38 8.67
CA ASP H 389 -53.03 28.95 8.87
C ASP H 389 -52.96 30.43 8.54
N PRO H 390 -53.46 30.86 7.39
CA PRO H 390 -53.41 32.29 7.04
C PRO H 390 -54.38 33.14 7.82
N ALA H 391 -55.55 32.59 8.13
CA ALA H 391 -56.57 33.36 8.85
C ALA H 391 -56.15 33.65 10.28
N TRP H 392 -55.37 32.75 10.90
CA TRP H 392 -54.83 33.04 12.22
C TRP H 392 -53.80 34.15 12.16
N ALA H 393 -52.99 34.18 11.10
CA ALA H 393 -52.04 35.28 10.93
C ALA H 393 -52.75 36.59 10.68
N ARG H 394 -53.88 36.55 9.97
CA ARG H 394 -54.62 37.78 9.69
C ARG H 394 -55.29 38.31 10.96
N THR H 395 -55.80 37.43 11.82
CA THR H 395 -56.38 37.95 13.05
C THR H 395 -55.31 38.39 14.04
N LEU H 396 -54.12 37.78 13.99
CA LEU H 396 -52.98 38.33 14.73
C LEU H 396 -52.62 39.72 14.23
N GLY H 397 -52.69 39.93 12.92
CA GLY H 397 -52.39 41.21 12.35
C GLY H 397 -53.38 42.30 12.72
N LYS H 398 -54.67 41.99 12.73
CA LYS H 398 -55.63 43.03 13.10
C LYS H 398 -55.60 43.29 14.60
N ASN H 399 -55.27 42.27 15.41
CA ASN H 399 -55.06 42.52 16.83
C ASN H 399 -53.83 43.39 17.07
N GLY H 400 -52.79 43.21 16.26
CA GLY H 400 -51.63 44.09 16.35
C GLY H 400 -51.95 45.51 15.92
N ARG H 401 -52.79 45.65 14.90
CA ARG H 401 -53.23 46.98 14.48
C ARG H 401 -54.00 47.69 15.58
N GLU H 402 -54.92 46.99 16.23
CA GLU H 402 -55.66 47.59 17.33
C GLU H 402 -54.77 47.88 18.54
N ARG H 403 -53.73 47.07 18.75
CA ARG H 403 -52.78 47.36 19.83
C ARG H 403 -51.99 48.63 19.53
N VAL H 404 -51.60 48.83 18.28
CA VAL H 404 -50.90 50.07 17.93
C VAL H 404 -51.86 51.26 17.98
N GLN H 405 -53.13 51.04 17.66
CA GLN H 405 -54.14 52.09 17.82
C GLN H 405 -54.34 52.46 19.28
N ALA H 406 -54.17 51.50 20.18
CA ALA H 406 -54.35 51.77 21.60
C ALA H 406 -53.12 52.40 22.26
N LEU H 407 -51.93 51.86 22.00
CA LEU H 407 -50.76 52.19 22.80
C LEU H 407 -49.64 52.89 22.05
N PHE H 408 -49.62 52.82 20.71
CA PHE H 408 -48.45 53.29 19.98
C PHE H 408 -48.84 54.21 18.84
N ASN H 409 -49.95 54.92 19.00
CA ASN H 409 -50.42 55.88 18.00
C ASN H 409 -49.70 57.19 18.24
N TRP H 410 -48.91 57.62 17.25
CA TRP H 410 -48.09 58.82 17.40
C TRP H 410 -48.93 60.09 17.51
N GLU H 411 -50.18 60.03 17.06
CA GLU H 411 -51.13 61.13 17.28
C GLU H 411 -51.39 61.35 18.76
N ALA H 412 -51.29 60.30 19.57
CA ALA H 412 -51.44 60.46 21.02
C ALA H 412 -50.10 60.69 21.69
N ILE H 413 -49.05 60.02 21.20
CA ILE H 413 -47.74 60.09 21.84
C ILE H 413 -47.13 61.47 21.66
N ALA H 414 -47.45 62.13 20.55
CA ALA H 414 -47.01 63.51 20.34
C ALA H 414 -47.62 64.45 21.35
N LEU H 415 -48.90 64.24 21.68
CA LEU H 415 -49.54 65.03 22.72
C LEU H 415 -48.96 64.74 24.10
N GLN H 416 -48.56 63.49 24.33
CA GLN H 416 -47.93 63.14 25.61
C GLN H 416 -46.57 63.81 25.76
N MET H 417 -45.77 63.80 24.69
CA MET H 417 -44.48 64.49 24.71
C MET H 417 -44.65 66.00 24.84
N GLY H 418 -45.70 66.55 24.24
CA GLY H 418 -45.96 67.98 24.39
C GLY H 418 -46.35 68.35 25.82
N GLN H 419 -47.16 67.53 26.46
CA GLN H 419 -47.50 67.76 27.87
C GLN H 419 -46.28 67.59 28.77
N LEU H 420 -45.38 66.68 28.40
CA LEU H 420 -44.13 66.53 29.13
C LEU H 420 -43.28 67.78 29.03
N TYR H 421 -43.18 68.36 27.83
CA TYR H 421 -42.40 69.59 27.69
C TYR H 421 -43.07 70.75 28.41
N ARG H 422 -44.41 70.76 28.46
CA ARG H 422 -45.09 71.84 29.18
C ARG H 422 -44.91 71.71 30.68
N GLN H 423 -44.88 70.50 31.22
CA GLN H 423 -44.69 70.35 32.65
C GLN H 423 -43.21 70.41 33.06
N LEU H 424 -42.29 70.37 32.09
CA LEU H 424 -40.91 70.71 32.39
C LEU H 424 -40.55 72.15 32.10
N PHE H 425 -41.38 72.85 31.32
CA PHE H 425 -41.11 74.25 31.04
C PHE H 425 -41.85 75.15 32.03
N ALA H 426 -42.98 74.67 32.55
CA ALA H 426 -43.68 75.41 33.59
C ALA H 426 -42.92 75.37 34.90
N ALA H 427 -42.34 74.21 35.22
CA ALA H 427 -41.33 74.16 36.27
C ALA H 427 -40.09 74.85 35.71
N SER H 428 -39.93 76.13 36.04
CA SER H 428 -39.03 77.00 35.29
C SER H 428 -37.57 76.65 35.52
N ARG I 30 39.44 -11.06 43.50
CA ARG I 30 40.13 -12.25 43.99
C ARG I 30 40.37 -12.21 45.49
N GLN I 31 41.25 -11.30 45.92
CA GLN I 31 41.73 -11.34 47.29
C GLN I 31 40.84 -10.48 48.16
N PRO I 32 40.34 -11.00 49.28
CA PRO I 32 39.29 -10.30 50.02
C PRO I 32 39.83 -9.31 51.04
N ILE I 33 39.03 -8.27 51.27
CA ILE I 33 39.27 -7.23 52.27
C ILE I 33 37.96 -6.88 52.95
N ALA I 34 37.98 -6.82 54.28
CA ALA I 34 36.81 -6.43 55.06
C ALA I 34 36.97 -5.00 55.55
N LEU I 35 36.01 -4.14 55.21
CA LEU I 35 35.89 -2.81 55.78
C LEU I 35 34.80 -2.84 56.85
N ILE I 36 35.08 -2.23 57.99
CA ILE I 36 34.19 -2.30 59.15
C ILE I 36 33.90 -0.89 59.64
N SER I 37 32.62 -0.53 59.68
CA SER I 37 32.14 0.75 60.16
C SER I 37 30.79 0.50 60.84
N VAL I 38 30.82 0.31 62.16
CA VAL I 38 29.69 -0.23 62.90
C VAL I 38 28.54 0.74 63.08
N HIS I 39 28.71 2.00 62.71
CA HIS I 39 27.61 2.93 62.73
C HIS I 39 27.48 3.73 61.46
N GLY I 40 28.58 3.90 60.72
CA GLY I 40 28.59 4.58 59.45
C GLY I 40 28.35 3.63 58.30
N ASP I 41 27.09 3.22 58.13
CA ASP I 41 26.59 2.39 57.05
C ASP I 41 26.92 3.04 55.72
N PRO I 42 27.86 2.50 54.93
CA PRO I 42 28.24 3.19 53.68
C PRO I 42 27.15 3.16 52.62
N ALA I 43 26.15 2.31 52.78
CA ALA I 43 25.02 2.23 51.88
C ALA I 43 23.93 3.23 52.20
N ALA I 44 24.22 4.25 53.00
CA ALA I 44 23.20 5.18 53.45
C ALA I 44 23.44 6.55 52.84
N ASP I 45 22.36 7.33 52.76
CA ASP I 45 22.48 8.72 52.36
C ASP I 45 23.19 9.51 53.44
N VAL I 46 23.86 10.58 53.04
CA VAL I 46 24.70 11.33 53.96
C VAL I 46 24.12 12.71 54.19
N GLY I 47 24.54 13.34 55.28
CA GLY I 47 24.07 14.66 55.64
C GLY I 47 23.33 14.75 56.96
N HIS I 48 23.12 13.63 57.64
CA HIS I 48 22.38 13.63 58.90
C HIS I 48 23.21 12.97 59.98
N GLU I 49 22.57 12.66 61.11
CA GLU I 49 23.26 12.10 62.27
C GLU I 49 23.88 10.75 61.94
N SER I 50 25.16 10.60 62.31
CA SER I 50 25.99 9.42 62.07
C SER I 50 26.13 9.10 60.59
N ALA I 51 26.08 10.17 59.78
CA ALA I 51 26.37 10.17 58.33
C ALA I 51 27.82 10.63 58.20
N GLY I 52 28.12 11.62 57.37
CA GLY I 52 29.51 12.12 57.35
C GLY I 52 30.43 11.36 56.43
N GLY I 53 31.73 11.68 56.43
CA GLY I 53 32.77 11.14 55.52
C GLY I 53 33.27 9.75 55.86
N GLN I 54 32.81 9.27 56.99
CA GLN I 54 33.12 7.90 57.44
C GLN I 54 32.35 6.98 56.50
N ASN I 55 31.10 7.36 56.22
CA ASN I 55 30.31 6.64 55.23
C ASN I 55 31.01 6.91 53.90
N ILE I 56 31.15 8.17 53.57
CA ILE I 56 31.80 8.64 52.33
C ILE I 56 33.17 7.96 52.23
N TYR I 57 34.03 8.15 53.22
CA TYR I 57 35.35 7.55 53.27
C TYR I 57 35.32 6.08 52.93
N VAL I 58 34.56 5.30 53.70
CA VAL I 58 34.56 3.85 53.50
C VAL I 58 33.84 3.46 52.22
N ARG I 59 32.83 4.23 51.80
CA ARG I 59 32.10 3.93 50.57
C ARG I 59 33.00 4.08 49.36
N GLN I 60 33.60 5.26 49.19
CA GLN I 60 34.45 5.47 48.04
C GLN I 60 35.77 4.73 48.16
N LEU I 61 36.20 4.39 49.38
CA LEU I 61 37.38 3.57 49.55
C LEU I 61 37.16 2.16 49.01
N GLY I 62 36.10 1.49 49.47
CA GLY I 62 35.81 0.16 49.00
C GLY I 62 35.45 0.11 47.53
N GLU I 63 34.73 1.13 47.06
CA GLU I 63 34.35 1.18 45.67
C GLU I 63 35.55 1.50 44.78
N ALA I 64 36.58 2.14 45.35
CA ALA I 64 37.81 2.35 44.61
C ALA I 64 38.67 1.10 44.60
N LEU I 65 38.68 0.36 45.72
CA LEU I 65 39.46 -0.87 45.80
C LEU I 65 38.88 -1.97 44.94
N ALA I 66 37.57 -1.93 44.68
CA ALA I 66 36.94 -2.94 43.85
C ALA I 66 37.46 -2.90 42.43
N ALA I 67 37.59 -1.69 41.87
CA ALA I 67 38.14 -1.56 40.52
C ALA I 67 39.63 -1.79 40.48
N ALA I 68 40.32 -1.78 41.62
CA ALA I 68 41.74 -2.06 41.70
C ALA I 68 42.03 -3.54 41.89
N GLY I 69 41.02 -4.39 41.79
CA GLY I 69 41.21 -5.83 41.78
C GLY I 69 40.83 -6.53 43.06
N TRP I 70 40.35 -5.81 44.06
CA TRP I 70 40.06 -6.43 45.34
C TRP I 70 38.62 -6.95 45.40
N HIS I 71 38.36 -7.80 46.38
CA HIS I 71 37.02 -8.19 46.78
C HIS I 71 36.73 -7.50 48.11
N VAL I 72 35.74 -6.63 48.12
CA VAL I 72 35.53 -5.72 49.24
C VAL I 72 34.17 -6.00 49.86
N ASP I 73 34.16 -6.36 51.14
CA ASP I 73 32.95 -6.44 51.93
C ASP I 73 32.98 -5.34 52.97
N MET I 74 31.89 -4.59 53.08
CA MET I 74 31.82 -3.43 53.95
C MET I 74 30.74 -3.69 55.00
N PHE I 75 31.16 -3.89 56.24
CA PHE I 75 30.25 -4.34 57.28
C PHE I 75 29.74 -3.18 58.12
N THR I 76 28.50 -3.31 58.56
CA THR I 76 27.85 -2.35 59.44
C THR I 76 26.73 -3.07 60.18
N ARG I 77 26.11 -2.37 61.11
CA ARG I 77 25.01 -2.97 61.84
C ARG I 77 23.68 -2.60 61.18
N LYS I 78 22.67 -3.41 61.46
CA LYS I 78 21.36 -3.19 60.89
C LYS I 78 20.54 -2.30 61.82
N THR I 79 19.87 -1.31 61.23
CA THR I 79 19.12 -0.30 61.95
C THR I 79 17.62 -0.34 61.63
N ASP I 80 17.19 -1.32 60.85
CA ASP I 80 15.80 -1.47 60.41
C ASP I 80 15.62 -2.89 59.90
N PRO I 81 14.65 -3.65 60.41
CA PRO I 81 14.47 -5.04 59.94
C PRO I 81 13.95 -5.18 58.51
N ASN I 82 13.61 -4.09 57.84
CA ASN I 82 13.17 -4.16 56.45
C ASN I 82 14.21 -3.64 55.47
N ASP I 83 15.31 -3.08 55.96
CA ASP I 83 16.41 -2.71 55.07
C ASP I 83 17.08 -3.96 54.50
N PRO I 84 17.63 -3.88 53.29
CA PRO I 84 18.29 -5.05 52.72
C PRO I 84 19.57 -5.44 53.45
N ASP I 85 20.01 -6.67 53.26
CA ASP I 85 21.23 -7.15 53.90
C ASP I 85 22.46 -6.79 53.08
N VAL I 86 22.47 -7.15 51.81
CA VAL I 86 23.65 -7.01 50.96
C VAL I 86 23.30 -6.07 49.82
N ILE I 87 24.17 -5.09 49.56
CA ILE I 87 24.03 -4.16 48.44
C ILE I 87 25.33 -4.15 47.68
N GLU I 88 25.30 -4.55 46.41
CA GLU I 88 26.42 -4.25 45.52
C GLU I 88 26.32 -2.81 45.05
N HIS I 89 27.35 -2.02 45.34
CA HIS I 89 27.42 -0.66 44.83
C HIS I 89 28.19 -0.59 43.52
N SER I 90 29.16 -1.48 43.38
CA SER I 90 29.96 -1.64 42.18
C SER I 90 30.42 -3.10 42.14
N PRO I 91 30.79 -3.62 40.95
CA PRO I 91 31.25 -5.02 40.87
C PRO I 91 32.40 -5.37 41.79
N HIS I 92 32.18 -6.45 42.54
CA HIS I 92 33.04 -6.91 43.64
C HIS I 92 33.16 -5.83 44.73
N CYS I 93 32.01 -5.28 45.13
CA CYS I 93 31.97 -4.35 46.26
C CYS I 93 30.61 -4.44 46.90
N ARG I 94 30.55 -4.93 48.14
CA ARG I 94 29.29 -5.21 48.81
C ARG I 94 29.25 -4.55 50.18
N THR I 95 28.07 -4.07 50.57
CA THR I 95 27.81 -3.59 51.92
C THR I 95 26.92 -4.58 52.64
N ILE I 96 27.33 -5.00 53.83
CA ILE I 96 26.65 -6.05 54.57
C ILE I 96 26.18 -5.48 55.89
N ARG I 97 24.87 -5.45 56.10
CA ARG I 97 24.30 -5.04 57.37
C ARG I 97 24.11 -6.27 58.26
N LEU I 98 24.56 -6.18 59.50
CA LEU I 98 24.57 -7.31 60.42
C LEU I 98 23.60 -7.08 61.57
N GLN I 99 23.09 -8.18 62.11
CA GLN I 99 22.24 -8.15 63.29
C GLN I 99 23.14 -8.04 64.51
N ALA I 100 23.44 -6.81 64.93
CA ALA I 100 24.29 -6.63 66.10
C ALA I 100 23.47 -6.76 67.37
N GLY I 101 22.54 -5.86 67.59
CA GLY I 101 21.74 -5.89 68.78
C GLY I 101 20.28 -5.74 68.44
N PRO I 102 19.62 -4.78 69.07
CA PRO I 102 18.27 -4.39 68.63
C PRO I 102 18.27 -3.90 67.21
N LEU I 103 17.23 -4.24 66.46
CA LEU I 103 17.14 -3.82 65.06
C LEU I 103 16.47 -2.46 64.98
N THR I 104 17.00 -1.50 65.73
CA THR I 104 16.52 -0.13 65.76
C THR I 104 17.72 0.79 65.61
N TYR I 105 17.45 2.08 65.50
CA TYR I 105 18.53 3.05 65.50
C TYR I 105 18.97 3.33 66.92
N ILE I 106 20.25 3.12 67.18
CA ILE I 106 20.84 3.42 68.47
C ILE I 106 21.95 4.43 68.22
N PRO I 107 22.01 5.54 68.96
CA PRO I 107 23.09 6.50 68.77
C PRO I 107 24.44 5.93 69.16
N ARG I 108 25.49 6.52 68.58
CA ARG I 108 26.83 5.96 68.57
C ARG I 108 27.52 5.98 69.92
N GLU I 109 27.00 6.73 70.89
CA GLU I 109 27.59 6.72 72.22
C GLU I 109 27.08 5.57 73.08
N LYS I 110 25.99 4.92 72.67
CA LYS I 110 25.46 3.75 73.37
C LYS I 110 25.52 2.49 72.52
N LEU I 111 26.47 2.42 71.59
CA LEU I 111 26.64 1.24 70.76
C LEU I 111 27.80 0.36 71.19
N PHE I 112 28.31 0.54 72.40
CA PHE I 112 29.36 -0.37 72.88
C PHE I 112 28.76 -1.71 73.29
N GLU I 113 27.59 -1.68 73.94
CA GLU I 113 26.89 -2.89 74.35
C GLU I 113 26.39 -3.71 73.18
N THR I 114 26.33 -3.13 71.98
CA THR I 114 25.94 -3.86 70.77
C THR I 114 27.13 -4.46 70.06
N LEU I 115 28.32 -4.30 70.61
CA LEU I 115 29.52 -4.79 69.93
C LEU I 115 29.89 -6.28 70.01
N PRO I 116 29.79 -6.99 71.15
CA PRO I 116 30.29 -8.38 71.14
C PRO I 116 29.46 -9.35 70.31
N LYS I 117 28.23 -8.99 69.94
CA LYS I 117 27.50 -9.83 69.00
C LYS I 117 27.90 -9.51 67.56
N PHE I 118 28.27 -8.25 67.30
CA PHE I 118 28.78 -7.85 66.00
C PHE I 118 30.07 -8.59 65.67
N VAL I 119 30.89 -8.85 66.68
CA VAL I 119 32.07 -9.68 66.51
C VAL I 119 31.67 -11.10 66.16
N GLU I 120 30.55 -11.57 66.71
CA GLU I 120 30.07 -12.91 66.47
C GLU I 120 29.60 -13.07 65.03
N ALA I 121 28.65 -12.21 64.63
CA ALA I 121 28.05 -12.30 63.31
C ALA I 121 29.03 -11.97 62.19
N PHE I 122 30.13 -11.30 62.53
CA PHE I 122 31.21 -11.11 61.57
C PHE I 122 31.87 -12.42 61.20
N LYS I 123 32.08 -13.29 62.18
CA LYS I 123 33.00 -14.42 62.04
C LYS I 123 32.56 -15.42 60.99
N ALA I 124 31.24 -15.53 60.77
CA ALA I 124 30.66 -16.34 59.71
C ALA I 124 31.22 -15.93 58.36
N TYR I 125 31.16 -14.62 58.06
CA TYR I 125 31.79 -14.10 56.86
C TYR I 125 33.29 -14.30 56.92
N HIS I 126 33.87 -14.14 58.12
CA HIS I 126 35.30 -14.37 58.26
C HIS I 126 35.63 -15.85 58.19
N ALA I 127 34.62 -16.71 58.40
CA ALA I 127 34.81 -18.12 58.10
C ALA I 127 34.82 -18.36 56.60
N LYS I 128 34.05 -17.57 55.85
CA LYS I 128 33.90 -17.83 54.43
C LYS I 128 35.08 -17.29 53.65
N TYR I 129 35.47 -16.05 53.91
CA TYR I 129 36.50 -15.43 53.10
C TYR I 129 37.88 -15.51 53.75
N GLY I 130 37.95 -15.32 55.06
CA GLY I 130 39.21 -15.38 55.76
C GLY I 130 40.09 -14.21 55.40
N TYR I 131 39.70 -13.03 55.84
CA TYR I 131 40.24 -11.77 55.35
C TYR I 131 41.69 -11.60 55.79
N PRO I 132 42.65 -11.50 54.87
CA PRO I 132 44.04 -11.26 55.27
C PRO I 132 44.32 -9.83 55.66
N LEU I 133 43.35 -8.95 55.56
CA LEU I 133 43.55 -7.54 55.82
C LEU I 133 42.21 -6.92 56.21
N ILE I 134 42.15 -6.31 57.38
CA ILE I 134 40.92 -5.74 57.91
C ILE I 134 41.13 -4.28 58.26
N HIS I 135 40.28 -3.41 57.74
CA HIS I 135 40.36 -1.97 57.94
C HIS I 135 39.16 -1.53 58.75
N THR I 136 39.39 -1.08 59.98
CA THR I 136 38.35 -0.61 60.86
C THR I 136 38.38 0.91 60.93
N ASN I 137 37.24 1.51 61.23
CA ASN I 137 37.03 2.92 60.91
C ASN I 137 36.40 3.70 62.06
N TYR I 138 36.56 3.24 63.29
CA TYR I 138 35.93 3.89 64.44
C TYR I 138 36.58 3.34 65.68
N TRP I 139 36.24 3.88 66.85
CA TRP I 139 36.76 3.25 68.06
C TRP I 139 35.95 2.01 68.40
N LEU I 140 34.66 2.01 68.06
CA LEU I 140 33.85 0.80 68.28
C LEU I 140 34.22 -0.26 67.27
N SER I 141 34.39 0.13 66.01
CA SER I 141 34.95 -0.73 64.98
C SER I 141 36.34 -1.20 65.34
N GLY I 142 37.12 -0.35 66.03
CA GLY I 142 38.43 -0.77 66.48
C GLY I 142 38.38 -1.69 67.68
N TRP I 143 37.34 -1.60 68.50
CA TRP I 143 37.14 -2.56 69.57
C TRP I 143 36.87 -3.93 68.98
N VAL I 144 36.02 -3.95 67.94
CA VAL I 144 35.78 -5.17 67.18
C VAL I 144 37.08 -5.65 66.53
N GLY I 145 37.91 -4.72 66.07
CA GLY I 145 39.20 -5.08 65.52
C GLY I 145 40.17 -5.65 66.54
N TRP I 146 40.11 -5.17 67.78
CA TRP I 146 40.95 -5.72 68.84
C TRP I 146 40.49 -7.12 69.23
N GLN I 147 39.17 -7.31 69.32
CA GLN I 147 38.58 -8.61 69.59
C GLN I 147 38.96 -9.62 68.52
N LEU I 148 38.96 -9.19 67.26
CA LEU I 148 39.40 -10.04 66.17
C LEU I 148 40.91 -10.24 66.18
N ARG I 149 41.66 -9.26 66.67
CA ARG I 149 43.12 -9.34 66.70
C ARG I 149 43.58 -10.37 67.73
N GLN I 150 42.82 -10.53 68.80
CA GLN I 150 43.17 -11.50 69.83
C GLN I 150 43.14 -12.93 69.30
N GLN I 151 42.17 -13.23 68.45
CA GLN I 151 42.02 -14.59 67.94
C GLN I 151 42.88 -14.82 66.71
N PHE I 152 42.72 -13.98 65.70
CA PHE I 152 43.23 -14.26 64.36
C PHE I 152 44.54 -13.52 64.11
N ASN I 153 45.07 -13.70 62.91
CA ASN I 153 46.29 -13.01 62.47
C ASN I 153 46.03 -12.38 61.12
N PHE I 154 46.10 -11.05 61.05
CA PHE I 154 45.81 -10.34 59.81
C PHE I 154 46.42 -8.95 59.89
N GLN I 155 46.64 -8.36 58.72
CA GLN I 155 47.08 -6.97 58.63
C GLN I 155 45.90 -6.08 58.97
N TRP I 156 45.97 -5.38 60.10
CA TRP I 156 44.87 -4.57 60.59
C TRP I 156 45.20 -3.10 60.49
N LEU I 157 44.34 -2.35 59.82
CA LEU I 157 44.42 -0.91 59.72
C LEU I 157 43.29 -0.27 60.50
N HIS I 158 43.53 0.94 60.96
CA HIS I 158 42.48 1.68 61.63
C HIS I 158 42.53 3.13 61.21
N THR I 159 41.36 3.69 60.94
CA THR I 159 41.19 5.10 60.73
C THR I 159 40.27 5.63 61.82
N TYR I 160 40.72 6.64 62.55
CA TYR I 160 39.94 7.08 63.70
C TYR I 160 38.75 7.93 63.32
N HIS I 161 38.95 8.87 62.40
CA HIS I 161 38.02 9.91 61.92
C HIS I 161 37.69 10.97 62.96
N SER I 162 38.16 10.79 64.20
CA SER I 162 37.92 11.64 65.35
C SER I 162 38.75 11.10 66.50
N LEU I 163 39.06 11.97 67.45
CA LEU I 163 39.76 11.57 68.67
C LEU I 163 39.00 12.12 69.86
N GLY I 164 38.74 11.25 70.84
CA GLY I 164 38.02 11.67 72.03
C GLY I 164 38.85 12.51 72.97
N VAL I 165 40.17 12.32 72.96
CA VAL I 165 41.04 13.10 73.83
C VAL I 165 41.12 14.54 73.34
N VAL I 166 40.83 14.77 72.06
CA VAL I 166 40.74 16.11 71.53
C VAL I 166 39.30 16.62 71.60
N LYS I 167 38.34 15.70 71.50
CA LYS I 167 36.93 16.04 71.61
C LYS I 167 36.59 16.59 72.98
N TYR I 168 36.96 15.87 74.03
CA TYR I 168 36.53 16.10 75.40
C TYR I 168 37.22 17.28 76.06
N GLN I 169 37.98 18.09 75.33
CA GLN I 169 38.58 19.30 75.86
C GLN I 169 37.80 20.56 75.51
N VAL I 170 36.76 20.44 74.71
CA VAL I 170 35.85 21.55 74.46
C VAL I 170 34.87 21.62 75.61
N ALA I 171 34.67 22.81 76.17
CA ALA I 171 33.91 22.93 77.41
C ALA I 171 32.43 23.19 77.16
N SER I 172 32.09 23.81 76.03
CA SER I 172 30.70 24.16 75.77
C SER I 172 29.86 22.92 75.49
N GLU I 173 30.35 22.06 74.61
CA GLU I 173 29.83 20.71 74.48
C GLU I 173 30.71 19.84 75.40
N GLN I 174 30.57 18.52 75.31
CA GLN I 174 31.48 17.54 75.91
C GLN I 174 31.54 17.65 77.43
N ALA I 175 30.36 17.61 78.04
CA ALA I 175 30.29 17.44 79.48
C ALA I 175 30.72 16.04 79.82
N GLN I 176 30.15 15.06 79.12
CA GLN I 176 30.39 13.65 79.42
C GLN I 176 31.62 13.15 78.69
N ARG I 177 32.48 12.46 79.42
CA ARG I 177 33.61 11.77 78.82
C ARG I 177 33.24 10.31 78.59
N ASP I 178 34.21 9.54 78.10
CA ASP I 178 34.06 8.09 78.03
C ASP I 178 35.49 7.55 78.09
N GLU I 179 35.91 7.15 79.28
CA GLU I 179 37.27 6.63 79.44
C GLU I 179 37.43 5.25 78.84
N THR I 180 36.32 4.53 78.65
CA THR I 180 36.34 3.28 77.90
C THR I 180 36.78 3.53 76.46
N ARG I 181 36.22 4.57 75.84
CA ARG I 181 36.60 4.99 74.49
C ARG I 181 38.08 5.31 74.38
N LEU I 182 38.60 6.07 75.36
CA LEU I 182 40.01 6.46 75.33
C LEU I 182 40.92 5.27 75.53
N MET I 183 40.52 4.34 76.40
CA MET I 183 41.28 3.11 76.59
C MET I 183 41.32 2.28 75.31
N VAL I 184 40.19 2.19 74.62
CA VAL I 184 40.11 1.44 73.37
C VAL I 184 40.94 2.11 72.27
N GLU I 185 40.91 3.44 72.17
CA GLU I 185 41.70 4.13 71.15
C GLU I 185 43.21 3.98 71.40
N LYS I 186 43.62 4.00 72.68
CA LYS I 186 45.03 3.76 73.00
C LYS I 186 45.43 2.32 72.68
N ALA I 187 44.54 1.36 72.97
CA ALA I 187 44.81 -0.04 72.65
C ALA I 187 44.91 -0.25 71.15
N ILE I 188 44.08 0.46 70.38
CA ILE I 188 44.14 0.43 68.92
C ILE I 188 45.50 0.93 68.44
N LEU I 189 45.90 2.12 68.90
CA LEU I 189 47.14 2.73 68.41
C LEU I 189 48.37 1.92 68.82
N GLU I 190 48.30 1.23 69.97
CA GLU I 190 49.43 0.38 70.34
C GLU I 190 49.43 -0.95 69.61
N ASN I 191 48.25 -1.48 69.25
CA ASN I 191 48.18 -2.85 68.74
C ASN I 191 47.99 -2.95 67.23
N ALA I 192 47.55 -1.90 66.54
CA ALA I 192 47.22 -2.04 65.13
C ALA I 192 48.47 -2.10 64.28
N ASP I 193 48.38 -2.87 63.18
CA ASP I 193 49.47 -2.93 62.22
C ASP I 193 49.65 -1.62 61.48
N CYS I 194 48.57 -0.89 61.23
CA CYS I 194 48.70 0.45 60.66
C CYS I 194 47.55 1.34 61.12
N VAL I 195 47.85 2.60 61.38
CA VAL I 195 46.86 3.60 61.74
C VAL I 195 46.96 4.72 60.73
N ILE I 196 45.89 4.89 59.94
CA ILE I 196 45.86 5.95 58.95
C ILE I 196 45.39 7.23 59.63
N VAL I 197 46.24 8.24 59.62
CA VAL I 197 45.87 9.56 60.07
C VAL I 197 45.58 10.43 58.86
N THR I 198 44.52 11.23 58.96
CA THR I 198 44.03 12.00 57.83
C THR I 198 44.63 13.38 57.75
N SER I 199 45.33 13.81 58.80
CA SER I 199 45.98 15.11 58.85
C SER I 199 47.12 15.00 59.84
N PRO I 200 48.17 15.81 59.68
CA PRO I 200 49.27 15.78 60.66
C PRO I 200 48.89 16.34 62.01
N GLN I 201 47.80 17.10 62.10
CA GLN I 201 47.28 17.51 63.39
C GLN I 201 46.78 16.32 64.20
N GLU I 202 46.14 15.34 63.55
CA GLU I 202 45.72 14.13 64.24
C GLU I 202 46.91 13.33 64.73
N GLU I 203 47.98 13.27 63.94
CA GLU I 203 49.18 12.55 64.36
C GLU I 203 49.85 13.25 65.53
N ALA I 204 49.85 14.59 65.53
CA ALA I 204 50.38 15.33 66.67
C ALA I 204 49.53 15.11 67.91
N TYR I 205 48.21 15.04 67.74
CA TYR I 205 47.30 14.79 68.86
C TYR I 205 47.50 13.40 69.44
N LEU I 206 47.72 12.39 68.60
CA LEU I 206 48.00 11.05 69.09
C LEU I 206 49.35 10.96 69.77
N ARG I 207 50.39 11.59 69.20
CA ARG I 207 51.72 11.48 69.78
C ARG I 207 51.88 12.34 71.02
N ARG I 208 51.00 13.33 71.21
CA ARG I 208 51.04 14.14 72.42
C ARG I 208 50.14 13.58 73.51
N TRP I 209 49.00 12.99 73.16
CA TRP I 209 47.97 12.71 74.14
C TRP I 209 47.58 11.25 74.27
N VAL I 210 48.04 10.36 73.38
CA VAL I 210 47.58 8.98 73.46
C VAL I 210 48.76 8.03 73.64
N SER I 211 49.65 7.95 72.66
CA SER I 211 50.75 6.99 72.71
C SER I 211 51.83 7.41 71.72
N LYS I 212 52.97 6.74 71.82
CA LYS I 212 54.11 6.98 70.95
C LYS I 212 54.49 5.77 70.12
N ALA I 213 54.30 4.56 70.63
CA ALA I 213 54.62 3.36 69.87
C ALA I 213 53.56 3.11 68.81
N GLY I 214 53.81 2.12 67.96
CA GLY I 214 52.92 1.84 66.86
C GLY I 214 53.26 2.68 65.65
N GLN I 215 53.17 2.09 64.47
CA GLN I 215 53.48 2.82 63.24
C GLN I 215 52.21 3.45 62.67
N THR I 216 52.26 4.75 62.43
CA THR I 216 51.19 5.47 61.78
C THR I 216 51.53 5.69 60.31
N ARG I 217 50.62 6.29 59.57
CA ARG I 217 50.84 6.62 58.16
C ARG I 217 49.91 7.74 57.75
N LEU I 218 50.44 8.77 57.11
CA LEU I 218 49.66 9.94 56.72
C LEU I 218 49.16 9.76 55.30
N ILE I 219 47.86 9.48 55.16
CA ILE I 219 47.18 9.50 53.88
C ILE I 219 45.93 10.37 54.03
N PRO I 220 45.93 11.59 53.52
CA PRO I 220 44.83 12.51 53.78
C PRO I 220 43.57 12.13 53.02
N CYS I 221 42.45 12.65 53.49
CA CYS I 221 41.19 12.41 52.81
C CYS I 221 41.14 13.20 51.52
N GLY I 222 40.42 12.68 50.54
CA GLY I 222 40.30 13.32 49.26
C GLY I 222 38.86 13.37 48.81
N THR I 223 38.58 14.30 47.91
CA THR I 223 37.23 14.49 47.40
C THR I 223 37.19 14.17 45.92
N ASN I 224 35.97 14.04 45.40
CA ASN I 224 35.74 13.63 44.02
C ASN I 224 35.52 14.88 43.18
N LEU I 225 36.48 15.17 42.32
CA LEU I 225 36.39 16.38 41.51
C LEU I 225 35.40 16.25 40.35
N LYS I 226 34.87 15.06 40.09
CA LYS I 226 33.77 14.91 39.16
C LYS I 226 32.44 15.29 39.79
N LEU I 227 32.35 15.27 41.11
CA LEU I 227 31.14 15.68 41.82
C LEU I 227 31.21 17.12 42.30
N PHE I 228 32.40 17.70 42.36
CA PHE I 228 32.59 19.02 42.94
C PHE I 228 33.42 19.85 41.98
N TYR I 229 32.79 20.85 41.38
CA TYR I 229 33.39 21.68 40.34
C TYR I 229 32.61 22.98 40.26
N PRO I 230 33.21 24.04 39.75
CA PRO I 230 32.46 25.28 39.53
C PRO I 230 31.41 25.13 38.43
N VAL I 231 30.22 25.64 38.72
CA VAL I 231 29.06 25.44 37.86
C VAL I 231 28.81 26.64 36.96
N ALA I 232 28.79 27.84 37.55
CA ALA I 232 28.52 29.16 36.94
C ALA I 232 27.10 29.29 36.39
N ASP I 233 26.24 28.31 36.66
CA ASP I 233 24.81 28.40 36.44
C ASP I 233 24.05 28.10 37.73
N ALA I 234 24.71 28.33 38.86
CA ALA I 234 24.23 27.77 40.13
C ALA I 234 23.11 28.58 40.74
N ARG I 235 23.18 29.91 40.66
CA ARG I 235 22.13 30.72 41.25
C ARG I 235 20.87 30.75 40.40
N ALA I 236 21.00 30.49 39.09
CA ALA I 236 19.82 30.39 38.25
C ALA I 236 19.05 29.12 38.52
N GLN I 237 19.74 28.08 39.00
CA GLN I 237 19.07 26.83 39.35
C GLN I 237 18.39 26.90 40.70
N LEU I 238 18.97 27.65 41.65
CA LEU I 238 18.45 27.72 43.00
C LEU I 238 17.47 28.86 43.20
N ASN I 239 17.08 29.54 42.11
CA ASN I 239 16.18 30.70 42.12
C ASN I 239 16.72 31.80 43.04
N LEU I 240 18.01 32.07 42.91
CA LEU I 240 18.64 33.08 43.73
C LEU I 240 19.10 34.24 42.87
N PRO I 241 19.02 35.48 43.37
CA PRO I 241 19.47 36.62 42.58
C PRO I 241 20.99 36.63 42.44
N ALA I 242 21.47 37.04 41.28
CA ALA I 242 22.87 36.88 40.93
C ALA I 242 23.78 37.92 41.56
N ASP I 243 23.25 38.85 42.35
CA ASP I 243 24.06 39.90 42.94
C ASP I 243 23.95 39.98 44.46
N GLU I 244 23.06 39.23 45.08
CA GLU I 244 22.96 39.24 46.53
C GLU I 244 24.11 38.45 47.13
N PRO I 245 24.77 38.97 48.17
CA PRO I 245 25.78 38.16 48.86
C PRO I 245 25.16 36.99 49.60
N ILE I 246 25.82 35.84 49.51
CA ILE I 246 25.31 34.57 50.01
C ILE I 246 26.38 33.92 50.88
N VAL I 247 26.00 33.54 52.09
CA VAL I 247 26.88 32.80 53.00
C VAL I 247 26.32 31.40 53.16
N LEU I 248 27.18 30.40 53.00
CA LEU I 248 26.78 28.99 53.03
C LEU I 248 27.40 28.30 54.23
N TYR I 249 26.60 27.45 54.88
CA TYR I 249 27.08 26.41 55.76
C TYR I 249 26.55 25.07 55.28
N VAL I 250 27.44 24.08 55.24
CA VAL I 250 27.06 22.70 54.93
C VAL I 250 27.59 21.82 56.04
N GLY I 251 26.74 20.98 56.60
CA GLY I 251 27.18 20.00 57.57
C GLY I 251 26.02 19.54 58.42
N ARG I 252 26.37 18.73 59.42
CA ARG I 252 25.40 18.23 60.38
C ARG I 252 25.01 19.33 61.36
N PHE I 253 23.92 19.09 62.10
CA PHE I 253 23.47 20.01 63.14
C PHE I 253 23.93 19.48 64.50
N ASP I 254 25.20 19.69 64.79
CA ASP I 254 25.78 19.31 66.07
C ASP I 254 26.37 20.55 66.74
N ARG I 255 26.56 20.47 68.05
CA ARG I 255 27.12 21.59 68.79
C ARG I 255 28.59 21.81 68.46
N ARG I 256 29.31 20.76 68.06
CA ARG I 256 30.72 20.90 67.68
C ARG I 256 30.92 21.68 66.39
N LYS I 257 29.85 21.97 65.66
CA LYS I 257 29.89 22.72 64.43
C LYS I 257 29.83 24.22 64.64
N GLY I 258 29.35 24.68 65.79
CA GLY I 258 29.34 26.10 66.12
C GLY I 258 28.47 26.97 65.26
N ILE I 259 27.21 26.57 65.05
CA ILE I 259 26.29 27.38 64.25
C ILE I 259 25.85 28.61 65.04
N GLU I 260 25.85 28.50 66.37
CA GLU I 260 25.58 29.64 67.25
C GLU I 260 26.58 30.77 67.02
N THR I 261 27.84 30.40 66.80
CA THR I 261 28.86 31.38 66.43
C THR I 261 28.57 32.00 65.07
N LEU I 262 28.14 31.20 64.11
CA LEU I 262 27.84 31.72 62.78
C LEU I 262 26.57 32.56 62.75
N VAL I 263 25.53 32.14 63.46
CA VAL I 263 24.31 32.94 63.53
C VAL I 263 24.56 34.22 64.32
N ALA I 264 25.44 34.18 65.32
CA ALA I 264 25.81 35.39 66.03
C ALA I 264 26.64 36.32 65.15
N ALA I 265 27.44 35.75 64.25
CA ALA I 265 28.26 36.58 63.37
C ALA I 265 27.44 37.17 62.23
N MET I 266 26.34 36.52 61.86
CA MET I 266 25.46 37.04 60.81
C MET I 266 24.81 38.35 61.22
N ALA I 267 24.58 38.55 62.52
CA ALA I 267 23.91 39.76 62.98
C ALA I 267 24.82 40.98 62.88
N GLN I 268 26.12 40.75 62.81
CA GLN I 268 27.08 41.85 62.71
C GLN I 268 27.38 42.17 61.26
N ILE I 269 26.57 41.62 60.36
CA ILE I 269 26.76 41.75 58.91
C ILE I 269 25.49 42.38 58.35
N PRO I 270 25.58 43.45 57.55
CA PRO I 270 24.37 44.15 57.11
C PRO I 270 23.46 43.37 56.18
N GLN I 271 24.01 42.76 55.14
CA GLN I 271 23.21 42.07 54.16
C GLN I 271 23.54 40.58 54.15
N GLY I 272 22.90 39.84 53.25
CA GLY I 272 23.24 38.44 53.04
C GLY I 272 22.45 37.43 53.82
N GLN I 273 21.88 36.44 53.13
CA GLN I 273 21.22 35.34 53.81
C GLN I 273 22.24 34.39 54.44
N LEU I 274 21.76 33.50 55.28
CA LEU I 274 22.55 32.39 55.81
C LEU I 274 21.86 31.11 55.43
N LEU I 275 22.42 30.39 54.46
CA LEU I 275 21.86 29.10 54.07
C LEU I 275 22.44 27.99 54.94
N LEU I 276 21.57 27.23 55.58
CA LEU I 276 22.00 26.13 56.45
C LEU I 276 21.52 24.83 55.81
N VAL I 277 22.49 24.03 55.36
CA VAL I 277 22.22 22.79 54.64
C VAL I 277 22.63 21.62 55.52
N GLY I 278 21.68 20.71 55.78
CA GLY I 278 21.97 19.56 56.59
C GLY I 278 20.74 18.81 57.06
N GLY I 279 20.90 17.53 57.37
CA GLY I 279 19.80 16.72 57.82
C GLY I 279 19.58 16.79 59.32
N SER I 280 18.37 16.41 59.72
CA SER I 280 17.97 16.46 61.11
C SER I 280 16.81 15.51 61.38
N ASP I 281 16.98 14.64 62.37
CA ASP I 281 15.87 13.80 62.80
C ASP I 281 15.18 14.44 63.98
N PRO I 282 13.84 14.53 63.96
CA PRO I 282 13.15 15.23 65.06
C PRO I 282 13.20 14.50 66.38
N GLN I 283 13.20 13.17 66.38
CA GLN I 283 13.21 12.40 67.62
C GLN I 283 14.62 12.14 68.12
N ARG I 284 15.64 12.72 67.52
CA ARG I 284 17.02 12.42 67.87
C ARG I 284 17.77 13.67 68.32
N SER I 285 18.95 13.44 68.87
CA SER I 285 19.76 14.50 69.44
C SER I 285 20.31 15.42 68.35
N ASP I 286 21.13 14.86 67.46
CA ASP I 286 21.66 15.61 66.33
C ASP I 286 20.53 15.85 65.34
N GLY I 287 19.72 16.86 65.63
CA GLY I 287 18.42 17.00 65.03
C GLY I 287 17.66 18.09 65.74
N ALA I 288 16.43 17.80 66.18
CA ALA I 288 15.59 18.82 66.79
C ALA I 288 16.13 19.24 68.16
N GLU I 289 16.84 18.33 68.84
CA GLU I 289 17.41 18.68 70.13
C GLU I 289 18.60 19.59 69.96
N ARG I 290 19.20 19.59 68.77
CA ARG I 290 20.19 20.59 68.39
C ARG I 290 19.68 21.58 67.36
N ARG I 291 18.37 21.62 67.09
CA ARG I 291 17.79 22.63 66.21
C ARG I 291 17.18 23.70 67.10
N ARG I 292 17.88 24.02 68.20
CA ARG I 292 17.61 25.21 69.00
C ARG I 292 18.07 26.47 68.30
N ILE I 293 18.75 26.35 67.16
CA ILE I 293 19.22 27.47 66.37
C ILE I 293 18.04 28.30 65.88
N GLU I 294 16.90 27.64 65.60
CA GLU I 294 15.64 28.31 65.29
C GLU I 294 15.22 29.28 66.39
N GLY I 295 15.54 28.97 67.66
CA GLY I 295 15.41 29.97 68.69
C GLY I 295 16.43 31.08 68.55
N LEU I 296 17.70 30.71 68.37
CA LEU I 296 18.77 31.69 68.29
C LEU I 296 18.71 32.53 67.02
N VAL I 297 18.07 32.03 65.95
CA VAL I 297 17.74 32.87 64.81
C VAL I 297 16.77 33.96 65.21
N GLN I 298 15.75 33.61 66.00
CA GLN I 298 14.75 34.59 66.40
C GLN I 298 15.16 35.39 67.63
N GLU I 299 15.98 34.80 68.52
CA GLU I 299 16.56 35.54 69.63
C GLU I 299 17.53 36.61 69.17
N TYR I 300 18.18 36.41 68.02
CA TYR I 300 18.95 37.46 67.36
C TYR I 300 18.17 38.10 66.22
N ASN I 301 16.88 37.80 66.11
CA ASN I 301 15.94 38.39 65.16
C ASN I 301 16.36 38.21 63.70
N LEU I 302 17.04 37.12 63.38
CA LEU I 302 17.49 36.91 62.01
C LEU I 302 16.55 36.02 61.21
N GLY I 303 15.25 36.08 61.46
CA GLY I 303 14.30 35.23 60.77
C GLY I 303 14.10 35.59 59.31
N ASP I 304 14.60 36.75 58.92
CA ASP I 304 14.49 37.21 57.53
C ASP I 304 15.51 36.53 56.63
N ARG I 305 16.72 36.29 57.14
CA ARG I 305 17.84 35.92 56.29
C ARG I 305 18.55 34.67 56.79
N VAL I 306 17.81 33.74 57.38
CA VAL I 306 18.37 32.42 57.64
C VAL I 306 17.45 31.38 57.01
N THR I 307 17.94 30.70 55.98
CA THR I 307 17.13 29.73 55.27
C THR I 307 17.58 28.32 55.61
N PHE I 308 16.69 27.55 56.22
CA PHE I 308 16.91 26.13 56.44
C PHE I 308 16.67 25.42 55.12
N VAL I 309 17.75 25.07 54.42
CA VAL I 309 17.60 24.38 53.16
C VAL I 309 17.22 22.92 53.39
N GLY I 310 17.67 22.34 54.49
CA GLY I 310 17.40 20.94 54.73
C GLY I 310 18.59 20.08 54.31
N GLN I 311 18.34 18.81 54.08
CA GLN I 311 19.37 17.88 53.66
C GLN I 311 19.37 17.79 52.14
N ILE I 312 20.33 18.47 51.52
CA ILE I 312 20.59 18.34 50.10
C ILE I 312 21.49 17.13 49.91
N ASP I 313 21.22 16.34 48.87
CA ASP I 313 22.02 15.17 48.58
C ASP I 313 23.44 15.56 48.21
N HIS I 314 24.35 14.60 48.34
CA HIS I 314 25.79 14.83 48.18
C HIS I 314 26.11 15.30 46.77
N GLU I 315 25.61 14.56 45.78
CA GLU I 315 25.88 14.79 44.36
C GLU I 315 25.25 16.07 43.81
N TYR I 316 24.52 16.82 44.64
CA TYR I 316 24.00 18.11 44.24
C TYR I 316 24.60 19.27 45.00
N LEU I 317 25.36 19.02 46.10
CA LEU I 317 25.86 20.08 46.97
C LEU I 317 26.75 21.09 46.27
N ALA I 318 27.37 20.70 45.16
CA ALA I 318 28.22 21.60 44.38
C ALA I 318 27.43 22.81 43.89
N VAL I 319 26.16 22.61 43.53
CA VAL I 319 25.29 23.70 43.09
C VAL I 319 25.10 24.71 44.20
N TYR I 320 25.12 24.26 45.45
CA TYR I 320 25.13 25.21 46.55
C TYR I 320 26.51 25.83 46.74
N TYR I 321 27.57 25.00 46.67
CA TYR I 321 28.92 25.48 46.97
C TYR I 321 29.38 26.50 45.95
N SER I 322 28.92 26.38 44.72
CA SER I 322 29.27 27.33 43.68
C SER I 322 28.30 28.50 43.60
N ALA I 323 27.13 28.41 44.25
CA ALA I 323 26.22 29.55 44.21
C ALA I 323 26.64 30.61 45.20
N ALA I 324 27.21 30.20 46.33
CA ALA I 324 27.52 31.10 47.41
C ALA I 324 28.82 31.84 47.15
N ASN I 325 29.15 32.73 48.08
CA ASN I 325 30.40 33.46 48.05
C ASN I 325 31.38 32.97 49.09
N VAL I 326 30.91 32.27 50.11
CA VAL I 326 31.75 31.74 51.17
C VAL I 326 31.08 30.53 51.80
N CYS I 327 31.85 29.49 52.04
CA CYS I 327 31.47 28.44 52.96
C CYS I 327 32.21 28.67 54.27
N VAL I 328 31.48 28.60 55.37
CA VAL I 328 32.06 28.83 56.70
C VAL I 328 31.98 27.52 57.46
N VAL I 329 33.10 27.10 58.03
CA VAL I 329 33.12 25.91 58.88
C VAL I 329 33.48 26.40 60.28
N PRO I 330 32.53 26.86 61.07
CA PRO I 330 32.87 27.49 62.35
C PRO I 330 32.95 26.50 63.48
N SER I 331 33.63 25.39 63.29
CA SER I 331 33.47 24.26 64.17
C SER I 331 34.39 24.36 65.38
N TYR I 332 33.96 23.75 66.49
CA TYR I 332 34.74 23.81 67.71
C TYR I 332 35.92 22.86 67.67
N TYR I 333 35.84 21.80 66.86
CA TYR I 333 36.97 20.95 66.49
C TYR I 333 36.60 20.23 65.21
N GLU I 334 37.60 20.04 64.34
CA GLU I 334 37.41 19.24 63.14
C GLU I 334 38.62 18.38 62.82
N PRO I 335 38.51 17.08 62.93
CA PRO I 335 39.53 16.20 62.35
C PRO I 335 39.26 16.00 60.85
N PHE I 336 39.80 16.94 60.07
CA PHE I 336 39.68 17.01 58.62
C PHE I 336 38.23 17.12 58.18
N GLY I 337 37.60 18.28 58.38
CA GLY I 337 36.30 18.51 57.77
C GLY I 337 36.29 18.41 56.26
N LEU I 338 35.46 17.51 55.72
CA LEU I 338 35.46 17.28 54.28
C LEU I 338 34.77 18.42 53.54
N VAL I 339 33.91 19.17 54.22
CA VAL I 339 33.19 20.27 53.57
C VAL I 339 34.13 21.38 53.15
N ALA I 340 35.28 21.50 53.82
CA ALA I 340 36.29 22.48 53.42
C ALA I 340 36.84 22.20 52.03
N ILE I 341 37.26 20.95 51.78
CA ILE I 341 37.81 20.64 50.47
C ILE I 341 36.70 20.49 49.44
N GLU I 342 35.49 20.12 49.86
CA GLU I 342 34.37 20.10 48.93
C GLU I 342 33.98 21.51 48.51
N ALA I 343 34.18 22.48 49.37
CA ALA I 343 33.88 23.87 49.04
C ALA I 343 34.98 24.50 48.23
N MET I 344 36.24 24.19 48.56
CA MET I 344 37.34 24.75 47.80
C MET I 344 37.39 24.16 46.40
N ALA I 345 37.01 22.88 46.27
CA ALA I 345 36.98 22.22 44.98
C ALA I 345 35.98 22.86 44.03
N CYS I 346 34.89 23.38 44.56
CA CYS I 346 33.89 24.05 43.74
C CYS I 346 34.27 25.50 43.46
N GLY I 347 35.37 26.00 44.02
CA GLY I 347 35.80 27.35 43.76
C GLY I 347 35.16 28.36 44.70
N THR I 348 35.14 28.02 45.99
CA THR I 348 34.52 28.87 47.00
C THR I 348 35.47 28.99 48.18
N PRO I 349 35.80 30.19 48.63
CA PRO I 349 36.72 30.34 49.75
C PRO I 349 36.08 29.88 51.06
N VAL I 350 36.92 29.41 51.95
CA VAL I 350 36.49 28.78 53.19
C VAL I 350 37.02 29.57 54.36
N ILE I 351 36.12 30.01 55.24
CA ILE I 351 36.50 30.59 56.52
C ILE I 351 36.27 29.54 57.58
N ALA I 352 37.35 29.06 58.18
CA ALA I 352 37.26 27.92 59.07
C ALA I 352 37.96 28.27 60.38
N SER I 353 37.83 27.36 61.34
CA SER I 353 38.44 27.53 62.64
C SER I 353 39.76 26.79 62.71
N ALA I 354 40.72 27.35 63.44
CA ALA I 354 42.04 26.75 63.58
C ALA I 354 42.01 25.70 64.70
N VAL I 355 41.39 24.57 64.39
CA VAL I 355 41.05 23.59 65.42
C VAL I 355 41.60 22.20 65.15
N GLY I 356 42.07 21.90 63.95
CA GLY I 356 42.33 20.51 63.61
C GLY I 356 42.78 20.33 62.18
N GLY I 357 42.12 19.44 61.44
CA GLY I 357 42.45 19.27 60.04
C GLY I 357 42.07 20.44 59.15
N LEU I 358 41.30 21.39 59.66
CA LEU I 358 40.94 22.58 58.88
C LEU I 358 42.15 23.47 58.63
N GLN I 359 43.06 23.56 59.59
CA GLN I 359 44.28 24.34 59.39
C GLN I 359 45.36 23.57 58.65
N PHE I 360 45.05 22.35 58.20
CA PHE I 360 45.85 21.64 57.21
C PHE I 360 45.32 21.83 55.80
N THR I 361 44.02 22.03 55.64
CA THR I 361 43.42 22.25 54.33
C THR I 361 43.43 23.71 53.90
N VAL I 362 43.00 24.62 54.77
CA VAL I 362 42.83 26.02 54.39
C VAL I 362 44.10 26.79 54.73
N ILE I 363 44.63 27.51 53.76
CA ILE I 363 45.75 28.42 53.95
C ILE I 363 45.19 29.79 54.29
N PRO I 364 45.69 30.46 55.34
CA PRO I 364 44.96 31.61 55.89
C PRO I 364 44.86 32.86 55.02
N GLU I 365 45.63 32.99 53.94
CA GLU I 365 45.46 34.13 53.04
C GLU I 365 45.50 33.73 51.58
N GLU I 366 45.48 32.43 51.29
CA GLU I 366 45.57 31.94 49.92
C GLU I 366 44.31 31.22 49.47
N THR I 367 43.79 30.32 50.29
CA THR I 367 42.60 29.57 49.93
C THR I 367 41.35 30.07 50.64
N GLY I 368 41.52 30.66 51.82
CA GLY I 368 40.41 31.17 52.59
C GLY I 368 40.91 31.94 53.79
N LEU I 369 40.26 31.74 54.94
CA LEU I 369 40.61 32.46 56.16
C LEU I 369 40.46 31.53 57.35
N LEU I 370 41.21 31.83 58.40
CA LEU I 370 41.17 31.07 59.65
C LEU I 370 40.86 32.02 60.79
N VAL I 371 39.95 31.60 61.67
CA VAL I 371 39.52 32.42 62.80
C VAL I 371 39.67 31.62 64.08
N PRO I 372 39.75 32.29 65.23
CA PRO I 372 39.58 31.59 66.49
C PRO I 372 38.18 31.02 66.61
N PRO I 373 38.00 29.94 67.38
CA PRO I 373 36.74 29.17 67.31
C PRO I 373 35.49 29.87 67.82
N GLN I 374 35.53 30.47 69.01
CA GLN I 374 34.28 30.90 69.61
C GLN I 374 34.15 32.41 69.79
N ASP I 375 34.54 33.19 68.78
CA ASP I 375 34.18 34.60 68.75
C ASP I 375 33.52 34.93 67.42
N ALA I 376 32.32 35.51 67.50
CA ALA I 376 31.60 35.90 66.30
C ALA I 376 32.15 37.19 65.69
N ASN I 377 32.91 37.95 66.47
CA ASN I 377 33.44 39.23 65.98
C ASN I 377 34.52 39.00 64.93
N ALA I 378 35.46 38.10 65.22
CA ALA I 378 36.52 37.79 64.27
C ALA I 378 35.95 37.08 63.04
N LEU I 379 34.94 36.24 63.24
CA LEU I 379 34.29 35.57 62.12
C LEU I 379 33.56 36.57 61.23
N ALA I 380 32.88 37.54 61.82
CA ALA I 380 32.20 38.56 61.03
C ALA I 380 33.19 39.47 60.33
N ASN I 381 34.36 39.69 60.95
CA ASN I 381 35.44 40.42 60.26
C ASN I 381 35.93 39.64 59.06
N ALA I 382 36.06 38.33 59.21
CA ALA I 382 36.52 37.48 58.12
C ALA I 382 35.50 37.43 56.98
N ILE I 383 34.21 37.45 57.32
CA ILE I 383 33.20 37.46 56.27
C ILE I 383 33.13 38.84 55.62
N GLN I 384 33.35 39.89 56.40
CA GLN I 384 33.28 41.26 55.88
C GLN I 384 34.44 41.55 54.94
N ARG I 385 35.61 40.94 55.20
CA ARG I 385 36.77 41.18 54.34
C ARG I 385 36.56 40.67 52.92
N ILE I 386 35.78 39.60 52.76
CA ILE I 386 35.57 39.01 51.45
C ILE I 386 34.26 39.44 50.84
N LEU I 387 33.31 39.90 51.65
CA LEU I 387 32.13 40.54 51.05
C LEU I 387 32.45 41.98 50.67
N ALA I 388 33.55 42.52 51.18
CA ALA I 388 34.04 43.82 50.74
C ALA I 388 34.57 43.72 49.32
N ASP I 389 35.47 42.76 49.09
CA ASP I 389 36.10 42.58 47.78
C ASP I 389 35.68 41.23 47.23
N PRO I 390 34.80 41.16 46.23
CA PRO I 390 34.31 39.86 45.74
C PRO I 390 35.34 39.08 44.95
N ALA I 391 36.07 39.77 44.06
CA ALA I 391 37.04 39.11 43.20
C ALA I 391 38.22 38.56 43.98
N TRP I 392 38.52 39.13 45.13
CA TRP I 392 39.54 38.55 46.00
C TRP I 392 39.07 37.22 46.58
N ALA I 393 37.79 37.13 46.95
CA ALA I 393 37.24 35.85 47.39
C ALA I 393 37.21 34.85 46.24
N ARG I 394 36.97 35.35 45.02
CA ARG I 394 36.98 34.49 43.84
C ARG I 394 38.35 33.89 43.58
N THR I 395 39.42 34.68 43.70
CA THR I 395 40.74 34.12 43.50
C THR I 395 41.22 33.29 44.69
N LEU I 396 40.73 33.57 45.90
CA LEU I 396 40.96 32.65 47.02
C LEU I 396 40.35 31.29 46.74
N GLY I 397 39.13 31.27 46.19
CA GLY I 397 38.49 30.01 45.88
C GLY I 397 39.16 29.26 44.74
N LYS I 398 39.67 30.01 43.76
CA LYS I 398 40.40 29.37 42.67
C LYS I 398 41.70 28.75 43.16
N ASN I 399 42.40 29.45 44.06
CA ASN I 399 43.60 28.87 44.66
C ASN I 399 43.27 27.68 45.56
N GLY I 400 42.09 27.69 46.18
CA GLY I 400 41.66 26.53 46.95
C GLY I 400 41.39 25.33 46.07
N ARG I 401 40.79 25.57 44.90
CA ARG I 401 40.58 24.48 43.93
C ARG I 401 41.90 23.94 43.42
N GLU I 402 42.88 24.83 43.26
CA GLU I 402 44.22 24.42 42.80
C GLU I 402 44.85 23.56 43.89
N ARG I 403 44.66 23.90 45.16
CA ARG I 403 45.23 23.12 46.25
C ARG I 403 44.54 21.77 46.41
N VAL I 404 43.22 21.71 46.20
CA VAL I 404 42.50 20.44 46.28
C VAL I 404 42.93 19.52 45.14
N GLN I 405 43.12 20.08 43.94
CA GLN I 405 43.66 19.29 42.83
C GLN I 405 45.09 18.84 43.11
N ALA I 406 45.85 19.63 43.87
CA ALA I 406 47.21 19.26 44.20
C ALA I 406 47.27 18.12 45.20
N LEU I 407 46.57 18.26 46.33
CA LEU I 407 46.75 17.34 47.45
C LEU I 407 45.55 16.48 47.75
N PHE I 408 44.33 16.92 47.46
CA PHE I 408 43.15 16.25 47.99
C PHE I 408 42.26 15.69 46.90
N ASN I 409 42.86 15.18 45.83
CA ASN I 409 42.11 14.52 44.76
C ASN I 409 42.06 13.03 45.06
N TRP I 410 40.84 12.51 45.20
CA TRP I 410 40.63 11.11 45.57
C TRP I 410 41.10 10.15 44.49
N GLU I 411 41.20 10.63 43.24
CA GLU I 411 41.73 9.82 42.16
C GLU I 411 43.19 9.47 42.38
N ALA I 412 43.92 10.32 43.12
CA ALA I 412 45.30 9.99 43.48
C ALA I 412 45.39 9.27 44.82
N ILE I 413 44.51 9.66 45.75
CA ILE I 413 44.53 9.07 47.09
C ILE I 413 44.15 7.60 47.03
N ALA I 414 43.29 7.24 46.07
CA ALA I 414 42.93 5.84 45.87
C ALA I 414 44.14 5.01 45.45
N LEU I 415 45.00 5.57 44.61
CA LEU I 415 46.23 4.88 44.24
C LEU I 415 47.19 4.79 45.40
N GLN I 416 47.20 5.81 46.27
CA GLN I 416 48.03 5.77 47.47
C GLN I 416 47.59 4.64 48.41
N MET I 417 46.27 4.54 48.63
CA MET I 417 45.72 3.46 49.45
C MET I 417 45.95 2.10 48.80
N GLY I 418 45.92 2.04 47.47
CA GLY I 418 46.19 0.78 46.80
C GLY I 418 47.61 0.31 46.98
N GLN I 419 48.58 1.23 46.85
CA GLN I 419 49.97 0.86 47.09
C GLN I 419 50.21 0.52 48.55
N LEU I 420 49.49 1.16 49.47
CA LEU I 420 49.55 0.79 50.88
C LEU I 420 49.07 -0.64 51.11
N TYR I 421 47.96 -1.02 50.49
CA TYR I 421 47.48 -2.38 50.67
C TYR I 421 48.38 -3.39 49.98
N ARG I 422 49.00 -3.01 48.86
CA ARG I 422 49.93 -3.93 48.21
C ARG I 422 51.20 -4.13 49.03
N GLN I 423 51.68 -3.09 49.70
CA GLN I 423 52.89 -3.28 50.51
C GLN I 423 52.58 -3.97 51.83
N LEU I 424 51.34 -3.85 52.33
CA LEU I 424 50.98 -4.62 53.51
C LEU I 424 50.66 -6.07 53.15
N PHE I 425 50.18 -6.30 51.93
CA PHE I 425 49.97 -7.67 51.46
C PHE I 425 51.29 -8.31 51.07
N ALA I 426 52.31 -7.50 50.80
CA ALA I 426 53.67 -8.02 50.63
C ALA I 426 54.16 -8.69 51.91
N ALA I 427 53.85 -8.09 53.05
CA ALA I 427 54.02 -8.76 54.34
C ALA I 427 52.90 -9.80 54.44
N SER I 428 53.20 -10.99 53.93
CA SER I 428 52.21 -12.01 53.62
C SER I 428 51.48 -12.52 54.85
N ARG J 30 12.27 -88.36 28.06
CA ARG J 30 11.59 -87.18 27.56
C ARG J 30 12.56 -86.31 26.77
N GLN J 31 12.09 -85.76 25.66
CA GLN J 31 12.98 -85.00 24.79
C GLN J 31 13.18 -83.58 25.34
N PRO J 32 14.39 -83.03 25.22
CA PRO J 32 14.66 -81.71 25.80
C PRO J 32 14.46 -80.56 24.82
N ILE J 33 14.31 -79.36 25.36
CA ILE J 33 14.12 -78.14 24.59
C ILE J 33 14.96 -77.05 25.25
N ALA J 34 15.66 -76.26 24.44
CA ALA J 34 16.36 -75.08 24.91
C ALA J 34 15.61 -73.84 24.46
N LEU J 35 15.17 -73.03 25.42
CA LEU J 35 14.67 -71.69 25.12
C LEU J 35 15.77 -70.69 25.46
N ILE J 36 16.23 -69.98 24.47
CA ILE J 36 17.30 -69.00 24.66
C ILE J 36 16.71 -67.60 24.65
N SER J 37 17.01 -66.86 25.71
CA SER J 37 16.58 -65.48 25.85
C SER J 37 17.55 -64.75 26.77
N VAL J 38 18.52 -64.02 26.21
CA VAL J 38 19.66 -63.56 27.00
C VAL J 38 19.27 -62.40 27.92
N HIS J 39 18.75 -61.32 27.36
CA HIS J 39 18.57 -60.10 28.13
C HIS J 39 17.33 -60.14 29.00
N GLY J 40 16.38 -61.00 28.67
CA GLY J 40 15.17 -61.17 29.46
C GLY J 40 15.28 -62.42 30.31
N ASP J 41 15.14 -62.25 31.61
CA ASP J 41 15.17 -63.36 32.55
C ASP J 41 13.75 -63.85 32.77
N PRO J 42 13.41 -65.08 32.37
CA PRO J 42 12.05 -65.59 32.64
C PRO J 42 11.78 -65.84 34.09
N ALA J 43 12.81 -66.08 34.90
CA ALA J 43 12.60 -66.25 36.33
C ALA J 43 12.35 -64.93 37.02
N ALA J 44 12.70 -63.82 36.37
CA ALA J 44 12.57 -62.52 37.01
C ALA J 44 11.12 -62.08 37.06
N ASP J 45 10.81 -61.32 38.11
CA ASP J 45 9.52 -60.66 38.23
C ASP J 45 9.46 -59.46 37.29
N VAL J 46 8.31 -59.27 36.65
CA VAL J 46 8.18 -58.43 35.49
C VAL J 46 7.65 -57.07 35.85
N GLY J 47 7.96 -56.09 35.02
CA GLY J 47 7.47 -54.74 35.22
C GLY J 47 8.52 -53.64 35.22
N HIS J 48 9.71 -53.92 34.69
CA HIS J 48 10.77 -52.92 34.68
C HIS J 48 11.63 -53.13 33.44
N GLU J 49 12.79 -52.50 33.41
CA GLU J 49 13.68 -52.60 32.26
C GLU J 49 14.29 -53.98 32.18
N SER J 50 14.32 -54.54 30.96
CA SER J 50 14.62 -55.93 30.64
C SER J 50 13.65 -56.90 31.30
N ALA J 51 12.44 -56.42 31.61
CA ALA J 51 11.28 -57.19 32.00
C ALA J 51 10.17 -56.85 31.01
N GLY J 52 9.02 -57.49 31.14
CA GLY J 52 7.96 -57.21 30.22
C GLY J 52 7.43 -58.45 29.52
N GLY J 53 7.20 -58.31 28.22
CA GLY J 53 6.39 -59.29 27.50
C GLY J 53 7.12 -60.60 27.25
N GLN J 54 8.41 -60.51 26.90
CA GLN J 54 9.20 -61.67 26.53
C GLN J 54 9.35 -62.64 27.69
N ASN J 55 9.46 -62.10 28.91
CA ASN J 55 9.64 -62.90 30.11
C ASN J 55 8.40 -63.72 30.41
N ILE J 56 7.24 -63.06 30.36
CA ILE J 56 5.96 -63.74 30.53
C ILE J 56 5.76 -64.79 29.45
N TYR J 57 6.10 -64.43 28.20
CA TYR J 57 5.96 -65.31 27.04
C TYR J 57 6.74 -66.61 27.23
N VAL J 58 8.04 -66.50 27.47
CA VAL J 58 8.85 -67.71 27.55
C VAL J 58 8.66 -68.44 28.87
N ARG J 59 8.25 -67.75 29.94
CA ARG J 59 7.99 -68.42 31.20
C ARG J 59 6.76 -69.29 31.12
N GLN J 60 5.66 -68.74 30.60
CA GLN J 60 4.43 -69.52 30.50
C GLN J 60 4.57 -70.58 29.41
N LEU J 61 5.38 -70.31 28.38
CA LEU J 61 5.64 -71.32 27.36
C LEU J 61 6.41 -72.50 27.93
N GLY J 62 7.46 -72.24 28.71
CA GLY J 62 8.22 -73.32 29.29
C GLY J 62 7.45 -74.12 30.31
N GLU J 63 6.61 -73.44 31.12
CA GLU J 63 5.79 -74.16 32.08
C GLU J 63 4.74 -75.02 31.38
N ALA J 64 4.18 -74.52 30.28
CA ALA J 64 3.19 -75.28 29.52
C ALA J 64 3.82 -76.48 28.85
N LEU J 65 5.03 -76.33 28.31
CA LEU J 65 5.69 -77.46 27.68
C LEU J 65 6.15 -78.49 28.68
N ALA J 66 6.53 -78.06 29.88
CA ALA J 66 6.85 -79.00 30.94
C ALA J 66 5.62 -79.78 31.36
N ALA J 67 4.46 -79.12 31.37
CA ALA J 67 3.22 -79.84 31.62
C ALA J 67 2.87 -80.75 30.44
N ALA J 68 3.31 -80.39 29.23
CA ALA J 68 3.02 -81.20 28.06
C ALA J 68 3.93 -82.40 27.92
N GLY J 69 5.01 -82.48 28.69
CA GLY J 69 5.90 -83.61 28.64
C GLY J 69 7.26 -83.34 28.07
N TRP J 70 7.66 -82.08 27.95
CA TRP J 70 8.98 -81.74 27.44
C TRP J 70 9.92 -81.43 28.60
N HIS J 71 11.21 -81.56 28.34
CA HIS J 71 12.24 -81.20 29.32
C HIS J 71 12.75 -79.80 28.98
N VAL J 72 12.23 -78.80 29.68
CA VAL J 72 12.47 -77.41 29.31
C VAL J 72 13.62 -76.87 30.13
N ASP J 73 14.64 -76.38 29.43
CA ASP J 73 15.70 -75.60 30.02
C ASP J 73 15.71 -74.23 29.34
N MET J 74 15.27 -73.22 30.06
CA MET J 74 15.28 -71.85 29.57
C MET J 74 16.61 -71.21 29.96
N PHE J 75 17.10 -70.32 29.10
CA PHE J 75 18.46 -69.82 29.26
C PHE J 75 18.49 -68.31 29.23
N THR J 76 19.24 -67.72 30.16
CA THR J 76 19.36 -66.28 30.21
C THR J 76 20.73 -65.93 30.78
N ARG J 77 20.97 -64.63 30.92
CA ARG J 77 22.26 -64.10 31.34
C ARG J 77 22.23 -63.80 32.84
N LYS J 78 23.28 -64.21 33.54
CA LYS J 78 23.38 -63.91 34.95
C LYS J 78 23.85 -62.47 35.14
N THR J 79 23.05 -61.66 35.83
CA THR J 79 23.31 -60.23 35.95
C THR J 79 23.63 -59.81 37.38
N ASP J 80 23.89 -60.77 38.26
CA ASP J 80 24.14 -60.55 39.68
C ASP J 80 24.84 -61.79 40.20
N PRO J 81 26.01 -61.66 40.82
CA PRO J 81 26.70 -62.87 41.33
C PRO J 81 26.04 -63.48 42.55
N ASN J 82 25.09 -62.80 43.18
CA ASN J 82 24.36 -63.37 44.30
C ASN J 82 23.11 -64.12 43.88
N ASP J 83 22.75 -64.07 42.59
CA ASP J 83 21.61 -64.81 42.12
C ASP J 83 21.92 -66.31 42.04
N PRO J 84 20.91 -67.15 42.17
CA PRO J 84 21.12 -68.58 41.94
C PRO J 84 21.37 -68.88 40.47
N ASP J 85 22.16 -69.92 40.23
CA ASP J 85 22.51 -70.28 38.87
C ASP J 85 21.35 -70.97 38.16
N VAL J 86 20.69 -71.89 38.85
CA VAL J 86 19.59 -72.66 38.30
C VAL J 86 18.37 -72.44 39.18
N ILE J 87 17.26 -72.05 38.58
CA ILE J 87 15.99 -71.89 39.28
C ILE J 87 15.01 -72.88 38.68
N GLU J 88 14.48 -73.77 39.52
CA GLU J 88 13.51 -74.77 39.11
C GLU J 88 12.12 -74.27 39.48
N HIS J 89 11.26 -74.11 38.48
CA HIS J 89 9.93 -73.54 38.68
C HIS J 89 8.91 -74.64 38.94
N SER J 90 8.73 -75.51 37.97
CA SER J 90 7.80 -76.61 38.01
C SER J 90 8.65 -77.85 37.72
N PRO J 91 8.12 -79.07 37.78
CA PRO J 91 8.91 -80.22 37.33
C PRO J 91 9.22 -80.15 35.84
N HIS J 92 10.48 -80.41 35.51
CA HIS J 92 11.03 -80.40 34.16
C HIS J 92 10.92 -79.03 33.50
N CYS J 93 11.13 -77.97 34.27
CA CYS J 93 11.16 -76.62 33.74
C CYS J 93 12.18 -75.83 34.56
N ARG J 94 13.33 -75.53 33.96
CA ARG J 94 14.39 -74.81 34.65
C ARG J 94 14.61 -73.46 33.98
N THR J 95 15.03 -72.49 34.77
CA THR J 95 15.68 -71.30 34.27
C THR J 95 17.16 -71.38 34.64
N ILE J 96 18.02 -71.09 33.68
CA ILE J 96 19.45 -71.22 33.85
C ILE J 96 20.08 -69.88 33.57
N ARG J 97 20.68 -69.28 34.60
CA ARG J 97 21.39 -68.02 34.48
C ARG J 97 22.86 -68.33 34.22
N LEU J 98 23.29 -68.14 32.98
CA LEU J 98 24.66 -68.37 32.57
C LEU J 98 25.49 -67.11 32.76
N GLN J 99 26.76 -67.30 33.09
CA GLN J 99 27.71 -66.21 33.20
C GLN J 99 28.23 -65.89 31.81
N ALA J 100 27.69 -64.85 31.19
CA ALA J 100 28.16 -64.52 29.85
C ALA J 100 29.43 -63.70 29.92
N GLY J 101 29.31 -62.46 30.37
CA GLY J 101 30.44 -61.56 30.42
C GLY J 101 30.61 -61.01 31.82
N PRO J 102 30.48 -59.70 31.95
CA PRO J 102 30.44 -59.06 33.27
C PRO J 102 29.17 -59.48 34.02
N LEU J 103 29.34 -59.91 35.27
CA LEU J 103 28.20 -60.34 36.06
C LEU J 103 27.50 -59.17 36.71
N THR J 104 27.15 -58.16 35.92
CA THR J 104 26.30 -57.06 36.34
C THR J 104 25.21 -56.90 35.29
N TYR J 105 24.35 -55.93 35.50
CA TYR J 105 23.35 -55.63 34.48
C TYR J 105 23.98 -54.83 33.35
N ILE J 106 23.91 -55.38 32.15
CA ILE J 106 24.28 -54.71 30.92
C ILE J 106 23.00 -54.59 30.11
N PRO J 107 22.65 -53.41 29.60
CA PRO J 107 21.46 -53.31 28.74
C PRO J 107 21.67 -54.05 27.42
N ARG J 108 20.54 -54.37 26.78
CA ARG J 108 20.55 -55.31 25.67
C ARG J 108 21.26 -54.75 24.44
N GLU J 109 21.19 -53.43 24.26
CA GLU J 109 21.77 -52.80 23.08
C GLU J 109 23.30 -52.77 23.11
N LYS J 110 23.92 -53.15 24.22
CA LYS J 110 25.35 -53.35 24.28
C LYS J 110 25.74 -54.80 24.52
N LEU J 111 24.79 -55.74 24.41
CA LEU J 111 25.14 -57.12 24.72
C LEU J 111 25.75 -57.88 23.57
N PHE J 112 26.06 -57.22 22.46
CA PHE J 112 26.52 -57.97 21.29
C PHE J 112 27.95 -58.46 21.47
N GLU J 113 28.75 -57.77 22.29
CA GLU J 113 30.11 -58.23 22.57
C GLU J 113 30.14 -59.42 23.50
N THR J 114 29.04 -59.73 24.16
CA THR J 114 29.02 -60.78 25.17
C THR J 114 28.56 -62.11 24.61
N LEU J 115 27.99 -62.11 23.41
CA LEU J 115 27.29 -63.27 22.88
C LEU J 115 28.13 -64.52 22.57
N PRO J 116 29.37 -64.45 22.03
CA PRO J 116 30.13 -65.71 21.87
C PRO J 116 30.52 -66.37 23.18
N LYS J 117 30.68 -65.59 24.25
CA LYS J 117 30.82 -66.17 25.57
C LYS J 117 29.55 -66.91 25.99
N PHE J 118 28.39 -66.38 25.60
CA PHE J 118 27.13 -67.06 25.87
C PHE J 118 27.02 -68.35 25.08
N VAL J 119 27.50 -68.34 23.84
CA VAL J 119 27.51 -69.55 23.01
C VAL J 119 28.39 -70.63 23.64
N GLU J 120 29.57 -70.23 24.09
CA GLU J 120 30.51 -71.18 24.66
C GLU J 120 30.01 -71.69 26.01
N ALA J 121 29.25 -70.88 26.74
CA ALA J 121 28.62 -71.34 27.96
C ALA J 121 27.46 -72.29 27.68
N PHE J 122 26.72 -72.04 26.59
CA PHE J 122 25.61 -72.90 26.23
C PHE J 122 26.09 -74.27 25.79
N LYS J 123 27.27 -74.34 25.17
CA LYS J 123 27.79 -75.59 24.65
C LYS J 123 28.05 -76.63 25.73
N ALA J 124 28.22 -76.21 26.98
CA ALA J 124 28.44 -77.17 28.06
C ALA J 124 27.18 -77.96 28.36
N TYR J 125 26.02 -77.31 28.28
CA TYR J 125 24.77 -78.04 28.52
C TYR J 125 24.29 -78.71 27.24
N HIS J 126 24.63 -78.14 26.08
CA HIS J 126 24.27 -78.79 24.82
C HIS J 126 25.08 -80.05 24.60
N ALA J 127 26.28 -80.13 25.17
CA ALA J 127 27.03 -81.37 25.13
C ALA J 127 26.45 -82.41 26.08
N LYS J 128 25.66 -81.98 27.05
CA LYS J 128 25.02 -82.87 28.01
C LYS J 128 23.66 -83.37 27.54
N TYR J 129 22.83 -82.49 26.99
CA TYR J 129 21.48 -82.86 26.59
C TYR J 129 21.34 -83.06 25.09
N GLY J 130 21.93 -82.20 24.29
CA GLY J 130 21.83 -82.34 22.85
C GLY J 130 20.45 -82.00 22.37
N TYR J 131 20.07 -80.74 22.51
CA TYR J 131 18.73 -80.22 22.27
C TYR J 131 18.34 -80.39 20.81
N PRO J 132 17.33 -81.21 20.51
CA PRO J 132 16.89 -81.36 19.13
C PRO J 132 16.06 -80.17 18.67
N LEU J 133 15.65 -79.33 19.61
CA LEU J 133 14.84 -78.18 19.26
C LEU J 133 15.25 -77.00 20.13
N ILE J 134 15.49 -75.86 19.50
CA ILE J 134 15.97 -74.66 20.19
C ILE J 134 15.12 -73.47 19.75
N HIS J 135 14.59 -72.73 20.73
CA HIS J 135 13.67 -71.62 20.47
C HIS J 135 14.31 -70.34 20.98
N THR J 136 14.97 -69.60 20.10
CA THR J 136 15.54 -68.32 20.50
C THR J 136 14.47 -67.23 20.42
N ASN J 137 14.69 -66.14 21.15
CA ASN J 137 13.58 -65.25 21.45
C ASN J 137 13.90 -63.78 21.24
N TYR J 138 15.06 -63.46 20.70
CA TYR J 138 15.33 -62.07 20.35
C TYR J 138 16.39 -62.05 19.24
N TRP J 139 16.68 -60.85 18.71
CA TRP J 139 17.85 -60.63 17.89
C TRP J 139 19.13 -61.14 18.56
N LEU J 140 19.34 -60.72 19.81
CA LEU J 140 20.53 -61.15 20.54
C LEU J 140 20.52 -62.64 20.77
N SER J 141 19.33 -63.22 20.93
CA SER J 141 19.22 -64.66 21.03
C SER J 141 19.32 -65.30 19.65
N GLY J 142 18.91 -64.58 18.62
CA GLY J 142 18.93 -65.15 17.28
C GLY J 142 20.34 -65.27 16.73
N TRP J 143 21.23 -64.38 17.14
CA TRP J 143 22.64 -64.51 16.75
C TRP J 143 23.25 -65.76 17.37
N VAL J 144 22.91 -66.03 18.63
CA VAL J 144 23.35 -67.24 19.31
C VAL J 144 22.79 -68.47 18.61
N GLY J 145 21.53 -68.40 18.20
CA GLY J 145 20.92 -69.51 17.49
C GLY J 145 21.53 -69.74 16.12
N TRP J 146 21.95 -68.67 15.45
CA TRP J 146 22.58 -68.83 14.15
C TRP J 146 23.99 -69.38 14.28
N GLN J 147 24.70 -69.00 15.34
CA GLN J 147 26.01 -69.58 15.59
C GLN J 147 25.91 -71.05 15.92
N LEU J 148 24.87 -71.44 16.66
CA LEU J 148 24.70 -72.85 17.01
C LEU J 148 24.22 -73.67 15.82
N ARG J 149 23.45 -73.05 14.92
CA ARG J 149 22.94 -73.75 13.72
C ARG J 149 24.08 -74.14 12.79
N GLN J 150 25.16 -73.34 12.79
CA GLN J 150 26.32 -73.61 11.91
C GLN J 150 27.23 -74.67 12.54
N GLN J 151 26.86 -75.22 13.69
CA GLN J 151 27.73 -76.11 14.41
C GLN J 151 27.03 -77.38 14.89
N PHE J 152 25.71 -77.33 15.06
CA PHE J 152 24.94 -78.48 15.50
C PHE J 152 23.73 -78.68 14.61
N ASN J 153 23.12 -79.85 14.73
CA ASN J 153 21.91 -80.20 14.00
C ASN J 153 20.71 -80.17 14.94
N PHE J 154 19.81 -79.23 14.70
CA PHE J 154 18.63 -79.10 15.54
C PHE J 154 17.55 -78.33 14.79
N GLN J 155 16.31 -78.50 15.24
CA GLN J 155 15.21 -77.68 14.76
C GLN J 155 15.27 -76.33 15.46
N TRP J 156 15.16 -75.24 14.71
CA TRP J 156 15.36 -73.92 15.28
C TRP J 156 14.17 -73.04 15.01
N LEU J 157 13.52 -72.60 16.07
CA LEU J 157 12.43 -71.64 15.98
C LEU J 157 12.89 -70.29 16.48
N HIS J 158 12.08 -69.27 16.17
CA HIS J 158 12.43 -67.93 16.59
C HIS J 158 11.18 -67.08 16.72
N THR J 159 11.11 -66.31 17.80
CA THR J 159 10.13 -65.26 17.96
C THR J 159 10.90 -63.95 18.12
N TYR J 160 10.51 -62.94 17.36
CA TYR J 160 11.28 -61.70 17.37
C TYR J 160 11.05 -60.90 18.63
N HIS J 161 9.78 -60.58 18.93
CA HIS J 161 9.25 -59.72 19.99
C HIS J 161 9.52 -58.24 19.73
N SER J 162 10.37 -57.94 18.73
CA SER J 162 10.67 -56.59 18.27
C SER J 162 11.40 -56.69 16.93
N LEU J 163 10.83 -56.12 15.89
CA LEU J 163 11.51 -56.05 14.60
C LEU J 163 12.27 -54.73 14.50
N GLY J 164 13.56 -54.82 14.16
CA GLY J 164 14.37 -53.63 14.09
C GLY J 164 14.03 -52.76 12.89
N VAL J 165 13.50 -53.36 11.83
CA VAL J 165 13.22 -52.66 10.59
C VAL J 165 11.94 -51.85 10.75
N VAL J 166 11.16 -52.16 11.78
CA VAL J 166 9.95 -51.42 12.11
C VAL J 166 10.29 -50.47 13.24
N LYS J 167 11.32 -50.85 14.02
CA LYS J 167 11.78 -50.05 15.14
C LYS J 167 12.35 -48.71 14.70
N TYR J 168 13.03 -48.67 13.57
CA TYR J 168 13.84 -47.53 13.22
C TYR J 168 13.09 -46.47 12.42
N GLN J 169 11.75 -46.54 12.40
CA GLN J 169 10.93 -45.62 11.64
C GLN J 169 10.01 -44.82 12.56
N VAL J 170 10.55 -44.35 13.68
CA VAL J 170 9.78 -43.63 14.68
C VAL J 170 10.34 -42.20 14.74
N ALA J 171 9.44 -41.25 15.01
CA ALA J 171 9.80 -39.83 15.02
C ALA J 171 10.34 -39.36 16.37
N SER J 172 9.65 -39.69 17.47
CA SER J 172 9.99 -39.13 18.77
C SER J 172 11.26 -39.73 19.36
N GLU J 173 11.64 -40.91 18.90
CA GLU J 173 12.91 -41.50 19.29
C GLU J 173 13.37 -42.35 18.10
N GLN J 174 14.27 -43.30 18.33
CA GLN J 174 14.51 -44.51 17.54
C GLN J 174 15.16 -44.24 16.20
N ALA J 175 15.62 -43.01 15.93
CA ALA J 175 16.31 -42.76 14.67
C ALA J 175 17.73 -43.33 14.68
N GLN J 176 18.22 -43.79 15.83
CA GLN J 176 19.39 -44.64 15.85
C GLN J 176 19.11 -45.95 15.12
N ARG J 177 20.14 -46.48 14.47
CA ARG J 177 20.01 -47.69 13.66
C ARG J 177 21.18 -48.61 13.95
N ASP J 178 20.98 -49.91 13.69
CA ASP J 178 22.02 -50.91 13.86
C ASP J 178 21.88 -51.91 12.71
N GLU J 179 22.84 -51.86 11.78
CA GLU J 179 22.76 -52.68 10.58
C GLU J 179 23.05 -54.14 10.88
N THR J 180 23.81 -54.40 11.95
CA THR J 180 24.06 -55.78 12.39
C THR J 180 22.76 -56.46 12.82
N ARG J 181 21.86 -55.67 13.42
CA ARG J 181 20.57 -56.18 13.84
C ARG J 181 19.72 -56.59 12.65
N LEU J 182 19.68 -55.76 11.61
CA LEU J 182 18.93 -56.12 10.42
C LEU J 182 19.55 -57.27 9.66
N MET J 183 20.88 -57.39 9.70
CA MET J 183 21.54 -58.52 9.04
C MET J 183 21.19 -59.83 9.73
N VAL J 184 21.20 -59.84 11.06
CA VAL J 184 20.84 -61.06 11.79
C VAL J 184 19.35 -61.35 11.66
N GLU J 185 18.50 -60.32 11.69
CA GLU J 185 17.07 -60.54 11.51
C GLU J 185 16.72 -60.97 10.09
N LYS J 186 17.56 -60.70 9.10
CA LYS J 186 17.41 -61.30 7.79
C LYS J 186 17.85 -62.75 7.78
N ALA J 187 19.00 -63.03 8.40
CA ALA J 187 19.56 -64.38 8.38
C ALA J 187 18.71 -65.38 9.17
N ILE J 188 18.03 -64.89 10.22
CA ILE J 188 17.09 -65.72 10.98
C ILE J 188 15.96 -66.18 10.10
N LEU J 189 15.34 -65.24 9.39
CA LEU J 189 14.20 -65.56 8.54
C LEU J 189 14.62 -66.40 7.35
N GLU J 190 15.88 -66.29 6.94
CA GLU J 190 16.39 -67.10 5.83
C GLU J 190 17.02 -68.41 6.27
N ASN J 191 17.15 -68.67 7.57
CA ASN J 191 17.78 -69.93 8.00
C ASN J 191 17.01 -70.71 9.06
N ALA J 192 16.09 -70.11 9.80
CA ALA J 192 15.37 -70.86 10.82
C ALA J 192 14.36 -71.80 10.18
N ASP J 193 14.16 -72.96 10.82
CA ASP J 193 13.18 -73.92 10.32
C ASP J 193 11.77 -73.40 10.44
N CYS J 194 11.50 -72.56 11.44
CA CYS J 194 10.21 -71.90 11.56
C CYS J 194 10.43 -70.60 12.31
N VAL J 195 9.61 -69.61 12.02
CA VAL J 195 9.72 -68.27 12.61
C VAL J 195 8.33 -67.90 13.12
N ILE J 196 8.21 -67.74 14.43
CA ILE J 196 6.90 -67.55 15.03
C ILE J 196 6.55 -66.08 15.02
N VAL J 197 5.56 -65.70 14.25
CA VAL J 197 5.04 -64.36 14.30
C VAL J 197 3.87 -64.36 15.25
N THR J 198 3.63 -63.21 15.86
CA THR J 198 2.61 -63.07 16.89
C THR J 198 1.39 -62.32 16.39
N SER J 199 1.41 -61.88 15.14
CA SER J 199 0.36 -61.08 14.55
C SER J 199 0.50 -61.16 13.04
N PRO J 200 -0.58 -60.93 12.28
CA PRO J 200 -0.42 -60.84 10.83
C PRO J 200 0.33 -59.59 10.39
N GLN J 201 0.34 -58.56 11.24
CA GLN J 201 1.10 -57.35 10.94
C GLN J 201 2.59 -57.64 10.95
N GLU J 202 3.05 -58.51 11.85
CA GLU J 202 4.46 -58.92 11.86
C GLU J 202 4.81 -59.68 10.60
N GLU J 203 3.87 -60.49 10.11
CA GLU J 203 4.08 -61.21 8.85
C GLU J 203 4.18 -60.26 7.68
N ALA J 204 3.34 -59.22 7.67
CA ALA J 204 3.41 -58.21 6.62
C ALA J 204 4.73 -57.44 6.68
N TYR J 205 5.19 -57.14 7.89
CA TYR J 205 6.44 -56.38 8.05
C TYR J 205 7.63 -57.21 7.59
N LEU J 206 7.65 -58.49 7.92
CA LEU J 206 8.73 -59.38 7.50
C LEU J 206 8.72 -59.56 5.99
N ARG J 207 7.54 -59.78 5.40
CA ARG J 207 7.50 -60.02 3.97
C ARG J 207 7.59 -58.75 3.15
N ARG J 208 7.57 -57.58 3.78
CA ARG J 208 7.81 -56.33 3.07
C ARG J 208 9.23 -55.81 3.23
N TRP J 209 9.81 -55.90 4.43
CA TRP J 209 11.03 -55.14 4.74
C TRP J 209 12.19 -56.01 5.22
N VAL J 210 12.04 -57.34 5.23
CA VAL J 210 13.15 -58.18 5.67
C VAL J 210 13.55 -59.15 4.59
N SER J 211 12.65 -60.08 4.25
CA SER J 211 13.00 -61.16 3.33
C SER J 211 11.71 -61.75 2.76
N LYS J 212 11.84 -62.87 2.06
CA LYS J 212 10.69 -63.52 1.45
C LYS J 212 10.76 -65.03 1.71
N ALA J 213 11.95 -65.53 2.01
CA ALA J 213 12.17 -66.95 2.18
C ALA J 213 11.88 -67.39 3.61
N GLY J 214 12.04 -68.68 3.85
CA GLY J 214 11.86 -69.24 5.17
C GLY J 214 10.41 -69.48 5.56
N GLN J 215 10.17 -70.57 6.29
CA GLN J 215 8.84 -70.90 6.76
C GLN J 215 8.40 -69.90 7.83
N THR J 216 7.12 -69.54 7.78
CA THR J 216 6.54 -68.64 8.74
C THR J 216 5.30 -69.29 9.34
N ARG J 217 4.87 -68.80 10.49
CA ARG J 217 3.76 -69.41 11.20
C ARG J 217 3.11 -68.40 12.13
N LEU J 218 1.78 -68.25 12.01
CA LEU J 218 1.02 -67.33 12.84
C LEU J 218 0.50 -68.03 14.08
N ILE J 219 1.08 -67.70 15.23
CA ILE J 219 0.56 -68.11 16.52
C ILE J 219 0.53 -66.88 17.42
N PRO J 220 -0.64 -66.38 17.78
CA PRO J 220 -0.71 -65.14 18.56
C PRO J 220 -0.30 -65.36 20.00
N CYS J 221 0.08 -64.27 20.65
CA CYS J 221 0.37 -64.34 22.07
C CYS J 221 -0.92 -64.40 22.86
N GLY J 222 -0.86 -65.07 24.01
CA GLY J 222 -2.02 -65.26 24.85
C GLY J 222 -1.77 -64.82 26.27
N THR J 223 -2.84 -64.84 27.06
CA THR J 223 -2.79 -64.46 28.46
C THR J 223 -3.54 -65.50 29.28
N ASN J 224 -3.38 -65.42 30.59
CA ASN J 224 -4.00 -66.38 31.50
C ASN J 224 -5.28 -65.78 32.05
N LEU J 225 -6.40 -66.46 31.82
CA LEU J 225 -7.68 -66.00 32.32
C LEU J 225 -7.88 -66.35 33.78
N LYS J 226 -7.09 -67.26 34.33
CA LYS J 226 -7.10 -67.55 35.76
C LYS J 226 -6.34 -66.50 36.55
N LEU J 227 -5.58 -65.65 35.88
CA LEU J 227 -4.91 -64.52 36.51
C LEU J 227 -5.45 -63.17 36.08
N PHE J 228 -6.26 -63.12 35.01
CA PHE J 228 -6.80 -61.88 34.47
C PHE J 228 -8.31 -62.06 34.29
N TYR J 229 -9.07 -61.70 35.32
CA TYR J 229 -10.51 -61.79 35.35
C TYR J 229 -11.05 -60.56 36.04
N PRO J 230 -12.31 -60.19 35.79
CA PRO J 230 -12.89 -59.03 36.48
C PRO J 230 -13.08 -59.28 37.96
N VAL J 231 -12.66 -58.31 38.77
CA VAL J 231 -12.59 -58.49 40.22
C VAL J 231 -13.93 -58.15 40.88
N ALA J 232 -14.55 -57.04 40.44
CA ALA J 232 -15.83 -56.47 40.87
C ALA J 232 -15.80 -55.88 42.27
N ASP J 233 -14.68 -56.02 42.98
CA ASP J 233 -14.39 -55.28 44.19
C ASP J 233 -13.03 -54.60 44.09
N ALA J 234 -12.60 -54.32 42.85
CA ALA J 234 -11.28 -53.76 42.64
C ALA J 234 -11.22 -52.29 43.02
N ARG J 235 -12.36 -51.60 42.99
CA ARG J 235 -12.41 -50.26 43.54
C ARG J 235 -12.28 -50.28 45.05
N ALA J 236 -12.71 -51.38 45.69
CA ALA J 236 -12.67 -51.47 47.14
C ALA J 236 -11.26 -51.73 47.64
N GLN J 237 -10.52 -52.61 46.95
CA GLN J 237 -9.20 -53.00 47.42
C GLN J 237 -8.17 -51.89 47.28
N LEU J 238 -8.37 -50.95 46.37
CA LEU J 238 -7.39 -49.92 46.11
C LEU J 238 -7.74 -48.59 46.76
N ASN J 239 -8.86 -48.54 47.50
CA ASN J 239 -9.34 -47.35 48.23
C ASN J 239 -9.52 -46.16 47.30
N LEU J 240 -10.44 -46.33 46.36
CA LEU J 240 -10.74 -45.35 45.33
C LEU J 240 -12.24 -45.08 45.31
N PRO J 241 -12.66 -43.84 45.11
CA PRO J 241 -14.09 -43.55 44.99
C PRO J 241 -14.64 -44.03 43.65
N ALA J 242 -15.88 -44.49 43.68
CA ALA J 242 -16.46 -45.14 42.51
C ALA J 242 -16.81 -44.15 41.41
N ASP J 243 -17.17 -42.94 41.77
CA ASP J 243 -17.57 -41.94 40.80
C ASP J 243 -16.40 -41.15 40.23
N GLU J 244 -15.17 -41.49 40.61
CA GLU J 244 -14.00 -40.82 40.07
C GLU J 244 -13.50 -41.59 38.87
N PRO J 245 -13.41 -40.98 37.69
CA PRO J 245 -12.91 -41.70 36.52
C PRO J 245 -11.41 -41.98 36.62
N ILE J 246 -11.01 -43.13 36.09
CA ILE J 246 -9.65 -43.65 36.22
C ILE J 246 -9.13 -44.01 34.85
N VAL J 247 -7.95 -43.51 34.50
CA VAL J 247 -7.26 -43.84 33.26
C VAL J 247 -5.97 -44.55 33.62
N LEU J 248 -5.80 -45.76 33.08
CA LEU J 248 -4.70 -46.64 33.46
C LEU J 248 -3.71 -46.81 32.32
N TYR J 249 -2.42 -46.81 32.67
CA TYR J 249 -1.35 -47.25 31.78
C TYR J 249 -0.50 -48.27 32.53
N VAL J 250 -0.48 -49.50 32.06
CA VAL J 250 0.41 -50.53 32.55
C VAL J 250 1.49 -50.78 31.52
N GLY J 251 2.74 -50.74 31.95
CA GLY J 251 3.84 -51.00 31.07
C GLY J 251 5.10 -50.38 31.61
N ARG J 252 6.15 -50.42 30.81
CA ARG J 252 7.43 -49.89 31.23
C ARG J 252 7.49 -48.39 31.00
N PHE J 253 8.57 -47.79 31.49
CA PHE J 253 8.89 -46.40 31.15
C PHE J 253 9.90 -46.44 30.01
N ASP J 254 9.39 -46.39 28.78
CA ASP J 254 10.23 -46.37 27.60
C ASP J 254 9.71 -45.27 26.68
N ARG J 255 10.62 -44.68 25.90
CA ARG J 255 10.26 -43.53 25.09
C ARG J 255 9.38 -43.90 23.91
N ARG J 256 9.32 -45.17 23.54
CA ARG J 256 8.45 -45.63 22.49
C ARG J 256 7.02 -45.87 22.98
N LYS J 257 6.78 -45.72 24.27
CA LYS J 257 5.47 -46.01 24.85
C LYS J 257 4.55 -44.81 24.86
N GLY J 258 5.07 -43.62 24.56
CA GLY J 258 4.24 -42.43 24.39
C GLY J 258 3.54 -41.96 25.63
N ILE J 259 4.21 -42.04 26.79
CA ILE J 259 3.59 -41.61 28.04
C ILE J 259 3.42 -40.09 28.04
N GLU J 260 4.33 -39.39 27.34
CA GLU J 260 4.23 -37.95 27.13
C GLU J 260 2.93 -37.57 26.44
N THR J 261 2.55 -38.35 25.42
CA THR J 261 1.32 -38.11 24.69
C THR J 261 0.11 -38.38 25.58
N LEU J 262 0.21 -39.35 26.48
CA LEU J 262 -0.89 -39.61 27.40
C LEU J 262 -1.03 -38.50 28.43
N VAL J 263 0.09 -37.92 28.87
CA VAL J 263 0.06 -36.80 29.80
C VAL J 263 -0.56 -35.58 29.12
N ALA J 264 -0.16 -35.33 27.87
CA ALA J 264 -0.72 -34.21 27.11
C ALA J 264 -2.19 -34.42 26.80
N ALA J 265 -2.62 -35.68 26.69
CA ALA J 265 -4.05 -35.96 26.55
C ALA J 265 -4.79 -35.73 27.85
N MET J 266 -4.18 -36.08 28.98
CA MET J 266 -4.77 -35.81 30.28
C MET J 266 -4.84 -34.33 30.60
N ALA J 267 -4.01 -33.52 29.94
CA ALA J 267 -4.08 -32.07 30.12
C ALA J 267 -5.37 -31.50 29.51
N GLN J 268 -5.93 -32.16 28.50
CA GLN J 268 -7.18 -31.76 27.89
C GLN J 268 -8.40 -32.42 28.52
N ILE J 269 -8.29 -32.86 29.77
CA ILE J 269 -9.34 -33.62 30.44
C ILE J 269 -9.68 -32.93 31.77
N PRO J 270 -10.96 -32.67 32.04
CA PRO J 270 -11.32 -31.93 33.27
C PRO J 270 -11.07 -32.67 34.58
N GLN J 271 -11.55 -33.90 34.70
CA GLN J 271 -11.45 -34.63 35.95
C GLN J 271 -11.08 -36.08 35.71
N GLY J 272 -10.37 -36.67 36.67
CA GLY J 272 -9.92 -38.05 36.57
C GLY J 272 -8.43 -38.21 36.73
N GLN J 273 -8.00 -39.23 37.46
CA GLN J 273 -6.57 -39.42 37.66
C GLN J 273 -5.93 -40.11 36.46
N LEU J 274 -4.60 -40.12 36.48
CA LEU J 274 -3.80 -40.88 35.53
C LEU J 274 -2.89 -41.79 36.33
N LEU J 275 -3.15 -43.10 36.26
CA LEU J 275 -2.31 -44.07 36.95
C LEU J 275 -1.23 -44.58 36.01
N LEU J 276 0.03 -44.46 36.43
CA LEU J 276 1.14 -45.03 35.67
C LEU J 276 1.69 -46.19 36.49
N VAL J 277 1.53 -47.40 35.96
CA VAL J 277 1.96 -48.62 36.64
C VAL J 277 3.20 -49.12 35.92
N GLY J 278 4.36 -48.95 36.55
CA GLY J 278 5.60 -49.40 35.96
C GLY J 278 6.74 -49.20 36.93
N GLY J 279 7.71 -50.11 36.87
CA GLY J 279 8.87 -50.03 37.73
C GLY J 279 10.13 -49.68 36.96
N SER J 280 11.16 -49.20 37.65
CA SER J 280 12.37 -48.74 36.99
C SER J 280 13.51 -48.70 37.99
N ASP J 281 14.73 -48.73 37.46
CA ASP J 281 15.95 -48.50 38.22
C ASP J 281 16.57 -47.19 37.79
N PRO J 282 16.82 -46.25 38.71
CA PRO J 282 17.31 -44.92 38.31
C PRO J 282 18.75 -44.90 37.85
N GLN J 283 19.49 -46.00 37.95
CA GLN J 283 20.88 -46.02 37.52
C GLN J 283 21.00 -46.10 36.00
N ARG J 284 20.05 -46.73 35.32
CA ARG J 284 20.18 -47.05 33.91
C ARG J 284 19.23 -46.20 33.08
N SER J 285 19.20 -46.52 31.79
CA SER J 285 18.54 -45.69 30.80
C SER J 285 17.03 -45.61 31.01
N ASP J 286 16.36 -46.77 31.02
CA ASP J 286 14.92 -46.83 31.27
C ASP J 286 14.67 -46.68 32.77
N GLY J 287 14.93 -45.47 33.26
CA GLY J 287 14.88 -45.15 34.67
C GLY J 287 14.40 -43.74 34.84
N ALA J 288 15.16 -42.93 35.60
CA ALA J 288 14.84 -41.53 35.78
C ALA J 288 14.97 -40.74 34.49
N GLU J 289 15.80 -41.22 33.56
CA GLU J 289 15.89 -40.61 32.23
C GLU J 289 14.57 -40.76 31.49
N ARG J 290 14.04 -41.98 31.47
CA ARG J 290 12.72 -42.18 30.89
C ARG J 290 11.59 -41.83 31.85
N ARG J 291 11.90 -41.52 33.11
CA ARG J 291 10.94 -40.85 34.00
C ARG J 291 11.16 -39.35 34.04
N ARG J 292 11.47 -38.76 32.89
CA ARG J 292 11.28 -37.34 32.62
C ARG J 292 9.80 -36.97 32.54
N ILE J 293 8.92 -37.96 32.50
CA ILE J 293 7.47 -37.77 32.52
C ILE J 293 7.05 -37.00 33.77
N GLU J 294 7.70 -37.30 34.91
CA GLU J 294 7.51 -36.52 36.13
C GLU J 294 7.89 -35.07 35.91
N GLY J 295 9.00 -34.83 35.21
CA GLY J 295 9.36 -33.49 34.77
C GLY J 295 8.38 -32.90 33.77
N LEU J 296 7.62 -33.75 33.09
CA LEU J 296 6.50 -33.29 32.29
C LEU J 296 5.24 -33.12 33.12
N VAL J 297 5.10 -33.86 34.22
CA VAL J 297 3.91 -33.74 35.06
C VAL J 297 3.91 -32.40 35.78
N GLN J 298 5.04 -32.07 36.42
CA GLN J 298 5.13 -30.84 37.18
C GLN J 298 5.13 -29.62 36.27
N GLU J 299 5.67 -29.76 35.07
CA GLU J 299 5.65 -28.67 34.10
C GLU J 299 4.23 -28.39 33.60
N TYR J 300 3.41 -29.42 33.48
CA TYR J 300 2.07 -29.26 32.93
C TYR J 300 1.02 -29.07 34.02
N ASN J 301 1.44 -28.92 35.28
CA ASN J 301 0.57 -28.72 36.45
C ASN J 301 -0.44 -29.85 36.61
N LEU J 302 0.09 -31.07 36.72
CA LEU J 302 -0.75 -32.25 36.83
C LEU J 302 -0.38 -33.17 37.99
N GLY J 303 0.35 -32.68 38.99
CA GLY J 303 0.68 -33.53 40.12
C GLY J 303 -0.50 -33.78 41.05
N ASP J 304 -1.56 -33.00 40.90
CA ASP J 304 -2.77 -33.19 41.70
C ASP J 304 -3.50 -34.47 41.30
N ARG J 305 -3.36 -34.91 40.04
CA ARG J 305 -4.14 -36.04 39.56
C ARG J 305 -3.33 -37.00 38.68
N VAL J 306 -2.04 -37.16 38.97
CA VAL J 306 -1.23 -38.20 38.33
C VAL J 306 -0.52 -38.98 39.44
N THR J 307 -0.69 -40.30 39.42
CA THR J 307 -0.11 -41.16 40.44
C THR J 307 0.82 -42.17 39.79
N PHE J 308 2.07 -42.18 40.23
CA PHE J 308 3.04 -43.20 39.81
C PHE J 308 2.91 -44.33 40.81
N VAL J 309 2.22 -45.41 40.42
CA VAL J 309 1.93 -46.49 41.36
C VAL J 309 3.16 -47.36 41.59
N GLY J 310 4.07 -47.44 40.63
CA GLY J 310 5.27 -48.22 40.82
C GLY J 310 5.18 -49.55 40.10
N GLN J 311 5.92 -50.53 40.61
CA GLN J 311 5.85 -51.88 40.07
C GLN J 311 4.82 -52.67 40.87
N ILE J 312 3.69 -52.95 40.24
CA ILE J 312 2.68 -53.84 40.77
C ILE J 312 3.00 -55.23 40.23
N ASP J 313 2.86 -56.25 41.07
CA ASP J 313 3.12 -57.63 40.65
C ASP J 313 2.17 -58.04 39.55
N HIS J 314 2.62 -59.01 38.74
CA HIS J 314 1.85 -59.46 37.58
C HIS J 314 0.54 -60.10 38.01
N GLU J 315 0.60 -61.00 38.97
CA GLU J 315 -0.56 -61.76 39.43
C GLU J 315 -1.50 -60.93 40.32
N TYR J 316 -1.35 -59.62 40.31
CA TYR J 316 -2.18 -58.73 41.09
C TYR J 316 -2.74 -57.64 40.19
N LEU J 317 -2.16 -57.50 38.98
CA LEU J 317 -2.54 -56.40 38.08
C LEU J 317 -3.99 -56.45 37.63
N ALA J 318 -4.63 -57.62 37.72
CA ALA J 318 -6.04 -57.74 37.40
C ALA J 318 -6.93 -56.91 38.32
N VAL J 319 -6.43 -56.52 39.48
CA VAL J 319 -7.15 -55.52 40.27
C VAL J 319 -7.08 -54.16 39.60
N TYR J 320 -5.87 -53.72 39.23
CA TYR J 320 -5.70 -52.40 38.63
C TYR J 320 -6.36 -52.27 37.27
N TYR J 321 -6.42 -53.35 36.50
CA TYR J 321 -7.19 -53.30 35.27
C TYR J 321 -8.68 -53.22 35.57
N SER J 322 -9.14 -53.90 36.62
CA SER J 322 -10.58 -53.94 36.86
C SER J 322 -11.09 -52.72 37.59
N ALA J 323 -10.26 -52.08 38.41
CA ALA J 323 -10.65 -50.82 39.02
C ALA J 323 -10.63 -49.67 38.05
N ALA J 324 -9.92 -49.81 36.93
CA ALA J 324 -9.81 -48.74 35.96
C ALA J 324 -11.08 -48.65 35.12
N ASN J 325 -11.15 -47.58 34.33
CA ASN J 325 -12.22 -47.41 33.37
C ASN J 325 -11.74 -47.49 31.94
N VAL J 326 -10.46 -47.22 31.69
CA VAL J 326 -9.85 -47.43 30.39
C VAL J 326 -8.36 -47.68 30.55
N CYS J 327 -7.88 -48.74 29.90
CA CYS J 327 -6.44 -48.92 29.74
C CYS J 327 -6.01 -48.29 28.42
N VAL J 328 -4.99 -47.45 28.50
CA VAL J 328 -4.50 -46.72 27.34
C VAL J 328 -3.12 -47.23 27.01
N VAL J 329 -2.91 -47.58 25.75
CA VAL J 329 -1.58 -47.94 25.26
C VAL J 329 -1.19 -46.91 24.22
N PRO J 330 -0.61 -45.78 24.63
CA PRO J 330 -0.29 -44.73 23.65
C PRO J 330 1.07 -44.93 23.02
N SER J 331 1.39 -46.15 22.63
CA SER J 331 2.75 -46.46 22.22
C SER J 331 3.02 -45.95 20.81
N TYR J 332 4.26 -46.14 20.38
CA TYR J 332 4.67 -45.74 19.05
C TYR J 332 4.92 -46.92 18.14
N TYR J 333 5.18 -48.11 18.71
CA TYR J 333 5.02 -49.38 18.00
C TYR J 333 4.87 -50.47 19.05
N GLU J 334 3.91 -51.36 18.85
CA GLU J 334 3.71 -52.54 19.69
C GLU J 334 3.58 -53.77 18.82
N PRO J 335 4.61 -54.59 18.72
CA PRO J 335 4.44 -55.90 18.12
C PRO J 335 3.69 -56.83 19.06
N PHE J 336 2.35 -56.75 19.02
CA PHE J 336 1.41 -57.38 19.95
C PHE J 336 1.61 -56.88 21.37
N GLY J 337 1.18 -55.65 21.64
CA GLY J 337 1.11 -55.17 23.01
C GLY J 337 0.24 -56.08 23.88
N LEU J 338 0.75 -56.48 25.04
CA LEU J 338 0.16 -57.53 25.85
C LEU J 338 -0.79 -57.01 26.91
N VAL J 339 -0.59 -55.76 27.35
CA VAL J 339 -1.48 -55.17 28.34
C VAL J 339 -2.87 -54.95 27.79
N ALA J 340 -3.01 -54.88 26.46
CA ALA J 340 -4.32 -54.76 25.83
C ALA J 340 -5.15 -56.01 26.06
N ILE J 341 -4.59 -57.18 25.80
CA ILE J 341 -5.37 -58.40 25.98
C ILE J 341 -5.51 -58.70 27.47
N GLU J 342 -4.55 -58.27 28.28
CA GLU J 342 -4.71 -58.37 29.73
C GLU J 342 -5.87 -57.53 30.22
N ALA J 343 -5.99 -56.31 29.70
CA ALA J 343 -7.04 -55.40 30.11
C ALA J 343 -8.40 -55.90 29.63
N MET J 344 -8.46 -56.37 28.40
CA MET J 344 -9.73 -56.87 27.87
C MET J 344 -10.16 -58.13 28.60
N ALA J 345 -9.21 -59.00 28.97
CA ALA J 345 -9.53 -60.16 29.78
C ALA J 345 -10.03 -59.76 31.16
N CYS J 346 -9.54 -58.64 31.68
CA CYS J 346 -10.13 -58.17 32.92
C CYS J 346 -11.42 -57.42 32.70
N GLY J 347 -11.96 -57.32 31.49
CA GLY J 347 -13.20 -56.61 31.27
C GLY J 347 -13.01 -55.11 31.33
N THR J 348 -12.19 -54.58 30.42
CA THR J 348 -11.83 -53.18 30.43
C THR J 348 -11.57 -52.78 28.99
N PRO J 349 -12.13 -51.68 28.51
CA PRO J 349 -11.83 -51.21 27.16
C PRO J 349 -10.42 -50.66 27.06
N VAL J 350 -9.89 -50.68 25.84
CA VAL J 350 -8.52 -50.29 25.55
C VAL J 350 -8.54 -49.18 24.50
N ILE J 351 -7.95 -48.04 24.84
CA ILE J 351 -7.64 -47.02 23.85
C ILE J 351 -6.17 -47.18 23.52
N ALA J 352 -5.88 -47.66 22.33
CA ALA J 352 -4.52 -47.94 21.93
C ALA J 352 -4.16 -47.13 20.69
N SER J 353 -2.88 -47.03 20.45
CA SER J 353 -2.41 -46.46 19.20
C SER J 353 -2.52 -47.51 18.10
N ALA J 354 -2.90 -47.07 16.90
CA ALA J 354 -3.05 -47.96 15.76
C ALA J 354 -1.67 -48.15 15.13
N VAL J 355 -0.88 -49.06 15.71
CA VAL J 355 0.50 -49.22 15.27
C VAL J 355 0.84 -50.63 14.79
N GLY J 356 0.93 -51.59 15.70
CA GLY J 356 1.45 -52.89 15.34
C GLY J 356 0.45 -54.01 15.52
N GLY J 357 0.66 -54.84 16.54
CA GLY J 357 -0.31 -55.85 16.90
C GLY J 357 -1.53 -55.33 17.61
N LEU J 358 -1.51 -54.06 18.03
CA LEU J 358 -2.68 -53.45 18.67
C LEU J 358 -3.84 -53.31 17.70
N GLN J 359 -3.54 -53.18 16.41
CA GLN J 359 -4.58 -53.20 15.38
C GLN J 359 -5.23 -54.57 15.26
N PHE J 360 -4.55 -55.63 15.70
CA PHE J 360 -5.05 -56.99 15.62
C PHE J 360 -5.80 -57.41 16.86
N THR J 361 -5.38 -56.94 18.03
CA THR J 361 -6.06 -57.29 19.27
C THR J 361 -7.39 -56.56 19.37
N VAL J 362 -7.33 -55.24 19.42
CA VAL J 362 -8.50 -54.43 19.72
C VAL J 362 -9.25 -54.11 18.44
N ILE J 363 -10.51 -54.48 18.38
CA ILE J 363 -11.39 -54.12 17.28
C ILE J 363 -11.94 -52.73 17.56
N PRO J 364 -11.79 -51.77 16.63
CA PRO J 364 -11.90 -50.36 17.03
C PRO J 364 -13.30 -49.88 17.37
N GLU J 365 -14.34 -50.63 17.01
CA GLU J 365 -15.69 -50.23 17.36
C GLU J 365 -16.44 -51.33 18.11
N GLU J 366 -15.75 -52.44 18.37
CA GLU J 366 -16.37 -53.62 19.00
C GLU J 366 -15.81 -53.86 20.40
N THR J 367 -14.52 -53.61 20.61
CA THR J 367 -13.84 -53.91 21.86
C THR J 367 -13.24 -52.70 22.54
N GLY J 368 -12.63 -51.79 21.79
CA GLY J 368 -12.07 -50.60 22.37
C GLY J 368 -12.05 -49.43 21.40
N LEU J 369 -10.92 -48.73 21.32
CA LEU J 369 -10.77 -47.58 20.44
C LEU J 369 -9.35 -47.56 19.90
N LEU J 370 -9.20 -47.12 18.63
CA LEU J 370 -7.89 -46.97 18.01
C LEU J 370 -7.71 -45.54 17.53
N VAL J 371 -6.60 -44.93 17.92
CA VAL J 371 -6.26 -43.56 17.58
C VAL J 371 -4.93 -43.55 16.83
N PRO J 372 -4.65 -42.55 16.01
CA PRO J 372 -3.31 -42.41 15.43
C PRO J 372 -2.30 -42.09 16.50
N PRO J 373 -1.01 -42.46 16.30
CA PRO J 373 -0.04 -42.43 17.39
C PRO J 373 0.29 -41.08 18.03
N GLN J 374 0.91 -40.17 17.27
CA GLN J 374 1.50 -38.99 17.90
C GLN J 374 0.59 -37.78 17.77
N ASP J 375 -0.59 -37.89 18.37
CA ASP J 375 -1.43 -36.71 18.61
C ASP J 375 -2.26 -36.97 19.85
N ALA J 376 -2.09 -36.13 20.86
CA ALA J 376 -2.82 -36.27 22.11
C ALA J 376 -4.25 -35.76 22.00
N ASN J 377 -4.58 -35.05 20.92
CA ASN J 377 -5.90 -34.46 20.79
C ASN J 377 -6.95 -35.53 20.52
N ALA J 378 -6.69 -36.38 19.53
CA ALA J 378 -7.60 -37.49 19.24
C ALA J 378 -7.60 -38.51 20.37
N LEU J 379 -6.47 -38.64 21.06
CA LEU J 379 -6.36 -39.52 22.22
C LEU J 379 -7.27 -39.04 23.34
N ALA J 380 -7.22 -37.75 23.65
CA ALA J 380 -8.07 -37.19 24.70
C ALA J 380 -9.53 -37.19 24.30
N ASN J 381 -9.81 -36.99 23.00
CA ASN J 381 -11.18 -37.08 22.52
C ASN J 381 -11.73 -38.50 22.68
N ALA J 382 -10.89 -39.50 22.41
CA ALA J 382 -11.31 -40.89 22.59
C ALA J 382 -11.48 -41.23 24.06
N ILE J 383 -10.69 -40.61 24.93
CA ILE J 383 -10.88 -40.81 26.37
C ILE J 383 -12.20 -40.19 26.82
N GLN J 384 -12.52 -38.98 26.34
CA GLN J 384 -13.73 -38.30 26.76
C GLN J 384 -14.98 -38.99 26.22
N ARG J 385 -14.87 -39.63 25.05
CA ARG J 385 -16.00 -40.35 24.47
C ARG J 385 -16.49 -41.48 25.36
N ILE J 386 -15.57 -42.17 26.04
CA ILE J 386 -15.98 -43.26 26.92
C ILE J 386 -16.02 -42.84 28.37
N LEU J 387 -15.55 -41.65 28.71
CA LEU J 387 -15.89 -41.10 30.02
C LEU J 387 -17.30 -40.54 30.01
N ALA J 388 -17.83 -40.23 28.82
CA ALA J 388 -19.21 -39.77 28.71
C ALA J 388 -20.19 -40.90 29.00
N ASP J 389 -20.03 -42.03 28.32
CA ASP J 389 -20.96 -43.14 28.49
C ASP J 389 -20.26 -44.28 29.23
N PRO J 390 -20.66 -44.58 30.46
CA PRO J 390 -20.00 -45.66 31.20
C PRO J 390 -20.38 -47.06 30.75
N ALA J 391 -21.68 -47.26 30.51
CA ALA J 391 -22.19 -48.59 30.17
C ALA J 391 -21.71 -49.05 28.80
N TRP J 392 -21.47 -48.11 27.88
CA TRP J 392 -20.89 -48.47 26.60
C TRP J 392 -19.47 -48.98 26.77
N ALA J 393 -18.70 -48.38 27.67
CA ALA J 393 -17.38 -48.89 27.98
C ALA J 393 -17.43 -50.23 28.68
N ARG J 394 -18.44 -50.46 29.52
CA ARG J 394 -18.58 -51.76 30.17
C ARG J 394 -18.93 -52.87 29.18
N THR J 395 -19.79 -52.57 28.21
CA THR J 395 -20.08 -53.61 27.23
C THR J 395 -18.97 -53.78 26.19
N LEU J 396 -18.20 -52.72 25.91
CA LEU J 396 -16.97 -52.88 25.12
C LEU J 396 -15.98 -53.78 25.85
N GLY J 397 -15.89 -53.62 27.17
CA GLY J 397 -15.04 -54.46 27.98
C GLY J 397 -15.45 -55.91 28.00
N LYS J 398 -16.75 -56.19 28.15
CA LYS J 398 -17.16 -57.59 28.16
C LYS J 398 -17.06 -58.21 26.78
N ASN J 399 -17.22 -57.42 25.72
CA ASN J 399 -17.00 -57.96 24.39
C ASN J 399 -15.51 -58.21 24.15
N GLY J 400 -14.64 -57.39 24.73
CA GLY J 400 -13.22 -57.65 24.68
C GLY J 400 -12.83 -58.89 25.45
N ARG J 401 -13.50 -59.14 26.56
CA ARG J 401 -13.27 -60.38 27.31
C ARG J 401 -13.68 -61.59 26.51
N GLU J 402 -14.82 -61.52 25.83
CA GLU J 402 -15.23 -62.61 24.95
C GLU J 402 -14.27 -62.80 23.79
N ARG J 403 -13.67 -61.70 23.30
CA ARG J 403 -12.68 -61.82 22.22
C ARG J 403 -11.38 -62.45 22.72
N VAL J 404 -10.96 -62.12 23.93
CA VAL J 404 -9.76 -62.71 24.52
C VAL J 404 -9.99 -64.20 24.76
N GLN J 405 -11.17 -64.55 25.27
CA GLN J 405 -11.55 -65.94 25.44
C GLN J 405 -11.64 -66.67 24.10
N ALA J 406 -11.96 -65.95 23.03
CA ALA J 406 -12.03 -66.58 21.72
C ALA J 406 -10.65 -66.83 21.14
N LEU J 407 -9.82 -65.78 21.05
CA LEU J 407 -8.61 -65.82 20.26
C LEU J 407 -7.32 -65.76 21.04
N PHE J 408 -7.32 -65.30 22.28
CA PHE J 408 -6.07 -65.02 22.98
C PHE J 408 -6.07 -65.67 24.35
N ASN J 409 -6.46 -66.94 24.41
CA ASN J 409 -6.46 -67.71 25.64
C ASN J 409 -5.27 -68.65 25.62
N TRP J 410 -4.39 -68.52 26.63
CA TRP J 410 -3.13 -69.26 26.61
C TRP J 410 -3.31 -70.76 26.81
N GLU J 411 -4.43 -71.20 27.35
CA GLU J 411 -4.63 -72.63 27.53
C GLU J 411 -4.85 -73.34 26.19
N ALA J 412 -5.25 -72.60 25.16
CA ALA J 412 -5.36 -73.17 23.83
C ALA J 412 -4.11 -72.90 23.01
N ILE J 413 -3.49 -71.73 23.20
CA ILE J 413 -2.29 -71.37 22.46
C ILE J 413 -1.13 -72.26 22.86
N ALA J 414 -1.11 -72.73 24.10
CA ALA J 414 -0.12 -73.70 24.53
C ALA J 414 -0.27 -75.02 23.80
N LEU J 415 -1.51 -75.45 23.57
CA LEU J 415 -1.76 -76.67 22.81
C LEU J 415 -1.32 -76.52 21.36
N GLN J 416 -1.53 -75.33 20.80
CA GLN J 416 -1.11 -75.09 19.42
C GLN J 416 0.41 -75.05 19.28
N MET J 417 1.10 -74.42 20.25
CA MET J 417 2.56 -74.45 20.28
C MET J 417 3.08 -75.87 20.45
N GLY J 418 2.38 -76.67 21.24
CA GLY J 418 2.79 -78.06 21.44
C GLY J 418 2.65 -78.89 20.18
N GLN J 419 1.56 -78.71 19.44
CA GLN J 419 1.39 -79.42 18.18
C GLN J 419 2.41 -78.97 17.15
N LEU J 420 2.79 -77.69 17.20
CA LEU J 420 3.88 -77.20 16.37
C LEU J 420 5.19 -77.90 16.68
N TYR J 421 5.52 -78.03 17.97
CA TYR J 421 6.76 -78.71 18.33
C TYR J 421 6.72 -80.19 18.00
N ARG J 422 5.53 -80.78 18.06
CA ARG J 422 5.41 -82.22 17.75
C ARG J 422 5.56 -82.45 16.24
N GLN J 423 5.04 -81.55 15.40
CA GLN J 423 5.22 -81.75 13.98
C GLN J 423 6.61 -81.34 13.51
N LEU J 424 7.31 -80.47 14.24
CA LEU J 424 8.70 -80.20 13.90
C LEU J 424 9.61 -81.31 14.38
N PHE J 425 9.25 -81.96 15.50
CA PHE J 425 9.98 -83.14 15.92
C PHE J 425 9.64 -84.34 15.04
N ALA J 426 8.52 -84.28 14.30
CA ALA J 426 8.24 -85.31 13.31
C ALA J 426 9.28 -85.29 12.19
N ALA J 427 9.80 -84.11 11.85
CA ALA J 427 11.01 -84.03 11.06
C ALA J 427 12.16 -84.55 11.92
N SER J 428 12.77 -85.66 11.50
CA SER J 428 13.55 -86.49 12.39
C SER J 428 14.84 -85.81 12.84
N LEU J 429 15.19 -86.04 14.10
CA LEU J 429 16.40 -85.45 14.69
C LEU J 429 17.64 -86.23 14.29
N ARG K 30 -11.62 79.07 -23.86
CA ARG K 30 -11.78 78.16 -22.74
C ARG K 30 -12.68 76.99 -23.09
N GLN K 31 -13.29 77.04 -24.27
CA GLN K 31 -14.33 76.08 -24.63
C GLN K 31 -13.73 74.73 -24.95
N PRO K 32 -14.11 73.66 -24.25
CA PRO K 32 -13.45 72.37 -24.42
C PRO K 32 -14.11 71.52 -25.49
N ILE K 33 -13.33 70.55 -25.97
CA ILE K 33 -13.76 69.63 -27.03
C ILE K 33 -13.25 68.24 -26.68
N ALA K 34 -14.10 67.25 -26.84
CA ALA K 34 -13.71 65.86 -26.64
C ALA K 34 -13.49 65.20 -27.99
N LEU K 35 -12.38 64.48 -28.11
CA LEU K 35 -12.11 63.59 -29.24
C LEU K 35 -12.10 62.17 -28.70
N ILE K 36 -12.99 61.33 -29.21
CA ILE K 36 -13.10 59.97 -28.72
C ILE K 36 -12.58 59.02 -29.80
N SER K 37 -11.61 58.19 -29.44
CA SER K 37 -11.00 57.19 -30.32
C SER K 37 -10.58 56.02 -29.44
N VAL K 38 -11.47 55.04 -29.31
CA VAL K 38 -11.30 54.08 -28.22
C VAL K 38 -10.33 52.98 -28.59
N HIS K 39 -10.04 52.79 -29.87
CA HIS K 39 -9.16 51.70 -30.26
C HIS K 39 -7.84 52.18 -30.81
N GLY K 40 -7.74 53.46 -31.17
CA GLY K 40 -6.50 54.02 -31.62
C GLY K 40 -5.98 55.06 -30.66
N ASP K 41 -4.89 54.75 -29.97
CA ASP K 41 -4.21 55.66 -29.07
C ASP K 41 -3.50 56.72 -29.91
N PRO K 42 -3.90 57.98 -29.82
CA PRO K 42 -3.26 59.01 -30.65
C PRO K 42 -1.85 59.35 -30.23
N ALA K 43 -1.46 59.02 -29.01
CA ALA K 43 -0.08 59.19 -28.59
C ALA K 43 0.82 58.07 -29.05
N ALA K 44 0.26 56.99 -29.59
CA ALA K 44 1.06 55.83 -29.95
C ALA K 44 1.75 56.06 -31.28
N ASP K 45 2.88 55.37 -31.44
CA ASP K 45 3.64 55.40 -32.69
C ASP K 45 2.92 54.53 -33.73
N VAL K 46 2.57 55.14 -34.86
CA VAL K 46 1.76 54.46 -35.85
C VAL K 46 2.62 53.48 -36.64
N GLY K 47 1.96 52.51 -37.26
CA GLY K 47 2.66 51.57 -38.11
C GLY K 47 2.44 50.11 -37.79
N HIS K 48 1.38 49.80 -37.06
CA HIS K 48 1.01 48.42 -36.75
C HIS K 48 -0.49 48.38 -36.48
N GLU K 49 -0.95 47.27 -35.90
CA GLU K 49 -2.38 47.04 -35.71
C GLU K 49 -2.95 48.01 -34.69
N SER K 50 -4.11 48.59 -35.05
CA SER K 50 -4.81 49.68 -34.35
C SER K 50 -3.96 50.94 -34.24
N ALA K 51 -2.93 51.06 -35.07
CA ALA K 51 -2.05 52.22 -35.12
C ALA K 51 -1.96 52.63 -36.58
N GLY K 52 -2.91 53.41 -37.03
CA GLY K 52 -2.98 53.78 -38.44
C GLY K 52 -3.32 55.22 -38.69
N GLY K 53 -4.15 55.47 -39.71
CA GLY K 53 -4.41 56.84 -40.13
C GLY K 53 -5.37 57.56 -39.21
N GLN K 54 -6.21 56.82 -38.50
CA GLN K 54 -7.11 57.42 -37.50
C GLN K 54 -6.33 58.08 -36.37
N ASN K 55 -5.24 57.46 -35.95
CA ASN K 55 -4.35 58.01 -34.94
C ASN K 55 -3.77 59.34 -35.37
N ILE K 56 -3.19 59.37 -36.57
CA ILE K 56 -2.63 60.59 -37.14
C ILE K 56 -3.70 61.66 -37.29
N TYR K 57 -4.89 61.23 -37.74
CA TYR K 57 -6.03 62.12 -37.95
C TYR K 57 -6.40 62.85 -36.67
N VAL K 58 -6.68 62.09 -35.60
CA VAL K 58 -7.13 62.72 -34.36
C VAL K 58 -5.99 63.47 -33.69
N ARG K 59 -4.74 63.01 -33.88
CA ARG K 59 -3.61 63.65 -33.23
C ARG K 59 -3.36 65.03 -33.80
N GLN K 60 -3.22 65.12 -35.11
CA GLN K 60 -2.98 66.43 -35.71
C GLN K 60 -4.23 67.29 -35.74
N LEU K 61 -5.42 66.70 -35.69
CA LEU K 61 -6.64 67.48 -35.51
C LEU K 61 -6.68 68.14 -34.14
N GLY K 62 -6.43 67.38 -33.08
CA GLY K 62 -6.43 67.93 -31.74
C GLY K 62 -5.35 68.95 -31.52
N GLU K 63 -4.18 68.71 -32.08
CA GLU K 63 -3.08 69.66 -31.91
C GLU K 63 -3.34 70.94 -32.71
N ALA K 64 -3.96 70.82 -33.89
CA ALA K 64 -4.34 72.00 -34.65
C ALA K 64 -5.45 72.79 -33.98
N LEU K 65 -6.39 72.10 -33.33
CA LEU K 65 -7.46 72.80 -32.61
C LEU K 65 -6.92 73.53 -31.39
N ALA K 66 -5.98 72.89 -30.68
CA ALA K 66 -5.37 73.55 -29.53
C ALA K 66 -4.56 74.76 -29.96
N ALA K 67 -3.94 74.68 -31.15
CA ALA K 67 -3.31 75.87 -31.71
C ALA K 67 -4.33 76.94 -32.08
N ALA K 68 -5.52 76.52 -32.50
CA ALA K 68 -6.57 77.49 -32.83
C ALA K 68 -7.14 78.17 -31.61
N GLY K 69 -7.12 77.52 -30.46
CA GLY K 69 -7.65 78.14 -29.27
C GLY K 69 -8.79 77.38 -28.63
N TRP K 70 -8.79 76.07 -28.79
CA TRP K 70 -9.73 75.19 -28.13
C TRP K 70 -9.03 74.47 -26.99
N HIS K 71 -9.81 73.83 -26.14
CA HIS K 71 -9.29 72.93 -25.12
C HIS K 71 -9.60 71.51 -25.61
N VAL K 72 -8.56 70.73 -25.85
CA VAL K 72 -8.73 69.45 -26.53
C VAL K 72 -8.35 68.34 -25.57
N ASP K 73 -9.33 67.53 -25.22
CA ASP K 73 -9.12 66.28 -24.49
C ASP K 73 -9.43 65.13 -25.44
N MET K 74 -8.52 64.17 -25.50
CA MET K 74 -8.53 63.12 -26.51
C MET K 74 -8.59 61.78 -25.80
N PHE K 75 -9.75 61.15 -25.79
CA PHE K 75 -9.99 60.00 -24.92
C PHE K 75 -9.76 58.70 -25.67
N THR K 76 -8.85 57.90 -25.16
CA THR K 76 -8.61 56.57 -25.71
C THR K 76 -8.60 55.56 -24.56
N ARG K 77 -8.31 54.31 -24.90
CA ARG K 77 -8.40 53.21 -23.95
C ARG K 77 -7.03 52.83 -23.43
N LYS K 78 -6.93 52.64 -22.12
CA LYS K 78 -5.66 52.27 -21.52
C LYS K 78 -5.41 50.78 -21.69
N THR K 79 -4.23 50.43 -22.19
CA THR K 79 -3.91 49.05 -22.54
C THR K 79 -2.68 48.52 -21.81
N ASP K 80 -2.18 49.23 -20.81
CA ASP K 80 -0.97 48.84 -20.10
C ASP K 80 -0.98 49.58 -18.77
N PRO K 81 -0.86 48.90 -17.63
CA PRO K 81 -0.92 49.60 -16.33
C PRO K 81 0.33 50.40 -16.00
N ASN K 82 1.37 50.37 -16.83
CA ASN K 82 2.55 51.19 -16.57
C ASN K 82 2.62 52.42 -17.45
N ASP K 83 1.84 52.47 -18.54
CA ASP K 83 1.79 53.65 -19.37
C ASP K 83 1.07 54.78 -18.61
N PRO K 84 1.42 56.04 -18.86
CA PRO K 84 0.79 57.14 -18.14
C PRO K 84 -0.65 57.34 -18.58
N ASP K 85 -1.39 58.10 -17.78
CA ASP K 85 -2.79 58.37 -18.07
C ASP K 85 -2.98 59.58 -18.96
N VAL K 86 -2.40 60.71 -18.60
CA VAL K 86 -2.59 61.98 -19.30
C VAL K 86 -1.26 62.42 -19.88
N ILE K 87 -1.24 62.66 -21.19
CA ILE K 87 -0.06 63.14 -21.90
C ILE K 87 -0.46 64.42 -22.62
N GLU K 88 0.25 65.51 -22.32
CA GLU K 88 -0.02 66.81 -22.94
C GLU K 88 0.94 66.99 -24.11
N HIS K 89 0.40 67.06 -25.32
CA HIS K 89 1.19 67.09 -26.54
C HIS K 89 1.57 68.50 -26.97
N SER K 90 0.69 69.45 -26.73
CA SER K 90 0.88 70.85 -27.03
C SER K 90 -0.02 71.57 -26.04
N PRO K 91 0.14 72.91 -25.81
CA PRO K 91 -0.77 73.61 -24.89
C PRO K 91 -2.24 73.50 -25.24
N HIS K 92 -2.97 72.95 -24.27
CA HIS K 92 -4.40 72.64 -24.24
C HIS K 92 -4.75 71.46 -25.14
N CYS K 93 -3.78 70.59 -25.42
CA CYS K 93 -4.03 69.34 -26.13
C CYS K 93 -3.52 68.21 -25.26
N ARG K 94 -4.43 67.41 -24.70
CA ARG K 94 -4.05 66.31 -23.84
C ARG K 94 -4.75 65.04 -24.30
N THR K 95 -4.05 63.92 -24.17
CA THR K 95 -4.60 62.60 -24.45
C THR K 95 -4.82 61.88 -23.13
N ILE K 96 -6.05 61.44 -22.90
CA ILE K 96 -6.47 60.84 -21.65
C ILE K 96 -6.77 59.37 -21.91
N ARG K 97 -6.02 58.50 -21.25
CA ARG K 97 -6.18 57.07 -21.39
C ARG K 97 -7.06 56.55 -20.25
N LEU K 98 -8.24 56.06 -20.61
CA LEU K 98 -9.25 55.67 -19.63
C LEU K 98 -9.18 54.18 -19.38
N GLN K 99 -9.38 53.79 -18.12
CA GLN K 99 -9.48 52.38 -17.74
C GLN K 99 -10.89 51.93 -18.05
N ALA K 100 -11.09 51.37 -19.24
CA ALA K 100 -12.40 50.96 -19.71
C ALA K 100 -12.65 49.48 -19.46
N GLY K 101 -11.82 48.62 -20.01
CA GLY K 101 -11.93 47.21 -19.75
C GLY K 101 -10.68 46.71 -19.09
N PRO K 102 -10.23 45.53 -19.50
CA PRO K 102 -8.93 45.04 -19.02
C PRO K 102 -7.80 45.90 -19.57
N LEU K 103 -6.71 45.97 -18.81
CA LEU K 103 -5.59 46.84 -19.16
C LEU K 103 -4.56 46.07 -20.00
N THR K 104 -5.07 45.44 -21.06
CA THR K 104 -4.25 44.77 -22.06
C THR K 104 -4.81 45.12 -23.43
N TYR K 105 -4.23 44.54 -24.47
CA TYR K 105 -4.74 44.76 -25.81
C TYR K 105 -6.03 43.98 -26.01
N ILE K 106 -7.04 44.66 -26.53
CA ILE K 106 -8.23 44.00 -27.06
C ILE K 106 -8.49 44.57 -28.45
N PRO K 107 -8.63 43.74 -29.48
CA PRO K 107 -8.93 44.27 -30.82
C PRO K 107 -10.34 44.79 -30.91
N ARG K 108 -10.58 45.57 -31.96
CA ARG K 108 -11.82 46.33 -32.13
C ARG K 108 -13.03 45.47 -32.43
N GLU K 109 -12.85 44.18 -32.69
CA GLU K 109 -13.98 43.28 -32.84
C GLU K 109 -14.56 42.86 -31.50
N LYS K 110 -13.81 43.03 -30.42
CA LYS K 110 -14.24 42.60 -29.10
C LYS K 110 -14.38 43.74 -28.11
N LEU K 111 -14.19 44.98 -28.56
CA LEU K 111 -14.28 46.12 -27.66
C LEU K 111 -15.70 46.55 -27.35
N PHE K 112 -16.69 45.99 -28.04
CA PHE K 112 -18.06 46.44 -27.88
C PHE K 112 -18.61 46.10 -26.50
N GLU K 113 -18.05 45.06 -25.85
CA GLU K 113 -18.44 44.76 -24.48
C GLU K 113 -17.76 45.67 -23.48
N THR K 114 -16.68 46.34 -23.87
CA THR K 114 -15.96 47.24 -22.98
C THR K 114 -16.40 48.69 -23.10
N LEU K 115 -17.37 48.95 -23.95
CA LEU K 115 -17.80 50.31 -24.23
C LEU K 115 -18.61 51.07 -23.17
N PRO K 116 -19.58 50.49 -22.44
CA PRO K 116 -20.34 51.35 -21.51
C PRO K 116 -19.54 51.80 -20.30
N LYS K 117 -18.62 50.97 -19.80
CA LYS K 117 -17.75 51.36 -18.70
C LYS K 117 -16.91 52.57 -19.07
N PHE K 118 -16.34 52.54 -20.28
CA PHE K 118 -15.69 53.68 -20.93
C PHE K 118 -16.54 54.93 -20.85
N VAL K 119 -17.84 54.78 -21.17
CA VAL K 119 -18.78 55.89 -21.14
C VAL K 119 -18.85 56.50 -19.74
N GLU K 120 -18.91 55.64 -18.72
CA GLU K 120 -18.98 56.12 -17.36
C GLU K 120 -17.67 56.79 -16.96
N ALA K 121 -16.55 56.26 -17.47
CA ALA K 121 -15.26 56.88 -17.25
C ALA K 121 -15.21 58.25 -17.90
N PHE K 122 -15.82 58.35 -19.10
CA PHE K 122 -15.92 59.63 -19.80
C PHE K 122 -16.69 60.64 -18.98
N LYS K 123 -17.67 60.16 -18.20
CA LYS K 123 -18.48 61.05 -17.38
C LYS K 123 -17.64 61.76 -16.34
N ALA K 124 -16.56 61.10 -15.87
CA ALA K 124 -15.68 61.70 -14.89
C ALA K 124 -14.97 62.93 -15.44
N TYR K 125 -14.84 63.02 -16.75
CA TYR K 125 -14.38 64.25 -17.37
C TYR K 125 -15.52 65.10 -17.88
N HIS K 126 -16.64 64.47 -18.27
CA HIS K 126 -17.74 65.25 -18.83
C HIS K 126 -18.49 66.00 -17.73
N ALA K 127 -18.41 65.49 -16.50
CA ALA K 127 -18.91 66.26 -15.36
C ALA K 127 -18.04 67.47 -15.10
N LYS K 128 -16.75 67.36 -15.43
CA LYS K 128 -15.84 68.47 -15.15
C LYS K 128 -15.96 69.55 -16.21
N TYR K 129 -15.71 69.20 -17.46
CA TYR K 129 -15.63 70.20 -18.51
C TYR K 129 -16.97 70.48 -19.17
N GLY K 130 -17.82 69.46 -19.36
CA GLY K 130 -19.10 69.65 -19.99
C GLY K 130 -18.96 70.03 -21.45
N TYR K 131 -18.49 69.10 -22.27
CA TYR K 131 -18.02 69.40 -23.61
C TYR K 131 -19.16 69.80 -24.54
N PRO K 132 -19.16 71.02 -25.08
CA PRO K 132 -20.22 71.41 -26.02
C PRO K 132 -20.11 70.75 -27.38
N LEU K 133 -18.94 70.28 -27.76
CA LEU K 133 -18.76 69.54 -29.00
C LEU K 133 -18.01 68.25 -28.72
N ILE K 134 -18.45 67.18 -29.37
CA ILE K 134 -17.79 65.89 -29.27
C ILE K 134 -17.64 65.33 -30.68
N HIS K 135 -16.41 64.98 -31.05
CA HIS K 135 -16.07 64.49 -32.38
C HIS K 135 -15.57 63.07 -32.23
N THR K 136 -16.46 62.10 -32.42
CA THR K 136 -16.09 60.68 -32.27
C THR K 136 -15.40 60.21 -33.54
N ASN K 137 -14.62 59.15 -33.42
CA ASN K 137 -13.85 58.61 -34.56
C ASN K 137 -13.88 57.09 -34.46
N TYR K 138 -14.62 56.46 -35.38
CA TYR K 138 -14.92 55.02 -35.57
C TYR K 138 -16.25 54.71 -34.91
N TRP K 139 -16.85 53.59 -35.30
CA TRP K 139 -18.21 53.16 -34.93
C TRP K 139 -18.19 52.95 -33.43
N LEU K 140 -17.08 52.47 -32.91
CA LEU K 140 -17.11 52.23 -31.46
C LEU K 140 -17.25 53.53 -30.68
N SER K 141 -16.43 54.51 -31.06
CA SER K 141 -16.52 55.85 -30.51
C SER K 141 -17.86 56.48 -30.82
N GLY K 142 -18.44 56.14 -31.97
CA GLY K 142 -19.76 56.63 -32.30
C GLY K 142 -20.86 56.03 -31.45
N TRP K 143 -20.72 54.77 -31.04
CA TRP K 143 -21.68 54.18 -30.12
C TRP K 143 -21.59 54.87 -28.77
N VAL K 144 -20.36 55.14 -28.32
CA VAL K 144 -20.12 55.91 -27.10
C VAL K 144 -20.79 57.27 -27.18
N GLY K 145 -20.62 57.96 -28.31
CA GLY K 145 -21.21 59.26 -28.48
C GLY K 145 -22.72 59.26 -28.60
N TRP K 146 -23.30 58.20 -29.15
CA TRP K 146 -24.75 58.11 -29.25
C TRP K 146 -25.37 57.84 -27.89
N GLN K 147 -24.71 57.01 -27.07
CA GLN K 147 -25.17 56.81 -25.71
C GLN K 147 -24.99 58.06 -24.86
N LEU K 148 -23.98 58.87 -25.15
CA LEU K 148 -23.85 60.17 -24.49
C LEU K 148 -24.90 61.15 -24.98
N ARG K 149 -25.26 61.06 -26.26
CA ARG K 149 -26.31 61.88 -26.84
C ARG K 149 -27.67 61.57 -26.25
N GLN K 150 -27.86 60.33 -25.78
CA GLN K 150 -29.08 60.01 -25.03
C GLN K 150 -29.19 60.84 -23.75
N GLN K 151 -28.08 60.99 -23.03
CA GLN K 151 -28.14 61.62 -21.71
C GLN K 151 -27.94 63.13 -21.80
N PHE K 152 -26.93 63.56 -22.56
CA PHE K 152 -26.57 64.96 -22.65
C PHE K 152 -26.83 65.51 -24.05
N ASN K 153 -26.81 66.83 -24.15
CA ASN K 153 -27.00 67.55 -25.41
C ASN K 153 -25.68 68.21 -25.78
N PHE K 154 -25.18 67.90 -26.97
CA PHE K 154 -23.93 68.44 -27.47
C PHE K 154 -23.90 68.31 -28.99
N GLN K 155 -23.10 69.15 -29.62
CA GLN K 155 -22.85 69.05 -31.05
C GLN K 155 -21.99 67.83 -31.31
N TRP K 156 -22.60 66.76 -31.79
CA TRP K 156 -21.90 65.50 -31.99
C TRP K 156 -21.50 65.36 -33.45
N LEU K 157 -20.20 65.14 -33.67
CA LEU K 157 -19.64 64.98 -35.00
C LEU K 157 -19.00 63.61 -35.08
N HIS K 158 -18.96 63.04 -36.28
CA HIS K 158 -18.45 61.69 -36.42
C HIS K 158 -17.65 61.56 -37.71
N THR K 159 -16.60 60.75 -37.63
CA THR K 159 -15.81 60.33 -38.77
C THR K 159 -15.69 58.83 -38.70
N TYR K 160 -16.11 58.13 -39.76
CA TYR K 160 -16.18 56.67 -39.71
C TYR K 160 -14.81 56.03 -39.80
N HIS K 161 -13.95 56.52 -40.71
CA HIS K 161 -12.61 56.05 -41.08
C HIS K 161 -12.59 54.68 -41.75
N SER K 162 -13.71 53.95 -41.71
CA SER K 162 -13.94 52.68 -42.37
C SER K 162 -15.42 52.37 -42.30
N LEU K 163 -16.10 52.28 -43.44
CA LEU K 163 -17.51 51.87 -43.42
C LEU K 163 -17.62 50.36 -43.45
N GLY K 164 -18.51 49.83 -42.62
CA GLY K 164 -18.70 48.40 -42.50
C GLY K 164 -19.41 47.77 -43.68
N VAL K 165 -20.41 48.47 -44.22
CA VAL K 165 -21.15 47.92 -45.35
C VAL K 165 -20.27 47.93 -46.61
N VAL K 166 -19.29 48.81 -46.65
CA VAL K 166 -18.27 48.73 -47.70
C VAL K 166 -17.25 47.67 -47.35
N LYS K 167 -16.98 47.49 -46.06
CA LYS K 167 -16.07 46.45 -45.59
C LYS K 167 -16.63 45.06 -45.87
N TYR K 168 -17.87 44.81 -45.45
CA TYR K 168 -18.37 43.45 -45.49
C TYR K 168 -19.03 43.09 -46.80
N GLN K 169 -18.69 43.76 -47.89
CA GLN K 169 -18.99 43.33 -49.24
C GLN K 169 -17.70 43.06 -50.00
N VAL K 170 -16.75 42.40 -49.35
CA VAL K 170 -15.50 41.98 -49.94
C VAL K 170 -15.46 40.46 -49.90
N ALA K 171 -15.07 39.85 -51.03
CA ALA K 171 -15.13 38.41 -51.28
C ALA K 171 -14.41 37.56 -50.24
N SER K 172 -13.20 37.99 -49.85
CA SER K 172 -12.41 37.19 -48.90
C SER K 172 -12.67 37.59 -47.45
N GLU K 173 -11.76 37.19 -46.55
CA GLU K 173 -11.83 37.47 -45.09
C GLU K 173 -11.92 38.99 -44.88
N GLN K 174 -13.16 39.45 -44.93
CA GLN K 174 -13.63 40.85 -44.76
C GLN K 174 -15.12 40.62 -44.91
N ALA K 175 -15.46 39.35 -44.93
CA ALA K 175 -16.85 38.99 -45.20
C ALA K 175 -17.56 38.42 -43.98
N GLN K 176 -17.04 38.69 -42.79
CA GLN K 176 -17.60 38.15 -41.55
C GLN K 176 -18.21 39.31 -40.78
N ARG K 177 -19.53 39.49 -40.99
CA ARG K 177 -20.22 40.75 -40.74
C ARG K 177 -20.39 41.01 -39.24
N ASP K 178 -20.97 42.17 -38.94
CA ASP K 178 -21.44 42.51 -37.61
C ASP K 178 -22.61 43.44 -37.78
N GLU K 179 -23.84 42.93 -37.68
CA GLU K 179 -25.02 43.75 -37.96
C GLU K 179 -25.26 44.78 -36.86
N THR K 180 -24.71 44.56 -35.67
CA THR K 180 -24.73 45.59 -34.63
C THR K 180 -23.93 46.81 -35.07
N ARG K 181 -22.77 46.57 -35.69
CA ARG K 181 -21.97 47.64 -36.26
C ARG K 181 -22.73 48.43 -37.33
N LEU K 182 -23.39 47.72 -38.24
CA LEU K 182 -24.14 48.38 -39.30
C LEU K 182 -25.32 49.17 -38.74
N MET K 183 -25.99 48.60 -37.72
CA MET K 183 -27.11 49.27 -37.08
C MET K 183 -26.66 50.55 -36.38
N VAL K 184 -25.54 50.47 -35.67
CA VAL K 184 -25.04 51.63 -34.94
C VAL K 184 -24.51 52.68 -35.90
N GLU K 185 -23.91 52.25 -37.01
CA GLU K 185 -23.44 53.22 -38.01
C GLU K 185 -24.60 53.93 -38.70
N LYS K 186 -25.69 53.21 -38.94
CA LYS K 186 -26.88 53.86 -39.47
C LYS K 186 -27.48 54.82 -38.46
N ALA K 187 -27.43 54.47 -37.17
CA ALA K 187 -27.90 55.38 -36.13
C ALA K 187 -27.02 56.61 -36.01
N ILE K 188 -25.71 56.43 -36.22
CA ILE K 188 -24.77 57.55 -36.24
C ILE K 188 -25.12 58.51 -37.35
N LEU K 189 -25.30 57.98 -38.56
CA LEU K 189 -25.59 58.84 -39.71
C LEU K 189 -26.96 59.49 -39.58
N GLU K 190 -27.94 58.79 -39.01
CA GLU K 190 -29.26 59.37 -38.84
C GLU K 190 -29.35 60.29 -37.64
N ASN K 191 -28.35 60.31 -36.75
CA ASN K 191 -28.50 61.10 -35.53
C ASN K 191 -27.44 62.16 -35.31
N ALA K 192 -26.23 61.98 -35.87
CA ALA K 192 -25.17 62.95 -35.62
C ALA K 192 -25.42 64.24 -36.38
N ASP K 193 -25.04 65.35 -35.76
CA ASP K 193 -25.33 66.66 -36.32
C ASP K 193 -24.47 66.98 -37.54
N CYS K 194 -23.33 66.33 -37.68
CA CYS K 194 -22.49 66.47 -38.87
C CYS K 194 -21.63 65.23 -38.99
N VAL K 195 -21.43 64.78 -40.22
CA VAL K 195 -20.65 63.58 -40.51
C VAL K 195 -19.53 63.97 -41.46
N ILE K 196 -18.29 63.83 -41.01
CA ILE K 196 -17.14 64.14 -41.84
C ILE K 196 -16.83 62.95 -42.72
N VAL K 197 -16.87 63.16 -44.04
CA VAL K 197 -16.49 62.13 -45.00
C VAL K 197 -15.16 62.54 -45.62
N THR K 198 -14.27 61.56 -45.76
CA THR K 198 -12.92 61.82 -46.24
C THR K 198 -12.83 61.88 -47.75
N SER K 199 -13.90 61.54 -48.45
CA SER K 199 -13.92 61.47 -49.90
C SER K 199 -15.37 61.55 -50.35
N PRO K 200 -15.64 62.04 -51.56
CA PRO K 200 -17.01 61.99 -52.09
C PRO K 200 -17.49 60.58 -52.38
N GLN K 201 -16.55 59.63 -52.56
CA GLN K 201 -16.91 58.22 -52.62
C GLN K 201 -17.52 57.76 -51.31
N GLU K 202 -17.08 58.34 -50.19
CA GLU K 202 -17.60 57.92 -48.89
C GLU K 202 -19.04 58.39 -48.70
N GLU K 203 -19.35 59.61 -49.13
CA GLU K 203 -20.73 60.09 -49.10
C GLU K 203 -21.61 59.31 -50.07
N ALA K 204 -21.06 58.95 -51.24
CA ALA K 204 -21.81 58.14 -52.19
C ALA K 204 -22.10 56.75 -51.62
N TYR K 205 -21.15 56.19 -50.87
CA TYR K 205 -21.37 54.87 -50.28
C TYR K 205 -22.34 54.94 -49.13
N LEU K 206 -22.32 56.03 -48.37
CA LEU K 206 -23.31 56.23 -47.30
C LEU K 206 -24.72 56.38 -47.86
N ARG K 207 -24.87 57.18 -48.92
CA ARG K 207 -26.20 57.38 -49.48
C ARG K 207 -26.67 56.19 -50.31
N ARG K 208 -25.75 55.35 -50.75
CA ARG K 208 -26.12 54.15 -51.50
C ARG K 208 -26.48 53.02 -50.57
N TRP K 209 -25.73 52.84 -49.49
CA TRP K 209 -25.78 51.63 -48.70
C TRP K 209 -26.16 51.82 -47.23
N VAL K 210 -26.18 53.04 -46.72
CA VAL K 210 -26.48 53.21 -45.30
C VAL K 210 -27.79 53.95 -45.11
N SER K 211 -27.84 55.22 -45.51
CA SER K 211 -29.03 56.04 -45.28
C SER K 211 -28.97 57.29 -46.14
N LYS K 212 -30.13 57.91 -46.29
CA LYS K 212 -30.24 59.21 -46.90
C LYS K 212 -30.22 60.33 -45.87
N ALA K 213 -30.76 60.09 -44.68
CA ALA K 213 -30.91 61.12 -43.67
C ALA K 213 -29.56 61.48 -43.05
N GLY K 214 -29.55 62.63 -42.40
CA GLY K 214 -28.37 63.07 -41.69
C GLY K 214 -27.54 64.05 -42.49
N GLN K 215 -26.87 64.95 -41.77
CA GLN K 215 -26.02 65.93 -42.40
C GLN K 215 -24.62 65.34 -42.61
N THR K 216 -24.03 65.66 -43.75
CA THR K 216 -22.72 65.18 -44.10
C THR K 216 -21.88 66.34 -44.63
N ARG K 217 -20.57 66.22 -44.51
CA ARG K 217 -19.68 67.30 -44.90
C ARG K 217 -18.39 66.72 -45.46
N LEU K 218 -18.01 67.17 -46.65
CA LEU K 218 -16.80 66.70 -47.31
C LEU K 218 -15.59 67.50 -46.82
N ILE K 219 -14.76 66.86 -46.01
CA ILE K 219 -13.45 67.39 -45.64
C ILE K 219 -12.44 66.24 -45.77
N PRO K 220 -11.45 66.36 -46.64
CA PRO K 220 -10.53 65.25 -46.84
C PRO K 220 -9.55 65.06 -45.70
N CYS K 221 -8.70 64.05 -45.80
CA CYS K 221 -7.59 63.90 -44.87
C CYS K 221 -6.35 64.56 -45.45
N GLY K 222 -5.50 65.07 -44.57
CA GLY K 222 -4.36 65.85 -44.97
C GLY K 222 -3.07 65.28 -44.43
N THR K 223 -1.97 65.69 -45.03
CA THR K 223 -0.65 65.31 -44.58
C THR K 223 0.19 66.56 -44.36
N ASN K 224 1.30 66.39 -43.66
CA ASN K 224 2.16 67.49 -43.25
C ASN K 224 3.32 67.57 -44.23
N LEU K 225 3.40 68.68 -44.96
CA LEU K 225 4.46 68.85 -45.94
C LEU K 225 5.79 69.20 -45.27
N LYS K 226 5.74 69.67 -44.02
CA LYS K 226 6.98 69.91 -43.30
C LYS K 226 7.68 68.62 -42.94
N LEU K 227 6.93 67.54 -42.80
CA LEU K 227 7.51 66.23 -42.53
C LEU K 227 7.79 65.44 -43.79
N PHE K 228 7.00 65.64 -44.84
CA PHE K 228 7.07 64.84 -46.05
C PHE K 228 7.42 65.73 -47.22
N TYR K 229 8.62 65.53 -47.76
CA TYR K 229 9.23 66.37 -48.78
C TYR K 229 10.33 65.55 -49.43
N PRO K 230 10.67 65.85 -50.70
CA PRO K 230 11.78 65.14 -51.33
C PRO K 230 13.11 65.47 -50.68
N VAL K 231 13.92 64.45 -50.50
CA VAL K 231 15.15 64.55 -49.71
C VAL K 231 16.38 64.64 -50.60
N ALA K 232 16.44 63.79 -51.64
CA ALA K 232 17.57 63.59 -52.55
C ALA K 232 18.84 63.17 -51.83
N ASP K 233 18.69 62.57 -50.65
CA ASP K 233 19.77 61.97 -49.89
C ASP K 233 19.40 60.58 -49.41
N ALA K 234 18.30 60.03 -49.92
CA ALA K 234 17.62 58.94 -49.25
C ALA K 234 18.31 57.60 -49.49
N ARG K 235 18.76 57.37 -50.72
CA ARG K 235 19.53 56.16 -50.99
C ARG K 235 20.90 56.19 -50.34
N ALA K 236 21.43 57.38 -50.05
CA ALA K 236 22.70 57.52 -49.37
C ALA K 236 22.58 57.41 -47.86
N GLN K 237 21.41 57.73 -47.30
CA GLN K 237 21.19 57.56 -45.87
C GLN K 237 20.87 56.12 -45.49
N LEU K 238 20.70 55.23 -46.47
CA LEU K 238 20.28 53.86 -46.19
C LEU K 238 21.22 52.83 -46.82
N ASN K 239 22.36 53.29 -47.35
CA ASN K 239 23.37 52.47 -48.03
C ASN K 239 22.78 51.65 -49.17
N LEU K 240 22.05 52.36 -50.04
CA LEU K 240 21.39 51.69 -51.15
C LEU K 240 21.93 52.18 -52.48
N PRO K 241 22.05 51.30 -53.48
CA PRO K 241 22.64 51.70 -54.75
C PRO K 241 21.71 52.57 -55.59
N ALA K 242 22.34 53.42 -56.42
CA ALA K 242 21.64 54.54 -57.05
C ALA K 242 20.76 54.13 -58.22
N ASP K 243 21.17 53.14 -59.00
CA ASP K 243 20.39 52.73 -60.16
C ASP K 243 19.40 51.61 -59.87
N GLU K 244 19.37 51.11 -58.64
CA GLU K 244 18.61 49.90 -58.36
C GLU K 244 17.14 50.22 -58.21
N PRO K 245 16.25 49.50 -58.89
CA PRO K 245 14.82 49.78 -58.78
C PRO K 245 14.22 49.27 -57.49
N ILE K 246 13.32 50.08 -56.93
CA ILE K 246 12.67 49.79 -55.66
C ILE K 246 11.16 49.98 -55.83
N VAL K 247 10.40 48.96 -55.45
CA VAL K 247 8.95 49.03 -55.33
C VAL K 247 8.60 49.04 -53.86
N LEU K 248 7.70 49.95 -53.46
CA LEU K 248 7.45 50.24 -52.05
C LEU K 248 6.00 49.98 -51.69
N TYR K 249 5.80 49.35 -50.53
CA TYR K 249 4.53 49.33 -49.82
C TYR K 249 4.75 49.85 -48.41
N VAL K 250 3.90 50.79 -48.00
CA VAL K 250 3.93 51.32 -46.64
C VAL K 250 2.55 51.11 -46.05
N GLY K 251 2.48 50.42 -44.92
CA GLY K 251 1.20 50.25 -44.25
C GLY K 251 1.26 49.10 -43.26
N ARG K 252 0.06 48.65 -42.89
CA ARG K 252 -0.11 47.57 -41.95
C ARG K 252 -0.06 46.23 -42.66
N PHE K 253 -0.19 45.16 -41.87
CA PHE K 253 -0.26 43.80 -42.40
C PHE K 253 -1.70 43.29 -42.19
N ASP K 254 -2.49 43.38 -43.25
CA ASP K 254 -3.89 42.99 -43.20
C ASP K 254 -4.28 42.43 -44.56
N ARG K 255 -5.27 41.54 -44.57
CA ARG K 255 -5.68 40.92 -45.84
C ARG K 255 -6.43 41.92 -46.71
N ARG K 256 -6.98 42.97 -46.11
CA ARG K 256 -7.59 44.03 -46.91
C ARG K 256 -6.55 44.84 -47.66
N LYS K 257 -5.30 44.82 -47.22
CA LYS K 257 -4.26 45.59 -47.87
C LYS K 257 -3.75 44.93 -49.14
N GLY K 258 -3.97 43.62 -49.28
CA GLY K 258 -3.63 42.93 -50.51
C GLY K 258 -2.16 42.81 -50.83
N ILE K 259 -1.33 42.51 -49.82
CA ILE K 259 0.10 42.41 -50.05
C ILE K 259 0.43 41.18 -50.87
N GLU K 260 -0.43 40.14 -50.80
CA GLU K 260 -0.25 38.93 -51.60
C GLU K 260 -0.36 39.24 -53.09
N THR K 261 -1.24 40.18 -53.45
CA THR K 261 -1.35 40.64 -54.84
C THR K 261 -0.06 41.33 -55.28
N LEU K 262 0.54 42.11 -54.38
CA LEU K 262 1.79 42.79 -54.70
C LEU K 262 2.93 41.80 -54.88
N VAL K 263 2.97 40.76 -54.04
CA VAL K 263 4.05 39.77 -54.14
C VAL K 263 3.89 38.93 -55.41
N ALA K 264 2.64 38.60 -55.76
CA ALA K 264 2.40 37.88 -57.01
C ALA K 264 2.71 38.74 -58.22
N ALA K 265 2.57 40.06 -58.09
CA ALA K 265 3.00 40.95 -59.16
C ALA K 265 4.52 41.01 -59.25
N MET K 266 5.19 41.08 -58.10
CA MET K 266 6.65 41.16 -58.07
C MET K 266 7.31 39.87 -58.51
N ALA K 267 6.57 38.75 -58.49
CA ALA K 267 7.08 37.52 -59.06
C ALA K 267 7.22 37.60 -60.58
N GLN K 268 6.49 38.52 -61.22
CA GLN K 268 6.55 38.72 -62.66
C GLN K 268 7.53 39.82 -63.06
N ILE K 269 8.39 40.25 -62.15
CA ILE K 269 9.33 41.35 -62.39
C ILE K 269 10.75 40.82 -62.20
N PRO K 270 11.64 40.99 -63.18
CA PRO K 270 12.95 40.31 -63.12
C PRO K 270 13.89 40.80 -62.02
N GLN K 271 14.12 42.10 -61.93
CA GLN K 271 15.11 42.63 -61.00
C GLN K 271 14.44 43.60 -60.02
N GLY K 272 15.22 44.05 -59.05
CA GLY K 272 14.73 45.03 -58.11
C GLY K 272 14.06 44.43 -56.88
N GLN K 273 14.30 45.05 -55.73
CA GLN K 273 13.79 44.54 -54.48
C GLN K 273 12.38 45.07 -54.21
N LEU K 274 11.77 44.53 -53.17
CA LEU K 274 10.47 44.98 -52.67
C LEU K 274 10.60 45.27 -51.19
N LEU K 275 10.61 46.55 -50.83
CA LEU K 275 10.73 46.95 -49.43
C LEU K 275 9.33 47.09 -48.85
N LEU K 276 8.98 46.20 -47.93
CA LEU K 276 7.70 46.26 -47.25
C LEU K 276 7.90 46.97 -45.92
N VAL K 277 7.24 48.11 -45.75
CA VAL K 277 7.42 48.98 -44.60
C VAL K 277 6.19 48.87 -43.71
N GLY K 278 6.40 48.46 -42.48
CA GLY K 278 5.32 48.26 -41.53
C GLY K 278 5.74 47.31 -40.44
N GLY K 279 5.17 47.53 -39.25
CA GLY K 279 5.46 46.72 -38.10
C GLY K 279 4.30 45.81 -37.73
N SER K 280 4.62 44.84 -36.87
CA SER K 280 3.64 43.88 -36.38
C SER K 280 4.17 43.25 -35.10
N ASP K 281 3.27 42.55 -34.41
CA ASP K 281 3.64 41.78 -33.23
C ASP K 281 3.05 40.38 -33.35
N PRO K 282 3.75 39.36 -32.86
CA PRO K 282 3.31 37.97 -33.12
C PRO K 282 2.01 37.58 -32.45
N GLN K 283 1.81 37.96 -31.20
CA GLN K 283 0.60 37.58 -30.47
C GLN K 283 -0.55 38.55 -30.68
N ARG K 284 -0.43 39.46 -31.63
CA ARG K 284 -1.57 40.25 -32.09
C ARG K 284 -2.14 39.58 -33.33
N SER K 285 -3.43 39.83 -33.58
CA SER K 285 -4.14 39.18 -34.68
C SER K 285 -3.54 39.57 -36.02
N ASP K 286 -3.61 40.84 -36.36
CA ASP K 286 -2.92 41.33 -37.54
C ASP K 286 -1.44 41.44 -37.21
N GLY K 287 -0.72 40.35 -37.31
CA GLY K 287 0.66 40.32 -36.90
C GLY K 287 1.48 39.36 -37.71
N ALA K 288 2.35 38.62 -37.00
CA ALA K 288 3.25 37.69 -37.67
C ALA K 288 2.53 36.48 -38.24
N GLU K 289 1.33 36.17 -37.74
CA GLU K 289 0.52 35.15 -38.40
C GLU K 289 0.00 35.65 -39.74
N ARG K 290 -0.19 36.96 -39.87
CA ARG K 290 -0.44 37.58 -41.17
C ARG K 290 0.85 37.95 -41.88
N ARG K 291 2.01 37.63 -41.30
CA ARG K 291 3.25 37.59 -42.05
C ARG K 291 3.51 36.22 -42.66
N ARG K 292 2.42 35.48 -42.92
CA ARG K 292 2.38 34.40 -43.89
C ARG K 292 2.72 34.86 -45.31
N ILE K 293 2.69 36.18 -45.56
CA ILE K 293 3.33 36.79 -46.71
C ILE K 293 4.78 36.37 -46.80
N GLU K 294 5.47 36.25 -45.66
CA GLU K 294 6.79 35.62 -45.63
C GLU K 294 6.74 34.19 -46.13
N GLY K 295 5.71 33.44 -45.75
CA GLY K 295 5.44 32.14 -46.33
C GLY K 295 5.10 32.20 -47.80
N LEU K 296 4.68 33.37 -48.26
CA LEU K 296 4.49 33.66 -49.68
C LEU K 296 5.73 34.24 -50.34
N VAL K 297 6.75 34.64 -49.57
CA VAL K 297 8.00 35.08 -50.18
C VAL K 297 8.73 33.90 -50.80
N GLN K 298 9.01 32.88 -49.99
CA GLN K 298 9.77 31.73 -50.46
C GLN K 298 8.94 30.75 -51.26
N GLU K 299 7.61 30.86 -51.23
CA GLU K 299 6.79 30.12 -52.19
C GLU K 299 6.96 30.69 -53.59
N TYR K 300 7.00 32.02 -53.72
CA TYR K 300 7.27 32.68 -54.98
C TYR K 300 8.76 32.87 -55.22
N ASN K 301 9.60 32.39 -54.30
CA ASN K 301 11.06 32.33 -54.43
C ASN K 301 11.66 33.73 -54.61
N LEU K 302 11.40 34.58 -53.64
CA LEU K 302 11.76 35.99 -53.73
C LEU K 302 12.56 36.52 -52.54
N GLY K 303 13.27 35.67 -51.81
CA GLY K 303 14.00 36.10 -50.63
C GLY K 303 15.18 37.00 -50.90
N ASP K 304 15.67 36.99 -52.14
CA ASP K 304 16.72 37.92 -52.54
C ASP K 304 16.18 39.33 -52.67
N ARG K 305 14.94 39.47 -53.12
CA ARG K 305 14.40 40.74 -53.59
C ARG K 305 13.14 41.15 -52.84
N VAL K 306 13.02 40.73 -51.58
CA VAL K 306 11.98 41.22 -50.67
C VAL K 306 12.65 41.51 -49.33
N THR K 307 12.48 42.74 -48.83
CA THR K 307 13.06 43.16 -47.56
C THR K 307 11.96 43.66 -46.64
N PHE K 308 11.82 43.01 -45.49
CA PHE K 308 10.94 43.46 -44.42
C PHE K 308 11.68 44.55 -43.64
N VAL K 309 11.26 45.80 -43.82
CA VAL K 309 11.94 46.90 -43.15
C VAL K 309 11.55 46.95 -41.68
N GLY K 310 10.32 46.60 -41.36
CA GLY K 310 9.84 46.74 -40.01
C GLY K 310 9.08 48.04 -39.83
N GLN K 311 8.93 48.44 -38.58
CA GLN K 311 8.26 49.70 -38.28
C GLN K 311 9.25 50.84 -38.36
N ILE K 312 8.99 51.78 -39.26
CA ILE K 312 9.76 53.01 -39.39
C ILE K 312 8.92 54.13 -38.79
N ASP K 313 9.58 55.02 -38.04
CA ASP K 313 8.92 56.19 -37.48
C ASP K 313 8.31 57.05 -38.58
N HIS K 314 7.23 57.76 -38.20
CA HIS K 314 6.45 58.54 -39.16
C HIS K 314 7.28 59.68 -39.72
N GLU K 315 7.92 60.45 -38.85
CA GLU K 315 8.69 61.63 -39.22
C GLU K 315 10.01 61.30 -39.94
N TYR K 316 10.24 60.03 -40.24
CA TYR K 316 11.37 59.61 -41.05
C TYR K 316 10.96 58.96 -42.36
N LEU K 317 9.68 58.59 -42.53
CA LEU K 317 9.23 57.77 -43.66
C LEU K 317 9.46 58.41 -45.03
N ALA K 318 9.60 59.74 -45.06
CA ALA K 318 9.91 60.46 -46.29
C ALA K 318 11.15 59.92 -46.97
N VAL K 319 12.15 59.50 -46.18
CA VAL K 319 13.36 58.89 -46.74
C VAL K 319 13.02 57.61 -47.49
N TYR K 320 12.21 56.73 -46.87
CA TYR K 320 11.77 55.53 -47.57
C TYR K 320 10.79 55.86 -48.69
N TYR K 321 10.18 57.04 -48.63
CA TYR K 321 9.38 57.53 -49.75
C TYR K 321 10.27 58.04 -50.87
N SER K 322 11.42 58.62 -50.51
CA SER K 322 12.23 59.30 -51.52
C SER K 322 13.16 58.31 -52.21
N ALA K 323 13.68 57.33 -51.47
CA ALA K 323 14.59 56.36 -52.06
C ALA K 323 13.86 55.41 -52.99
N ALA K 324 12.58 55.18 -52.73
CA ALA K 324 11.82 54.29 -53.58
C ALA K 324 11.47 54.96 -54.90
N ASN K 325 11.06 54.14 -55.86
CA ASN K 325 10.64 54.65 -57.16
C ASN K 325 9.14 54.68 -57.34
N VAL K 326 8.40 53.85 -56.61
CA VAL K 326 6.94 53.87 -56.66
C VAL K 326 6.42 53.29 -55.35
N CYS K 327 5.41 53.94 -54.79
CA CYS K 327 4.60 53.36 -53.73
C CYS K 327 3.43 52.61 -54.33
N VAL K 328 3.14 51.46 -53.75
CA VAL K 328 2.03 50.64 -54.20
C VAL K 328 1.06 50.44 -53.04
N VAL K 329 -0.21 50.75 -53.27
CA VAL K 329 -1.25 50.49 -52.29
C VAL K 329 -2.22 49.49 -52.93
N PRO K 330 -1.98 48.20 -52.82
CA PRO K 330 -2.81 47.23 -53.53
C PRO K 330 -4.02 46.76 -52.74
N SER K 331 -4.78 47.68 -52.16
CA SER K 331 -5.72 47.30 -51.14
C SER K 331 -7.11 47.04 -51.71
N TYR K 332 -7.87 46.21 -51.01
CA TYR K 332 -9.14 45.75 -51.53
C TYR K 332 -10.28 46.71 -51.23
N TYR K 333 -10.09 47.61 -50.26
CA TYR K 333 -10.91 48.79 -50.05
C TYR K 333 -10.11 49.77 -49.20
N GLU K 334 -10.17 51.04 -49.56
CA GLU K 334 -9.49 52.10 -48.82
C GLU K 334 -10.40 53.31 -48.70
N PRO K 335 -10.98 53.52 -47.54
CA PRO K 335 -11.58 54.82 -47.27
C PRO K 335 -10.52 55.87 -47.03
N PHE K 336 -10.03 56.48 -48.12
CA PHE K 336 -8.95 57.45 -48.14
C PHE K 336 -7.65 56.87 -47.60
N GLY K 337 -7.00 56.00 -48.38
CA GLY K 337 -5.64 55.61 -48.06
C GLY K 337 -4.71 56.82 -47.97
N LEU K 338 -3.84 56.81 -46.96
CA LEU K 338 -3.09 57.99 -46.58
C LEU K 338 -1.63 57.93 -47.01
N VAL K 339 -1.07 56.71 -47.13
CA VAL K 339 0.28 56.54 -47.64
C VAL K 339 0.39 57.00 -49.09
N ALA K 340 -0.73 56.98 -49.82
CA ALA K 340 -0.85 57.54 -51.15
C ALA K 340 -0.43 59.00 -51.17
N ILE K 341 -1.12 59.86 -50.41
CA ILE K 341 -0.82 61.29 -50.44
C ILE K 341 0.50 61.57 -49.75
N GLU K 342 0.94 60.69 -48.84
CA GLU K 342 2.26 60.85 -48.24
C GLU K 342 3.37 60.70 -49.30
N ALA K 343 3.33 59.59 -50.04
CA ALA K 343 4.37 59.32 -51.04
C ALA K 343 4.25 60.28 -52.22
N MET K 344 3.03 60.72 -52.51
CA MET K 344 2.81 61.75 -53.52
C MET K 344 3.45 63.06 -53.07
N ALA K 345 3.33 63.39 -51.78
CA ALA K 345 3.94 64.58 -51.25
C ALA K 345 5.45 64.52 -51.25
N CYS K 346 6.02 63.33 -51.15
CA CYS K 346 7.48 63.23 -51.23
C CYS K 346 7.99 63.17 -52.67
N GLY K 347 7.12 63.29 -53.67
CA GLY K 347 7.55 63.26 -55.05
C GLY K 347 7.64 61.89 -55.66
N THR K 348 7.07 60.89 -55.04
CA THR K 348 7.11 59.51 -55.51
C THR K 348 5.76 59.13 -56.10
N PRO K 349 5.72 58.59 -57.32
CA PRO K 349 4.45 58.22 -57.94
C PRO K 349 3.84 56.99 -57.27
N VAL K 350 2.53 56.83 -57.48
CA VAL K 350 1.74 55.86 -56.74
C VAL K 350 0.94 55.02 -57.72
N ILE K 351 1.05 53.70 -57.60
CA ILE K 351 0.12 52.77 -58.22
C ILE K 351 -0.80 52.26 -57.13
N ALA K 352 -2.09 52.24 -57.38
CA ALA K 352 -3.01 51.84 -56.33
C ALA K 352 -4.23 51.18 -56.96
N SER K 353 -4.98 50.49 -56.12
CA SER K 353 -6.20 49.84 -56.57
C SER K 353 -7.34 50.83 -56.61
N ALA K 354 -8.19 50.71 -57.62
CA ALA K 354 -9.30 51.63 -57.82
C ALA K 354 -10.49 51.17 -56.98
N VAL K 355 -10.42 51.44 -55.69
CA VAL K 355 -11.42 50.91 -54.77
C VAL K 355 -12.20 52.00 -54.04
N GLY K 356 -11.54 52.81 -53.21
CA GLY K 356 -12.24 53.79 -52.41
C GLY K 356 -11.78 55.21 -52.60
N GLY K 357 -11.06 55.72 -51.60
CA GLY K 357 -10.53 57.07 -51.63
C GLY K 357 -9.23 57.16 -52.38
N LEU K 358 -8.67 56.02 -52.76
CA LEU K 358 -7.53 56.02 -53.67
C LEU K 358 -7.92 56.52 -55.05
N GLN K 359 -9.19 56.37 -55.44
CA GLN K 359 -9.69 56.97 -56.68
C GLN K 359 -9.78 58.48 -56.58
N PHE K 360 -9.86 59.03 -55.36
CA PHE K 360 -10.00 60.46 -55.18
C PHE K 360 -8.66 61.16 -55.17
N THR K 361 -7.63 60.52 -54.63
CA THR K 361 -6.32 61.13 -54.50
C THR K 361 -5.51 61.00 -55.78
N VAL K 362 -5.26 59.75 -56.21
CA VAL K 362 -4.37 59.50 -57.32
C VAL K 362 -5.12 59.70 -58.63
N ILE K 363 -4.65 60.62 -59.45
CA ILE K 363 -5.22 60.84 -60.78
C ILE K 363 -4.64 59.80 -61.73
N PRO K 364 -5.49 59.07 -62.48
CA PRO K 364 -5.03 57.82 -63.12
C PRO K 364 -4.00 57.96 -64.22
N GLU K 365 -3.79 59.15 -64.75
CA GLU K 365 -2.73 59.34 -65.73
C GLU K 365 -1.81 60.51 -65.41
N GLU K 366 -2.22 61.41 -64.52
CA GLU K 366 -1.49 62.63 -64.25
C GLU K 366 -0.63 62.53 -63.00
N THR K 367 -0.97 61.65 -62.07
CA THR K 367 -0.16 61.42 -60.87
C THR K 367 0.37 60.01 -60.74
N GLY K 368 -0.35 59.01 -61.24
CA GLY K 368 0.08 57.64 -61.11
C GLY K 368 -0.67 56.69 -62.00
N LEU K 369 -1.01 55.50 -61.49
CA LEU K 369 -1.78 54.52 -62.23
C LEU K 369 -2.78 53.84 -61.29
N LEU K 370 -3.94 53.47 -61.83
CA LEU K 370 -4.98 52.77 -61.09
C LEU K 370 -5.22 51.40 -61.69
N VAL K 371 -5.36 50.39 -60.83
CA VAL K 371 -5.51 49.00 -61.25
C VAL K 371 -6.78 48.43 -60.61
N PRO K 372 -7.28 47.31 -61.13
CA PRO K 372 -8.30 46.54 -60.40
C PRO K 372 -7.79 46.05 -59.06
N PRO K 373 -8.70 45.71 -58.09
CA PRO K 373 -8.27 45.35 -56.73
C PRO K 373 -7.29 44.21 -56.61
N GLN K 374 -7.43 43.17 -57.42
CA GLN K 374 -6.44 42.10 -57.44
C GLN K 374 -6.38 41.46 -58.82
N ASP K 375 -5.37 41.86 -59.60
CA ASP K 375 -4.84 41.08 -60.71
C ASP K 375 -3.36 41.41 -60.88
N ALA K 376 -2.50 40.43 -60.64
CA ALA K 376 -1.07 40.70 -60.53
C ALA K 376 -0.44 40.99 -61.88
N ASN K 377 -1.06 40.55 -62.97
CA ASN K 377 -0.54 40.81 -64.30
C ASN K 377 -0.60 42.29 -64.63
N ALA K 378 -1.75 42.91 -64.35
CA ALA K 378 -1.93 44.33 -64.62
C ALA K 378 -1.04 45.17 -63.71
N LEU K 379 -0.87 44.75 -62.47
CA LEU K 379 -0.02 45.49 -61.54
C LEU K 379 1.45 45.39 -61.93
N ALA K 380 1.89 44.19 -62.35
CA ALA K 380 3.27 44.01 -62.78
C ALA K 380 3.55 44.79 -64.06
N ASN K 381 2.58 44.83 -64.97
CA ASN K 381 2.77 45.63 -66.18
C ASN K 381 2.75 47.11 -65.87
N ALA K 382 1.99 47.52 -64.86
CA ALA K 382 1.98 48.91 -64.44
C ALA K 382 3.31 49.33 -63.85
N ILE K 383 3.95 48.44 -63.08
CA ILE K 383 5.28 48.72 -62.58
C ILE K 383 6.29 48.71 -63.73
N GLN K 384 6.08 47.83 -64.71
CA GLN K 384 7.02 47.68 -65.81
C GLN K 384 6.95 48.87 -66.76
N ARG K 385 5.81 49.57 -66.78
CA ARG K 385 5.73 50.83 -67.51
C ARG K 385 6.69 51.87 -66.94
N ILE K 386 6.73 51.98 -65.61
CA ILE K 386 7.43 53.10 -64.98
C ILE K 386 8.86 52.77 -64.58
N LEU K 387 9.25 51.50 -64.59
CA LEU K 387 10.66 51.21 -64.36
C LEU K 387 11.53 51.44 -65.59
N ALA K 388 10.93 51.45 -66.78
CA ALA K 388 11.66 51.66 -68.02
C ALA K 388 11.56 53.10 -68.52
N ASP K 389 11.08 54.02 -67.68
CA ASP K 389 10.99 55.42 -68.04
C ASP K 389 11.07 56.24 -66.75
N PRO K 390 12.29 56.59 -66.31
CA PRO K 390 12.44 57.23 -64.99
C PRO K 390 11.92 58.64 -64.93
N ALA K 391 12.10 59.42 -66.00
CA ALA K 391 11.65 60.82 -65.98
C ALA K 391 10.13 60.92 -65.95
N TRP K 392 9.43 59.92 -66.50
CA TRP K 392 7.98 59.92 -66.46
C TRP K 392 7.49 59.65 -65.04
N ALA K 393 8.16 58.76 -64.32
CA ALA K 393 7.82 58.52 -62.93
C ALA K 393 8.14 59.74 -62.08
N ARG K 394 9.24 60.41 -62.39
CA ARG K 394 9.61 61.61 -61.64
C ARG K 394 8.62 62.74 -61.87
N THR K 395 8.12 62.90 -63.09
CA THR K 395 7.14 63.96 -63.30
C THR K 395 5.74 63.58 -62.82
N LEU K 396 5.42 62.28 -62.73
CA LEU K 396 4.19 61.88 -62.05
C LEU K 396 4.25 62.18 -60.57
N GLY K 397 5.39 61.91 -59.93
CA GLY K 397 5.56 62.29 -58.54
C GLY K 397 5.60 63.79 -58.33
N LYS K 398 6.17 64.52 -59.29
CA LYS K 398 6.19 65.98 -59.22
C LYS K 398 4.80 66.56 -59.37
N ASN K 399 3.94 65.90 -60.12
CA ASN K 399 2.55 66.33 -60.19
C ASN K 399 1.77 65.93 -58.94
N GLY K 400 2.10 64.77 -58.37
CA GLY K 400 1.43 64.35 -57.15
C GLY K 400 1.74 65.24 -55.98
N ARG K 401 2.97 65.77 -55.92
CA ARG K 401 3.31 66.77 -54.91
C ARG K 401 2.47 68.03 -55.05
N GLU K 402 2.23 68.47 -56.28
CA GLU K 402 1.39 69.64 -56.49
C GLU K 402 -0.05 69.36 -56.11
N ARG K 403 -0.52 68.14 -56.35
CA ARG K 403 -1.89 67.81 -55.97
C ARG K 403 -2.05 67.74 -54.45
N VAL K 404 -1.01 67.27 -53.75
CA VAL K 404 -1.03 67.28 -52.29
C VAL K 404 -1.00 68.71 -51.76
N GLN K 405 -0.16 69.57 -52.37
CA GLN K 405 -0.09 70.97 -51.97
C GLN K 405 -1.39 71.71 -52.25
N ALA K 406 -2.13 71.30 -53.27
CA ALA K 406 -3.36 72.00 -53.64
C ALA K 406 -4.56 71.54 -52.83
N LEU K 407 -4.72 70.24 -52.63
CA LEU K 407 -5.95 69.72 -52.05
C LEU K 407 -5.78 68.89 -50.79
N PHE K 408 -4.56 68.47 -50.45
CA PHE K 408 -4.41 67.54 -49.34
C PHE K 408 -3.32 67.98 -48.38
N ASN K 409 -3.10 69.29 -48.28
CA ASN K 409 -2.20 69.84 -47.29
C ASN K 409 -2.95 70.01 -45.98
N TRP K 410 -2.33 69.60 -44.88
CA TRP K 410 -3.01 69.68 -43.59
C TRP K 410 -3.07 71.12 -43.09
N GLU K 411 -2.20 71.99 -43.61
CA GLU K 411 -2.12 73.35 -43.10
C GLU K 411 -3.33 74.18 -43.52
N ALA K 412 -4.10 73.71 -44.50
CA ALA K 412 -5.36 74.34 -44.88
C ALA K 412 -6.58 73.52 -44.46
N ILE K 413 -6.45 72.19 -44.44
CA ILE K 413 -7.56 71.35 -44.01
C ILE K 413 -7.83 71.54 -42.52
N ALA K 414 -6.79 71.85 -41.76
CA ALA K 414 -6.95 72.22 -40.35
C ALA K 414 -7.78 73.50 -40.21
N LEU K 415 -7.53 74.47 -41.09
CA LEU K 415 -8.31 75.70 -41.08
C LEU K 415 -9.76 75.43 -41.45
N GLN K 416 -9.99 74.50 -42.36
CA GLN K 416 -11.35 74.14 -42.75
C GLN K 416 -12.11 73.42 -41.64
N MET K 417 -11.45 72.49 -40.94
CA MET K 417 -12.04 71.86 -39.76
C MET K 417 -12.34 72.88 -38.67
N GLY K 418 -11.45 73.86 -38.50
CA GLY K 418 -11.68 74.89 -37.51
C GLY K 418 -12.86 75.78 -37.84
N GLN K 419 -13.01 76.13 -39.12
CA GLN K 419 -14.17 76.92 -39.53
C GLN K 419 -15.45 76.14 -39.41
N LEU K 420 -15.38 74.81 -39.62
CA LEU K 420 -16.52 73.95 -39.38
C LEU K 420 -16.96 74.00 -37.93
N TYR K 421 -16.00 73.90 -37.01
CA TYR K 421 -16.34 73.93 -35.60
C TYR K 421 -16.86 75.30 -35.18
N ARG K 422 -16.32 76.36 -35.78
CA ARG K 422 -16.78 77.70 -35.45
C ARG K 422 -18.21 77.92 -35.94
N GLN K 423 -18.57 77.40 -37.12
CA GLN K 423 -19.95 77.59 -37.54
C GLN K 423 -20.90 76.62 -36.85
N LEU K 424 -20.41 75.50 -36.33
CA LEU K 424 -21.27 74.65 -35.53
C LEU K 424 -21.40 75.15 -34.10
N PHE K 425 -20.52 76.05 -33.68
CA PHE K 425 -20.72 76.80 -32.44
C PHE K 425 -21.52 78.07 -32.67
N ALA K 426 -21.60 78.55 -33.92
CA ALA K 426 -22.55 79.62 -34.24
C ALA K 426 -23.98 79.17 -34.02
N ALA K 427 -24.17 77.86 -34.18
CA ALA K 427 -25.46 77.24 -33.84
C ALA K 427 -25.35 76.97 -32.34
N SER K 428 -25.95 77.83 -31.52
CA SER K 428 -25.86 77.69 -30.03
C SER K 428 -26.18 76.26 -29.61
N ARG L 30 57.60 -72.50 -36.81
CA ARG L 30 56.48 -72.26 -35.91
C ARG L 30 55.15 -72.40 -36.64
N GLN L 31 54.14 -72.86 -35.94
CA GLN L 31 52.89 -73.16 -36.60
C GLN L 31 51.94 -71.97 -36.51
N PRO L 32 51.22 -71.65 -37.58
CA PRO L 32 50.37 -70.47 -37.58
C PRO L 32 49.02 -70.71 -36.91
N ILE L 33 48.42 -69.60 -36.45
CA ILE L 33 47.12 -69.61 -35.82
C ILE L 33 46.32 -68.43 -36.33
N ALA L 34 45.07 -68.69 -36.71
CA ALA L 34 44.13 -67.65 -37.08
C ALA L 34 43.23 -67.33 -35.90
N LEU L 35 43.20 -66.06 -35.50
CA LEU L 35 42.19 -65.52 -34.61
C LEU L 35 41.29 -64.62 -35.44
N ILE L 36 39.99 -64.73 -35.25
CA ILE L 36 39.03 -63.91 -35.98
C ILE L 36 38.18 -63.13 -34.99
N SER L 37 38.16 -61.80 -35.16
CA SER L 37 37.26 -60.96 -34.40
C SER L 37 36.83 -59.78 -35.26
N VAL L 38 35.68 -59.91 -35.93
CA VAL L 38 35.24 -58.99 -36.99
C VAL L 38 35.01 -57.56 -36.50
N HIS L 39 34.04 -57.35 -35.62
CA HIS L 39 33.74 -56.00 -35.22
C HIS L 39 34.70 -55.53 -34.14
N GLY L 40 35.29 -56.46 -33.41
CA GLY L 40 36.25 -56.13 -32.38
C GLY L 40 37.67 -56.09 -32.90
N ASP L 41 38.15 -54.91 -33.22
CA ASP L 41 39.52 -54.72 -33.67
C ASP L 41 40.45 -54.83 -32.47
N PRO L 42 41.42 -55.75 -32.48
CA PRO L 42 42.38 -55.81 -31.38
C PRO L 42 43.42 -54.71 -31.41
N ALA L 43 43.55 -53.99 -32.53
CA ALA L 43 44.48 -52.88 -32.65
C ALA L 43 43.82 -51.54 -32.34
N ALA L 44 42.69 -51.55 -31.64
CA ALA L 44 41.94 -50.34 -31.34
C ALA L 44 41.88 -50.13 -29.84
N ASP L 45 41.88 -48.87 -29.43
CA ASP L 45 41.82 -48.56 -28.00
C ASP L 45 40.42 -48.86 -27.46
N VAL L 46 40.38 -49.50 -26.31
CA VAL L 46 39.11 -49.98 -25.77
C VAL L 46 38.45 -48.90 -24.94
N GLY L 47 37.14 -49.01 -24.80
CA GLY L 47 36.38 -48.09 -23.98
C GLY L 47 35.08 -47.61 -24.58
N HIS L 48 34.86 -47.86 -25.86
CA HIS L 48 33.68 -47.35 -26.54
C HIS L 48 32.93 -48.51 -27.19
N GLU L 49 31.99 -48.16 -28.08
CA GLU L 49 31.13 -49.12 -28.77
C GLU L 49 31.95 -50.12 -29.59
N SER L 50 31.73 -51.40 -29.30
CA SER L 50 32.49 -52.53 -29.86
C SER L 50 33.99 -52.39 -29.61
N ALA L 51 34.34 -51.87 -28.43
CA ALA L 51 35.72 -51.75 -27.98
C ALA L 51 35.75 -52.15 -26.51
N GLY L 52 35.96 -53.43 -26.25
CA GLY L 52 35.81 -53.99 -24.92
C GLY L 52 36.47 -55.31 -24.72
N GLY L 53 35.74 -56.24 -24.09
CA GLY L 53 36.35 -57.45 -23.57
C GLY L 53 36.83 -58.39 -24.66
N GLN L 54 36.13 -58.43 -25.79
CA GLN L 54 36.56 -59.26 -26.92
C GLN L 54 37.86 -58.75 -27.50
N ASN L 55 37.99 -57.43 -27.61
CA ASN L 55 39.21 -56.77 -28.06
C ASN L 55 40.38 -57.11 -27.16
N ILE L 56 40.19 -56.91 -25.84
CA ILE L 56 41.22 -57.21 -24.85
C ILE L 56 41.61 -58.68 -24.90
N TYR L 57 40.60 -59.54 -25.00
CA TYR L 57 40.78 -61.00 -25.01
C TYR L 57 41.64 -61.45 -26.17
N VAL L 58 41.28 -61.06 -27.38
CA VAL L 58 42.02 -61.54 -28.54
C VAL L 58 43.38 -60.88 -28.64
N ARG L 59 43.53 -59.64 -28.15
CA ARG L 59 44.82 -58.98 -28.21
C ARG L 59 45.82 -59.64 -27.27
N GLN L 60 45.43 -59.79 -26.00
CA GLN L 60 46.35 -60.39 -25.03
C GLN L 60 46.55 -61.86 -25.30
N LEU L 61 45.57 -62.54 -25.91
CA LEU L 61 45.76 -63.92 -26.31
C LEU L 61 46.76 -64.03 -27.44
N GLY L 62 46.68 -63.15 -28.44
CA GLY L 62 47.63 -63.20 -29.55
C GLY L 62 49.04 -62.89 -29.10
N GLU L 63 49.20 -61.93 -28.19
CA GLU L 63 50.53 -61.61 -27.70
C GLU L 63 51.08 -62.72 -26.81
N ALA L 64 50.22 -63.37 -26.01
CA ALA L 64 50.65 -64.49 -25.18
C ALA L 64 51.05 -65.69 -26.02
N LEU L 65 50.39 -65.89 -27.15
CA LEU L 65 50.75 -67.00 -28.04
C LEU L 65 52.01 -66.71 -28.82
N ALA L 66 52.22 -65.44 -29.21
CA ALA L 66 53.44 -65.07 -29.92
C ALA L 66 54.66 -65.22 -29.02
N ALA L 67 54.51 -64.86 -27.74
CA ALA L 67 55.60 -65.08 -26.79
C ALA L 67 55.80 -66.56 -26.53
N ALA L 68 54.74 -67.35 -26.62
CA ALA L 68 54.85 -68.79 -26.44
C ALA L 68 55.44 -69.49 -27.65
N GLY L 69 55.55 -68.81 -28.78
CA GLY L 69 56.18 -69.37 -29.96
C GLY L 69 55.26 -69.62 -31.13
N TRP L 70 54.06 -69.07 -31.14
CA TRP L 70 53.13 -69.30 -32.24
C TRP L 70 53.24 -68.16 -33.25
N HIS L 71 52.56 -68.34 -34.38
CA HIS L 71 52.43 -67.32 -35.40
C HIS L 71 50.96 -66.91 -35.45
N VAL L 72 50.65 -65.70 -34.99
CA VAL L 72 49.28 -65.30 -34.76
C VAL L 72 48.90 -64.21 -35.74
N ASP L 73 47.83 -64.45 -36.48
CA ASP L 73 47.22 -63.47 -37.36
C ASP L 73 45.79 -63.25 -36.90
N MET L 74 45.49 -62.04 -36.43
CA MET L 74 44.19 -61.70 -35.86
C MET L 74 43.42 -60.92 -36.90
N PHE L 75 42.33 -61.50 -37.40
CA PHE L 75 41.61 -60.95 -38.54
C PHE L 75 40.40 -60.16 -38.07
N THR L 76 40.29 -58.93 -38.54
CA THR L 76 39.21 -58.04 -38.15
C THR L 76 38.70 -57.25 -39.34
N ARG L 77 37.81 -56.30 -39.12
CA ARG L 77 37.17 -55.55 -40.20
C ARG L 77 37.80 -54.18 -40.34
N LYS L 78 37.97 -53.73 -41.58
CA LYS L 78 38.51 -52.41 -41.88
C LYS L 78 37.37 -51.40 -41.96
N THR L 79 37.50 -50.28 -41.24
CA THR L 79 36.41 -49.32 -41.09
C THR L 79 36.79 -47.91 -41.57
N ASP L 80 37.94 -47.75 -42.21
CA ASP L 80 38.41 -46.47 -42.70
C ASP L 80 39.51 -46.74 -43.71
N PRO L 81 39.45 -46.18 -44.92
CA PRO L 81 40.58 -46.34 -45.86
C PRO L 81 41.85 -45.62 -45.42
N ASN L 82 41.76 -44.68 -44.48
CA ASN L 82 42.96 -44.11 -43.89
C ASN L 82 43.65 -45.07 -42.94
N ASP L 83 42.94 -46.09 -42.45
CA ASP L 83 43.52 -47.00 -41.48
C ASP L 83 44.51 -47.95 -42.15
N PRO L 84 45.55 -48.38 -41.43
CA PRO L 84 46.51 -49.32 -42.01
C PRO L 84 45.93 -50.71 -42.17
N ASP L 85 46.38 -51.41 -43.20
CA ASP L 85 45.81 -52.72 -43.50
C ASP L 85 46.33 -53.80 -42.57
N VAL L 86 47.61 -53.77 -42.23
CA VAL L 86 48.22 -54.76 -41.34
C VAL L 86 48.90 -54.00 -40.20
N ILE L 87 48.67 -54.43 -38.97
CA ILE L 87 49.25 -53.82 -37.79
C ILE L 87 50.05 -54.88 -37.04
N GLU L 88 51.33 -54.61 -36.83
CA GLU L 88 52.19 -55.50 -36.06
C GLU L 88 52.27 -55.01 -34.63
N HIS L 89 52.13 -55.92 -33.68
CA HIS L 89 52.14 -55.57 -32.27
C HIS L 89 53.35 -56.09 -31.52
N SER L 90 53.52 -57.40 -31.53
CA SER L 90 54.67 -58.09 -30.96
C SER L 90 55.18 -58.99 -32.06
N PRO L 91 56.44 -59.42 -31.99
CA PRO L 91 56.99 -60.29 -33.05
C PRO L 91 56.22 -61.58 -33.19
N HIS L 92 55.91 -61.91 -34.45
CA HIS L 92 55.02 -62.99 -34.86
C HIS L 92 53.61 -62.81 -34.28
N CYS L 93 53.12 -61.58 -34.31
CA CYS L 93 51.74 -61.31 -33.94
C CYS L 93 51.26 -60.12 -34.74
N ARG L 94 50.26 -60.33 -35.60
CA ARG L 94 49.75 -59.27 -36.48
C ARG L 94 48.25 -59.13 -36.33
N THR L 95 47.76 -57.94 -36.65
CA THR L 95 46.34 -57.66 -36.79
C THR L 95 46.09 -57.27 -38.25
N ILE L 96 45.28 -58.04 -38.93
CA ILE L 96 44.96 -57.79 -40.33
C ILE L 96 43.53 -57.26 -40.41
N ARG L 97 43.39 -56.08 -41.00
CA ARG L 97 42.09 -55.44 -41.23
C ARG L 97 41.62 -55.82 -42.63
N LEU L 98 40.84 -56.89 -42.72
CA LEU L 98 40.29 -57.34 -43.98
C LEU L 98 39.25 -56.37 -44.50
N GLN L 99 39.11 -56.33 -45.82
CA GLN L 99 38.11 -55.49 -46.46
C GLN L 99 36.84 -56.31 -46.64
N ALA L 100 35.87 -56.08 -45.77
CA ALA L 100 34.65 -56.90 -45.73
C ALA L 100 33.54 -56.28 -46.58
N GLY L 101 33.10 -55.09 -46.22
CA GLY L 101 32.04 -54.43 -46.92
C GLY L 101 32.36 -52.97 -47.16
N PRO L 102 31.48 -52.09 -46.69
CA PRO L 102 31.77 -50.65 -46.73
C PRO L 102 32.89 -50.30 -45.75
N LEU L 103 33.73 -49.35 -46.14
CA LEU L 103 34.82 -48.94 -45.27
C LEU L 103 34.40 -47.78 -44.39
N THR L 104 33.26 -47.94 -43.71
CA THR L 104 32.87 -47.12 -42.60
C THR L 104 32.46 -48.05 -41.47
N TYR L 105 32.35 -47.51 -40.27
CA TYR L 105 31.96 -48.34 -39.14
C TYR L 105 30.48 -48.66 -39.24
N ILE L 106 30.18 -49.95 -39.41
CA ILE L 106 28.82 -50.47 -39.31
C ILE L 106 28.69 -51.14 -37.95
N PRO L 107 27.67 -50.82 -37.16
CA PRO L 107 27.53 -51.47 -35.84
C PRO L 107 27.12 -52.92 -35.98
N ARG L 108 27.17 -53.62 -34.84
CA ARG L 108 27.21 -55.08 -34.85
C ARG L 108 25.83 -55.70 -35.09
N GLU L 109 24.78 -54.90 -35.06
CA GLU L 109 23.43 -55.43 -35.22
C GLU L 109 23.18 -55.90 -36.65
N LYS L 110 23.90 -55.32 -37.61
CA LYS L 110 23.61 -55.52 -39.02
C LYS L 110 24.89 -55.88 -39.79
N LEU L 111 25.65 -56.84 -39.26
CA LEU L 111 26.89 -57.26 -39.91
C LEU L 111 26.84 -58.65 -40.50
N PHE L 112 25.70 -59.34 -40.51
CA PHE L 112 25.65 -60.66 -41.11
C PHE L 112 25.72 -60.59 -42.62
N GLU L 113 25.33 -59.45 -43.20
CA GLU L 113 25.33 -59.30 -44.66
C GLU L 113 26.74 -59.15 -45.22
N THR L 114 27.70 -58.76 -44.39
CA THR L 114 29.06 -58.51 -44.88
C THR L 114 29.95 -59.74 -44.78
N LEU L 115 29.52 -60.74 -44.03
CA LEU L 115 30.33 -61.91 -43.68
C LEU L 115 30.81 -62.85 -44.79
N PRO L 116 30.05 -63.14 -45.87
CA PRO L 116 30.64 -64.04 -46.88
C PRO L 116 31.82 -63.45 -47.64
N LYS L 117 31.79 -62.14 -47.93
CA LYS L 117 32.96 -61.47 -48.47
C LYS L 117 34.13 -61.55 -47.50
N PHE L 118 33.85 -61.47 -46.20
CA PHE L 118 34.88 -61.62 -45.18
C PHE L 118 35.50 -63.00 -45.22
N VAL L 119 34.74 -64.00 -45.65
CA VAL L 119 35.31 -65.32 -45.83
C VAL L 119 36.31 -65.31 -46.97
N GLU L 120 35.95 -64.63 -48.07
CA GLU L 120 36.67 -64.75 -49.33
C GLU L 120 38.06 -64.14 -49.22
N ALA L 121 38.14 -62.94 -48.64
CA ALA L 121 39.40 -62.30 -48.33
C ALA L 121 40.27 -63.16 -47.44
N PHE L 122 39.63 -63.81 -46.46
CA PHE L 122 40.35 -64.69 -45.54
C PHE L 122 41.00 -65.84 -46.29
N LYS L 123 40.35 -66.30 -47.36
CA LYS L 123 40.86 -67.43 -48.14
C LYS L 123 42.21 -67.11 -48.74
N ALA L 124 42.44 -65.83 -49.07
CA ALA L 124 43.73 -65.34 -49.54
C ALA L 124 44.82 -65.68 -48.53
N TYR L 125 44.59 -65.29 -47.26
CA TYR L 125 45.53 -65.63 -46.21
C TYR L 125 45.56 -67.13 -45.96
N HIS L 126 44.43 -67.81 -46.14
CA HIS L 126 44.43 -69.25 -45.93
C HIS L 126 45.09 -69.96 -47.10
N ALA L 127 45.24 -69.26 -48.23
CA ALA L 127 46.06 -69.77 -49.30
C ALA L 127 47.54 -69.74 -48.90
N LYS L 128 47.95 -68.71 -48.17
CA LYS L 128 49.37 -68.49 -47.97
C LYS L 128 49.92 -69.32 -46.83
N TYR L 129 49.19 -69.38 -45.72
CA TYR L 129 49.67 -70.03 -44.52
C TYR L 129 49.00 -71.36 -44.26
N GLY L 130 47.67 -71.44 -44.42
CA GLY L 130 46.96 -72.66 -44.14
C GLY L 130 46.90 -72.96 -42.66
N TYR L 131 46.12 -72.16 -41.94
CA TYR L 131 46.05 -72.15 -40.49
C TYR L 131 45.46 -73.45 -39.96
N PRO L 132 46.20 -74.22 -39.16
CA PRO L 132 45.66 -75.47 -38.63
C PRO L 132 44.86 -75.28 -37.35
N LEU L 133 44.70 -74.03 -36.95
CA LEU L 133 43.97 -73.66 -35.75
C LEU L 133 43.26 -72.33 -35.98
N ILE L 134 41.93 -72.34 -36.04
CA ILE L 134 41.16 -71.13 -36.20
C ILE L 134 40.28 -70.95 -34.99
N HIS L 135 40.43 -69.82 -34.30
CA HIS L 135 39.76 -69.52 -33.06
C HIS L 135 38.90 -68.28 -33.30
N THR L 136 37.61 -68.49 -33.43
CA THR L 136 36.64 -67.44 -33.71
C THR L 136 36.02 -66.93 -32.42
N ASN L 137 35.57 -65.68 -32.44
CA ASN L 137 35.39 -64.93 -31.21
C ASN L 137 34.12 -64.11 -31.20
N TYR L 138 33.10 -64.51 -31.97
CA TYR L 138 31.74 -63.99 -31.81
C TYR L 138 30.80 -64.91 -32.58
N TRP L 139 29.51 -64.59 -32.60
CA TRP L 139 28.59 -65.22 -33.54
C TRP L 139 29.01 -65.02 -34.99
N LEU L 140 29.35 -63.79 -35.36
CA LEU L 140 29.70 -63.45 -36.74
C LEU L 140 30.98 -64.17 -37.17
N SER L 141 31.98 -64.10 -36.31
CA SER L 141 33.23 -64.83 -36.50
C SER L 141 32.98 -66.32 -36.54
N GLY L 142 32.03 -66.81 -35.75
CA GLY L 142 31.74 -68.22 -35.76
C GLY L 142 31.03 -68.67 -37.02
N TRP L 143 30.23 -67.79 -37.63
CA TRP L 143 29.61 -68.12 -38.91
C TRP L 143 30.67 -68.22 -40.00
N VAL L 144 31.63 -67.28 -39.95
CA VAL L 144 32.76 -67.32 -40.88
C VAL L 144 33.55 -68.61 -40.70
N GLY L 145 33.82 -68.97 -39.45
CA GLY L 145 34.53 -70.21 -39.18
C GLY L 145 33.71 -71.44 -39.54
N TRP L 146 32.39 -71.32 -39.51
CA TRP L 146 31.54 -72.44 -39.89
C TRP L 146 31.61 -72.69 -41.39
N GLN L 147 31.63 -71.61 -42.18
CA GLN L 147 31.82 -71.75 -43.62
C GLN L 147 33.21 -72.33 -43.93
N LEU L 148 34.21 -71.93 -43.16
CA LEU L 148 35.54 -72.45 -43.37
C LEU L 148 35.65 -73.92 -42.97
N ARG L 149 34.92 -74.32 -41.93
CA ARG L 149 34.85 -75.73 -41.54
C ARG L 149 34.12 -76.54 -42.59
N GLN L 150 33.16 -75.92 -43.28
CA GLN L 150 32.55 -76.57 -44.44
C GLN L 150 33.56 -76.75 -45.56
N GLN L 151 34.48 -75.80 -45.73
CA GLN L 151 35.46 -75.95 -46.81
C GLN L 151 36.76 -76.62 -46.37
N PHE L 152 37.44 -76.06 -45.38
CA PHE L 152 38.81 -76.44 -45.06
C PHE L 152 38.87 -77.33 -43.84
N ASN L 153 40.02 -77.96 -43.66
CA ASN L 153 40.23 -78.99 -42.65
C ASN L 153 41.19 -78.46 -41.59
N PHE L 154 40.68 -78.29 -40.36
CA PHE L 154 41.44 -77.68 -39.28
C PHE L 154 40.78 -77.91 -37.92
N GLN L 155 41.42 -77.42 -36.86
CA GLN L 155 40.85 -77.45 -35.51
C GLN L 155 40.19 -76.10 -35.24
N TRP L 156 38.90 -76.13 -34.94
CA TRP L 156 38.10 -74.92 -34.81
C TRP L 156 37.68 -74.70 -33.37
N LEU L 157 37.96 -73.52 -32.86
CA LEU L 157 37.61 -73.13 -31.51
C LEU L 157 36.76 -71.88 -31.55
N HIS L 158 35.96 -71.68 -30.50
CA HIS L 158 35.07 -70.53 -30.49
C HIS L 158 34.85 -70.01 -29.08
N THR L 159 34.89 -68.69 -28.94
CA THR L 159 34.50 -68.00 -27.72
C THR L 159 33.33 -67.09 -28.04
N TYR L 160 32.24 -67.22 -27.30
CA TYR L 160 31.03 -66.48 -27.63
C TYR L 160 31.13 -65.01 -27.25
N HIS L 161 31.53 -64.73 -26.01
CA HIS L 161 31.65 -63.42 -25.31
C HIS L 161 30.29 -62.83 -24.97
N SER L 162 29.19 -63.45 -25.42
CA SER L 162 27.81 -63.04 -25.21
C SER L 162 26.92 -64.12 -25.77
N LEU L 163 25.67 -64.17 -25.34
CA LEU L 163 24.72 -65.15 -25.87
C LEU L 163 23.39 -64.46 -26.11
N GLY L 164 22.87 -64.56 -27.34
CA GLY L 164 21.63 -63.91 -27.67
C GLY L 164 20.43 -64.52 -26.97
N VAL L 165 20.54 -65.76 -26.52
CA VAL L 165 19.46 -66.38 -25.77
C VAL L 165 19.36 -65.75 -24.38
N VAL L 166 20.44 -65.17 -23.87
CA VAL L 166 20.46 -64.54 -22.56
C VAL L 166 20.35 -63.04 -22.77
N LYS L 167 20.81 -62.58 -23.93
CA LYS L 167 20.77 -61.15 -24.26
C LYS L 167 19.34 -60.66 -24.41
N TYR L 168 18.52 -61.40 -25.16
CA TYR L 168 17.17 -60.94 -25.49
C TYR L 168 16.18 -61.55 -24.50
N GLN L 169 16.30 -61.11 -23.24
CA GLN L 169 15.31 -61.42 -22.23
C GLN L 169 14.94 -60.20 -21.40
N VAL L 170 15.83 -59.21 -21.36
CA VAL L 170 15.61 -58.04 -20.50
C VAL L 170 14.52 -57.18 -21.11
N ALA L 171 13.59 -56.73 -20.26
CA ALA L 171 12.35 -56.14 -20.74
C ALA L 171 12.56 -54.73 -21.27
N SER L 172 13.55 -54.01 -20.75
CA SER L 172 13.70 -52.59 -21.06
C SER L 172 14.19 -52.39 -22.49
N GLU L 173 15.37 -52.91 -22.81
CA GLU L 173 15.91 -52.84 -24.16
C GLU L 173 16.19 -54.27 -24.62
N GLN L 174 16.31 -54.43 -25.94
CA GLN L 174 16.77 -55.64 -26.61
C GLN L 174 15.85 -56.83 -26.37
N ALA L 175 14.61 -56.73 -26.86
CA ALA L 175 13.79 -57.90 -27.13
C ALA L 175 13.78 -58.26 -28.60
N GLN L 176 14.52 -57.52 -29.43
CA GLN L 176 14.60 -57.71 -30.88
C GLN L 176 15.42 -58.95 -31.21
N ARG L 177 14.77 -60.10 -31.10
CA ARG L 177 15.44 -61.38 -31.29
C ARG L 177 15.87 -61.59 -32.73
N ASP L 178 17.12 -62.00 -32.90
CA ASP L 178 17.62 -62.47 -34.18
C ASP L 178 17.72 -63.98 -34.11
N GLU L 179 17.11 -64.65 -35.08
CA GLU L 179 17.01 -66.10 -35.08
C GLU L 179 18.14 -66.76 -35.86
N THR L 180 18.73 -66.06 -36.82
CA THR L 180 19.95 -66.53 -37.46
C THR L 180 21.09 -66.60 -36.45
N ARG L 181 21.07 -65.67 -35.48
CA ARG L 181 22.07 -65.67 -34.42
C ARG L 181 21.99 -66.94 -33.58
N LEU L 182 20.81 -67.26 -33.05
CA LEU L 182 20.67 -68.48 -32.27
C LEU L 182 20.86 -69.74 -33.10
N MET L 183 20.51 -69.68 -34.40
CA MET L 183 20.77 -70.78 -35.32
C MET L 183 22.26 -71.09 -35.40
N VAL L 184 23.07 -70.07 -35.70
CA VAL L 184 24.49 -70.30 -35.89
C VAL L 184 25.19 -70.52 -34.54
N GLU L 185 24.67 -69.93 -33.46
CA GLU L 185 25.25 -70.19 -32.14
C GLU L 185 24.99 -71.61 -31.68
N LYS L 186 23.87 -72.22 -32.08
CA LYS L 186 23.67 -73.64 -31.83
C LYS L 186 24.53 -74.49 -32.74
N ALA L 187 24.71 -74.06 -34.00
CA ALA L 187 25.51 -74.83 -34.95
C ALA L 187 26.99 -74.83 -34.58
N ILE L 188 27.49 -73.72 -34.03
CA ILE L 188 28.86 -73.63 -33.53
C ILE L 188 29.08 -74.65 -32.42
N LEU L 189 28.16 -74.65 -31.44
CA LEU L 189 28.30 -75.49 -30.27
C LEU L 189 28.18 -76.97 -30.64
N GLU L 190 27.41 -77.29 -31.67
CA GLU L 190 27.34 -78.67 -32.11
C GLU L 190 28.53 -79.05 -32.99
N ASN L 191 29.12 -78.07 -33.69
CA ASN L 191 30.10 -78.41 -34.73
C ASN L 191 31.54 -78.05 -34.41
N ALA L 192 31.81 -77.17 -33.43
CA ALA L 192 33.19 -76.78 -33.18
C ALA L 192 33.94 -77.89 -32.44
N ASP L 193 35.26 -77.85 -32.54
CA ASP L 193 36.08 -78.85 -31.88
C ASP L 193 36.25 -78.58 -30.40
N CYS L 194 36.21 -77.32 -29.99
CA CYS L 194 36.23 -76.96 -28.59
C CYS L 194 35.59 -75.60 -28.43
N VAL L 195 34.81 -75.42 -27.37
CA VAL L 195 34.11 -74.16 -27.12
C VAL L 195 34.61 -73.62 -25.80
N ILE L 196 35.10 -72.39 -25.81
CA ILE L 196 35.63 -71.75 -24.62
C ILE L 196 34.52 -70.95 -23.96
N VAL L 197 34.14 -71.36 -22.76
CA VAL L 197 33.19 -70.60 -21.96
C VAL L 197 33.95 -69.90 -20.85
N THR L 198 33.54 -68.67 -20.55
CA THR L 198 34.27 -67.83 -19.62
C THR L 198 33.77 -67.96 -18.20
N SER L 199 32.67 -68.67 -17.99
CA SER L 199 32.06 -68.79 -16.68
C SER L 199 31.18 -70.04 -16.69
N PRO L 200 31.00 -70.70 -15.54
CA PRO L 200 30.10 -71.85 -15.50
C PRO L 200 28.64 -71.47 -15.62
N GLN L 201 28.30 -70.20 -15.37
CA GLN L 201 26.96 -69.72 -15.70
C GLN L 201 26.75 -69.77 -17.21
N GLU L 202 27.77 -69.45 -18.00
CA GLU L 202 27.70 -69.60 -19.44
C GLU L 202 27.56 -71.06 -19.84
N GLU L 203 28.20 -71.96 -19.09
CA GLU L 203 28.08 -73.38 -19.36
C GLU L 203 26.67 -73.89 -19.10
N ALA L 204 26.06 -73.46 -17.99
CA ALA L 204 24.68 -73.84 -17.72
C ALA L 204 23.71 -73.18 -18.67
N TYR L 205 23.97 -71.92 -19.06
CA TYR L 205 23.11 -71.22 -20.00
C TYR L 205 23.20 -71.77 -21.42
N LEU L 206 24.30 -72.43 -21.76
CA LEU L 206 24.37 -73.19 -23.01
C LEU L 206 23.70 -74.56 -22.88
N ARG L 207 23.97 -75.29 -21.81
CA ARG L 207 23.43 -76.64 -21.71
C ARG L 207 21.96 -76.68 -21.33
N ARG L 208 21.35 -75.55 -20.98
CA ARG L 208 19.91 -75.51 -20.74
C ARG L 208 19.16 -75.01 -21.97
N TRP L 209 19.56 -73.85 -22.50
CA TRP L 209 18.75 -73.11 -23.46
C TRP L 209 19.31 -73.18 -24.88
N VAL L 210 20.44 -73.85 -25.10
CA VAL L 210 20.98 -73.88 -26.46
C VAL L 210 21.06 -75.32 -26.97
N SER L 211 21.92 -76.13 -26.37
CA SER L 211 22.22 -77.46 -26.92
C SER L 211 22.97 -78.27 -25.88
N LYS L 212 23.27 -79.52 -26.24
CA LYS L 212 23.99 -80.44 -25.38
C LYS L 212 25.22 -81.06 -26.04
N ALA L 213 25.19 -81.38 -27.32
CA ALA L 213 26.31 -82.03 -27.98
C ALA L 213 27.43 -81.02 -28.25
N GLY L 214 28.66 -81.51 -28.25
CA GLY L 214 29.80 -80.68 -28.53
C GLY L 214 30.75 -80.58 -27.36
N GLN L 215 32.04 -80.52 -27.64
CA GLN L 215 33.03 -80.38 -26.58
C GLN L 215 33.02 -78.95 -26.05
N THR L 216 33.04 -78.81 -24.74
CA THR L 216 33.10 -77.52 -24.08
C THR L 216 34.26 -77.51 -23.10
N ARG L 217 34.74 -76.31 -22.79
CA ARG L 217 35.91 -76.17 -21.91
C ARG L 217 35.80 -74.87 -21.14
N LEU L 218 35.97 -74.96 -19.82
CA LEU L 218 35.89 -73.80 -18.93
C LEU L 218 37.28 -73.19 -18.79
N ILE L 219 37.53 -72.12 -19.54
CA ILE L 219 38.74 -71.32 -19.37
C ILE L 219 38.29 -69.87 -19.24
N PRO L 220 38.32 -69.29 -18.04
CA PRO L 220 37.78 -67.95 -17.84
C PRO L 220 38.73 -66.89 -18.36
N CYS L 221 38.23 -65.66 -18.39
CA CYS L 221 39.06 -64.54 -18.79
C CYS L 221 40.01 -64.17 -17.66
N GLY L 222 41.07 -63.45 -18.02
CA GLY L 222 42.06 -63.06 -17.04
C GLY L 222 42.60 -61.68 -17.32
N THR L 223 43.02 -60.98 -16.28
CA THR L 223 43.61 -59.66 -16.40
C THR L 223 45.10 -59.72 -16.10
N ASN L 224 45.81 -58.68 -16.52
CA ASN L 224 47.26 -58.61 -16.36
C ASN L 224 47.54 -57.91 -15.04
N LEU L 225 48.10 -58.66 -14.08
CA LEU L 225 48.30 -58.14 -12.74
C LEU L 225 49.43 -57.14 -12.66
N LYS L 226 50.27 -57.04 -13.69
CA LYS L 226 51.23 -55.95 -13.75
C LYS L 226 50.56 -54.64 -14.12
N LEU L 227 49.45 -54.71 -14.87
CA LEU L 227 48.73 -53.50 -15.23
C LEU L 227 47.79 -53.04 -14.13
N PHE L 228 47.26 -53.99 -13.36
CA PHE L 228 46.27 -53.69 -12.34
C PHE L 228 46.81 -54.13 -11.00
N TYR L 229 47.12 -53.14 -10.15
CA TYR L 229 47.78 -53.32 -8.88
C TYR L 229 47.27 -52.23 -7.95
N PRO L 230 47.29 -52.47 -6.63
CA PRO L 230 46.97 -51.38 -5.70
C PRO L 230 48.02 -50.28 -5.76
N VAL L 231 47.55 -49.03 -5.78
CA VAL L 231 48.43 -47.88 -5.92
C VAL L 231 48.60 -47.12 -4.62
N ALA L 232 47.51 -46.56 -4.08
CA ALA L 232 47.34 -45.88 -2.80
C ALA L 232 48.03 -44.53 -2.72
N ASP L 233 48.89 -44.21 -3.67
CA ASP L 233 49.17 -42.82 -4.05
C ASP L 233 48.37 -42.45 -5.30
N ALA L 234 47.07 -42.70 -5.24
CA ALA L 234 46.22 -42.61 -6.43
C ALA L 234 45.51 -41.26 -6.49
N ARG L 235 44.90 -40.86 -5.39
CA ARG L 235 44.19 -39.58 -5.34
C ARG L 235 45.15 -38.40 -5.33
N ALA L 236 46.42 -38.63 -5.02
CA ALA L 236 47.42 -37.58 -5.14
C ALA L 236 47.72 -37.27 -6.60
N GLN L 237 47.64 -38.27 -7.47
CA GLN L 237 47.83 -38.07 -8.89
C GLN L 237 46.55 -37.63 -9.59
N LEU L 238 45.46 -37.46 -8.85
CA LEU L 238 44.18 -37.07 -9.42
C LEU L 238 43.59 -35.83 -8.75
N ASN L 239 44.30 -35.23 -7.78
CA ASN L 239 43.88 -34.06 -7.01
C ASN L 239 42.52 -34.29 -6.34
N LEU L 240 42.49 -35.31 -5.48
CA LEU L 240 41.28 -35.69 -4.76
C LEU L 240 41.61 -35.91 -3.28
N PRO L 241 40.68 -35.57 -2.39
CA PRO L 241 40.92 -35.77 -0.96
C PRO L 241 40.84 -37.24 -0.58
N ALA L 242 41.56 -37.58 0.48
CA ALA L 242 41.70 -38.97 0.91
C ALA L 242 40.46 -39.47 1.67
N ASP L 243 39.99 -38.70 2.64
CA ASP L 243 38.89 -39.16 3.49
C ASP L 243 37.53 -38.98 2.86
N GLU L 244 37.46 -38.56 1.61
CA GLU L 244 36.19 -38.49 0.90
C GLU L 244 35.85 -39.84 0.28
N PRO L 245 34.61 -40.30 0.39
CA PRO L 245 34.22 -41.52 -0.33
C PRO L 245 34.01 -41.25 -1.81
N ILE L 246 34.50 -42.16 -2.64
CA ILE L 246 34.38 -42.07 -4.10
C ILE L 246 33.91 -43.42 -4.61
N VAL L 247 32.85 -43.42 -5.41
CA VAL L 247 32.29 -44.63 -6.01
C VAL L 247 32.59 -44.60 -7.50
N LEU L 248 33.26 -45.64 -7.98
CA LEU L 248 33.72 -45.69 -9.36
C LEU L 248 32.84 -46.63 -10.18
N TYR L 249 32.59 -46.25 -11.42
CA TYR L 249 32.08 -47.17 -12.42
C TYR L 249 32.96 -47.10 -13.66
N VAL L 250 33.33 -48.27 -14.16
CA VAL L 250 34.08 -48.41 -15.41
C VAL L 250 33.27 -49.30 -16.33
N GLY L 251 32.96 -48.81 -17.52
CA GLY L 251 32.21 -49.59 -18.47
C GLY L 251 31.65 -48.70 -19.57
N ARG L 252 31.06 -49.36 -20.56
CA ARG L 252 30.45 -48.67 -21.68
C ARG L 252 29.15 -48.00 -21.24
N PHE L 253 28.70 -47.05 -22.06
CA PHE L 253 27.39 -46.45 -21.88
C PHE L 253 26.36 -47.26 -22.65
N ASP L 254 25.54 -48.02 -21.93
CA ASP L 254 24.46 -48.78 -22.54
C ASP L 254 23.45 -49.10 -21.46
N ARG L 255 22.20 -49.33 -21.86
CA ARG L 255 21.17 -49.67 -20.89
C ARG L 255 21.41 -51.04 -20.29
N ARG L 256 22.11 -51.91 -21.02
CA ARG L 256 22.53 -53.19 -20.46
C ARG L 256 23.60 -53.03 -19.40
N LYS L 257 24.29 -51.89 -19.38
CA LYS L 257 25.37 -51.67 -18.43
C LYS L 257 24.89 -51.12 -17.09
N GLY L 258 23.59 -50.87 -16.96
CA GLY L 258 22.98 -50.67 -15.66
C GLY L 258 23.33 -49.38 -14.95
N ILE L 259 23.82 -48.37 -15.68
CA ILE L 259 24.28 -47.12 -15.09
C ILE L 259 23.13 -46.35 -14.47
N GLU L 260 21.91 -46.55 -14.98
CA GLU L 260 20.72 -45.88 -14.48
C GLU L 260 20.45 -46.22 -13.02
N THR L 261 20.58 -47.51 -12.68
CA THR L 261 20.34 -47.94 -11.30
C THR L 261 21.42 -47.40 -10.37
N LEU L 262 22.66 -47.25 -10.86
CA LEU L 262 23.71 -46.65 -10.06
C LEU L 262 23.48 -45.17 -9.81
N VAL L 263 23.05 -44.44 -10.84
CA VAL L 263 22.73 -43.02 -10.68
C VAL L 263 21.54 -42.84 -9.76
N ALA L 264 20.57 -43.75 -9.82
CA ALA L 264 19.42 -43.68 -8.94
C ALA L 264 19.80 -44.01 -7.51
N ALA L 265 20.78 -44.90 -7.32
CA ALA L 265 21.28 -45.17 -5.99
C ALA L 265 22.15 -44.05 -5.45
N MET L 266 22.72 -43.21 -6.32
CA MET L 266 23.50 -42.06 -5.85
C MET L 266 22.64 -41.02 -5.15
N ALA L 267 21.33 -41.03 -5.37
CA ALA L 267 20.46 -40.07 -4.71
C ALA L 267 20.31 -40.40 -3.22
N GLN L 268 20.33 -41.69 -2.89
CA GLN L 268 20.00 -42.13 -1.53
C GLN L 268 21.19 -42.01 -0.58
N ILE L 269 22.32 -41.54 -1.09
CA ILE L 269 23.49 -41.29 -0.28
C ILE L 269 23.89 -39.83 -0.48
N PRO L 270 23.66 -38.95 0.48
CA PRO L 270 23.84 -37.51 0.23
C PRO L 270 25.27 -37.01 0.35
N GLN L 271 26.24 -37.92 0.41
CA GLN L 271 27.65 -37.55 0.40
C GLN L 271 28.39 -38.45 -0.58
N GLY L 272 29.61 -38.06 -0.92
CA GLY L 272 30.43 -38.85 -1.83
C GLY L 272 30.07 -38.66 -3.29
N GLN L 273 31.09 -38.56 -4.13
CA GLN L 273 30.87 -38.29 -5.55
C GLN L 273 30.56 -39.59 -6.30
N LEU L 274 30.37 -39.49 -7.61
CA LEU L 274 30.25 -40.63 -8.50
C LEU L 274 31.14 -40.41 -9.71
N LEU L 275 32.10 -41.32 -9.90
CA LEU L 275 33.11 -41.17 -10.93
C LEU L 275 32.80 -42.14 -12.06
N LEU L 276 32.36 -41.62 -13.20
CA LEU L 276 31.92 -42.44 -14.32
C LEU L 276 32.97 -42.42 -15.42
N VAL L 277 33.71 -43.51 -15.52
CA VAL L 277 34.75 -43.67 -16.53
C VAL L 277 34.19 -44.49 -17.68
N GLY L 278 34.30 -43.98 -18.89
CA GLY L 278 33.84 -44.70 -20.06
C GLY L 278 33.82 -43.86 -21.31
N GLY L 279 34.20 -44.44 -22.44
CA GLY L 279 34.20 -43.72 -23.68
C GLY L 279 32.83 -43.64 -24.32
N SER L 280 32.70 -42.70 -25.25
CA SER L 280 31.42 -42.45 -25.90
C SER L 280 31.68 -41.80 -27.24
N ASP L 281 30.63 -41.79 -28.07
CA ASP L 281 30.63 -41.08 -29.35
C ASP L 281 29.26 -40.46 -29.50
N PRO L 282 29.17 -39.15 -29.79
CA PRO L 282 27.84 -38.52 -29.90
C PRO L 282 27.09 -38.93 -31.15
N GLN L 283 27.78 -39.21 -32.25
CA GLN L 283 27.15 -39.58 -33.50
C GLN L 283 26.88 -41.07 -33.62
N ARG L 284 27.06 -41.81 -32.53
CA ARG L 284 26.87 -43.25 -32.52
C ARG L 284 25.86 -43.64 -31.46
N SER L 285 25.35 -44.86 -31.58
CA SER L 285 24.28 -45.36 -30.73
C SER L 285 24.72 -45.54 -29.28
N ASP L 286 25.72 -46.41 -29.07
CA ASP L 286 26.17 -46.75 -27.72
C ASP L 286 27.20 -45.73 -27.23
N GLY L 287 26.80 -44.47 -27.15
CA GLY L 287 27.72 -43.37 -26.86
C GLY L 287 27.01 -42.28 -26.13
N ALA L 288 27.19 -41.05 -26.61
CA ALA L 288 26.43 -39.94 -26.04
C ALA L 288 25.03 -39.84 -26.62
N GLU L 289 24.61 -40.81 -27.43
CA GLU L 289 23.19 -41.02 -27.63
C GLU L 289 22.60 -41.85 -26.50
N ARG L 290 23.46 -42.54 -25.74
CA ARG L 290 23.09 -43.11 -24.45
C ARG L 290 23.35 -42.13 -23.31
N ARG L 291 23.34 -40.83 -23.59
CA ARG L 291 23.56 -39.82 -22.56
C ARG L 291 22.24 -39.33 -21.96
N ARG L 292 21.25 -40.23 -21.86
CA ARG L 292 20.13 -40.00 -20.96
C ARG L 292 20.55 -40.09 -19.50
N ILE L 293 21.73 -40.68 -19.26
CA ILE L 293 22.29 -40.76 -17.91
C ILE L 293 22.57 -39.36 -17.36
N GLU L 294 23.12 -38.48 -18.20
CA GLU L 294 23.36 -37.10 -17.79
C GLU L 294 22.06 -36.36 -17.50
N GLY L 295 21.01 -36.67 -18.26
CA GLY L 295 19.69 -36.14 -17.95
C GLY L 295 19.15 -36.64 -16.63
N LEU L 296 19.41 -37.90 -16.30
CA LEU L 296 19.02 -38.41 -15.00
C LEU L 296 19.87 -37.83 -13.87
N VAL L 297 21.12 -37.50 -14.14
CA VAL L 297 22.02 -36.84 -13.19
C VAL L 297 21.48 -35.47 -12.85
N GLN L 298 21.15 -34.69 -13.87
CA GLN L 298 20.64 -33.35 -13.62
C GLN L 298 19.18 -33.38 -13.19
N GLU L 299 18.53 -34.53 -13.32
CA GLU L 299 17.22 -34.72 -12.70
C GLU L 299 17.33 -34.97 -11.21
N TYR L 300 18.27 -35.83 -10.79
CA TYR L 300 18.34 -36.28 -9.40
C TYR L 300 19.16 -35.35 -8.51
N ASN L 301 19.40 -34.11 -8.95
CA ASN L 301 20.21 -33.10 -8.24
C ASN L 301 21.61 -33.63 -7.95
N LEU L 302 22.25 -34.13 -9.00
CA LEU L 302 23.56 -34.75 -8.86
C LEU L 302 24.58 -34.14 -9.81
N GLY L 303 24.32 -32.97 -10.37
CA GLY L 303 25.18 -32.38 -11.38
C GLY L 303 26.56 -31.99 -10.91
N ASP L 304 26.71 -31.79 -9.60
CA ASP L 304 28.02 -31.43 -9.05
C ASP L 304 28.90 -32.66 -8.88
N ARG L 305 28.37 -33.71 -8.25
CA ARG L 305 29.19 -34.81 -7.76
C ARG L 305 29.19 -36.02 -8.70
N VAL L 306 28.77 -35.86 -9.94
CA VAL L 306 28.87 -36.93 -10.93
C VAL L 306 29.80 -36.44 -12.03
N THR L 307 30.95 -37.09 -12.15
CA THR L 307 31.99 -36.64 -13.07
C THR L 307 32.14 -37.65 -14.21
N PHE L 308 31.77 -37.22 -15.42
CA PHE L 308 32.12 -37.94 -16.62
C PHE L 308 33.61 -37.82 -16.86
N VAL L 309 34.26 -38.92 -17.16
CA VAL L 309 35.71 -38.90 -17.30
C VAL L 309 36.07 -39.09 -18.77
N GLY L 310 35.25 -39.82 -19.50
CA GLY L 310 35.55 -40.13 -20.87
C GLY L 310 36.42 -41.35 -20.98
N GLN L 311 36.88 -41.61 -22.21
CA GLN L 311 37.74 -42.77 -22.44
C GLN L 311 39.12 -42.53 -21.86
N ILE L 312 39.56 -43.47 -21.03
CA ILE L 312 40.86 -43.43 -20.40
C ILE L 312 41.65 -44.63 -20.91
N ASP L 313 42.96 -44.45 -21.09
CA ASP L 313 43.86 -45.53 -21.46
C ASP L 313 43.76 -46.69 -20.49
N HIS L 314 43.73 -47.90 -21.04
CA HIS L 314 43.56 -49.12 -20.26
C HIS L 314 44.68 -49.27 -19.25
N GLU L 315 45.91 -49.03 -19.71
CA GLU L 315 47.13 -49.07 -18.90
C GLU L 315 47.19 -47.98 -17.83
N TYR L 316 46.23 -47.06 -17.79
CA TYR L 316 46.17 -46.04 -16.76
C TYR L 316 44.99 -46.28 -15.81
N LEU L 317 44.08 -47.22 -16.15
CA LEU L 317 42.81 -47.36 -15.45
C LEU L 317 42.97 -47.78 -14.00
N ALA L 318 44.07 -48.48 -13.68
CA ALA L 318 44.34 -48.89 -12.30
C ALA L 318 44.42 -47.71 -11.37
N VAL L 319 44.92 -46.56 -11.87
CA VAL L 319 44.99 -45.33 -11.11
C VAL L 319 43.61 -44.89 -10.66
N TYR L 320 42.58 -45.15 -11.47
CA TYR L 320 41.23 -44.92 -11.00
C TYR L 320 40.72 -46.05 -10.11
N TYR L 321 41.02 -47.31 -10.47
CA TYR L 321 40.49 -48.45 -9.73
C TYR L 321 41.01 -48.50 -8.30
N SER L 322 42.26 -48.09 -8.09
CA SER L 322 42.81 -48.05 -6.75
C SER L 322 42.32 -46.84 -5.98
N ALA L 323 41.87 -45.80 -6.70
CA ALA L 323 41.57 -44.54 -6.02
C ALA L 323 40.26 -44.61 -5.28
N ALA L 324 39.26 -45.28 -5.85
CA ALA L 324 37.95 -45.30 -5.24
C ALA L 324 37.91 -46.27 -4.07
N ASN L 325 36.80 -46.21 -3.36
CA ASN L 325 36.52 -47.16 -2.28
C ASN L 325 35.69 -48.34 -2.74
N VAL L 326 34.98 -48.21 -3.86
CA VAL L 326 34.25 -49.31 -4.47
C VAL L 326 34.14 -49.04 -5.97
N CYS L 327 34.29 -50.10 -6.76
CA CYS L 327 33.87 -50.12 -8.15
C CYS L 327 32.58 -50.92 -8.25
N VAL L 328 31.48 -50.25 -8.58
CA VAL L 328 30.16 -50.87 -8.64
C VAL L 328 29.92 -51.31 -10.07
N VAL L 329 29.46 -52.55 -10.24
CA VAL L 329 29.08 -53.08 -11.55
C VAL L 329 27.58 -53.30 -11.53
N PRO L 330 26.77 -52.29 -11.85
CA PRO L 330 25.32 -52.40 -11.69
C PRO L 330 24.58 -52.98 -12.88
N SER L 331 25.30 -53.64 -13.79
CA SER L 331 24.79 -53.99 -15.10
C SER L 331 23.67 -55.01 -15.03
N TYR L 332 22.87 -55.10 -16.07
CA TYR L 332 21.67 -55.93 -16.03
C TYR L 332 21.92 -57.33 -16.54
N TYR L 333 23.01 -57.54 -17.29
CA TYR L 333 23.58 -58.86 -17.51
C TYR L 333 25.04 -58.67 -17.91
N GLU L 334 25.92 -59.48 -17.35
CA GLU L 334 27.33 -59.48 -17.71
C GLU L 334 27.83 -60.91 -17.82
N PRO L 335 28.09 -61.41 -19.01
CA PRO L 335 28.79 -62.69 -19.14
C PRO L 335 30.29 -62.52 -18.88
N PHE L 336 30.66 -62.59 -17.60
CA PHE L 336 32.00 -62.38 -17.07
C PHE L 336 32.49 -60.96 -17.37
N GLY L 337 31.96 -59.95 -16.67
CA GLY L 337 32.49 -58.61 -16.75
C GLY L 337 33.93 -58.53 -16.30
N LEU L 338 34.76 -57.88 -17.13
CA LEU L 338 36.20 -57.82 -16.85
C LEU L 338 36.55 -56.73 -15.86
N VAL L 339 35.68 -55.72 -15.71
CA VAL L 339 35.96 -54.63 -14.80
C VAL L 339 35.93 -55.08 -13.35
N ALA L 340 35.21 -56.16 -13.06
CA ALA L 340 35.19 -56.72 -11.71
C ALA L 340 36.55 -57.29 -11.32
N ILE L 341 37.15 -58.10 -12.20
CA ILE L 341 38.47 -58.64 -11.89
C ILE L 341 39.58 -57.63 -12.13
N GLU L 342 39.32 -56.56 -12.87
CA GLU L 342 40.27 -55.46 -12.95
C GLU L 342 40.17 -54.53 -11.76
N ALA L 343 39.07 -54.57 -11.02
CA ALA L 343 38.94 -53.81 -9.78
C ALA L 343 39.41 -54.58 -8.57
N MET L 344 39.14 -55.89 -8.52
CA MET L 344 39.61 -56.70 -7.40
C MET L 344 41.13 -56.83 -7.39
N ALA L 345 41.77 -56.78 -8.56
CA ALA L 345 43.22 -56.83 -8.64
C ALA L 345 43.85 -55.56 -8.08
N CYS L 346 43.15 -54.43 -8.17
CA CYS L 346 43.66 -53.19 -7.61
C CYS L 346 43.33 -53.02 -6.15
N GLY L 347 42.82 -54.07 -5.49
CA GLY L 347 42.51 -53.99 -4.09
C GLY L 347 41.22 -53.28 -3.76
N THR L 348 40.32 -53.13 -4.72
CA THR L 348 39.05 -52.44 -4.59
C THR L 348 37.91 -53.45 -4.52
N PRO L 349 37.03 -53.35 -3.53
CA PRO L 349 35.86 -54.23 -3.49
C PRO L 349 34.86 -53.86 -4.57
N VAL L 350 34.05 -54.85 -4.93
CA VAL L 350 33.18 -54.78 -6.09
C VAL L 350 31.75 -55.05 -5.65
N ILE L 351 30.82 -54.18 -6.05
CA ILE L 351 29.39 -54.42 -5.89
C ILE L 351 28.84 -54.76 -7.27
N ALA L 352 28.30 -55.97 -7.40
CA ALA L 352 27.87 -56.49 -8.69
C ALA L 352 26.44 -56.97 -8.59
N SER L 353 25.78 -57.00 -9.74
CA SER L 353 24.45 -57.57 -9.83
C SER L 353 24.56 -59.07 -9.97
N ALA L 354 23.66 -59.80 -9.33
CA ALA L 354 23.67 -61.26 -9.38
C ALA L 354 22.99 -61.70 -10.67
N VAL L 355 23.73 -61.58 -11.78
CA VAL L 355 23.17 -61.87 -13.09
C VAL L 355 23.96 -62.95 -13.85
N GLY L 356 25.23 -62.70 -14.14
CA GLY L 356 25.94 -63.53 -15.07
C GLY L 356 27.20 -64.14 -14.52
N GLY L 357 28.34 -63.84 -15.13
CA GLY L 357 29.61 -64.33 -14.62
C GLY L 357 30.11 -63.58 -13.42
N LEU L 358 29.44 -62.48 -13.05
CA LEU L 358 29.81 -61.71 -11.87
C LEU L 358 29.67 -62.54 -10.61
N GLN L 359 28.63 -63.37 -10.53
CA GLN L 359 28.45 -64.28 -9.41
C GLN L 359 29.38 -65.49 -9.50
N PHE L 360 30.23 -65.55 -10.51
CA PHE L 360 31.41 -66.41 -10.53
C PHE L 360 32.65 -65.67 -10.03
N THR L 361 32.72 -64.36 -10.26
CA THR L 361 33.88 -63.61 -9.82
C THR L 361 33.76 -63.20 -8.37
N VAL L 362 32.69 -62.51 -8.01
CA VAL L 362 32.55 -61.89 -6.70
C VAL L 362 31.90 -62.88 -5.75
N ILE L 363 32.56 -63.14 -4.63
CA ILE L 363 32.01 -63.93 -3.54
C ILE L 363 31.20 -62.95 -2.68
N PRO L 364 29.95 -63.27 -2.30
CA PRO L 364 29.04 -62.25 -1.74
C PRO L 364 29.43 -61.65 -0.40
N GLU L 365 30.25 -62.33 0.42
CA GLU L 365 30.63 -61.74 1.70
C GLU L 365 32.14 -61.83 1.91
N GLU L 366 32.92 -61.95 0.84
CA GLU L 366 34.39 -61.98 1.09
C GLU L 366 35.17 -61.19 0.04
N THR L 367 34.63 -61.02 -1.16
CA THR L 367 35.36 -60.24 -2.15
C THR L 367 34.56 -59.03 -2.64
N GLY L 368 33.42 -58.76 -2.03
CA GLY L 368 32.54 -57.71 -2.48
C GLY L 368 31.12 -58.04 -2.07
N LEU L 369 30.17 -57.49 -2.84
CA LEU L 369 28.76 -57.67 -2.53
C LEU L 369 27.96 -57.91 -3.82
N LEU L 370 26.86 -58.64 -3.67
CA LEU L 370 25.94 -58.91 -4.76
C LEU L 370 24.58 -58.32 -4.45
N VAL L 371 23.96 -57.73 -5.47
CA VAL L 371 22.65 -57.10 -5.34
C VAL L 371 21.73 -57.64 -6.42
N PRO L 372 20.41 -57.52 -6.21
CA PRO L 372 19.47 -57.75 -7.31
C PRO L 372 19.68 -56.76 -8.44
N PRO L 373 19.27 -57.10 -9.68
CA PRO L 373 19.60 -56.27 -10.85
C PRO L 373 19.02 -54.86 -10.83
N GLN L 374 17.71 -54.73 -10.68
CA GLN L 374 17.07 -53.41 -10.76
C GLN L 374 16.42 -53.11 -9.41
N ASP L 375 17.24 -52.62 -8.47
CA ASP L 375 16.77 -51.97 -7.26
C ASP L 375 17.90 -51.07 -6.75
N ALA L 376 17.71 -49.76 -6.89
CA ALA L 376 18.69 -48.80 -6.41
C ALA L 376 18.71 -48.70 -4.89
N ASN L 377 17.63 -49.16 -4.24
CA ASN L 377 17.57 -49.14 -2.78
C ASN L 377 18.61 -50.07 -2.18
N ALA L 378 18.62 -51.33 -2.63
CA ALA L 378 19.58 -52.30 -2.11
C ALA L 378 20.99 -51.95 -2.54
N LEU L 379 21.14 -51.36 -3.73
CA LEU L 379 22.44 -50.94 -4.21
C LEU L 379 23.03 -49.84 -3.33
N ALA L 380 22.24 -48.79 -3.09
CA ALA L 380 22.67 -47.69 -2.24
C ALA L 380 22.88 -48.14 -0.79
N ASN L 381 22.08 -49.08 -0.30
CA ASN L 381 22.30 -49.61 1.03
C ASN L 381 23.59 -50.40 1.14
N ALA L 382 23.95 -51.15 0.09
CA ALA L 382 25.22 -51.87 0.09
C ALA L 382 26.41 -50.91 -0.01
N ILE L 383 26.26 -49.85 -0.82
CA ILE L 383 27.31 -48.85 -0.95
C ILE L 383 27.55 -48.16 0.38
N GLN L 384 26.47 -47.75 1.05
CA GLN L 384 26.61 -47.09 2.35
C GLN L 384 27.09 -48.07 3.42
N ARG L 385 26.74 -49.35 3.27
CA ARG L 385 27.20 -50.38 4.19
C ARG L 385 28.71 -50.53 4.17
N ILE L 386 29.30 -50.55 2.98
CA ILE L 386 30.76 -50.64 2.92
C ILE L 386 31.45 -49.29 3.04
N LEU L 387 30.72 -48.18 2.90
CA LEU L 387 31.32 -46.89 3.22
C LEU L 387 31.24 -46.55 4.69
N ALA L 388 30.50 -47.33 5.47
CA ALA L 388 30.44 -47.17 6.92
C ALA L 388 31.58 -47.88 7.63
N ASP L 389 32.43 -48.61 6.92
CA ASP L 389 33.50 -49.37 7.55
C ASP L 389 34.67 -49.51 6.58
N PRO L 390 35.53 -48.47 6.45
CA PRO L 390 36.60 -48.52 5.44
C PRO L 390 37.72 -49.50 5.75
N ALA L 391 37.77 -50.00 6.98
CA ALA L 391 38.72 -51.06 7.32
C ALA L 391 38.24 -52.44 6.86
N TRP L 392 36.98 -52.55 6.46
CA TRP L 392 36.43 -53.80 5.95
C TRP L 392 36.39 -53.85 4.43
N ALA L 393 36.27 -52.67 3.79
CA ALA L 393 36.30 -52.60 2.35
C ALA L 393 37.68 -52.96 1.80
N ARG L 394 38.72 -52.55 2.52
CA ARG L 394 40.08 -52.93 2.13
C ARG L 394 40.32 -54.41 2.34
N THR L 395 39.68 -55.00 3.35
CA THR L 395 39.74 -56.45 3.55
C THR L 395 39.07 -57.17 2.38
N LEU L 396 37.92 -56.67 1.95
CA LEU L 396 37.23 -57.22 0.79
C LEU L 396 38.08 -57.09 -0.46
N GLY L 397 38.76 -55.95 -0.61
CA GLY L 397 39.63 -55.74 -1.75
C GLY L 397 40.84 -56.63 -1.79
N LYS L 398 41.46 -56.88 -0.63
CA LYS L 398 42.63 -57.75 -0.65
C LYS L 398 42.24 -59.21 -0.79
N ASN L 399 41.05 -59.60 -0.28
CA ASN L 399 40.55 -60.94 -0.55
C ASN L 399 40.21 -61.11 -2.02
N GLY L 400 39.69 -60.07 -2.66
CA GLY L 400 39.45 -60.12 -4.09
C GLY L 400 40.74 -60.19 -4.90
N ARG L 401 41.79 -59.51 -4.41
CA ARG L 401 43.08 -59.60 -5.08
C ARG L 401 43.66 -60.99 -4.97
N GLU L 402 43.53 -61.63 -3.81
CA GLU L 402 43.97 -63.01 -3.70
C GLU L 402 43.14 -63.95 -4.56
N ARG L 403 41.84 -63.68 -4.73
CA ARG L 403 41.04 -64.50 -5.62
C ARG L 403 41.40 -64.32 -7.11
N VAL L 404 41.68 -63.09 -7.53
CA VAL L 404 42.11 -62.85 -8.91
C VAL L 404 43.48 -63.45 -9.17
N GLN L 405 44.37 -63.40 -8.17
CA GLN L 405 45.66 -64.07 -8.28
C GLN L 405 45.50 -65.58 -8.34
N ALA L 406 44.53 -66.14 -7.63
CA ALA L 406 44.37 -67.58 -7.60
C ALA L 406 43.67 -68.12 -8.82
N LEU L 407 42.79 -67.34 -9.44
CA LEU L 407 41.95 -67.88 -10.50
C LEU L 407 41.94 -67.08 -11.79
N PHE L 408 42.41 -65.83 -11.80
CA PHE L 408 42.20 -64.99 -12.97
C PHE L 408 43.48 -64.28 -13.38
N ASN L 409 44.62 -64.86 -13.07
CA ASN L 409 45.91 -64.32 -13.52
C ASN L 409 46.10 -64.72 -14.97
N TRP L 410 46.23 -63.73 -15.85
CA TRP L 410 46.36 -64.01 -17.27
C TRP L 410 47.68 -64.70 -17.59
N GLU L 411 48.69 -64.49 -16.76
CA GLU L 411 49.95 -65.22 -16.89
C GLU L 411 49.77 -66.70 -16.62
N ALA L 412 48.72 -67.08 -15.88
CA ALA L 412 48.42 -68.48 -15.65
C ALA L 412 47.41 -69.01 -16.68
N ILE L 413 46.46 -68.17 -17.09
CA ILE L 413 45.42 -68.61 -18.01
C ILE L 413 45.99 -68.78 -19.42
N ALA L 414 46.99 -67.99 -19.76
CA ALA L 414 47.65 -68.09 -21.06
C ALA L 414 48.36 -69.42 -21.25
N LEU L 415 48.93 -69.97 -20.18
CA LEU L 415 49.54 -71.29 -20.27
C LEU L 415 48.49 -72.37 -20.49
N GLN L 416 47.30 -72.19 -19.91
CA GLN L 416 46.20 -73.12 -20.10
C GLN L 416 45.70 -73.11 -21.53
N MET L 417 45.57 -71.91 -22.11
CA MET L 417 45.19 -71.78 -23.51
C MET L 417 46.25 -72.38 -24.43
N GLY L 418 47.53 -72.21 -24.07
CA GLY L 418 48.60 -72.81 -24.84
C GLY L 418 48.57 -74.32 -24.80
N GLN L 419 48.29 -74.90 -23.64
CA GLN L 419 48.17 -76.35 -23.52
C GLN L 419 46.98 -76.88 -24.31
N LEU L 420 45.88 -76.12 -24.34
CA LEU L 420 44.74 -76.48 -25.17
C LEU L 420 45.09 -76.50 -26.66
N TYR L 421 45.80 -75.48 -27.13
CA TYR L 421 46.21 -75.43 -28.52
C TYR L 421 47.18 -76.55 -28.87
N ARG L 422 48.08 -76.88 -27.94
CA ARG L 422 49.02 -77.97 -28.18
C ARG L 422 48.32 -79.32 -28.26
N GLN L 423 47.33 -79.56 -27.39
CA GLN L 423 46.65 -80.85 -27.47
C GLN L 423 45.71 -80.92 -28.65
N LEU L 424 45.25 -79.79 -29.18
CA LEU L 424 44.45 -79.84 -30.39
C LEU L 424 45.34 -80.01 -31.63
N PHE L 425 46.54 -79.45 -31.59
CA PHE L 425 47.49 -79.66 -32.68
C PHE L 425 48.06 -81.07 -32.66
N ALA L 426 48.09 -81.72 -31.49
CA ALA L 426 48.58 -83.08 -31.39
C ALA L 426 47.70 -84.07 -32.11
N ALA L 427 46.39 -83.82 -32.17
CA ALA L 427 45.54 -84.55 -33.09
C ALA L 427 45.83 -84.06 -34.50
N SER L 428 46.78 -84.70 -35.18
CA SER L 428 47.41 -84.15 -36.37
C SER L 428 46.48 -84.08 -37.58
N LEU L 429 46.95 -83.46 -38.65
CA LEU L 429 46.12 -83.23 -39.84
C LEU L 429 45.94 -84.51 -40.66
#